data_7WOB
#
_entry.id   7WOB
#
_cell.length_a   1.00
_cell.length_b   1.00
_cell.length_c   1.00
_cell.angle_alpha   90.00
_cell.angle_beta   90.00
_cell.angle_gamma   90.00
#
_symmetry.space_group_name_H-M   'P 1'
#
loop_
_entity.id
_entity.type
_entity.pdbx_description
1 polymer 'Spike glycoprotein'
2 polymer 'mAb60 VH'
3 polymer 'mAb60 VL'
4 non-polymer 2-acetamido-2-deoxy-beta-D-glucopyranose
#
loop_
_entity_poly.entity_id
_entity_poly.type
_entity_poly.pdbx_seq_one_letter_code
_entity_poly.pdbx_strand_id
1 'polypeptide(L)'
;MFVFLVLLPLVSSQCVNLTTRTQLPPAYTNSFTRGVYYPDKVFRSSVLHSTQDLFLPFFSNVTWFHAIHVSGTNGTKRFD
NPVLPFNDGVYFASTEKSNIIRGWIFGTTLDSKTQSLLIVNNATNVVIKVCEFQFCNDPFLGVYYHKNNKSWMESEFRVY
SSANNCTFEYVSQPFLMDLEGKQGNFKNLREFVFKNIDGYFKIYSKHTPINLVRDLPQGFSALEPLVDLPIGINITRFQT
LLALHRSYLTPGDSSSGWTAGAAAYYVGYLQPRTFLLKYNENGTITDAVDCALDPLSETKCTLKSFTVEKGIYQTSNFRV
QPTESIVRFPNITNLCPFGEVFNATRFASVYAWNRKRISNCVADYSVLYNSASFSTFKCYGVSPTKLNDLCFTNVYADSF
VIRGDEVRQIAPGQTGKIADYNYKLPDDFTGCVIAWNSNNLDSKVGGNYNYLYRLFRKSNLKPFERDISTEIYQAGSTPC
NGVEGFNCYFPLQSYGFQPTNGVGYQPYRVVVLSFELLHAPATVCGPKKSTNLVKNKCVNFNFNGLTGTGVLTESNKKFL
PFQQFGRDIADTTDAVRDPQTLEILDITPCSFGGVSVITPGTNTSNQVAVLYQGVNCTEVPVAIHADQLTPTWRVYSTGS
NVFQTRAGCLIGAEHVNNSYECDIPIGAGICASYQTQTNSPGSASSVASQSIIAYTMSLGAENSVAYSNNSIAIPTNFTI
SVTTEILPVSMTKTSVDCTMYICGDSTECSNLLLQYGSFCTQLNRALTGIAVEQDKNTQEVFAQVKQIYKTPPIKDFGGF
NFSQILPDPSKPSKRSFIEDLLFNKVTLADAGFIKQYGDCLGDIAARDLICAQKFNGLTVLPPLLTDEMIAQYTSALLAG
TITSGWTFGAGAALQIPFAMQMAYRFNGIGVTQNVLYENQKLIANQFNSAIGKIQDSLSSTASALGKLQDVVNQNAQALN
TLVKQLSSNFGAISSVLNDILSRLDPPEAEVQIDRLITGRLQSLQTYVTQQLIRAAEIRASANLAATKMSECVLGQSKRV
DFCGKGYHLMSFPQSAPHGVVFLHVTYVPAQEKNFTTAPAICHDGKAHFPREGVFVSNGTHWFVTQRNFYEPQIITTDNT
FVSGNCDVVIGIVNNTVYDPLQPELDSFKEELDKYFKNHTSPDVDLGDISGINASVVNIQKEIDRLNEVAKNLNESLIDL
QELGKYEQGSGYIPEAPRDGQAYVRKDGEWVFLSTFLSGLEVLFQGPGGWSHPQFEKGGGSGGGSGGSAWSHPQFEKGGS
HHHHHHHH
;
A,C,E
2 'polypeptide(L)'
;QVQLVQSGAEVKRPGSSVKVSCKASGDTFINYAFSWVRQAPGQGLEWMGRIIPILDIAHYAQKFQGRLTITADKSTDTAY
MELTSLKSDDTAVYFCARVFRGSQYWFDPWGQGTLVTVSSASTKGPSVFPLAPSSKSTSGGTAALGCLVKDYFPEPVTVS
WNSGALTSGVHTFPAVLQSSGLYSLSSVVTVPSSSLGTQTYICNVNHKPSNTKVDKRVEPKSCDKT
;
D,F,H
3 'polypeptide(L)'
;EIVLTQSPGTLSLSPGERATLSCRASQSINNRHLAWYQQKRGQAPRFLIYGAASRATGIPDRFSGSGSGTDFTLTISRLE
PEDFAVYYCQQYGSSPPTFGQGTKVEIKRTVAAPSVFIFPPSDEQLKSGTASVVCLLNNFYPREAKVQWKVDNALQSGNS
QESVTEQDSKDSTYSLSSTLTLSKADYEKHKVYACEVTHQGLSSPVTKSFNRGEC
;
B,G,I
#
loop_
_chem_comp.id
_chem_comp.type
_chem_comp.name
_chem_comp.formula
NAG D-saccharide, beta linking 2-acetamido-2-deoxy-beta-D-glucopyranose 'C8 H15 N O6'
#
# COMPACT_ATOMS: atom_id res chain seq x y z
N GLN A 14 -1.89 -61.08 25.48
CA GLN A 14 -3.06 -61.69 24.84
C GLN A 14 -4.35 -60.99 25.28
N CYS A 15 -5.05 -60.40 24.32
CA CYS A 15 -6.30 -59.69 24.58
C CYS A 15 -7.46 -60.60 24.22
N VAL A 16 -7.82 -61.48 25.16
CA VAL A 16 -8.92 -62.41 24.95
C VAL A 16 -10.25 -61.65 24.99
N ASN A 17 -11.17 -62.03 24.09
CA ASN A 17 -12.48 -61.39 24.03
C ASN A 17 -13.25 -61.71 25.30
N LEU A 18 -13.51 -60.70 26.11
CA LEU A 18 -14.21 -60.88 27.38
C LEU A 18 -15.67 -61.25 27.11
N THR A 19 -16.03 -62.49 27.38
CA THR A 19 -17.38 -62.98 27.18
C THR A 19 -18.08 -63.14 28.53
N THR A 20 -19.31 -63.66 28.49
CA THR A 20 -20.14 -63.86 29.68
C THR A 20 -20.28 -62.58 30.49
N ARG A 21 -20.86 -61.57 29.84
CA ARG A 21 -21.08 -60.26 30.44
C ARG A 21 -22.51 -59.82 30.17
N THR A 22 -23.25 -59.54 31.24
CA THR A 22 -24.63 -59.10 31.11
C THR A 22 -24.68 -57.64 30.70
N GLN A 23 -25.47 -57.33 29.68
CA GLN A 23 -25.61 -55.98 29.18
C GLN A 23 -26.86 -55.33 29.76
N LEU A 24 -26.74 -54.04 30.10
CA LEU A 24 -27.83 -53.29 30.69
C LEU A 24 -27.74 -51.86 30.18
N PRO A 25 -28.86 -51.25 29.80
CA PRO A 25 -28.84 -49.88 29.28
C PRO A 25 -28.27 -48.91 30.30
N PRO A 26 -27.34 -48.04 29.90
CA PRO A 26 -26.73 -47.12 30.85
C PRO A 26 -27.74 -46.12 31.39
N ALA A 27 -27.45 -45.60 32.57
CA ALA A 27 -28.28 -44.61 33.23
C ALA A 27 -27.66 -43.23 33.08
N TYR A 28 -28.26 -42.24 33.74
CA TYR A 28 -27.77 -40.87 33.68
C TYR A 28 -27.82 -40.25 35.07
N THR A 29 -26.87 -39.36 35.33
CA THR A 29 -26.76 -38.66 36.61
C THR A 29 -26.75 -37.15 36.35
N ASN A 30 -26.49 -36.39 37.41
CA ASN A 30 -26.49 -34.93 37.34
C ASN A 30 -25.27 -34.39 38.08
N SER A 31 -24.50 -33.54 37.40
CA SER A 31 -23.32 -32.92 38.00
C SER A 31 -23.75 -31.60 38.63
N PHE A 32 -23.91 -31.59 39.94
CA PHE A 32 -24.40 -30.41 40.67
C PHE A 32 -23.25 -29.44 40.88
N THR A 33 -23.11 -28.48 39.98
CA THR A 33 -22.11 -27.41 40.06
C THR A 33 -20.70 -28.00 40.22
N ARG A 34 -20.28 -28.73 39.20
CA ARG A 34 -18.97 -29.38 39.22
C ARG A 34 -18.45 -29.49 37.78
N GLY A 35 -17.17 -29.22 37.60
CA GLY A 35 -16.57 -29.31 36.28
C GLY A 35 -15.85 -28.05 35.84
N VAL A 36 -15.47 -27.21 36.79
CA VAL A 36 -14.78 -25.96 36.50
C VAL A 36 -13.28 -26.18 36.64
N TYR A 37 -12.53 -25.76 35.61
CA TYR A 37 -11.08 -25.85 35.60
C TYR A 37 -10.48 -24.47 35.35
N TYR A 38 -9.18 -24.37 35.53
CA TYR A 38 -8.48 -23.12 35.29
C TYR A 38 -8.32 -22.89 33.79
N PRO A 39 -8.93 -21.86 33.21
CA PRO A 39 -8.83 -21.68 31.76
C PRO A 39 -7.47 -21.17 31.31
N ASP A 40 -6.75 -20.46 32.17
CA ASP A 40 -5.45 -19.89 31.80
C ASP A 40 -4.49 -20.11 32.97
N LYS A 41 -3.32 -19.49 32.87
CA LYS A 41 -2.27 -19.58 33.88
C LYS A 41 -1.95 -18.20 34.45
N VAL A 42 -2.98 -17.41 34.70
CA VAL A 42 -2.84 -16.04 35.17
C VAL A 42 -3.32 -15.96 36.62
N PHE A 43 -2.59 -15.19 37.44
CA PHE A 43 -2.92 -15.02 38.85
C PHE A 43 -3.81 -13.80 39.03
N ARG A 44 -4.85 -13.94 39.85
CA ARG A 44 -5.78 -12.87 40.14
C ARG A 44 -6.32 -13.04 41.55
N SER A 45 -6.57 -11.91 42.23
CA SER A 45 -7.04 -11.93 43.61
C SER A 45 -8.19 -10.94 43.75
N SER A 46 -9.28 -11.39 44.36
CA SER A 46 -10.45 -10.55 44.66
C SER A 46 -11.01 -9.91 43.40
N VAL A 47 -11.19 -10.73 42.36
CA VAL A 47 -11.75 -10.29 41.09
C VAL A 47 -12.72 -11.34 40.59
N LEU A 48 -13.62 -10.93 39.70
CA LEU A 48 -14.63 -11.80 39.11
C LEU A 48 -14.48 -11.72 37.60
N HIS A 49 -13.62 -12.57 37.04
CA HIS A 49 -13.35 -12.59 35.62
C HIS A 49 -14.34 -13.49 34.89
N SER A 50 -14.68 -13.09 33.66
CA SER A 50 -15.60 -13.83 32.82
C SER A 50 -14.89 -14.23 31.53
N THR A 51 -14.75 -15.54 31.31
CA THR A 51 -14.06 -16.07 30.15
C THR A 51 -15.01 -16.95 29.35
N GLN A 52 -14.80 -16.99 28.03
CA GLN A 52 -15.60 -17.80 27.13
C GLN A 52 -14.73 -18.94 26.62
N ASP A 53 -14.80 -20.08 27.32
CA ASP A 53 -14.03 -21.27 26.98
C ASP A 53 -14.96 -22.48 27.02
N LEU A 54 -14.40 -23.64 26.70
CA LEU A 54 -15.16 -24.89 26.66
C LEU A 54 -15.26 -25.45 28.07
N PHE A 55 -16.35 -25.09 28.76
CA PHE A 55 -16.60 -25.57 30.11
C PHE A 55 -17.68 -26.64 30.10
N LEU A 56 -18.05 -27.11 31.30
CA LEU A 56 -19.08 -28.11 31.47
C LEU A 56 -20.35 -27.45 32.01
N PRO A 57 -21.46 -27.49 31.28
CA PRO A 57 -22.69 -26.89 31.78
C PRO A 57 -23.18 -27.61 33.03
N PHE A 58 -23.55 -26.84 34.05
CA PHE A 58 -24.02 -27.42 35.30
C PHE A 58 -25.39 -28.04 35.12
N PHE A 59 -25.68 -29.04 35.96
CA PHE A 59 -26.95 -29.76 35.95
C PHE A 59 -27.23 -30.38 34.58
N SER A 60 -26.26 -31.14 34.09
CA SER A 60 -26.36 -31.85 32.83
C SER A 60 -26.54 -33.33 33.07
N ASN A 61 -27.10 -34.02 32.06
CA ASN A 61 -27.35 -35.45 32.15
C ASN A 61 -26.14 -36.20 31.61
N VAL A 62 -25.16 -36.40 32.48
CA VAL A 62 -23.94 -37.11 32.12
C VAL A 62 -24.18 -38.61 32.26
N THR A 63 -23.53 -39.39 31.40
CA THR A 63 -23.67 -40.83 31.42
C THR A 63 -23.00 -41.43 32.64
N TRP A 64 -23.58 -42.53 33.15
CA TRP A 64 -23.09 -43.21 34.34
C TRP A 64 -22.85 -44.68 33.99
N PHE A 65 -21.58 -45.03 33.77
CA PHE A 65 -21.18 -46.41 33.53
C PHE A 65 -20.54 -46.97 34.80
N HIS A 66 -21.07 -48.08 35.30
CA HIS A 66 -20.55 -48.72 36.49
C HIS A 66 -20.18 -50.15 36.16
N ALA A 67 -19.10 -50.64 36.78
CA ALA A 67 -18.58 -51.98 36.55
C ALA A 67 -18.44 -52.70 37.89
N ILE A 68 -19.44 -53.49 38.25
CA ILE A 68 -19.44 -54.28 39.48
C ILE A 68 -19.69 -55.73 39.11
N HIS A 69 -19.50 -56.61 40.10
CA HIS A 69 -19.70 -58.05 39.88
C HIS A 69 -20.11 -58.66 41.22
N VAL A 70 -21.41 -58.90 41.39
CA VAL A 70 -21.94 -59.53 42.59
C VAL A 70 -21.94 -61.04 42.32
N SER A 71 -20.80 -61.67 42.58
CA SER A 71 -20.66 -63.11 42.33
C SER A 71 -21.50 -63.90 43.32
N GLY A 72 -22.37 -64.75 42.81
CA GLY A 72 -23.22 -65.58 43.65
C GLY A 72 -24.57 -64.99 44.02
N THR A 73 -24.60 -63.70 44.37
CA THR A 73 -25.85 -63.06 44.75
C THR A 73 -26.78 -62.93 43.56
N ASN A 74 -26.36 -62.20 42.54
CA ASN A 74 -27.16 -62.01 41.33
C ASN A 74 -26.42 -62.40 40.06
N GLY A 75 -25.12 -62.16 39.99
CA GLY A 75 -24.35 -62.53 38.82
C GLY A 75 -24.42 -61.52 37.70
N THR A 76 -24.15 -60.25 38.00
CA THR A 76 -24.15 -59.22 36.97
C THR A 76 -22.94 -59.40 36.04
N LYS A 77 -21.74 -59.33 36.59
CA LYS A 77 -20.50 -59.55 35.84
C LYS A 77 -20.38 -58.60 34.66
N ARG A 78 -20.70 -57.33 34.90
CA ARG A 78 -20.67 -56.31 33.87
C ARG A 78 -19.34 -55.55 33.92
N PHE A 79 -18.83 -55.18 32.75
CA PHE A 79 -17.58 -54.44 32.62
C PHE A 79 -17.78 -53.39 31.53
N ASP A 80 -18.12 -52.17 31.94
CA ASP A 80 -18.45 -51.10 31.01
C ASP A 80 -17.15 -50.43 30.54
N ASN A 81 -16.82 -50.61 29.26
CA ASN A 81 -15.69 -49.91 28.66
C ASN A 81 -15.97 -49.61 27.19
N PRO A 82 -16.98 -48.82 26.87
CA PRO A 82 -17.31 -48.57 25.47
C PRO A 82 -16.53 -47.39 24.89
N VAL A 83 -16.45 -47.38 23.56
CA VAL A 83 -15.79 -46.29 22.85
C VAL A 83 -16.80 -45.15 22.69
N LEU A 84 -16.42 -43.96 23.16
CA LEU A 84 -17.31 -42.82 23.11
C LEU A 84 -16.76 -41.74 22.17
N PRO A 85 -17.62 -41.09 21.39
CA PRO A 85 -17.16 -40.05 20.46
C PRO A 85 -16.66 -38.82 21.22
N PHE A 86 -15.41 -38.45 20.97
CA PHE A 86 -14.81 -37.25 21.57
C PHE A 86 -15.10 -36.07 20.64
N ASN A 87 -16.18 -35.34 20.94
CA ASN A 87 -16.59 -34.24 20.08
C ASN A 87 -15.78 -32.97 20.38
N ASP A 88 -15.89 -32.46 21.60
CA ASP A 88 -15.17 -31.25 21.98
C ASP A 88 -14.54 -31.32 23.37
N GLY A 89 -14.73 -32.41 24.10
CA GLY A 89 -14.17 -32.51 25.43
C GLY A 89 -14.72 -33.72 26.16
N VAL A 90 -14.26 -33.88 27.40
CA VAL A 90 -14.65 -35.00 28.23
C VAL A 90 -14.38 -34.64 29.68
N TYR A 91 -15.20 -35.17 30.58
CA TYR A 91 -15.09 -34.92 32.02
C TYR A 91 -15.02 -36.25 32.77
N PHE A 92 -14.15 -37.14 32.31
CA PHE A 92 -13.98 -38.44 32.95
C PHE A 92 -13.60 -38.29 34.41
N ALA A 93 -14.41 -38.85 35.29
CA ALA A 93 -14.14 -38.93 36.72
C ALA A 93 -13.89 -40.38 37.11
N SER A 94 -13.59 -40.59 38.39
CA SER A 94 -13.35 -41.96 38.88
C SER A 94 -13.66 -41.98 40.38
N THR A 95 -14.84 -42.50 40.73
CA THR A 95 -15.23 -42.69 42.12
C THR A 95 -14.99 -44.15 42.48
N GLU A 96 -13.71 -44.47 42.69
CA GLU A 96 -13.27 -45.82 42.98
C GLU A 96 -12.67 -45.87 44.38
N LYS A 97 -12.29 -47.09 44.80
CA LYS A 97 -11.71 -47.31 46.12
C LYS A 97 -10.45 -48.17 46.11
N SER A 98 -10.14 -48.86 45.00
CA SER A 98 -8.97 -49.71 44.95
C SER A 98 -8.19 -49.56 43.65
N ASN A 99 -8.27 -48.39 43.01
CA ASN A 99 -7.53 -48.10 41.77
C ASN A 99 -7.87 -49.10 40.67
N ILE A 100 -9.14 -49.06 40.25
CA ILE A 100 -9.59 -49.97 39.19
C ILE A 100 -9.25 -49.40 37.81
N ILE A 101 -9.49 -48.11 37.60
CA ILE A 101 -9.22 -47.49 36.31
C ILE A 101 -7.72 -47.31 36.14
N ARG A 102 -7.26 -47.49 34.90
CA ARG A 102 -5.84 -47.39 34.59
C ARG A 102 -5.52 -46.23 33.66
N GLY A 103 -6.17 -46.16 32.51
CA GLY A 103 -5.90 -45.09 31.56
C GLY A 103 -6.98 -44.95 30.53
N TRP A 104 -6.63 -44.30 29.43
CA TRP A 104 -7.57 -44.05 28.34
C TRP A 104 -6.86 -44.24 27.01
N ILE A 105 -7.64 -44.19 25.93
CA ILE A 105 -7.12 -44.32 24.58
C ILE A 105 -7.75 -43.26 23.69
N PHE A 106 -7.01 -42.19 23.42
CA PHE A 106 -7.47 -41.09 22.58
C PHE A 106 -6.88 -41.26 21.18
N GLY A 107 -7.75 -41.46 20.19
CA GLY A 107 -7.31 -41.62 18.83
C GLY A 107 -8.36 -41.15 17.85
N THR A 108 -8.04 -41.26 16.56
CA THR A 108 -8.97 -40.87 15.50
C THR A 108 -9.89 -42.03 15.12
N THR A 109 -9.31 -43.16 14.72
CA THR A 109 -10.07 -44.34 14.36
C THR A 109 -9.68 -45.58 15.16
N LEU A 110 -8.65 -45.48 16.00
CA LEU A 110 -8.20 -46.59 16.85
C LEU A 110 -7.84 -47.82 16.01
N ASP A 111 -6.84 -47.65 15.15
CA ASP A 111 -6.35 -48.72 14.29
C ASP A 111 -4.87 -48.49 14.03
N SER A 112 -4.33 -49.21 13.05
CA SER A 112 -2.93 -49.10 12.69
C SER A 112 -2.68 -48.09 11.56
N LYS A 113 -3.65 -47.23 11.28
CA LYS A 113 -3.51 -46.20 10.25
C LYS A 113 -3.38 -44.80 10.83
N THR A 114 -4.11 -44.48 11.89
CA THR A 114 -4.04 -43.17 12.54
C THR A 114 -3.41 -43.32 13.92
N GLN A 115 -2.57 -42.35 14.29
CA GLN A 115 -1.92 -42.39 15.59
C GLN A 115 -2.91 -42.12 16.70
N SER A 116 -2.69 -42.78 17.84
CA SER A 116 -3.56 -42.64 19.01
C SER A 116 -2.72 -42.36 20.25
N LEU A 117 -3.41 -42.07 21.34
CA LEU A 117 -2.76 -41.80 22.62
C LEU A 117 -2.83 -43.02 23.53
N LEU A 118 -1.89 -43.07 24.47
CA LEU A 118 -1.83 -44.16 25.45
C LEU A 118 -1.51 -43.52 26.80
N ILE A 119 -2.55 -43.29 27.60
CA ILE A 119 -2.41 -42.61 28.88
C ILE A 119 -2.59 -43.63 30.00
N VAL A 120 -2.28 -44.90 29.72
CA VAL A 120 -2.43 -45.94 30.72
C VAL A 120 -1.46 -45.72 31.87
N ASN A 121 -1.87 -46.13 33.07
CA ASN A 121 -1.07 -46.03 34.28
C ASN A 121 -0.91 -47.44 34.84
N ASN A 122 0.13 -48.14 34.39
CA ASN A 122 0.37 -49.52 34.81
C ASN A 122 1.02 -49.51 36.19
N ALA A 123 1.52 -50.68 36.62
CA ALA A 123 2.13 -50.78 37.93
C ALA A 123 3.39 -49.93 38.04
N THR A 124 4.23 -49.97 37.00
CA THR A 124 5.49 -49.23 37.01
C THR A 124 5.26 -47.73 37.09
N ASN A 125 4.64 -47.16 36.05
CA ASN A 125 4.41 -45.73 35.98
C ASN A 125 3.36 -45.46 34.90
N VAL A 126 3.18 -44.19 34.55
CA VAL A 126 2.25 -43.79 33.50
C VAL A 126 3.04 -43.74 32.19
N VAL A 127 2.85 -44.76 31.35
CA VAL A 127 3.56 -44.87 30.08
C VAL A 127 2.76 -44.08 29.06
N ILE A 128 3.10 -42.80 28.92
CA ILE A 128 2.46 -41.92 27.94
C ILE A 128 3.23 -42.01 26.63
N LYS A 129 2.53 -42.36 25.56
CA LYS A 129 3.16 -42.50 24.26
C LYS A 129 2.11 -42.34 23.17
N VAL A 130 2.54 -41.82 22.02
CA VAL A 130 1.68 -41.55 20.89
C VAL A 130 2.07 -42.50 19.76
N CYS A 131 1.19 -43.43 19.43
CA CYS A 131 1.46 -44.39 18.36
C CYS A 131 0.15 -45.01 17.92
N GLU A 132 0.21 -45.70 16.77
CA GLU A 132 -0.96 -46.33 16.18
C GLU A 132 -1.01 -47.81 16.59
N PHE A 133 -1.38 -48.02 17.86
CA PHE A 133 -1.46 -49.37 18.38
C PHE A 133 -2.65 -50.12 17.80
N GLN A 134 -2.55 -51.45 17.80
CA GLN A 134 -3.66 -52.31 17.41
C GLN A 134 -4.50 -52.60 18.65
N PHE A 135 -5.65 -51.95 18.74
CA PHE A 135 -6.54 -52.07 19.90
C PHE A 135 -7.55 -53.18 19.66
N CYS A 136 -7.69 -54.06 20.64
CA CYS A 136 -8.59 -55.19 20.54
C CYS A 136 -10.02 -54.76 20.93
N ASN A 137 -10.91 -55.73 21.11
CA ASN A 137 -12.29 -55.42 21.44
C ASN A 137 -12.42 -54.87 22.85
N ASP A 138 -11.86 -55.57 23.84
CA ASP A 138 -11.96 -55.19 25.25
C ASP A 138 -10.56 -55.19 25.87
N PRO A 139 -9.80 -54.12 25.67
CA PRO A 139 -8.49 -54.03 26.31
C PRO A 139 -8.62 -53.73 27.80
N PHE A 140 -7.74 -54.34 28.59
CA PHE A 140 -7.73 -54.13 30.04
C PHE A 140 -6.31 -54.19 30.55
N LEU A 141 -6.15 -53.86 31.84
CA LEU A 141 -4.88 -53.92 32.54
C LEU A 141 -5.07 -54.61 33.89
N GLY A 142 -5.81 -55.72 33.87
CA GLY A 142 -6.13 -56.40 35.11
C GLY A 142 -4.92 -57.05 35.75
N VAL A 143 -5.08 -57.40 37.02
CA VAL A 143 -4.02 -58.03 37.80
C VAL A 143 -4.39 -59.50 38.01
N TYR A 144 -3.43 -60.27 38.52
CA TYR A 144 -3.61 -61.69 38.77
C TYR A 144 -3.22 -61.97 40.22
N TYR A 145 -4.13 -62.58 40.97
CA TYR A 145 -3.87 -62.93 42.36
C TYR A 145 -2.85 -64.05 42.40
N HIS A 146 -1.60 -63.70 42.71
CA HIS A 146 -0.51 -64.66 42.76
C HIS A 146 -0.27 -65.09 44.20
N LYS A 147 0.23 -66.32 44.36
CA LYS A 147 0.44 -66.91 45.68
C LYS A 147 1.87 -66.73 46.17
N ASN A 148 2.54 -65.64 45.78
CA ASN A 148 3.92 -65.43 46.20
C ASN A 148 4.01 -65.30 47.71
N ASN A 149 3.45 -64.24 48.29
CA ASN A 149 3.29 -64.18 49.74
C ASN A 149 1.83 -64.07 50.18
N LYS A 150 1.15 -62.98 49.84
CA LYS A 150 -0.25 -62.84 50.23
C LYS A 150 -1.15 -62.31 49.12
N SER A 151 -0.64 -61.37 48.32
CA SER A 151 -1.47 -60.44 47.58
C SER A 151 -1.34 -60.64 46.07
N TRP A 152 -1.99 -59.76 45.32
CA TRP A 152 -2.07 -59.84 43.87
C TRP A 152 -0.75 -59.42 43.23
N MET A 153 -0.75 -59.36 41.90
CA MET A 153 0.41 -58.92 41.14
C MET A 153 -0.04 -58.62 39.71
N GLU A 154 0.47 -57.52 39.15
CA GLU A 154 0.13 -57.15 37.78
C GLU A 154 0.72 -58.18 36.81
N SER A 155 -0.12 -58.67 35.90
CA SER A 155 0.27 -59.75 35.00
C SER A 155 0.26 -59.37 33.54
N GLU A 156 -0.86 -58.83 33.03
CA GLU A 156 -1.05 -58.66 31.60
C GLU A 156 -1.04 -57.19 31.21
N PHE A 157 -0.63 -56.95 29.96
CA PHE A 157 -0.58 -55.62 29.35
C PHE A 157 -1.16 -55.69 27.94
N ARG A 158 -2.35 -56.30 27.82
CA ARG A 158 -2.96 -56.62 26.53
C ARG A 158 -3.40 -55.38 25.75
N VAL A 159 -3.11 -54.18 26.26
CA VAL A 159 -3.58 -52.96 25.61
C VAL A 159 -2.93 -52.79 24.24
N TYR A 160 -1.61 -52.69 24.21
CA TYR A 160 -0.88 -52.44 22.97
C TYR A 160 -0.54 -53.77 22.29
N SER A 161 -0.62 -53.77 20.96
CA SER A 161 -0.32 -54.97 20.18
C SER A 161 0.63 -54.66 19.04
N SER A 162 0.63 -53.41 18.57
CA SER A 162 1.46 -52.98 17.46
C SER A 162 2.37 -51.84 17.88
N ALA A 163 3.60 -51.86 17.38
CA ALA A 163 4.59 -50.83 17.67
C ALA A 163 5.34 -50.44 16.40
N ASN A 164 4.62 -50.26 15.31
CA ASN A 164 5.23 -49.96 14.01
C ASN A 164 5.68 -48.50 13.99
N ASN A 165 6.99 -48.28 14.00
CA ASN A 165 7.63 -46.96 13.92
C ASN A 165 6.91 -45.92 14.75
N CYS A 166 6.89 -46.13 16.07
CA CYS A 166 6.15 -45.26 16.98
C CYS A 166 6.86 -43.91 17.12
N THR A 167 6.39 -43.10 18.07
CA THR A 167 6.83 -41.71 18.19
C THR A 167 7.12 -41.43 19.66
N PHE A 168 7.29 -40.15 19.98
CA PHE A 168 7.65 -39.67 21.31
C PHE A 168 6.88 -40.38 22.42
N GLU A 169 7.62 -40.89 23.40
CA GLU A 169 7.06 -41.56 24.56
C GLU A 169 7.41 -40.75 25.82
N TYR A 170 6.75 -41.09 26.93
CA TYR A 170 6.93 -40.35 28.16
C TYR A 170 6.80 -41.29 29.35
N VAL A 171 7.87 -41.40 30.14
CA VAL A 171 7.87 -42.14 31.40
C VAL A 171 8.48 -41.24 32.47
N SER A 172 8.12 -41.51 33.72
CA SER A 172 8.59 -40.68 34.82
C SER A 172 8.62 -41.53 36.09
N GLN A 173 9.83 -41.95 36.47
CA GLN A 173 10.10 -42.61 37.75
C GLN A 173 9.21 -43.83 37.96
N PRO A 174 9.53 -44.99 37.36
CA PRO A 174 8.73 -46.19 37.60
C PRO A 174 8.70 -46.58 39.07
N PHE A 175 7.51 -46.59 39.65
CA PHE A 175 7.32 -46.90 41.07
C PHE A 175 6.44 -48.15 41.20
N LEU A 176 6.05 -48.47 42.43
CA LEU A 176 5.25 -49.64 42.73
C LEU A 176 3.85 -49.19 43.16
N MET A 177 2.83 -49.62 42.43
CA MET A 177 1.45 -49.29 42.76
C MET A 177 0.98 -50.12 43.95
N ASP A 178 -0.24 -49.83 44.39
CA ASP A 178 -0.83 -50.57 45.50
C ASP A 178 -1.20 -51.99 45.08
N LEU A 179 -2.11 -52.10 44.11
CA LEU A 179 -2.51 -53.39 43.53
C LEU A 179 -3.04 -54.34 44.59
N GLU A 180 -4.13 -53.95 45.22
CA GLU A 180 -4.78 -54.78 46.23
C GLU A 180 -6.28 -54.55 46.16
N GLY A 181 -7.03 -55.47 46.78
CA GLY A 181 -8.47 -55.40 46.78
C GLY A 181 -9.05 -54.60 47.94
N LYS A 182 -8.87 -53.29 47.90
CA LYS A 182 -9.41 -52.42 48.95
C LYS A 182 -10.93 -52.41 48.87
N GLN A 183 -11.57 -53.08 49.82
CA GLN A 183 -13.03 -53.17 49.86
C GLN A 183 -13.61 -52.09 50.77
N GLY A 184 -14.93 -52.03 50.78
CA GLY A 184 -15.63 -51.04 51.58
C GLY A 184 -16.31 -49.97 50.73
N ASN A 185 -16.32 -48.73 51.23
CA ASN A 185 -16.92 -47.63 50.50
C ASN A 185 -15.86 -46.90 49.67
N PHE A 186 -16.33 -46.15 48.68
CA PHE A 186 -15.44 -45.41 47.81
C PHE A 186 -14.79 -44.27 48.58
N LYS A 187 -13.45 -44.18 48.49
CA LYS A 187 -12.70 -43.18 49.21
C LYS A 187 -11.78 -42.36 48.30
N ASN A 188 -11.90 -42.51 46.98
CA ASN A 188 -11.05 -41.79 46.04
C ASN A 188 -11.92 -41.17 44.95
N LEU A 189 -11.58 -39.94 44.57
CA LEU A 189 -12.29 -39.21 43.52
C LEU A 189 -11.27 -38.45 42.69
N ARG A 190 -11.04 -38.89 41.46
CA ARG A 190 -10.07 -38.29 40.56
C ARG A 190 -10.79 -37.79 39.32
N GLU A 191 -10.84 -36.47 39.14
CA GLU A 191 -11.48 -35.85 37.99
C GLU A 191 -10.44 -35.46 36.95
N PHE A 192 -10.86 -35.51 35.68
CA PHE A 192 -9.97 -35.21 34.58
C PHE A 192 -10.74 -34.49 33.47
N VAL A 193 -10.09 -33.51 32.85
CA VAL A 193 -10.65 -32.75 31.74
C VAL A 193 -9.62 -32.80 30.60
N PHE A 194 -9.88 -33.66 29.61
CA PHE A 194 -8.99 -33.77 28.46
C PHE A 194 -9.47 -32.85 27.35
N LYS A 195 -8.58 -31.98 26.88
CA LYS A 195 -8.89 -31.01 25.85
C LYS A 195 -7.82 -31.05 24.77
N ASN A 196 -8.25 -30.86 23.52
CA ASN A 196 -7.34 -30.86 22.37
C ASN A 196 -7.65 -29.62 21.53
N ILE A 197 -6.92 -28.55 21.76
CA ILE A 197 -7.10 -27.29 21.04
C ILE A 197 -5.75 -26.88 20.45
N ASP A 198 -5.72 -26.70 19.13
CA ASP A 198 -4.50 -26.32 18.41
C ASP A 198 -3.37 -27.31 18.67
N GLY A 199 -3.67 -28.59 18.52
CA GLY A 199 -2.67 -29.63 18.70
C GLY A 199 -2.34 -30.03 20.13
N TYR A 200 -2.08 -29.05 20.99
CA TYR A 200 -1.71 -29.34 22.37
C TYR A 200 -2.84 -30.06 23.09
N PHE A 201 -2.49 -31.12 23.81
CA PHE A 201 -3.44 -31.94 24.54
C PHE A 201 -3.36 -31.57 26.02
N LYS A 202 -4.36 -30.83 26.49
CA LYS A 202 -4.38 -30.35 27.87
C LYS A 202 -5.06 -31.38 28.77
N ILE A 203 -4.50 -31.57 29.96
CA ILE A 203 -5.03 -32.52 30.95
C ILE A 203 -5.12 -31.80 32.29
N TYR A 204 -6.29 -31.90 32.92
CA TYR A 204 -6.52 -31.33 34.24
C TYR A 204 -6.79 -32.44 35.24
N SER A 205 -6.52 -32.16 36.51
CA SER A 205 -6.70 -33.15 37.56
C SER A 205 -6.83 -32.45 38.90
N LYS A 206 -7.72 -32.97 39.74
CA LYS A 206 -7.92 -32.44 41.10
C LYS A 206 -8.43 -33.58 41.97
N HIS A 207 -7.52 -34.19 42.74
CA HIS A 207 -7.89 -35.29 43.62
C HIS A 207 -8.46 -34.76 44.93
N THR A 208 -9.67 -35.20 45.27
CA THR A 208 -10.34 -34.77 46.48
C THR A 208 -10.93 -36.00 47.17
N PRO A 209 -10.65 -36.21 48.46
CA PRO A 209 -11.25 -37.36 49.16
C PRO A 209 -12.74 -37.19 49.34
N ILE A 210 -13.45 -38.32 49.29
CA ILE A 210 -14.90 -38.36 49.43
C ILE A 210 -15.27 -39.71 50.04
N ASN A 211 -16.52 -39.82 50.49
CA ASN A 211 -17.01 -41.08 51.08
C ASN A 211 -18.49 -41.21 50.71
N LEU A 212 -18.76 -41.90 49.60
CA LEU A 212 -20.11 -42.16 49.14
C LEU A 212 -20.11 -43.42 48.29
N VAL A 213 -21.28 -44.04 48.19
CA VAL A 213 -21.44 -45.25 47.39
C VAL A 213 -21.72 -44.85 45.94
N ARG A 214 -22.81 -44.11 45.73
CA ARG A 214 -23.19 -43.63 44.42
C ARG A 214 -23.72 -42.20 44.58
N ASP A 215 -24.35 -41.69 43.53
CA ASP A 215 -24.96 -40.35 43.54
C ASP A 215 -23.92 -39.29 43.88
N LEU A 216 -22.95 -39.16 42.95
CA LEU A 216 -21.78 -38.29 43.05
C LEU A 216 -22.12 -36.97 43.72
N PRO A 217 -21.44 -36.61 44.79
CA PRO A 217 -21.87 -35.47 45.61
C PRO A 217 -21.70 -34.14 44.89
N GLN A 218 -22.33 -33.12 45.47
CA GLN A 218 -22.24 -31.75 44.98
C GLN A 218 -21.08 -31.03 45.64
N GLY A 219 -20.53 -30.06 44.94
CA GLY A 219 -19.41 -29.30 45.44
C GLY A 219 -18.56 -28.70 44.34
N PHE A 220 -18.03 -27.50 44.58
CA PHE A 220 -17.22 -26.81 43.58
C PHE A 220 -15.80 -27.35 43.62
N SER A 221 -15.25 -27.67 42.44
CA SER A 221 -13.90 -28.17 42.32
C SER A 221 -13.15 -27.32 41.30
N ALA A 222 -11.84 -27.20 41.50
CA ALA A 222 -10.96 -26.44 40.62
C ALA A 222 -9.85 -27.36 40.14
N LEU A 223 -9.97 -27.86 38.91
CA LEU A 223 -8.98 -28.78 38.35
C LEU A 223 -7.79 -27.98 37.82
N GLU A 224 -6.61 -28.24 38.38
CA GLU A 224 -5.41 -27.55 37.96
C GLU A 224 -4.80 -28.22 36.72
N PRO A 225 -4.14 -27.45 35.86
CA PRO A 225 -3.49 -28.04 34.69
C PRO A 225 -2.39 -29.01 35.09
N LEU A 226 -2.26 -30.09 34.32
CA LEU A 226 -1.28 -31.13 34.61
C LEU A 226 -0.21 -31.25 33.54
N VAL A 227 -0.59 -31.34 32.26
CA VAL A 227 0.35 -31.51 31.17
C VAL A 227 -0.22 -30.87 29.92
N ASP A 228 0.67 -30.53 28.98
CA ASP A 228 0.34 -29.87 27.73
C ASP A 228 1.04 -30.56 26.57
N LEU A 229 0.90 -31.88 26.51
CA LEU A 229 1.57 -32.73 25.53
C LEU A 229 1.39 -32.19 24.11
N PRO A 230 2.47 -31.79 23.43
CA PRO A 230 2.34 -31.26 22.07
C PRO A 230 2.16 -32.35 21.03
N ILE A 231 0.93 -32.81 20.82
CA ILE A 231 0.63 -33.83 19.83
C ILE A 231 -0.02 -33.16 18.61
N GLY A 232 -0.18 -33.94 17.54
CA GLY A 232 -0.75 -33.42 16.32
C GLY A 232 -1.75 -34.35 15.67
N ILE A 233 -2.47 -35.12 16.47
CA ILE A 233 -3.46 -36.06 15.97
C ILE A 233 -4.85 -35.45 16.07
N ASN A 234 -5.78 -35.98 15.27
CA ASN A 234 -7.16 -35.51 15.25
C ASN A 234 -7.98 -36.42 16.14
N ILE A 235 -8.07 -36.07 17.42
CA ILE A 235 -8.79 -36.89 18.39
C ILE A 235 -10.29 -36.70 18.19
N THR A 236 -10.98 -37.77 17.84
CA THR A 236 -12.43 -37.75 17.68
C THR A 236 -13.17 -38.83 18.45
N ARG A 237 -12.48 -39.89 18.89
CA ARG A 237 -13.11 -40.96 19.65
C ARG A 237 -12.14 -41.43 20.73
N PHE A 238 -12.70 -41.83 21.88
CA PHE A 238 -11.89 -42.29 22.99
C PHE A 238 -12.57 -43.50 23.64
N GLN A 239 -11.80 -44.22 24.44
CA GLN A 239 -12.31 -45.41 25.12
C GLN A 239 -11.54 -45.59 26.42
N THR A 240 -12.27 -45.63 27.53
CA THR A 240 -11.64 -45.79 28.83
C THR A 240 -11.23 -47.25 29.05
N LEU A 241 -10.25 -47.44 29.94
CA LEU A 241 -9.73 -48.76 30.27
C LEU A 241 -9.82 -48.99 31.76
N LEU A 242 -9.98 -50.26 32.13
CA LEU A 242 -10.08 -50.65 33.54
C LEU A 242 -9.21 -51.86 33.81
N ALA A 243 -9.35 -52.46 34.99
CA ALA A 243 -8.56 -53.62 35.38
C ALA A 243 -9.47 -54.66 35.99
N LEU A 244 -9.40 -55.89 35.48
CA LEU A 244 -10.18 -57.00 35.99
C LEU A 244 -9.44 -57.64 37.16
N HIS A 245 -9.96 -58.77 37.66
CA HIS A 245 -9.38 -59.45 38.82
C HIS A 245 -9.39 -60.96 38.53
N ARG A 246 -8.21 -61.52 38.31
CA ARG A 246 -8.05 -62.96 38.12
C ARG A 246 -7.52 -63.58 39.42
N SER A 247 -8.20 -64.62 39.88
CA SER A 247 -7.84 -65.26 41.14
C SER A 247 -8.25 -66.73 41.08
N TYR A 248 -7.89 -67.46 42.13
CA TYR A 248 -8.26 -68.87 42.25
C TYR A 248 -9.65 -69.07 42.84
N LEU A 249 -10.19 -68.07 43.55
CA LEU A 249 -11.51 -68.21 44.13
C LEU A 249 -12.60 -68.24 43.06
N THR A 250 -12.38 -67.52 41.95
CA THR A 250 -13.33 -67.51 40.84
C THR A 250 -12.84 -68.45 39.76
N PRO A 251 -13.44 -69.63 39.60
CA PRO A 251 -12.96 -70.57 38.58
C PRO A 251 -13.37 -70.14 37.18
N GLY A 252 -12.69 -70.73 36.19
CA GLY A 252 -12.97 -70.45 34.81
C GLY A 252 -11.72 -70.30 33.96
N ASP A 253 -11.90 -69.98 32.68
CA ASP A 253 -10.80 -69.81 31.75
C ASP A 253 -10.32 -68.36 31.81
N SER A 254 -9.48 -67.96 30.84
CA SER A 254 -8.97 -66.60 30.80
C SER A 254 -10.05 -65.57 30.52
N SER A 255 -11.24 -65.99 30.10
CA SER A 255 -12.36 -65.09 29.86
C SER A 255 -13.56 -65.36 30.74
N SER A 256 -13.45 -66.28 31.70
CA SER A 256 -14.55 -66.62 32.60
C SER A 256 -14.24 -66.28 34.04
N GLY A 257 -13.11 -66.73 34.56
CA GLY A 257 -12.76 -66.46 35.95
C GLY A 257 -12.19 -65.07 36.16
N TRP A 258 -13.02 -64.05 35.96
CA TRP A 258 -12.61 -62.67 36.11
C TRP A 258 -13.65 -61.90 36.91
N THR A 259 -13.21 -60.84 37.58
CA THR A 259 -14.06 -59.96 38.37
C THR A 259 -13.91 -58.54 37.86
N ALA A 260 -14.66 -57.62 38.46
CA ALA A 260 -14.63 -56.22 38.07
C ALA A 260 -14.42 -55.26 39.24
N GLY A 261 -14.45 -55.76 40.47
CA GLY A 261 -14.26 -54.87 41.61
C GLY A 261 -15.44 -53.94 41.79
N ALA A 262 -15.16 -52.64 41.88
CA ALA A 262 -16.20 -51.64 42.03
C ALA A 262 -15.66 -50.32 41.48
N ALA A 263 -16.12 -49.95 40.28
CA ALA A 263 -15.70 -48.72 39.64
C ALA A 263 -16.87 -48.13 38.87
N ALA A 264 -16.90 -46.80 38.79
CA ALA A 264 -17.98 -46.09 38.08
C ALA A 264 -17.49 -44.71 37.73
N TYR A 265 -17.52 -44.37 36.44
CA TYR A 265 -17.12 -43.05 35.96
C TYR A 265 -18.34 -42.29 35.47
N TYR A 266 -18.13 -40.99 35.23
CA TYR A 266 -19.19 -40.05 34.91
C TYR A 266 -18.82 -39.20 33.71
N VAL A 267 -18.40 -39.87 32.62
CA VAL A 267 -17.99 -39.18 31.40
C VAL A 267 -19.08 -38.25 30.93
N GLY A 268 -18.73 -36.99 30.72
CA GLY A 268 -19.68 -36.01 30.20
C GLY A 268 -19.01 -35.13 29.18
N TYR A 269 -19.78 -34.72 28.18
CA TYR A 269 -19.28 -33.92 27.07
C TYR A 269 -19.31 -32.43 27.42
N LEU A 270 -18.36 -31.69 26.86
CA LEU A 270 -18.23 -30.26 27.10
C LEU A 270 -18.90 -29.46 25.98
N GLN A 271 -19.43 -28.31 26.35
CA GLN A 271 -20.07 -27.38 25.42
C GLN A 271 -19.54 -25.98 25.65
N PRO A 272 -19.51 -25.15 24.60
CA PRO A 272 -19.04 -23.76 24.76
C PRO A 272 -19.92 -22.95 25.69
N ARG A 273 -19.39 -22.56 26.85
CA ARG A 273 -20.11 -21.80 27.85
C ARG A 273 -19.34 -20.52 28.17
N THR A 274 -19.83 -19.78 29.17
CA THR A 274 -19.21 -18.54 29.61
C THR A 274 -19.36 -18.48 31.13
N PHE A 275 -18.30 -18.85 31.85
CA PHE A 275 -18.34 -18.87 33.30
C PHE A 275 -17.77 -17.58 33.88
N LEU A 276 -18.27 -17.22 35.06
CA LEU A 276 -17.79 -16.05 35.80
C LEU A 276 -17.10 -16.57 37.06
N LEU A 277 -15.77 -16.68 36.99
CA LEU A 277 -15.00 -17.27 38.07
C LEU A 277 -14.85 -16.30 39.24
N LYS A 278 -14.49 -16.86 40.39
CA LYS A 278 -14.27 -16.08 41.61
C LYS A 278 -12.92 -16.50 42.20
N TYR A 279 -11.96 -15.59 42.18
CA TYR A 279 -10.62 -15.85 42.70
C TYR A 279 -10.48 -15.28 44.11
N ASN A 280 -9.87 -16.07 44.98
CA ASN A 280 -9.62 -15.66 46.36
C ASN A 280 -8.28 -14.93 46.45
N GLU A 281 -7.83 -14.67 47.68
CA GLU A 281 -6.55 -14.00 47.87
C GLU A 281 -5.37 -14.91 47.46
N ASN A 282 -5.53 -16.22 47.62
CA ASN A 282 -4.47 -17.16 47.23
C ASN A 282 -4.48 -17.46 45.75
N GLY A 283 -5.57 -17.18 45.04
CA GLY A 283 -5.65 -17.42 43.62
C GLY A 283 -6.43 -18.64 43.20
N THR A 284 -7.18 -19.25 44.10
CA THR A 284 -7.98 -20.43 43.79
C THR A 284 -9.42 -20.04 43.50
N ILE A 285 -10.07 -20.84 42.66
CA ILE A 285 -11.45 -20.59 42.27
C ILE A 285 -12.38 -21.21 43.30
N THR A 286 -13.38 -20.44 43.74
CA THR A 286 -14.33 -20.88 44.76
C THR A 286 -15.73 -21.12 44.23
N ASP A 287 -16.23 -20.25 43.36
CA ASP A 287 -17.58 -20.40 42.82
C ASP A 287 -17.63 -19.76 41.44
N ALA A 288 -18.60 -20.22 40.64
CA ALA A 288 -18.75 -19.71 39.29
C ALA A 288 -20.19 -19.96 38.83
N VAL A 289 -20.65 -19.11 37.91
CA VAL A 289 -21.99 -19.23 37.34
C VAL A 289 -21.86 -19.68 35.89
N ASP A 290 -23.00 -20.00 35.27
CA ASP A 290 -23.02 -20.52 33.92
C ASP A 290 -23.37 -19.47 32.86
N CYS A 291 -23.98 -18.36 33.27
CA CYS A 291 -24.40 -17.25 32.41
C CYS A 291 -25.54 -17.62 31.48
N ALA A 292 -25.97 -18.89 31.45
CA ALA A 292 -27.07 -19.31 30.60
C ALA A 292 -27.99 -20.32 31.25
N LEU A 293 -27.80 -20.65 32.53
CA LEU A 293 -28.61 -21.68 33.17
C LEU A 293 -30.01 -21.17 33.49
N ASP A 294 -30.08 -20.07 34.25
CA ASP A 294 -31.35 -19.50 34.68
C ASP A 294 -31.25 -17.99 34.59
N PRO A 295 -32.38 -17.28 34.61
CA PRO A 295 -32.33 -15.81 34.59
C PRO A 295 -31.54 -15.21 35.74
N LEU A 296 -31.53 -15.85 36.91
CA LEU A 296 -30.71 -15.35 38.01
C LEU A 296 -29.24 -15.43 37.67
N SER A 297 -28.81 -16.54 37.06
CA SER A 297 -27.42 -16.67 36.63
C SER A 297 -27.09 -15.66 35.54
N GLU A 298 -28.04 -15.42 34.62
CA GLU A 298 -27.82 -14.43 33.58
C GLU A 298 -27.67 -13.03 34.17
N THR A 299 -28.45 -12.71 35.20
CA THR A 299 -28.34 -11.41 35.85
C THR A 299 -27.00 -11.28 36.58
N LYS A 300 -26.60 -12.33 37.32
CA LYS A 300 -25.31 -12.30 37.99
C LYS A 300 -24.16 -12.22 37.00
N CYS A 301 -24.36 -12.75 35.79
CA CYS A 301 -23.34 -12.70 34.75
C CYS A 301 -23.25 -11.31 34.13
N THR A 302 -24.40 -10.67 33.87
CA THR A 302 -24.40 -9.34 33.29
C THR A 302 -24.01 -8.26 34.28
N LEU A 303 -24.17 -8.50 35.58
CA LEU A 303 -23.79 -7.54 36.60
C LEU A 303 -22.37 -7.75 37.11
N LYS A 304 -21.70 -8.83 36.68
CA LYS A 304 -20.33 -9.14 37.09
C LYS A 304 -20.23 -9.22 38.62
N SER A 305 -21.13 -10.00 39.21
CA SER A 305 -21.17 -10.15 40.66
C SER A 305 -21.91 -11.44 40.99
N PHE A 306 -21.85 -11.83 42.25
CA PHE A 306 -22.56 -13.00 42.75
C PHE A 306 -23.77 -12.65 43.61
N THR A 307 -24.00 -11.36 43.87
CA THR A 307 -25.16 -10.90 44.62
C THR A 307 -25.86 -9.82 43.80
N VAL A 308 -27.18 -9.93 43.70
CA VAL A 308 -27.99 -9.01 42.91
C VAL A 308 -28.95 -8.28 43.84
N GLU A 309 -28.94 -6.96 43.79
CA GLU A 309 -29.84 -6.16 44.59
C GLU A 309 -31.26 -6.23 44.03
N LYS A 310 -32.22 -5.79 44.83
CA LYS A 310 -33.62 -5.80 44.42
C LYS A 310 -33.84 -4.79 43.30
N GLY A 311 -34.33 -5.28 42.16
CA GLY A 311 -34.57 -4.42 41.02
C GLY A 311 -34.72 -5.23 39.75
N ILE A 312 -34.87 -4.51 38.65
CA ILE A 312 -35.03 -5.09 37.32
C ILE A 312 -33.78 -4.78 36.50
N TYR A 313 -33.24 -5.79 35.83
CA TYR A 313 -32.03 -5.66 35.05
C TYR A 313 -32.23 -6.32 33.68
N GLN A 314 -31.76 -5.64 32.64
CA GLN A 314 -31.82 -6.15 31.28
C GLN A 314 -30.60 -7.03 31.06
N THR A 315 -30.82 -8.33 30.83
CA THR A 315 -29.74 -9.30 30.69
C THR A 315 -29.37 -9.56 29.23
N SER A 316 -30.34 -9.96 28.42
CA SER A 316 -30.07 -10.29 27.02
C SER A 316 -31.31 -9.94 26.20
N ASN A 317 -31.38 -10.46 24.98
CA ASN A 317 -32.49 -10.21 24.08
C ASN A 317 -33.14 -11.52 23.67
N PHE A 318 -34.35 -11.41 23.14
CA PHE A 318 -35.13 -12.56 22.69
C PHE A 318 -35.18 -12.57 21.16
N ARG A 319 -35.14 -13.78 20.59
CA ARG A 319 -35.18 -13.93 19.14
C ARG A 319 -35.54 -15.37 18.81
N VAL A 320 -36.50 -15.54 17.91
CA VAL A 320 -36.92 -16.87 17.46
C VAL A 320 -36.04 -17.30 16.30
N GLN A 321 -35.54 -18.54 16.37
CA GLN A 321 -34.65 -19.04 15.34
C GLN A 321 -35.46 -19.65 14.20
N PRO A 322 -34.97 -19.54 12.96
CA PRO A 322 -35.68 -20.14 11.83
C PRO A 322 -35.69 -21.66 11.94
N THR A 323 -36.88 -22.24 11.80
CA THR A 323 -37.02 -23.69 11.90
C THR A 323 -36.47 -24.38 10.66
N GLU A 324 -37.02 -24.06 9.50
CA GLU A 324 -36.57 -24.66 8.25
C GLU A 324 -36.24 -23.59 7.22
N SER A 325 -35.93 -24.00 5.99
CA SER A 325 -35.59 -23.08 4.92
C SER A 325 -36.43 -23.38 3.69
N ILE A 326 -36.61 -22.36 2.86
CA ILE A 326 -37.39 -22.46 1.63
C ILE A 326 -36.65 -21.70 0.53
N VAL A 327 -36.41 -22.39 -0.59
CA VAL A 327 -35.69 -21.81 -1.73
C VAL A 327 -36.67 -21.73 -2.89
N ARG A 328 -37.11 -20.51 -3.22
CA ARG A 328 -38.08 -20.28 -4.28
C ARG A 328 -37.37 -19.71 -5.49
N PHE A 329 -37.41 -20.45 -6.59
CA PHE A 329 -36.80 -20.04 -7.86
C PHE A 329 -37.82 -20.14 -8.99
N PRO A 330 -37.65 -19.34 -10.04
CA PRO A 330 -38.62 -19.38 -11.15
C PRO A 330 -38.57 -20.71 -11.90
N ASN A 331 -39.59 -20.91 -12.73
CA ASN A 331 -39.76 -22.14 -13.49
C ASN A 331 -39.14 -21.94 -14.88
N ILE A 332 -37.83 -22.06 -14.94
CA ILE A 332 -37.08 -21.85 -16.17
C ILE A 332 -36.51 -23.19 -16.65
N THR A 333 -36.05 -23.20 -17.90
CA THR A 333 -35.47 -24.38 -18.52
C THR A 333 -34.44 -23.92 -19.53
N ASN A 334 -34.04 -24.82 -20.43
CA ASN A 334 -33.11 -24.52 -21.53
C ASN A 334 -31.77 -24.03 -20.98
N LEU A 335 -31.06 -24.96 -20.36
CA LEU A 335 -29.70 -24.73 -19.86
C LEU A 335 -28.89 -23.90 -20.84
N CYS A 336 -28.25 -22.85 -20.31
CA CYS A 336 -27.54 -21.91 -21.16
C CYS A 336 -26.35 -22.59 -21.84
N PRO A 337 -26.28 -22.58 -23.17
CA PRO A 337 -25.11 -23.17 -23.85
C PRO A 337 -23.88 -22.29 -23.74
N PHE A 338 -22.87 -22.74 -22.99
CA PHE A 338 -21.61 -22.03 -22.85
C PHE A 338 -20.54 -22.55 -23.79
N GLY A 339 -20.83 -23.58 -24.59
CA GLY A 339 -19.87 -24.11 -25.54
C GLY A 339 -19.64 -23.25 -26.76
N GLU A 340 -20.43 -22.19 -26.94
CA GLU A 340 -20.25 -21.28 -28.07
C GLU A 340 -19.49 -20.02 -27.69
N VAL A 341 -19.21 -19.80 -26.41
CA VAL A 341 -18.44 -18.65 -25.95
C VAL A 341 -17.03 -19.05 -25.56
N PHE A 342 -16.89 -20.16 -24.83
CA PHE A 342 -15.58 -20.66 -24.42
C PHE A 342 -14.98 -21.60 -25.46
N ASN A 343 -15.73 -22.63 -25.86
CA ASN A 343 -15.26 -23.61 -26.83
C ASN A 343 -15.60 -23.16 -28.26
N ALA A 344 -15.15 -21.96 -28.60
CA ALA A 344 -15.35 -21.40 -29.93
C ALA A 344 -14.14 -21.73 -30.81
N THR A 345 -14.33 -21.51 -32.12
CA THR A 345 -13.27 -21.81 -33.08
C THR A 345 -12.32 -20.64 -33.29
N ARG A 346 -12.84 -19.42 -33.38
CA ARG A 346 -12.00 -18.24 -33.61
C ARG A 346 -12.57 -17.06 -32.86
N PHE A 347 -11.72 -16.34 -32.15
CA PHE A 347 -12.09 -15.11 -31.45
C PHE A 347 -11.71 -13.90 -32.29
N ALA A 348 -12.34 -12.77 -31.97
CA ALA A 348 -12.06 -11.52 -32.67
C ALA A 348 -10.83 -10.85 -32.06
N SER A 349 -10.54 -9.63 -32.50
CA SER A 349 -9.40 -8.90 -31.99
C SER A 349 -9.74 -8.22 -30.67
N VAL A 350 -8.75 -7.52 -30.10
CA VAL A 350 -8.95 -6.85 -28.83
C VAL A 350 -9.76 -5.57 -29.01
N TYR A 351 -9.52 -4.84 -30.08
CA TYR A 351 -10.24 -3.60 -30.34
C TYR A 351 -11.63 -3.83 -30.90
N ALA A 352 -11.94 -5.04 -31.37
CA ALA A 352 -13.22 -5.39 -31.94
C ALA A 352 -13.79 -6.62 -31.24
N TRP A 353 -13.75 -6.62 -29.92
CA TRP A 353 -14.27 -7.74 -29.14
C TRP A 353 -15.78 -7.88 -29.35
N ASN A 354 -16.25 -9.12 -29.31
CA ASN A 354 -17.65 -9.44 -29.55
C ASN A 354 -18.37 -9.59 -28.22
N ARG A 355 -19.43 -8.81 -28.02
CA ARG A 355 -20.23 -8.87 -26.81
C ARG A 355 -21.39 -9.83 -27.03
N LYS A 356 -21.58 -10.76 -26.09
CA LYS A 356 -22.61 -11.78 -26.17
C LYS A 356 -23.59 -11.58 -25.02
N ARG A 357 -24.85 -11.33 -25.35
CA ARG A 357 -25.88 -11.14 -24.34
C ARG A 357 -26.47 -12.50 -23.95
N ILE A 358 -26.59 -12.73 -22.64
CA ILE A 358 -27.13 -13.97 -22.10
C ILE A 358 -28.34 -13.64 -21.26
N SER A 359 -29.48 -14.26 -21.57
CA SER A 359 -30.71 -14.02 -20.83
C SER A 359 -31.67 -15.17 -21.10
N ASN A 360 -32.66 -15.31 -20.21
CA ASN A 360 -33.71 -16.32 -20.30
C ASN A 360 -33.11 -17.72 -20.38
N CYS A 361 -32.34 -18.07 -19.34
CA CYS A 361 -31.69 -19.37 -19.26
C CYS A 361 -31.21 -19.59 -17.84
N VAL A 362 -30.78 -20.82 -17.57
CA VAL A 362 -30.17 -21.20 -16.30
C VAL A 362 -28.70 -21.49 -16.56
N ALA A 363 -27.83 -20.74 -15.89
CA ALA A 363 -26.39 -20.81 -16.12
C ALA A 363 -25.70 -21.40 -14.89
N ASP A 364 -24.90 -22.44 -15.12
CA ASP A 364 -24.09 -23.05 -14.08
C ASP A 364 -22.63 -22.65 -14.26
N TYR A 365 -21.98 -22.30 -13.15
CA TYR A 365 -20.60 -21.83 -13.18
C TYR A 365 -19.63 -22.76 -12.46
N SER A 366 -20.13 -23.75 -11.72
CA SER A 366 -19.23 -24.66 -11.01
C SER A 366 -18.49 -25.60 -11.97
N VAL A 367 -19.08 -25.89 -13.13
CA VAL A 367 -18.42 -26.77 -14.09
C VAL A 367 -17.26 -26.08 -14.78
N LEU A 368 -17.19 -24.75 -14.73
CA LEU A 368 -16.10 -24.01 -15.35
C LEU A 368 -14.94 -23.78 -14.39
N TYR A 369 -15.24 -23.52 -13.11
CA TYR A 369 -14.18 -23.31 -12.14
C TYR A 369 -13.43 -24.60 -11.82
N ASN A 370 -14.14 -25.72 -11.80
CA ASN A 370 -13.55 -27.02 -11.52
C ASN A 370 -13.06 -27.73 -12.77
N SER A 371 -12.99 -27.05 -13.91
CA SER A 371 -12.52 -27.66 -15.14
C SER A 371 -11.01 -27.86 -15.16
N ALA A 372 -10.27 -27.16 -14.30
CA ALA A 372 -8.81 -27.24 -14.18
C ALA A 372 -8.09 -26.83 -15.46
N SER A 373 -8.79 -26.24 -16.42
CA SER A 373 -8.18 -25.79 -17.66
C SER A 373 -7.94 -24.29 -17.70
N PHE A 374 -8.83 -23.50 -17.09
CA PHE A 374 -8.67 -22.05 -17.08
C PHE A 374 -7.52 -21.65 -16.16
N SER A 375 -6.56 -20.89 -16.69
CA SER A 375 -5.42 -20.48 -15.90
C SER A 375 -5.85 -19.53 -14.78
N THR A 376 -6.44 -18.40 -15.14
CA THR A 376 -6.90 -17.40 -14.19
C THR A 376 -8.42 -17.39 -14.14
N PHE A 377 -8.97 -17.40 -12.93
CA PHE A 377 -10.42 -17.37 -12.69
C PHE A 377 -10.75 -16.33 -11.63
N LYS A 378 -10.17 -15.15 -11.76
CA LYS A 378 -10.37 -14.11 -10.76
C LYS A 378 -11.78 -13.53 -10.86
N CYS A 379 -12.47 -13.48 -9.72
CA CYS A 379 -13.81 -12.95 -9.61
C CYS A 379 -13.77 -11.61 -8.87
N TYR A 380 -14.50 -10.63 -9.40
CA TYR A 380 -14.58 -9.30 -8.80
C TYR A 380 -16.02 -9.02 -8.41
N GLY A 381 -16.23 -8.61 -7.16
CA GLY A 381 -17.55 -8.33 -6.66
C GLY A 381 -18.27 -9.56 -6.16
N VAL A 382 -17.97 -10.71 -6.75
CA VAL A 382 -18.55 -11.99 -6.35
C VAL A 382 -17.41 -12.95 -6.02
N SER A 383 -17.79 -14.12 -5.54
CA SER A 383 -16.81 -15.14 -5.17
C SER A 383 -16.81 -16.26 -6.21
N PRO A 384 -15.69 -16.98 -6.36
CA PRO A 384 -15.68 -18.13 -7.27
C PRO A 384 -16.66 -19.21 -6.89
N THR A 385 -17.08 -19.28 -5.62
CA THR A 385 -18.10 -20.20 -5.17
C THR A 385 -19.34 -19.41 -4.74
N LYS A 386 -20.36 -20.14 -4.28
CA LYS A 386 -21.63 -19.56 -3.86
C LYS A 386 -22.29 -18.73 -4.96
N LEU A 387 -22.00 -19.05 -6.21
CA LEU A 387 -22.60 -18.38 -7.35
C LEU A 387 -23.68 -19.20 -8.04
N ASN A 388 -23.74 -20.50 -7.79
CA ASN A 388 -24.81 -21.33 -8.33
C ASN A 388 -26.12 -21.17 -7.58
N ASP A 389 -26.14 -20.38 -6.49
CA ASP A 389 -27.33 -20.15 -5.70
C ASP A 389 -27.88 -18.74 -5.89
N LEU A 390 -27.35 -17.98 -6.83
CA LEU A 390 -27.79 -16.62 -7.11
C LEU A 390 -28.39 -16.54 -8.50
N CYS A 391 -29.26 -15.55 -8.69
CA CYS A 391 -29.92 -15.32 -9.97
C CYS A 391 -29.62 -13.90 -10.41
N PHE A 392 -29.24 -13.74 -11.68
CA PHE A 392 -28.90 -12.44 -12.24
C PHE A 392 -29.96 -12.01 -13.25
N THR A 393 -29.94 -10.72 -13.58
CA THR A 393 -30.91 -10.14 -14.50
C THR A 393 -30.40 -10.04 -15.93
N ASN A 394 -29.16 -9.59 -16.12
CA ASN A 394 -28.60 -9.45 -17.47
C ASN A 394 -27.09 -9.54 -17.37
N VAL A 395 -26.52 -10.62 -17.91
CA VAL A 395 -25.08 -10.81 -17.92
C VAL A 395 -24.59 -10.80 -19.36
N TYR A 396 -23.29 -10.53 -19.52
CA TYR A 396 -22.66 -10.48 -20.83
C TYR A 396 -21.46 -11.42 -20.85
N ALA A 397 -20.86 -11.55 -22.03
CA ALA A 397 -19.72 -12.45 -22.22
C ALA A 397 -18.86 -11.89 -23.35
N ASP A 398 -17.77 -11.24 -23.00
CA ASP A 398 -16.82 -10.72 -23.97
C ASP A 398 -15.77 -11.76 -24.30
N SER A 399 -15.19 -11.65 -25.49
CA SER A 399 -14.20 -12.62 -25.96
C SER A 399 -13.15 -11.89 -26.78
N PHE A 400 -11.89 -12.02 -26.38
CA PHE A 400 -10.77 -11.46 -27.10
C PHE A 400 -9.51 -12.25 -26.77
N VAL A 401 -8.46 -12.02 -27.54
CA VAL A 401 -7.20 -12.74 -27.39
C VAL A 401 -6.08 -11.73 -27.19
N ILE A 402 -5.44 -11.79 -26.02
CA ILE A 402 -4.32 -10.90 -25.71
C ILE A 402 -3.09 -11.76 -25.39
N ARG A 403 -1.97 -11.11 -25.11
CA ARG A 403 -0.74 -11.82 -24.78
C ARG A 403 -0.67 -12.07 -23.27
N GLY A 404 0.36 -12.82 -22.86
CA GLY A 404 0.46 -13.23 -21.47
C GLY A 404 0.70 -12.07 -20.53
N ASP A 405 1.58 -11.14 -20.92
CA ASP A 405 1.92 -10.03 -20.04
C ASP A 405 0.81 -8.99 -19.92
N GLU A 406 -0.25 -9.10 -20.72
CA GLU A 406 -1.36 -8.16 -20.67
C GLU A 406 -2.60 -8.73 -20.00
N VAL A 407 -2.55 -9.96 -19.48
CA VAL A 407 -3.70 -10.53 -18.81
C VAL A 407 -3.96 -9.82 -17.49
N ARG A 408 -2.90 -9.39 -16.80
CA ARG A 408 -3.08 -8.66 -15.55
C ARG A 408 -3.74 -7.31 -15.74
N GLN A 409 -3.62 -6.72 -16.94
CA GLN A 409 -4.21 -5.41 -17.18
C GLN A 409 -5.73 -5.47 -17.31
N ILE A 410 -6.30 -6.65 -17.52
CA ILE A 410 -7.76 -6.79 -17.64
C ILE A 410 -8.27 -7.00 -16.23
N ALA A 411 -8.49 -5.88 -15.53
CA ALA A 411 -8.95 -5.89 -14.15
C ALA A 411 -9.42 -4.49 -13.76
N PRO A 412 -10.38 -4.37 -12.84
CA PRO A 412 -10.82 -3.04 -12.41
C PRO A 412 -9.70 -2.29 -11.70
N GLY A 413 -9.34 -1.13 -12.24
CA GLY A 413 -8.31 -0.29 -11.69
C GLY A 413 -6.99 -0.33 -12.44
N GLN A 414 -6.70 -1.45 -13.11
CA GLN A 414 -5.45 -1.56 -13.85
C GLN A 414 -5.44 -0.65 -15.06
N THR A 415 -4.26 -0.10 -15.36
CA THR A 415 -4.09 0.80 -16.49
C THR A 415 -2.85 0.38 -17.29
N GLY A 416 -2.79 0.85 -18.53
CA GLY A 416 -1.68 0.54 -19.40
C GLY A 416 -1.95 0.86 -20.86
N LYS A 417 -1.66 -0.09 -21.74
CA LYS A 417 -1.89 0.06 -23.17
C LYS A 417 -3.08 -0.74 -23.68
N ILE A 418 -3.20 -2.01 -23.25
CA ILE A 418 -4.33 -2.83 -23.67
C ILE A 418 -5.56 -2.59 -22.83
N ALA A 419 -5.44 -1.87 -21.71
CA ALA A 419 -6.56 -1.60 -20.81
C ALA A 419 -7.03 -0.16 -20.87
N ASP A 420 -6.44 0.66 -21.74
CA ASP A 420 -6.84 2.06 -21.90
C ASP A 420 -7.18 2.46 -23.31
N TYR A 421 -6.74 1.72 -24.33
CA TYR A 421 -7.04 2.03 -25.72
C TYR A 421 -7.86 0.95 -26.43
N ASN A 422 -7.92 -0.26 -25.88
CA ASN A 422 -8.63 -1.37 -26.52
C ASN A 422 -9.85 -1.83 -25.73
N TYR A 423 -9.68 -2.14 -24.45
CA TYR A 423 -10.77 -2.67 -23.64
C TYR A 423 -10.59 -2.20 -22.21
N LYS A 424 -11.53 -1.38 -21.72
CA LYS A 424 -11.47 -0.80 -20.39
C LYS A 424 -12.59 -1.35 -19.53
N LEU A 425 -12.25 -1.76 -18.31
CA LEU A 425 -13.21 -2.24 -17.32
C LEU A 425 -13.50 -1.17 -16.28
N PRO A 426 -14.75 -1.06 -15.84
CA PRO A 426 -15.08 -0.05 -14.83
C PRO A 426 -14.53 -0.40 -13.47
N ASP A 427 -14.47 0.60 -12.60
CA ASP A 427 -13.96 0.39 -11.24
C ASP A 427 -14.94 -0.41 -10.38
N ASP A 428 -16.23 -0.40 -10.71
CA ASP A 428 -17.23 -1.17 -9.99
C ASP A 428 -17.64 -2.43 -10.75
N PHE A 429 -16.72 -3.00 -11.53
CA PHE A 429 -17.02 -4.20 -12.31
C PHE A 429 -17.29 -5.38 -11.38
N THR A 430 -18.52 -5.88 -11.42
CA THR A 430 -18.94 -7.04 -10.63
C THR A 430 -19.03 -8.24 -11.56
N GLY A 431 -17.91 -8.94 -11.73
CA GLY A 431 -17.87 -10.09 -12.60
C GLY A 431 -16.68 -10.98 -12.29
N CYS A 432 -16.39 -11.88 -13.23
CA CYS A 432 -15.29 -12.81 -13.08
C CYS A 432 -14.52 -12.87 -14.40
N VAL A 433 -13.22 -12.64 -14.33
CA VAL A 433 -12.36 -12.68 -15.51
C VAL A 433 -11.84 -14.10 -15.69
N ILE A 434 -12.03 -14.65 -16.89
CA ILE A 434 -11.64 -16.02 -17.21
C ILE A 434 -10.65 -15.96 -18.36
N ALA A 435 -9.46 -16.50 -18.14
CA ALA A 435 -8.43 -16.53 -19.17
C ALA A 435 -7.65 -17.84 -19.06
N TRP A 436 -7.06 -18.24 -20.18
CA TRP A 436 -6.28 -19.47 -20.23
C TRP A 436 -5.34 -19.41 -21.43
N ASN A 437 -4.25 -20.16 -21.34
CA ASN A 437 -3.28 -20.21 -22.42
C ASN A 437 -3.85 -20.96 -23.62
N SER A 438 -3.58 -20.43 -24.82
CA SER A 438 -4.08 -21.01 -26.06
C SER A 438 -2.98 -21.04 -27.11
N ASN A 439 -1.77 -21.44 -26.72
CA ASN A 439 -0.65 -21.53 -27.65
C ASN A 439 -0.62 -22.88 -28.36
N ASN A 440 -1.78 -23.30 -28.88
CA ASN A 440 -1.89 -24.54 -29.64
C ASN A 440 -2.66 -24.40 -30.94
N LEU A 441 -3.53 -23.40 -31.09
CA LEU A 441 -4.27 -23.20 -32.33
C LEU A 441 -4.31 -21.76 -32.80
N ASP A 442 -3.87 -20.80 -31.99
CA ASP A 442 -3.86 -19.38 -32.37
C ASP A 442 -2.45 -18.89 -32.66
N SER A 443 -1.52 -19.79 -32.99
CA SER A 443 -0.14 -19.41 -33.27
C SER A 443 0.39 -20.37 -34.32
N LYS A 444 0.46 -19.91 -35.57
CA LYS A 444 0.95 -20.72 -36.67
C LYS A 444 2.45 -20.51 -36.88
N VAL A 445 3.04 -21.37 -37.70
CA VAL A 445 4.47 -21.27 -37.98
C VAL A 445 4.73 -20.03 -38.82
N GLY A 446 5.70 -19.22 -38.39
CA GLY A 446 6.03 -18.00 -39.09
C GLY A 446 5.48 -16.76 -38.41
N GLY A 447 4.30 -16.89 -37.80
CA GLY A 447 3.68 -15.79 -37.11
C GLY A 447 2.25 -15.55 -37.53
N ASN A 448 1.33 -15.53 -36.57
CA ASN A 448 -0.08 -15.29 -36.84
C ASN A 448 -0.38 -13.80 -36.70
N TYR A 449 -0.79 -13.18 -37.80
CA TYR A 449 -1.06 -11.75 -37.84
C TYR A 449 -2.55 -11.46 -37.99
N ASN A 450 -3.40 -12.29 -37.40
CA ASN A 450 -4.85 -12.10 -37.44
C ASN A 450 -5.39 -11.44 -36.17
N TYR A 451 -4.52 -11.05 -35.24
CA TYR A 451 -4.93 -10.38 -34.02
C TYR A 451 -4.27 -9.01 -33.96
N LEU A 452 -5.08 -7.98 -33.76
CA LEU A 452 -4.60 -6.60 -33.74
C LEU A 452 -4.97 -5.94 -32.42
N TYR A 453 -4.23 -4.89 -32.08
CA TYR A 453 -4.49 -4.11 -30.88
C TYR A 453 -4.23 -2.64 -31.18
N ARG A 454 -5.10 -1.78 -30.66
CA ARG A 454 -4.97 -0.35 -30.91
C ARG A 454 -3.81 0.22 -30.09
N LEU A 455 -2.79 0.72 -30.78
CA LEU A 455 -1.58 1.21 -30.12
C LEU A 455 -1.66 2.71 -29.83
N PHE A 456 -2.19 3.50 -30.76
CA PHE A 456 -2.25 4.95 -30.63
C PHE A 456 -3.71 5.39 -30.58
N ARG A 457 -4.01 6.33 -29.69
CA ARG A 457 -5.35 6.88 -29.55
C ARG A 457 -5.24 8.26 -28.93
N LYS A 458 -6.16 9.15 -29.33
CA LYS A 458 -6.14 10.53 -28.83
C LYS A 458 -6.43 10.58 -27.34
N SER A 459 -7.61 10.12 -26.94
CA SER A 459 -8.04 10.14 -25.56
C SER A 459 -8.06 8.71 -25.01
N ASN A 460 -8.53 8.56 -23.77
CA ASN A 460 -8.66 7.25 -23.16
C ASN A 460 -9.93 6.58 -23.66
N LEU A 461 -10.28 5.44 -23.07
CA LEU A 461 -11.46 4.68 -23.46
C LEU A 461 -12.36 4.49 -22.25
N LYS A 462 -13.62 4.90 -22.38
CA LYS A 462 -14.58 4.71 -21.29
C LYS A 462 -14.90 3.22 -21.14
N PRO A 463 -15.28 2.80 -19.94
CA PRO A 463 -15.56 1.37 -19.71
C PRO A 463 -16.70 0.88 -20.59
N PHE A 464 -16.53 -0.34 -21.12
CA PHE A 464 -17.53 -1.00 -21.97
C PHE A 464 -17.83 -0.15 -23.21
N GLU A 465 -16.77 0.08 -24.00
CA GLU A 465 -16.88 0.86 -25.23
C GLU A 465 -16.07 0.17 -26.32
N ARG A 466 -16.62 0.15 -27.53
CA ARG A 466 -15.98 -0.46 -28.69
C ARG A 466 -15.66 0.63 -29.71
N ASP A 467 -14.46 0.54 -30.28
CA ASP A 467 -14.01 1.51 -31.29
C ASP A 467 -13.24 0.76 -32.36
N ILE A 468 -13.80 0.69 -33.56
CA ILE A 468 -13.17 0.00 -34.68
C ILE A 468 -12.68 0.99 -35.72
N SER A 469 -12.50 2.25 -35.35
CA SER A 469 -12.01 3.25 -36.29
C SER A 469 -10.53 3.04 -36.58
N THR A 470 -10.14 3.31 -37.82
CA THR A 470 -8.77 3.11 -38.27
C THR A 470 -8.21 4.39 -38.89
N GLU A 471 -8.50 5.53 -38.28
CA GLU A 471 -7.98 6.79 -38.78
C GLU A 471 -6.50 6.94 -38.45
N ILE A 472 -5.81 7.74 -39.25
CA ILE A 472 -4.39 7.97 -39.05
C ILE A 472 -4.19 8.83 -37.80
N TYR A 473 -3.43 8.32 -36.85
CA TYR A 473 -3.17 9.05 -35.62
C TYR A 473 -2.28 10.25 -35.90
N GLN A 474 -2.79 11.45 -35.63
CA GLN A 474 -2.07 12.69 -35.90
C GLN A 474 -1.19 13.01 -34.69
N ALA A 475 0.09 12.67 -34.79
CA ALA A 475 1.06 12.97 -33.75
C ALA A 475 1.79 14.27 -34.07
N GLY A 476 2.37 14.87 -33.02
CA GLY A 476 3.08 16.12 -33.22
C GLY A 476 2.11 17.26 -33.49
N SER A 477 2.39 18.02 -34.55
CA SER A 477 1.55 19.15 -34.93
C SER A 477 1.20 19.20 -36.40
N THR A 478 1.94 18.52 -37.27
CA THR A 478 1.65 18.55 -38.70
C THR A 478 0.40 17.72 -39.00
N PRO A 479 -0.62 18.28 -39.65
CA PRO A 479 -1.81 17.48 -39.98
C PRO A 479 -1.48 16.39 -40.98
N CYS A 480 -1.82 15.15 -40.62
CA CYS A 480 -1.54 14.02 -41.51
C CYS A 480 -2.45 14.05 -42.74
N ASN A 481 -3.71 14.41 -42.55
CA ASN A 481 -4.70 14.55 -43.62
C ASN A 481 -4.91 13.23 -44.39
N GLY A 482 -4.62 12.09 -43.76
CA GLY A 482 -4.86 10.79 -44.34
C GLY A 482 -3.61 10.06 -44.79
N VAL A 483 -2.48 10.75 -44.92
CA VAL A 483 -1.25 10.11 -45.35
C VAL A 483 -0.54 9.52 -44.15
N GLU A 484 0.35 8.57 -44.41
CA GLU A 484 1.14 7.90 -43.38
C GLU A 484 2.60 8.26 -43.59
N GLY A 485 3.21 8.91 -42.59
CA GLY A 485 4.59 9.30 -42.67
C GLY A 485 5.16 9.73 -41.33
N PHE A 486 5.96 10.79 -41.32
CA PHE A 486 6.52 11.29 -40.07
C PHE A 486 5.42 11.83 -39.16
N ASN A 487 5.48 11.44 -37.89
CA ASN A 487 4.49 11.86 -36.89
C ASN A 487 3.08 11.44 -37.27
N CYS A 488 2.97 10.36 -38.05
CA CYS A 488 1.67 9.83 -38.48
C CYS A 488 1.76 8.32 -38.47
N TYR A 489 1.30 7.69 -37.39
CA TYR A 489 1.40 6.25 -37.20
C TYR A 489 0.03 5.60 -37.37
N PHE A 490 0.06 4.32 -37.74
CA PHE A 490 -1.18 3.56 -37.87
C PHE A 490 -1.68 3.15 -36.48
N PRO A 491 -2.99 3.26 -36.23
CA PRO A 491 -3.49 2.99 -34.88
C PRO A 491 -3.43 1.53 -34.48
N LEU A 492 -3.50 0.60 -35.44
CA LEU A 492 -3.51 -0.82 -35.15
C LEU A 492 -2.14 -1.43 -35.38
N GLN A 493 -1.82 -2.46 -34.60
CA GLN A 493 -0.55 -3.16 -34.70
C GLN A 493 -0.78 -4.65 -34.51
N SER A 494 -0.04 -5.46 -35.25
CA SER A 494 -0.17 -6.91 -35.17
C SER A 494 0.63 -7.45 -33.99
N TYR A 495 0.21 -8.61 -33.49
CA TYR A 495 0.92 -9.25 -32.38
C TYR A 495 2.11 -10.06 -32.87
N GLY A 496 1.90 -10.91 -33.87
CA GLY A 496 2.96 -11.78 -34.34
C GLY A 496 3.16 -12.98 -33.44
N PHE A 497 2.08 -13.72 -33.19
CA PHE A 497 2.11 -14.86 -32.29
C PHE A 497 2.93 -15.99 -32.91
N GLN A 498 4.10 -16.27 -32.34
CA GLN A 498 4.95 -17.36 -32.76
C GLN A 498 4.98 -18.44 -31.68
N PRO A 499 4.85 -19.71 -32.05
CA PRO A 499 4.88 -20.77 -31.02
C PRO A 499 6.15 -20.81 -30.20
N THR A 500 7.28 -20.37 -30.77
CA THR A 500 8.56 -20.40 -30.06
C THR A 500 8.80 -19.02 -29.41
N ASN A 501 8.07 -18.78 -28.33
CA ASN A 501 8.22 -17.56 -27.55
C ASN A 501 8.09 -17.89 -26.07
N GLY A 502 8.23 -16.87 -25.23
CA GLY A 502 8.09 -17.03 -23.80
C GLY A 502 6.64 -17.08 -23.36
N VAL A 503 6.46 -17.19 -22.04
CA VAL A 503 5.11 -17.25 -21.48
C VAL A 503 4.38 -15.94 -21.62
N GLY A 504 5.09 -14.83 -21.82
CA GLY A 504 4.49 -13.53 -21.97
C GLY A 504 4.20 -13.10 -23.39
N TYR A 505 4.42 -13.98 -24.38
CA TYR A 505 4.17 -13.65 -25.77
C TYR A 505 3.27 -14.68 -26.45
N GLN A 506 2.53 -15.47 -25.67
CA GLN A 506 1.63 -16.48 -26.22
C GLN A 506 0.19 -16.00 -26.17
N PRO A 507 -0.66 -16.50 -27.06
CA PRO A 507 -2.08 -16.10 -27.03
C PRO A 507 -2.77 -16.57 -25.77
N TYR A 508 -3.60 -15.70 -25.20
CA TYR A 508 -4.38 -16.00 -24.00
C TYR A 508 -5.81 -15.55 -24.24
N ARG A 509 -6.69 -16.50 -24.56
CA ARG A 509 -8.10 -16.19 -24.77
C ARG A 509 -8.74 -15.80 -23.45
N VAL A 510 -9.35 -14.62 -23.41
CA VAL A 510 -9.93 -14.05 -22.20
C VAL A 510 -11.44 -13.95 -22.40
N VAL A 511 -12.19 -14.43 -21.41
CA VAL A 511 -13.64 -14.32 -21.38
C VAL A 511 -14.02 -13.50 -20.15
N VAL A 512 -14.73 -12.41 -20.38
CA VAL A 512 -15.08 -11.45 -19.32
C VAL A 512 -16.59 -11.51 -19.13
N LEU A 513 -17.03 -12.11 -18.02
CA LEU A 513 -18.44 -12.15 -17.69
C LEU A 513 -18.81 -10.95 -16.84
N SER A 514 -19.81 -10.18 -17.28
CA SER A 514 -20.23 -8.96 -16.61
C SER A 514 -21.61 -9.21 -15.99
N PHE A 515 -21.60 -9.66 -14.73
CA PHE A 515 -22.85 -9.90 -14.02
C PHE A 515 -23.50 -8.58 -13.62
N GLU A 516 -24.83 -8.61 -13.45
CA GLU A 516 -25.58 -7.42 -13.07
C GLU A 516 -26.86 -7.85 -12.38
N LEU A 517 -27.06 -7.40 -11.15
CA LEU A 517 -28.23 -7.74 -10.35
C LEU A 517 -29.05 -6.48 -10.15
N LEU A 518 -30.30 -6.49 -10.60
CA LEU A 518 -31.21 -5.36 -10.48
C LEU A 518 -32.52 -5.84 -9.89
N HIS A 519 -33.45 -4.90 -9.70
CA HIS A 519 -34.79 -5.21 -9.19
C HIS A 519 -35.73 -5.74 -10.28
N ALA A 520 -35.30 -5.74 -11.53
CA ALA A 520 -36.10 -6.28 -12.61
C ALA A 520 -36.21 -7.80 -12.47
N PRO A 521 -37.22 -8.42 -13.10
CA PRO A 521 -37.33 -9.88 -13.06
C PRO A 521 -36.07 -10.58 -13.55
N ALA A 522 -35.40 -11.29 -12.66
CA ALA A 522 -34.14 -11.95 -13.00
C ALA A 522 -34.40 -13.14 -13.92
N THR A 523 -33.48 -13.35 -14.86
CA THR A 523 -33.59 -14.44 -15.83
C THR A 523 -32.46 -15.45 -15.68
N VAL A 524 -31.22 -14.99 -15.61
CA VAL A 524 -30.07 -15.89 -15.48
C VAL A 524 -30.00 -16.34 -14.03
N CYS A 525 -30.51 -17.54 -13.76
CA CYS A 525 -30.53 -18.11 -12.42
C CYS A 525 -29.42 -19.15 -12.28
N GLY A 526 -29.39 -19.80 -11.13
CA GLY A 526 -28.43 -20.86 -10.87
C GLY A 526 -29.11 -22.19 -10.63
N PRO A 527 -28.33 -23.27 -10.60
CA PRO A 527 -28.90 -24.60 -10.35
C PRO A 527 -29.38 -24.78 -8.92
N LYS A 528 -30.54 -24.22 -8.60
CA LYS A 528 -31.12 -24.33 -7.27
C LYS A 528 -32.42 -25.11 -7.34
N LYS A 529 -32.59 -26.07 -6.43
CA LYS A 529 -33.80 -26.87 -6.38
C LYS A 529 -34.92 -26.08 -5.72
N SER A 530 -36.01 -25.88 -6.44
CA SER A 530 -37.14 -25.12 -5.91
C SER A 530 -37.88 -25.95 -4.87
N THR A 531 -37.99 -25.43 -3.65
CA THR A 531 -38.67 -26.11 -2.57
C THR A 531 -40.14 -25.67 -2.53
N ASN A 532 -40.84 -26.06 -1.48
CA ASN A 532 -42.24 -25.71 -1.31
C ASN A 532 -42.38 -24.45 -0.48
N LEU A 533 -43.38 -23.63 -0.81
CA LEU A 533 -43.61 -22.36 -0.13
C LEU A 533 -44.28 -22.63 1.21
N VAL A 534 -43.54 -22.42 2.29
CA VAL A 534 -44.05 -22.59 3.65
C VAL A 534 -44.39 -21.20 4.21
N LYS A 535 -45.56 -21.08 4.81
CA LYS A 535 -46.06 -19.81 5.32
C LYS A 535 -46.39 -19.93 6.81
N ASN A 536 -46.75 -18.78 7.38
CA ASN A 536 -47.20 -18.66 8.77
C ASN A 536 -46.13 -19.07 9.78
N LYS A 537 -44.86 -19.11 9.36
CA LYS A 537 -43.78 -19.47 10.25
C LYS A 537 -42.53 -18.69 9.86
N CYS A 538 -41.79 -18.21 10.87
CA CYS A 538 -40.54 -17.51 10.64
C CYS A 538 -39.49 -18.50 10.15
N VAL A 539 -39.21 -18.46 8.85
CA VAL A 539 -38.25 -19.37 8.22
C VAL A 539 -37.26 -18.56 7.40
N ASN A 540 -36.12 -19.18 7.11
CA ASN A 540 -35.08 -18.55 6.30
C ASN A 540 -35.41 -18.78 4.83
N PHE A 541 -36.02 -17.78 4.20
CA PHE A 541 -36.38 -17.89 2.79
C PHE A 541 -35.19 -17.56 1.89
N ASN A 542 -35.26 -18.04 0.65
CA ASN A 542 -34.21 -17.82 -0.34
C ASN A 542 -34.88 -17.57 -1.70
N PHE A 543 -35.10 -16.30 -2.01
CA PHE A 543 -35.72 -15.90 -3.26
C PHE A 543 -34.65 -15.74 -4.33
N ASN A 544 -35.01 -15.07 -5.43
CA ASN A 544 -34.14 -14.86 -6.59
C ASN A 544 -32.95 -13.95 -6.31
N GLY A 545 -32.63 -13.65 -5.05
CA GLY A 545 -31.53 -12.76 -4.73
C GLY A 545 -31.79 -11.90 -3.53
N LEU A 546 -33.03 -11.92 -3.03
CA LEU A 546 -33.41 -11.19 -1.83
C LEU A 546 -33.57 -12.22 -0.71
N THR A 547 -32.49 -12.43 0.04
CA THR A 547 -32.46 -13.39 1.12
C THR A 547 -32.81 -12.71 2.44
N GLY A 548 -33.06 -13.52 3.46
CA GLY A 548 -33.39 -13.03 4.78
C GLY A 548 -34.32 -13.99 5.48
N THR A 549 -34.60 -13.66 6.74
CA THR A 549 -35.48 -14.44 7.59
C THR A 549 -36.70 -13.61 7.98
N GLY A 550 -37.86 -14.25 7.96
CA GLY A 550 -39.10 -13.56 8.29
C GLY A 550 -40.27 -14.49 8.16
N VAL A 551 -41.44 -14.00 8.59
CA VAL A 551 -42.68 -14.76 8.53
C VAL A 551 -43.38 -14.40 7.22
N LEU A 552 -43.38 -15.34 6.28
CA LEU A 552 -44.03 -15.13 4.99
C LEU A 552 -45.52 -15.39 5.13
N THR A 553 -46.32 -14.33 5.11
CA THR A 553 -47.77 -14.43 5.22
C THR A 553 -48.42 -13.90 3.95
N GLU A 554 -49.76 -13.89 3.95
CA GLU A 554 -50.53 -13.38 2.84
C GLU A 554 -50.78 -11.89 3.01
N SER A 555 -50.64 -11.14 1.92
CA SER A 555 -50.80 -9.69 1.93
C SER A 555 -52.10 -9.30 1.26
N ASN A 556 -52.59 -8.10 1.61
CA ASN A 556 -53.82 -7.56 1.07
C ASN A 556 -53.58 -6.35 0.18
N LYS A 557 -52.37 -6.20 -0.35
CA LYS A 557 -52.02 -5.09 -1.23
C LYS A 557 -52.17 -5.50 -2.69
N LYS A 558 -52.04 -4.52 -3.57
CA LYS A 558 -52.22 -4.72 -5.01
C LYS A 558 -50.90 -4.44 -5.72
N PHE A 559 -50.22 -5.50 -6.16
CA PHE A 559 -49.00 -5.35 -6.93
C PHE A 559 -49.34 -5.07 -8.39
N LEU A 560 -48.69 -4.05 -8.95
CA LEU A 560 -48.88 -3.75 -10.36
C LEU A 560 -48.27 -4.86 -11.22
N PRO A 561 -48.79 -5.06 -12.45
CA PRO A 561 -48.31 -6.17 -13.27
C PRO A 561 -46.81 -6.14 -13.55
N PHE A 562 -46.20 -4.96 -13.59
CA PHE A 562 -44.77 -4.86 -13.84
C PHE A 562 -43.94 -4.90 -12.56
N GLN A 563 -44.56 -4.70 -11.41
CA GLN A 563 -43.83 -4.69 -10.14
C GLN A 563 -43.67 -6.12 -9.62
N GLN A 564 -42.47 -6.42 -9.12
CA GLN A 564 -42.16 -7.73 -8.57
C GLN A 564 -41.82 -7.67 -7.09
N PHE A 565 -40.93 -6.78 -6.68
CA PHE A 565 -40.54 -6.64 -5.29
C PHE A 565 -41.37 -5.56 -4.61
N GLY A 566 -41.02 -5.24 -3.38
CA GLY A 566 -41.72 -4.21 -2.63
C GLY A 566 -40.84 -3.65 -1.55
N ARG A 567 -41.21 -2.45 -1.08
CA ARG A 567 -40.42 -1.76 -0.07
C ARG A 567 -41.37 -0.97 0.82
N ASP A 568 -40.83 -0.47 1.92
CA ASP A 568 -41.59 0.27 2.93
C ASP A 568 -41.05 1.70 3.02
N ILE A 569 -41.56 2.46 3.98
CA ILE A 569 -41.15 3.84 4.17
C ILE A 569 -39.72 3.98 4.65
N ALA A 570 -39.16 2.93 5.25
CA ALA A 570 -37.80 2.97 5.79
C ALA A 570 -36.82 2.20 4.91
N ASP A 571 -37.13 2.10 3.62
CA ASP A 571 -36.27 1.41 2.65
C ASP A 571 -35.99 -0.04 3.08
N THR A 572 -37.08 -0.74 3.42
CA THR A 572 -37.00 -2.14 3.84
C THR A 572 -38.02 -2.95 3.04
N THR A 573 -37.60 -4.13 2.60
CA THR A 573 -38.47 -5.01 1.83
C THR A 573 -39.45 -5.71 2.75
N ASP A 574 -40.74 -5.44 2.57
CA ASP A 574 -41.78 -6.07 3.37
C ASP A 574 -42.74 -6.94 2.58
N ALA A 575 -42.63 -6.96 1.25
CA ALA A 575 -43.51 -7.78 0.42
C ALA A 575 -42.80 -8.09 -0.89
N VAL A 576 -42.96 -9.32 -1.36
CA VAL A 576 -42.37 -9.78 -2.60
C VAL A 576 -43.43 -10.55 -3.39
N ARG A 577 -43.04 -11.04 -4.57
CA ARG A 577 -43.91 -11.80 -5.44
C ARG A 577 -43.30 -13.17 -5.66
N ASP A 578 -44.13 -14.21 -5.60
CA ASP A 578 -43.63 -15.56 -5.74
C ASP A 578 -43.09 -15.78 -7.15
N PRO A 579 -41.94 -16.45 -7.31
CA PRO A 579 -41.43 -16.74 -8.64
C PRO A 579 -42.31 -17.71 -9.41
N GLN A 580 -42.69 -18.82 -8.77
CA GLN A 580 -43.49 -19.84 -9.43
C GLN A 580 -44.91 -19.34 -9.69
N THR A 581 -45.64 -19.04 -8.63
CA THR A 581 -47.02 -18.57 -8.74
C THR A 581 -47.04 -17.05 -8.88
N LEU A 582 -48.21 -16.45 -8.76
CA LEU A 582 -48.38 -15.00 -8.83
C LEU A 582 -48.98 -14.44 -7.54
N GLU A 583 -48.67 -15.07 -6.41
CA GLU A 583 -49.20 -14.65 -5.12
C GLU A 583 -48.29 -13.61 -4.48
N ILE A 584 -48.89 -12.74 -3.68
CA ILE A 584 -48.18 -11.69 -2.96
C ILE A 584 -47.90 -12.17 -1.55
N LEU A 585 -46.63 -12.30 -1.20
CA LEU A 585 -46.21 -12.78 0.12
C LEU A 585 -45.62 -11.60 0.90
N ASP A 586 -46.30 -11.20 1.97
CA ASP A 586 -45.81 -10.12 2.81
C ASP A 586 -44.74 -10.65 3.75
N ILE A 587 -43.60 -9.97 3.79
CA ILE A 587 -42.45 -10.41 4.58
C ILE A 587 -42.52 -9.65 5.90
N THR A 588 -43.14 -10.28 6.90
CA THR A 588 -43.11 -9.69 8.23
C THR A 588 -41.88 -10.17 8.99
N PRO A 589 -41.25 -9.30 9.78
CA PRO A 589 -40.03 -9.69 10.49
C PRO A 589 -40.29 -10.81 11.49
N CYS A 590 -39.23 -11.54 11.80
CA CYS A 590 -39.31 -12.62 12.77
C CYS A 590 -39.55 -12.07 14.17
N SER A 591 -40.07 -12.94 15.04
CA SER A 591 -40.38 -12.53 16.41
C SER A 591 -39.10 -12.28 17.19
N PHE A 592 -39.00 -11.12 17.83
CA PHE A 592 -37.84 -10.76 18.62
C PHE A 592 -38.26 -9.76 19.69
N GLY A 593 -37.30 -9.39 20.54
CA GLY A 593 -37.57 -8.42 21.58
C GLY A 593 -36.44 -8.38 22.57
N GLY A 594 -36.76 -7.92 23.78
CA GLY A 594 -35.78 -7.84 24.85
C GLY A 594 -36.13 -8.71 26.04
N VAL A 595 -35.16 -8.95 26.91
CA VAL A 595 -35.35 -9.80 28.09
C VAL A 595 -34.96 -8.98 29.32
N SER A 596 -35.88 -8.88 30.28
CA SER A 596 -35.63 -8.19 31.54
C SER A 596 -35.96 -9.13 32.68
N VAL A 597 -35.07 -9.23 33.66
CA VAL A 597 -35.21 -10.16 34.77
C VAL A 597 -35.51 -9.35 36.03
N ILE A 598 -36.75 -9.45 36.51
CA ILE A 598 -37.15 -8.82 37.77
C ILE A 598 -36.80 -9.79 38.89
N THR A 599 -35.81 -9.41 39.71
CA THR A 599 -35.32 -10.27 40.77
C THR A 599 -35.15 -9.45 42.05
N PRO A 600 -35.59 -9.97 43.19
CA PRO A 600 -35.33 -9.29 44.47
C PRO A 600 -33.90 -9.53 44.93
N GLY A 601 -33.60 -9.06 46.12
CA GLY A 601 -32.27 -9.27 46.67
C GLY A 601 -31.99 -10.74 46.91
N THR A 602 -30.74 -11.14 46.72
CA THR A 602 -30.35 -12.53 46.92
C THR A 602 -30.45 -12.95 48.38
N ASN A 603 -30.37 -12.00 49.31
CA ASN A 603 -30.53 -12.34 50.72
C ASN A 603 -31.97 -12.74 51.04
N THR A 604 -32.94 -12.26 50.26
CA THR A 604 -34.33 -12.61 50.49
C THR A 604 -34.66 -13.98 49.95
N SER A 605 -34.50 -14.17 48.64
CA SER A 605 -34.78 -15.45 47.99
C SER A 605 -34.06 -15.49 46.65
N ASN A 606 -34.24 -16.60 45.94
CA ASN A 606 -33.62 -16.80 44.63
C ASN A 606 -34.63 -16.88 43.50
N GLN A 607 -35.92 -16.82 43.83
CA GLN A 607 -36.97 -16.86 42.80
C GLN A 607 -36.90 -15.61 41.94
N VAL A 608 -36.90 -15.77 40.62
CA VAL A 608 -36.82 -14.64 39.71
C VAL A 608 -37.96 -14.72 38.70
N ALA A 609 -38.17 -13.59 38.01
CA ALA A 609 -39.16 -13.50 36.95
C ALA A 609 -38.50 -12.94 35.70
N VAL A 610 -39.12 -13.19 34.55
CA VAL A 610 -38.61 -12.75 33.26
C VAL A 610 -39.67 -11.93 32.56
N LEU A 611 -39.26 -10.82 31.94
CA LEU A 611 -40.15 -9.91 31.24
C LEU A 611 -39.67 -9.77 29.79
N TYR A 612 -40.44 -10.31 28.85
CA TYR A 612 -40.14 -10.15 27.43
C TYR A 612 -40.83 -8.90 26.92
N GLN A 613 -40.05 -7.97 26.38
CA GLN A 613 -40.59 -6.69 25.92
C GLN A 613 -41.29 -6.85 24.58
N GLY A 614 -42.49 -6.27 24.48
CA GLY A 614 -43.26 -6.20 23.24
C GLY A 614 -43.56 -7.59 22.68
N VAL A 615 -44.27 -8.37 23.49
CA VAL A 615 -44.75 -9.70 23.09
C VAL A 615 -46.20 -9.84 23.56
N ASN A 616 -46.90 -10.79 22.95
CA ASN A 616 -48.30 -11.07 23.25
C ASN A 616 -48.49 -12.38 23.99
N CYS A 617 -47.46 -12.85 24.70
CA CYS A 617 -47.51 -14.09 25.47
C CYS A 617 -47.85 -15.29 24.58
N THR A 618 -47.51 -15.20 23.29
CA THR A 618 -47.75 -16.29 22.36
C THR A 618 -46.57 -16.59 21.45
N GLU A 619 -45.53 -15.74 21.43
CA GLU A 619 -44.37 -15.96 20.58
C GLU A 619 -43.16 -16.45 21.36
N VAL A 620 -43.21 -16.47 22.68
CA VAL A 620 -42.09 -16.93 23.49
C VAL A 620 -41.97 -18.45 23.43
N ASN A 641 -49.82 -17.73 35.91
CA ASN A 641 -48.37 -17.55 35.88
C ASN A 641 -47.98 -16.49 34.86
N VAL A 642 -48.61 -16.54 33.69
CA VAL A 642 -48.35 -15.59 32.61
C VAL A 642 -49.41 -14.50 32.66
N PHE A 643 -49.01 -13.29 32.30
CA PHE A 643 -49.91 -12.14 32.31
C PHE A 643 -49.47 -11.16 31.24
N GLN A 644 -50.44 -10.52 30.59
CA GLN A 644 -50.19 -9.59 29.49
C GLN A 644 -50.28 -8.16 30.02
N THR A 645 -49.19 -7.42 29.90
CA THR A 645 -49.12 -6.02 30.26
C THR A 645 -48.90 -5.17 29.01
N ARG A 646 -48.85 -3.85 29.20
CA ARG A 646 -48.60 -2.94 28.10
C ARG A 646 -47.12 -2.87 27.74
N ALA A 647 -46.24 -3.45 28.54
CA ALA A 647 -44.81 -3.49 28.26
C ALA A 647 -44.31 -4.87 27.87
N GLY A 648 -45.17 -5.88 27.88
CA GLY A 648 -44.80 -7.23 27.54
C GLY A 648 -45.47 -8.21 28.48
N CYS A 649 -45.01 -9.46 28.42
CA CYS A 649 -45.55 -10.54 29.24
C CYS A 649 -44.59 -10.84 30.39
N LEU A 650 -45.13 -10.94 31.59
CA LEU A 650 -44.37 -11.19 32.80
C LEU A 650 -44.60 -12.64 33.23
N ILE A 651 -43.70 -13.53 32.84
CA ILE A 651 -43.80 -14.95 33.15
C ILE A 651 -43.00 -15.21 34.42
N GLY A 652 -43.68 -15.45 35.53
CA GLY A 652 -43.01 -15.74 36.78
C GLY A 652 -43.65 -15.05 37.97
N ALA A 653 -44.67 -14.23 37.71
CA ALA A 653 -45.37 -13.52 38.77
C ALA A 653 -46.87 -13.61 38.53
N GLU A 654 -47.63 -13.49 39.62
CA GLU A 654 -49.09 -13.54 39.58
C GLU A 654 -49.66 -12.14 39.73
N HIS A 655 -50.68 -11.84 38.94
CA HIS A 655 -51.33 -10.53 38.95
C HIS A 655 -52.42 -10.53 40.01
N VAL A 656 -52.19 -9.80 41.10
CA VAL A 656 -53.16 -9.70 42.17
C VAL A 656 -54.15 -8.58 41.85
N ASN A 657 -55.27 -8.57 42.55
CA ASN A 657 -56.31 -7.57 42.35
C ASN A 657 -56.22 -6.41 43.34
N ASN A 658 -55.23 -6.40 44.22
CA ASN A 658 -55.04 -5.34 45.19
C ASN A 658 -53.93 -4.40 44.72
N SER A 659 -53.96 -3.18 45.25
CA SER A 659 -53.02 -2.13 44.88
C SER A 659 -52.07 -1.88 46.04
N TYR A 660 -50.77 -1.99 45.77
CA TYR A 660 -49.72 -1.74 46.75
C TYR A 660 -48.79 -0.65 46.23
N GLU A 661 -47.83 -0.26 47.07
CA GLU A 661 -46.84 0.73 46.65
C GLU A 661 -45.85 0.10 45.68
N CYS A 662 -45.35 0.93 44.76
CA CYS A 662 -44.42 0.44 43.76
C CYS A 662 -43.06 0.16 44.37
N ASP A 663 -42.54 -1.05 44.13
CA ASP A 663 -41.23 -1.45 44.62
C ASP A 663 -40.25 -1.70 43.49
N ILE A 664 -40.65 -2.47 42.48
CA ILE A 664 -39.80 -2.73 41.32
C ILE A 664 -40.52 -2.25 40.06
N PRO A 665 -40.06 -1.17 39.43
CA PRO A 665 -40.76 -0.66 38.24
C PRO A 665 -40.69 -1.66 37.09
N ILE A 666 -41.82 -1.80 36.39
CA ILE A 666 -41.93 -2.68 35.23
C ILE A 666 -42.29 -1.90 33.98
N GLY A 667 -43.33 -1.06 34.04
CA GLY A 667 -43.73 -0.27 32.90
C GLY A 667 -45.22 -0.10 32.79
N ALA A 668 -45.65 1.10 32.37
CA ALA A 668 -47.08 1.41 32.19
C ALA A 668 -47.87 1.19 33.48
N GLY A 669 -47.32 1.66 34.60
CA GLY A 669 -47.98 1.54 35.87
C GLY A 669 -47.87 0.19 36.55
N ILE A 670 -47.26 -0.79 35.90
CA ILE A 670 -47.10 -2.11 36.49
C ILE A 670 -45.87 -2.12 37.39
N CYS A 671 -46.01 -2.69 38.59
CA CYS A 671 -44.92 -2.78 39.53
C CYS A 671 -44.88 -4.19 40.12
N ALA A 672 -43.76 -4.52 40.75
CA ALA A 672 -43.55 -5.84 41.33
C ALA A 672 -42.96 -5.70 42.73
N SER A 673 -43.26 -6.68 43.58
CA SER A 673 -42.77 -6.70 44.94
C SER A 673 -42.82 -8.14 45.45
N TYR A 674 -41.91 -8.45 46.36
CA TYR A 674 -41.82 -9.79 46.94
C TYR A 674 -42.64 -9.83 48.22
N GLN A 675 -43.80 -10.48 48.17
CA GLN A 675 -44.71 -10.58 49.30
C GLN A 675 -44.93 -12.03 49.68
N THR A 676 -45.34 -12.24 50.93
CA THR A 676 -45.60 -13.58 51.44
C THR A 676 -46.89 -14.15 50.85
N SER A 689 -45.39 -19.10 51.66
CA SER A 689 -46.11 -18.69 50.46
C SER A 689 -45.43 -17.50 49.80
N GLN A 690 -44.11 -17.39 49.98
CA GLN A 690 -43.36 -16.30 49.39
C GLN A 690 -43.29 -16.46 47.87
N SER A 691 -43.69 -15.40 47.15
CA SER A 691 -43.70 -15.44 45.70
C SER A 691 -43.74 -14.01 45.17
N ILE A 692 -43.25 -13.85 43.95
CA ILE A 692 -43.26 -12.55 43.29
C ILE A 692 -44.65 -12.30 42.71
N ILE A 693 -45.17 -11.10 42.91
CA ILE A 693 -46.50 -10.74 42.44
C ILE A 693 -46.38 -9.52 41.51
N ALA A 694 -47.50 -9.18 40.88
CA ALA A 694 -47.59 -8.03 39.99
C ALA A 694 -48.88 -7.30 40.28
N TYR A 695 -48.80 -5.97 40.37
CA TYR A 695 -49.96 -5.17 40.75
C TYR A 695 -49.83 -3.78 40.13
N THR A 696 -50.89 -2.99 40.28
CA THR A 696 -50.89 -1.60 39.85
C THR A 696 -50.50 -0.71 41.01
N MET A 697 -49.51 0.15 40.79
CA MET A 697 -48.99 1.00 41.85
C MET A 697 -50.05 1.99 42.32
N SER A 698 -50.06 2.27 43.62
CA SER A 698 -50.96 3.24 44.21
C SER A 698 -50.24 4.57 44.35
N LEU A 699 -50.88 5.64 43.86
CA LEU A 699 -50.25 6.95 43.90
C LEU A 699 -50.20 7.52 45.32
N GLY A 700 -51.02 7.02 46.23
CA GLY A 700 -51.01 7.50 47.60
C GLY A 700 -52.32 7.20 48.28
N ALA A 701 -52.32 7.45 49.59
CA ALA A 701 -53.52 7.22 50.40
C ALA A 701 -54.59 8.24 50.05
N GLU A 702 -55.81 7.78 49.83
CA GLU A 702 -56.90 8.67 49.47
C GLU A 702 -57.25 9.57 50.66
N ASN A 703 -57.55 10.82 50.36
CA ASN A 703 -57.92 11.79 51.39
C ASN A 703 -58.93 12.77 50.81
N SER A 704 -59.82 13.26 51.66
CA SER A 704 -60.86 14.19 51.25
C SER A 704 -61.01 15.24 52.35
N VAL A 705 -60.44 16.43 52.12
CA VAL A 705 -60.55 17.51 53.09
C VAL A 705 -61.99 18.01 53.13
N ALA A 706 -62.52 18.17 54.34
CA ALA A 706 -63.91 18.62 54.53
C ALA A 706 -63.96 20.12 54.27
N TYR A 707 -63.93 20.48 53.00
CA TYR A 707 -63.96 21.88 52.61
C TYR A 707 -65.34 22.48 52.85
N SER A 708 -65.36 23.69 53.39
CA SER A 708 -66.60 24.42 53.63
C SER A 708 -66.29 25.91 53.67
N ASN A 709 -67.30 26.71 53.36
CA ASN A 709 -67.13 28.15 53.33
C ASN A 709 -66.96 28.77 54.71
N ASN A 710 -67.20 28.00 55.77
CA ASN A 710 -67.08 28.51 57.14
C ASN A 710 -66.35 27.49 58.02
N SER A 711 -65.27 26.91 57.50
CA SER A 711 -64.49 25.94 58.24
C SER A 711 -63.01 26.16 57.96
N ILE A 712 -62.20 26.25 59.02
CA ILE A 712 -60.77 26.44 58.89
C ILE A 712 -60.08 25.57 59.94
N ALA A 713 -58.86 25.13 59.62
CA ALA A 713 -58.07 24.29 60.50
C ALA A 713 -56.78 25.04 60.84
N ILE A 714 -56.64 25.46 62.09
CA ILE A 714 -55.46 26.16 62.58
C ILE A 714 -54.65 25.20 63.43
N PRO A 715 -53.36 25.03 63.17
CA PRO A 715 -52.56 24.10 63.97
C PRO A 715 -52.35 24.63 65.38
N THR A 716 -52.28 23.71 66.33
CA THR A 716 -52.09 24.03 67.74
C THR A 716 -50.72 23.63 68.26
N ASN A 717 -49.90 22.98 67.45
CA ASN A 717 -48.57 22.55 67.86
C ASN A 717 -47.67 22.52 66.64
N PHE A 718 -46.43 22.09 66.84
CA PHE A 718 -45.45 22.03 65.75
C PHE A 718 -44.38 21.02 66.14
N THR A 719 -43.45 20.80 65.21
CA THR A 719 -42.34 19.88 65.44
C THR A 719 -41.20 20.25 64.51
N ILE A 720 -39.99 20.38 65.06
CA ILE A 720 -38.81 20.71 64.26
C ILE A 720 -38.23 19.41 63.70
N SER A 721 -38.08 19.36 62.39
CA SER A 721 -37.57 18.17 61.70
C SER A 721 -36.38 18.57 60.84
N VAL A 722 -35.19 18.19 61.26
CA VAL A 722 -33.97 18.48 60.51
C VAL A 722 -33.79 17.41 59.44
N THR A 723 -33.65 17.85 58.19
CA THR A 723 -33.49 16.96 57.05
C THR A 723 -32.11 17.11 56.46
N THR A 724 -31.75 16.16 55.59
CA THR A 724 -30.46 16.14 54.92
C THR A 724 -30.67 16.18 53.41
N GLU A 725 -29.62 16.58 52.70
CA GLU A 725 -29.66 16.68 51.25
C GLU A 725 -28.25 16.54 50.71
N ILE A 726 -28.01 15.48 49.94
CA ILE A 726 -26.70 15.21 49.35
C ILE A 726 -26.60 15.94 48.03
N LEU A 727 -25.50 16.65 47.81
CA LEU A 727 -25.28 17.39 46.57
C LEU A 727 -23.81 17.30 46.16
N PRO A 728 -23.51 16.69 45.02
CA PRO A 728 -22.11 16.66 44.55
C PRO A 728 -21.62 18.05 44.18
N VAL A 729 -20.35 18.31 44.49
CA VAL A 729 -19.75 19.61 44.23
C VAL A 729 -18.64 19.46 43.20
N SER A 730 -17.98 18.32 43.19
CA SER A 730 -16.86 18.09 42.29
C SER A 730 -16.63 16.58 42.15
N MET A 731 -15.63 16.23 41.35
CA MET A 731 -15.26 14.83 41.13
C MET A 731 -13.74 14.76 41.05
N THR A 732 -13.23 13.55 40.79
CA THR A 732 -11.80 13.34 40.69
C THR A 732 -11.25 13.98 39.41
N LYS A 733 -10.18 14.76 39.55
CA LYS A 733 -9.53 15.40 38.41
C LYS A 733 -8.51 14.45 37.81
N THR A 734 -8.76 14.00 36.59
CA THR A 734 -7.87 13.08 35.89
C THR A 734 -7.32 13.74 34.64
N SER A 735 -6.29 13.11 34.07
CA SER A 735 -5.67 13.60 32.85
C SER A 735 -4.98 12.44 32.17
N VAL A 736 -5.32 12.18 30.91
CA VAL A 736 -4.80 11.06 30.15
C VAL A 736 -3.93 11.61 29.02
N ASP A 737 -2.64 11.27 29.04
CA ASP A 737 -1.73 11.68 27.99
C ASP A 737 -1.98 10.83 26.76
N CYS A 738 -2.29 11.49 25.63
CA CYS A 738 -2.61 10.77 24.41
C CYS A 738 -1.44 9.92 23.95
N THR A 739 -0.22 10.46 24.02
CA THR A 739 0.95 9.72 23.55
C THR A 739 1.18 8.46 24.37
N MET A 740 1.31 8.61 25.69
CA MET A 740 1.55 7.44 26.54
C MET A 740 0.37 6.48 26.54
N TYR A 741 -0.84 6.95 26.23
CA TYR A 741 -1.99 6.07 26.18
C TYR A 741 -2.00 5.24 24.91
N ILE A 742 -1.96 5.90 23.74
CA ILE A 742 -2.05 5.18 22.48
C ILE A 742 -0.73 4.52 22.12
N CYS A 743 0.33 5.32 21.96
CA CYS A 743 1.63 4.82 21.53
C CYS A 743 2.55 4.76 22.75
N GLY A 744 2.48 3.65 23.46
CA GLY A 744 3.33 3.47 24.62
C GLY A 744 4.75 3.10 24.26
N ASP A 745 5.67 4.06 24.35
CA ASP A 745 7.08 3.86 24.05
C ASP A 745 7.28 3.27 22.66
N SER A 746 6.85 4.01 21.65
CA SER A 746 6.98 3.59 20.26
C SER A 746 7.19 4.81 19.39
N THR A 747 8.42 4.96 18.86
CA THR A 747 8.74 6.14 18.07
C THR A 747 7.99 6.16 16.75
N GLU A 748 7.90 5.01 16.07
CA GLU A 748 7.17 4.95 14.81
C GLU A 748 5.68 5.21 15.03
N CYS A 749 5.11 4.66 16.09
CA CYS A 749 3.71 4.92 16.41
C CYS A 749 3.48 6.39 16.70
N SER A 750 4.41 7.03 17.44
CA SER A 750 4.26 8.45 17.73
C SER A 750 4.37 9.28 16.46
N ASN A 751 5.27 8.92 15.55
CA ASN A 751 5.41 9.64 14.30
C ASN A 751 4.15 9.49 13.44
N LEU A 752 3.55 8.31 13.43
CA LEU A 752 2.32 8.12 12.69
C LEU A 752 1.15 8.87 13.34
N LEU A 753 1.15 8.97 14.67
CA LEU A 753 0.09 9.69 15.36
C LEU A 753 0.21 11.20 15.16
N LEU A 754 1.44 11.71 15.01
CA LEU A 754 1.63 13.14 14.80
C LEU A 754 1.02 13.65 13.52
N GLN A 755 0.55 12.77 12.63
CA GLN A 755 -0.07 13.16 11.38
C GLN A 755 -1.59 13.28 11.47
N TYR A 756 -2.18 13.02 12.63
CA TYR A 756 -3.62 13.05 12.80
C TYR A 756 -4.14 14.40 13.27
N GLY A 757 -3.32 15.45 13.17
CA GLY A 757 -3.77 16.78 13.53
C GLY A 757 -3.46 17.17 14.97
N SER A 758 -4.37 17.91 15.60
CA SER A 758 -4.18 18.42 16.95
C SER A 758 -5.21 17.84 17.93
N PHE A 759 -5.64 16.60 17.70
CA PHE A 759 -6.59 15.97 18.60
C PHE A 759 -5.99 15.79 19.99
N CYS A 760 -4.69 15.52 20.06
CA CYS A 760 -4.03 15.39 21.35
C CYS A 760 -4.11 16.70 22.14
N THR A 761 -3.79 17.82 21.49
CA THR A 761 -3.87 19.10 22.17
C THR A 761 -5.32 19.44 22.53
N GLN A 762 -6.26 19.09 21.67
CA GLN A 762 -7.67 19.33 21.98
C GLN A 762 -8.09 18.58 23.24
N LEU A 763 -7.75 17.29 23.33
CA LEU A 763 -8.14 16.50 24.49
C LEU A 763 -7.42 16.97 25.75
N ASN A 764 -6.14 17.35 25.63
CA ASN A 764 -5.42 17.86 26.78
C ASN A 764 -6.02 19.16 27.28
N ARG A 765 -6.37 20.07 26.38
CA ARG A 765 -7.03 21.31 26.78
C ARG A 765 -8.38 21.05 27.41
N ALA A 766 -9.12 20.07 26.88
CA ALA A 766 -10.41 19.71 27.46
C ALA A 766 -10.25 19.19 28.88
N LEU A 767 -9.27 18.31 29.11
CA LEU A 767 -9.06 17.77 30.44
C LEU A 767 -8.58 18.85 31.41
N THR A 768 -7.71 19.76 30.95
CA THR A 768 -7.26 20.85 31.80
C THR A 768 -8.42 21.77 32.16
N GLY A 769 -9.30 22.06 31.19
CA GLY A 769 -10.48 22.86 31.49
C GLY A 769 -11.40 22.16 32.46
N ILE A 770 -11.55 20.84 32.34
CA ILE A 770 -12.35 20.08 33.29
C ILE A 770 -11.77 20.20 34.70
N ALA A 771 -10.45 20.08 34.81
CA ALA A 771 -9.82 20.18 36.12
C ALA A 771 -9.99 21.56 36.73
N VAL A 772 -9.79 22.61 35.93
CA VAL A 772 -9.97 23.98 36.41
C VAL A 772 -11.43 24.21 36.80
N GLU A 773 -12.37 23.63 36.04
CA GLU A 773 -13.78 23.77 36.38
C GLU A 773 -14.10 23.07 37.69
N GLN A 774 -13.53 21.89 37.92
CA GLN A 774 -13.76 21.19 39.19
C GLN A 774 -13.20 21.98 40.36
N ASP A 775 -12.00 22.58 40.18
CA ASP A 775 -11.44 23.41 41.23
C ASP A 775 -12.32 24.63 41.50
N LYS A 776 -12.82 25.28 40.45
CA LYS A 776 -13.68 26.44 40.63
C LYS A 776 -14.99 26.07 41.31
N ASN A 777 -15.53 24.88 40.99
CA ASN A 777 -16.76 24.44 41.64
C ASN A 777 -16.52 24.12 43.10
N THR A 778 -15.38 23.51 43.42
CA THR A 778 -15.05 23.26 44.83
C THR A 778 -14.85 24.56 45.59
N GLN A 779 -14.32 25.60 44.93
CA GLN A 779 -14.06 26.86 45.60
C GLN A 779 -15.32 27.70 45.80
N GLU A 780 -16.15 27.85 44.76
CA GLU A 780 -17.29 28.76 44.79
C GLU A 780 -18.41 28.29 45.71
N VAL A 781 -18.29 27.11 46.31
CA VAL A 781 -19.31 26.58 47.21
C VAL A 781 -18.91 26.78 48.66
N PHE A 782 -17.65 26.52 49.00
CA PHE A 782 -17.18 26.63 50.38
C PHE A 782 -16.55 27.98 50.68
N ALA A 783 -15.72 28.51 49.77
CA ALA A 783 -15.03 29.78 50.00
C ALA A 783 -15.99 30.95 49.77
N GLN A 784 -16.98 31.04 50.65
CA GLN A 784 -17.96 32.13 50.61
C GLN A 784 -17.91 32.99 51.86
N VAL A 785 -16.82 32.91 52.63
CA VAL A 785 -16.64 33.68 53.85
C VAL A 785 -15.29 34.38 53.78
N LYS A 786 -15.24 35.61 54.29
CA LYS A 786 -14.01 36.40 54.23
C LYS A 786 -13.04 35.98 55.33
N GLN A 787 -13.45 36.10 56.59
CA GLN A 787 -12.61 35.77 57.73
C GLN A 787 -13.04 34.45 58.34
N ILE A 788 -12.07 33.62 58.69
CA ILE A 788 -12.33 32.33 59.31
C ILE A 788 -12.79 32.57 60.75
N TYR A 789 -14.06 32.31 61.03
CA TYR A 789 -14.61 32.52 62.36
C TYR A 789 -14.36 31.29 63.24
N LYS A 790 -14.46 31.52 64.55
CA LYS A 790 -14.24 30.47 65.54
C LYS A 790 -15.34 30.53 66.58
N THR A 791 -15.61 29.37 67.19
CA THR A 791 -16.63 29.30 68.22
C THR A 791 -16.08 29.76 69.57
N PRO A 792 -16.90 30.41 70.39
CA PRO A 792 -16.42 30.88 71.70
C PRO A 792 -16.22 29.71 72.65
N PRO A 793 -15.38 29.87 73.68
CA PRO A 793 -15.18 28.76 74.62
C PRO A 793 -16.42 28.43 75.43
N ILE A 794 -17.17 29.45 75.86
CA ILE A 794 -18.41 29.23 76.60
C ILE A 794 -19.54 28.93 75.62
N LYS A 795 -19.75 27.64 75.33
CA LYS A 795 -20.75 27.21 74.36
C LYS A 795 -22.12 27.15 75.04
N ASP A 796 -22.73 28.33 75.18
CA ASP A 796 -24.08 28.47 75.73
C ASP A 796 -24.95 29.12 74.66
N PHE A 797 -25.47 28.30 73.76
CA PHE A 797 -26.29 28.77 72.65
C PHE A 797 -27.78 28.72 72.99
N GLY A 798 -28.16 29.33 74.11
CA GLY A 798 -29.54 29.38 74.54
C GLY A 798 -30.17 28.05 74.90
N GLY A 799 -29.42 26.97 74.87
CA GLY A 799 -29.94 25.65 75.17
C GLY A 799 -29.80 24.63 74.05
N PHE A 800 -29.36 25.05 72.86
CA PHE A 800 -29.18 24.14 71.74
C PHE A 800 -27.79 23.51 71.80
N ASN A 801 -27.72 22.22 71.50
CA ASN A 801 -26.48 21.46 71.57
C ASN A 801 -25.97 21.22 70.14
N PHE A 802 -24.85 21.84 69.80
CA PHE A 802 -24.23 21.68 68.49
C PHE A 802 -22.92 20.91 68.55
N SER A 803 -22.74 20.11 69.60
CA SER A 803 -21.51 19.33 69.75
C SER A 803 -21.36 18.26 68.68
N GLN A 804 -22.43 17.93 67.95
CA GLN A 804 -22.35 16.92 66.91
C GLN A 804 -21.87 17.47 65.59
N ILE A 805 -21.93 18.79 65.38
CA ILE A 805 -21.49 19.40 64.14
C ILE A 805 -20.28 20.30 64.30
N LEU A 806 -19.95 20.73 65.51
CA LEU A 806 -18.77 21.58 65.69
C LEU A 806 -17.51 20.73 65.67
N PRO A 807 -16.40 21.28 65.16
CA PRO A 807 -15.16 20.50 65.08
C PRO A 807 -14.57 20.23 66.45
N ASP A 808 -14.04 19.02 66.61
CA ASP A 808 -13.41 18.63 67.87
C ASP A 808 -11.89 18.67 67.74
N PRO A 809 -11.19 19.15 68.77
CA PRO A 809 -9.72 19.25 68.68
C PRO A 809 -9.01 17.90 68.76
N SER A 810 -9.69 16.85 69.20
CA SER A 810 -9.08 15.52 69.32
C SER A 810 -9.17 14.73 68.02
N LYS A 811 -8.63 15.31 66.94
CA LYS A 811 -8.66 14.67 65.64
C LYS A 811 -7.64 15.35 64.74
N PRO A 812 -6.85 14.62 63.97
CA PRO A 812 -5.90 15.27 63.06
C PRO A 812 -6.58 16.15 62.01
N SER A 813 -7.60 15.61 61.33
CA SER A 813 -8.31 16.39 60.32
C SER A 813 -9.24 17.43 60.93
N LYS A 814 -9.49 17.35 62.23
CA LYS A 814 -10.33 18.33 62.95
C LYS A 814 -11.76 18.37 62.41
N ARG A 815 -12.25 17.22 61.93
CA ARG A 815 -13.63 17.15 61.48
C ARG A 815 -14.56 16.79 62.63
N SER A 816 -15.83 17.14 62.47
CA SER A 816 -16.82 16.83 63.49
C SER A 816 -17.24 15.37 63.40
N PHE A 817 -18.14 14.96 64.30
CA PHE A 817 -18.59 13.57 64.34
C PHE A 817 -19.39 13.22 63.10
N ILE A 818 -20.31 14.10 62.69
CA ILE A 818 -21.12 13.84 61.50
C ILE A 818 -20.24 13.84 60.26
N GLU A 819 -19.28 14.76 60.18
CA GLU A 819 -18.37 14.78 59.04
C GLU A 819 -17.52 13.52 58.99
N ASP A 820 -17.06 13.03 60.14
CA ASP A 820 -16.30 11.79 60.18
C ASP A 820 -17.16 10.62 59.73
N LEU A 821 -18.41 10.57 60.16
CA LEU A 821 -19.31 9.51 59.71
C LEU A 821 -19.53 9.58 58.20
N LEU A 822 -19.71 10.78 57.65
CA LEU A 822 -19.90 10.92 56.21
C LEU A 822 -18.66 10.50 55.44
N PHE A 823 -17.48 10.82 55.96
CA PHE A 823 -16.24 10.43 55.27
C PHE A 823 -16.00 8.93 55.37
N ASN A 824 -16.36 8.31 56.49
CA ASN A 824 -16.17 6.86 56.64
C ASN A 824 -17.22 6.05 55.90
N LYS A 825 -18.40 6.63 55.65
CA LYS A 825 -19.44 5.89 54.95
C LYS A 825 -19.09 5.69 53.48
N VAL A 826 -18.70 6.76 52.79
CA VAL A 826 -18.34 6.65 51.39
C VAL A 826 -17.00 5.93 51.26
N THR A 827 -17.00 4.81 50.54
CA THR A 827 -15.78 4.03 50.34
C THR A 827 -15.23 4.23 48.94
N LYS A 854 -0.57 5.67 38.03
CA LYS A 854 0.20 4.46 37.88
C LYS A 854 -0.39 3.56 36.79
N PHE A 855 -0.52 4.12 35.60
CA PHE A 855 -1.08 3.41 34.45
C PHE A 855 -0.50 4.03 33.18
N ASN A 856 -1.10 3.69 32.03
CA ASN A 856 -0.65 4.20 30.74
C ASN A 856 -1.21 5.61 30.53
N GLY A 857 -0.61 6.56 31.23
CA GLY A 857 -0.99 7.96 31.13
C GLY A 857 -2.01 8.42 32.15
N LEU A 858 -2.57 7.51 32.94
CA LEU A 858 -3.58 7.90 33.92
C LEU A 858 -2.91 8.63 35.09
N THR A 859 -3.30 9.88 35.29
CA THR A 859 -2.77 10.72 36.36
C THR A 859 -3.93 11.39 37.07
N VAL A 860 -4.09 11.10 38.36
CA VAL A 860 -5.14 11.69 39.18
C VAL A 860 -4.57 12.93 39.86
N LEU A 861 -4.96 14.10 39.38
CA LEU A 861 -4.45 15.34 39.96
C LEU A 861 -5.10 15.58 41.33
N PRO A 862 -4.34 16.04 42.31
CA PRO A 862 -4.91 16.31 43.64
C PRO A 862 -5.70 17.61 43.63
N PRO A 863 -6.73 17.70 44.46
CA PRO A 863 -7.51 18.95 44.50
C PRO A 863 -6.72 20.09 45.13
N LEU A 864 -7.13 21.31 44.80
CA LEU A 864 -6.45 22.48 45.34
C LEU A 864 -6.74 22.67 46.82
N LEU A 865 -8.00 22.51 47.22
CA LEU A 865 -8.41 22.64 48.61
C LEU A 865 -8.46 21.25 49.25
N THR A 866 -7.64 21.04 50.28
CA THR A 866 -7.59 19.76 50.96
C THR A 866 -8.81 19.55 51.83
N ASP A 867 -8.96 18.32 52.33
CA ASP A 867 -10.08 18.00 53.21
C ASP A 867 -10.01 18.82 54.49
N GLU A 868 -8.80 19.05 55.01
CA GLU A 868 -8.65 19.87 56.20
C GLU A 868 -9.10 21.30 55.95
N MET A 869 -8.77 21.86 54.79
CA MET A 869 -9.19 23.21 54.46
C MET A 869 -10.70 23.29 54.26
N ILE A 870 -11.29 22.26 53.65
CA ILE A 870 -12.74 22.23 53.49
C ILE A 870 -13.42 22.16 54.86
N ALA A 871 -12.87 21.34 55.77
CA ALA A 871 -13.43 21.26 57.11
C ALA A 871 -13.30 22.58 57.85
N GLN A 872 -12.18 23.28 57.68
CA GLN A 872 -12.02 24.58 58.31
C GLN A 872 -13.01 25.59 57.74
N TYR A 873 -13.25 25.55 56.42
CA TYR A 873 -14.24 26.42 55.81
C TYR A 873 -15.63 26.14 56.38
N THR A 874 -16.00 24.87 56.48
CA THR A 874 -17.31 24.52 57.02
C THR A 874 -17.44 24.94 58.48
N SER A 875 -16.38 24.77 59.26
CA SER A 875 -16.42 25.18 60.67
C SER A 875 -16.54 26.69 60.80
N ALA A 876 -15.83 27.44 59.95
CA ALA A 876 -15.95 28.90 59.98
C ALA A 876 -17.35 29.34 59.59
N LEU A 877 -17.94 28.70 58.57
CA LEU A 877 -19.32 29.01 58.19
C LEU A 877 -20.28 28.72 59.33
N LEU A 878 -20.11 27.57 60.00
CA LEU A 878 -20.98 27.21 61.11
C LEU A 878 -20.85 28.20 62.26
N ALA A 879 -19.62 28.60 62.59
CA ALA A 879 -19.40 29.54 63.68
C ALA A 879 -20.01 30.90 63.35
N GLY A 880 -19.75 31.40 62.14
CA GLY A 880 -20.35 32.66 61.73
C GLY A 880 -21.87 32.62 61.75
N THR A 881 -22.44 31.49 61.30
CA THR A 881 -23.89 31.33 61.36
C THR A 881 -24.38 31.44 62.80
N ILE A 882 -23.88 30.57 63.68
CA ILE A 882 -24.33 30.54 65.06
C ILE A 882 -24.16 31.90 65.73
N THR A 883 -23.10 32.64 65.39
CA THR A 883 -22.82 33.89 66.08
C THR A 883 -23.52 35.10 65.46
N SER A 884 -23.98 35.02 64.21
CA SER A 884 -24.52 36.24 63.62
C SER A 884 -25.92 36.07 63.04
N GLY A 885 -26.25 34.93 62.46
CA GLY A 885 -27.50 34.78 61.75
C GLY A 885 -27.32 34.91 60.25
N TRP A 886 -27.77 36.04 59.69
CA TRP A 886 -27.59 36.31 58.26
C TRP A 886 -26.78 37.58 58.01
N THR A 887 -26.12 38.12 59.02
CA THR A 887 -25.35 39.35 58.87
C THR A 887 -23.90 39.11 58.49
N PHE A 888 -23.42 37.86 58.51
CA PHE A 888 -22.05 37.56 58.15
C PHE A 888 -21.87 37.34 56.65
N GLY A 889 -22.96 37.39 55.88
CA GLY A 889 -22.87 37.23 54.44
C GLY A 889 -23.26 38.49 53.69
N ALA A 890 -23.37 39.61 54.41
CA ALA A 890 -23.72 40.87 53.80
C ALA A 890 -22.87 42.02 54.36
N GLY A 891 -21.73 41.72 54.96
CA GLY A 891 -20.88 42.75 55.54
C GLY A 891 -20.05 42.23 56.70
N ALA A 892 -20.12 42.92 57.83
CA ALA A 892 -19.39 42.53 59.02
C ALA A 892 -20.27 41.67 59.92
N ALA A 893 -19.64 40.70 60.58
CA ALA A 893 -20.37 39.81 61.48
C ALA A 893 -20.86 40.58 62.71
N LEU A 894 -22.13 40.39 63.05
CA LEU A 894 -22.76 41.06 64.17
C LEU A 894 -23.13 40.03 65.23
N GLN A 895 -22.54 40.16 66.41
CA GLN A 895 -22.83 39.23 67.49
C GLN A 895 -24.28 39.37 67.94
N ILE A 896 -24.91 38.24 68.25
CA ILE A 896 -26.33 38.20 68.63
C ILE A 896 -26.61 36.89 69.35
N PRO A 897 -27.39 36.90 70.42
CA PRO A 897 -27.76 35.64 71.09
C PRO A 897 -28.51 34.71 70.15
N PHE A 898 -28.27 33.41 70.33
CA PHE A 898 -28.91 32.42 69.47
C PHE A 898 -30.42 32.38 69.68
N ALA A 899 -30.89 32.68 70.89
CA ALA A 899 -32.33 32.77 71.12
C ALA A 899 -32.95 33.90 70.31
N MET A 900 -32.28 35.06 70.26
CA MET A 900 -32.79 36.17 69.45
C MET A 900 -32.68 35.86 67.97
N GLN A 901 -31.64 35.13 67.56
CA GLN A 901 -31.54 34.71 66.17
C GLN A 901 -32.70 33.79 65.79
N MET A 902 -33.03 32.84 66.67
CA MET A 902 -34.16 31.96 66.42
C MET A 902 -35.47 32.73 66.40
N ALA A 903 -35.60 33.74 67.26
CA ALA A 903 -36.81 34.57 67.24
C ALA A 903 -36.93 35.34 65.92
N TYR A 904 -35.80 35.85 65.41
CA TYR A 904 -35.82 36.57 64.14
C TYR A 904 -36.15 35.63 62.98
N ARG A 905 -35.66 34.39 63.05
CA ARG A 905 -35.99 33.41 62.03
C ARG A 905 -37.41 32.90 62.15
N PHE A 906 -38.01 32.98 63.35
CA PHE A 906 -39.39 32.56 63.53
C PHE A 906 -40.37 33.63 63.07
N ASN A 907 -40.09 34.90 63.35
CA ASN A 907 -40.97 35.97 62.90
C ASN A 907 -40.80 36.30 61.43
N GLY A 908 -40.06 35.48 60.69
CA GLY A 908 -39.93 35.66 59.25
C GLY A 908 -40.83 34.75 58.46
N ILE A 909 -41.38 33.74 59.13
CA ILE A 909 -42.29 32.79 58.49
C ILE A 909 -43.74 32.98 58.92
N GLY A 910 -44.01 33.82 59.90
CA GLY A 910 -45.36 34.07 60.36
C GLY A 910 -45.66 33.66 61.78
N VAL A 911 -44.65 33.28 62.56
CA VAL A 911 -44.83 32.88 63.96
C VAL A 911 -44.18 33.93 64.83
N THR A 912 -44.94 34.49 65.78
CA THR A 912 -44.45 35.57 66.62
C THR A 912 -43.32 35.06 67.54
N GLN A 913 -42.65 36.02 68.18
CA GLN A 913 -41.50 35.70 69.02
C GLN A 913 -41.91 35.08 70.36
N ASN A 914 -43.13 35.31 70.82
CA ASN A 914 -43.55 34.77 72.11
C ASN A 914 -43.60 33.24 72.08
N VAL A 915 -43.95 32.65 70.94
CA VAL A 915 -43.98 31.19 70.83
C VAL A 915 -42.60 30.61 71.14
N LEU A 916 -41.56 31.18 70.53
CA LEU A 916 -40.20 30.72 70.81
C LEU A 916 -39.79 31.04 72.23
N TYR A 917 -40.07 32.27 72.70
CA TYR A 917 -39.66 32.65 74.05
C TYR A 917 -40.36 31.83 75.12
N GLU A 918 -41.46 31.15 74.78
CA GLU A 918 -42.15 30.27 75.71
C GLU A 918 -41.76 28.80 75.55
N ASN A 919 -41.47 28.35 74.33
CA ASN A 919 -41.17 26.94 74.08
C ASN A 919 -39.73 26.72 73.60
N GLN A 920 -38.80 27.58 74.02
CA GLN A 920 -37.40 27.40 73.68
C GLN A 920 -36.88 26.03 74.13
N LYS A 921 -37.26 25.60 75.34
CA LYS A 921 -36.80 24.31 75.84
C LYS A 921 -37.33 23.16 74.98
N LEU A 922 -38.61 23.21 74.64
CA LEU A 922 -39.19 22.16 73.80
C LEU A 922 -38.55 22.15 72.42
N ILE A 923 -38.29 23.33 71.85
CA ILE A 923 -37.68 23.40 70.53
C ILE A 923 -36.25 22.86 70.58
N ALA A 924 -35.50 23.19 71.62
CA ALA A 924 -34.14 22.67 71.76
C ALA A 924 -34.15 21.15 71.93
N ASN A 925 -35.10 20.62 72.71
CA ASN A 925 -35.18 19.18 72.87
C ASN A 925 -35.53 18.50 71.55
N GLN A 926 -36.46 19.08 70.79
CA GLN A 926 -36.81 18.50 69.50
C GLN A 926 -35.64 18.57 68.52
N PHE A 927 -34.87 19.66 68.55
CA PHE A 927 -33.70 19.75 67.68
C PHE A 927 -32.64 18.73 68.06
N ASN A 928 -32.41 18.53 69.35
CA ASN A 928 -31.44 17.53 69.80
C ASN A 928 -31.90 16.12 69.41
N SER A 929 -33.21 15.86 69.54
CA SER A 929 -33.73 14.55 69.14
C SER A 929 -33.59 14.34 67.64
N ALA A 930 -33.82 15.39 66.85
CA ALA A 930 -33.65 15.27 65.40
C ALA A 930 -32.20 15.02 65.03
N ILE A 931 -31.26 15.71 65.70
CA ILE A 931 -29.85 15.48 65.44
C ILE A 931 -29.46 14.05 65.81
N GLY A 932 -29.98 13.55 66.94
CA GLY A 932 -29.71 12.18 67.32
C GLY A 932 -30.25 11.18 66.33
N LYS A 933 -31.46 11.42 65.83
CA LYS A 933 -32.03 10.54 64.81
C LYS A 933 -31.23 10.57 63.52
N ILE A 934 -30.74 11.75 63.13
CA ILE A 934 -29.91 11.85 61.93
C ILE A 934 -28.61 11.07 62.13
N GLN A 935 -27.99 11.19 63.31
CA GLN A 935 -26.77 10.45 63.57
C GLN A 935 -27.03 8.95 63.55
N ASP A 936 -28.13 8.50 64.15
CA ASP A 936 -28.46 7.08 64.14
C ASP A 936 -28.69 6.57 62.73
N SER A 937 -29.38 7.36 61.90
CA SER A 937 -29.62 6.96 60.51
C SER A 937 -28.31 6.88 59.74
N LEU A 938 -27.44 7.88 59.89
CA LEU A 938 -26.16 7.86 59.19
C LEU A 938 -25.28 6.71 59.66
N SER A 939 -25.41 6.30 60.92
CA SER A 939 -24.60 5.19 61.42
C SER A 939 -25.18 3.84 61.04
N SER A 940 -26.49 3.76 60.83
CA SER A 940 -27.13 2.48 60.51
C SER A 940 -27.20 2.23 59.01
N THR A 941 -27.87 3.11 58.27
CA THR A 941 -28.05 2.91 56.85
C THR A 941 -26.77 3.26 56.08
N ALA A 942 -26.45 2.43 55.09
CA ALA A 942 -25.29 2.64 54.24
C ALA A 942 -25.61 3.33 52.93
N SER A 943 -26.88 3.50 52.60
CA SER A 943 -27.31 4.14 51.36
C SER A 943 -27.66 5.61 51.56
N ALA A 944 -27.08 6.25 52.57
CA ALA A 944 -27.36 7.66 52.81
C ALA A 944 -26.73 8.54 51.74
N LEU A 945 -25.40 8.43 51.56
CA LEU A 945 -24.69 9.21 50.56
C LEU A 945 -24.66 8.42 49.24
N GLY A 946 -25.82 8.39 48.59
CA GLY A 946 -25.98 7.62 47.37
C GLY A 946 -25.45 8.33 46.14
N LYS A 947 -25.67 9.64 46.03
CA LYS A 947 -25.26 10.36 44.84
C LYS A 947 -23.74 10.41 44.70
N LEU A 948 -23.03 10.68 45.79
CA LEU A 948 -21.57 10.72 45.74
C LEU A 948 -21.01 9.34 45.39
N GLN A 949 -21.57 8.29 45.99
CA GLN A 949 -21.11 6.93 45.67
C GLN A 949 -21.38 6.59 44.21
N ASP A 950 -22.53 7.01 43.68
CA ASP A 950 -22.82 6.75 42.28
C ASP A 950 -21.86 7.49 41.37
N VAL A 951 -21.52 8.74 41.70
CA VAL A 951 -20.57 9.49 40.90
C VAL A 951 -19.20 8.82 40.93
N VAL A 952 -18.76 8.38 42.11
CA VAL A 952 -17.47 7.72 42.22
C VAL A 952 -17.46 6.41 41.43
N ASN A 953 -18.56 5.66 41.49
CA ASN A 953 -18.64 4.41 40.75
C ASN A 953 -18.64 4.65 39.25
N GLN A 954 -19.33 5.71 38.80
CA GLN A 954 -19.33 6.04 37.38
C GLN A 954 -17.94 6.43 36.90
N ASN A 955 -17.22 7.23 37.69
CA ASN A 955 -15.86 7.59 37.33
C ASN A 955 -14.96 6.37 37.29
N ALA A 956 -15.10 5.47 38.26
CA ALA A 956 -14.28 4.26 38.29
C ALA A 956 -14.58 3.36 37.09
N GLN A 957 -15.85 3.21 36.73
CA GLN A 957 -16.21 2.41 35.58
C GLN A 957 -15.69 3.04 34.29
N ALA A 958 -15.74 4.37 34.20
CA ALA A 958 -15.19 5.04 33.02
C ALA A 958 -13.69 4.79 32.90
N LEU A 959 -12.96 4.91 34.01
CA LEU A 959 -11.53 4.65 33.98
C LEU A 959 -11.23 3.20 33.64
N ASN A 960 -12.02 2.27 34.18
CA ASN A 960 -11.81 0.85 33.88
C ASN A 960 -12.07 0.56 32.41
N THR A 961 -13.12 1.14 31.84
CA THR A 961 -13.39 0.95 30.41
C THR A 961 -12.28 1.56 29.56
N LEU A 962 -11.78 2.72 29.97
CA LEU A 962 -10.69 3.37 29.22
C LEU A 962 -9.44 2.52 29.24
N VAL A 963 -9.12 1.91 30.38
CA VAL A 963 -7.91 1.10 30.46
C VAL A 963 -8.11 -0.30 29.89
N LYS A 964 -9.36 -0.75 29.73
CA LYS A 964 -9.62 -2.04 29.09
C LYS A 964 -9.78 -1.94 27.58
N GLN A 965 -10.06 -0.75 27.06
CA GLN A 965 -10.15 -0.59 25.61
C GLN A 965 -8.82 -0.80 24.89
N LEU A 966 -7.73 -1.01 25.62
CA LEU A 966 -6.43 -1.28 25.01
C LEU A 966 -6.21 -2.74 24.68
N SER A 967 -7.06 -3.63 25.19
CA SER A 967 -6.96 -5.06 24.92
C SER A 967 -7.67 -5.48 23.65
N SER A 968 -8.26 -4.54 22.91
CA SER A 968 -8.95 -4.83 21.67
C SER A 968 -8.08 -4.47 20.48
N ASN A 969 -8.14 -5.29 19.43
CA ASN A 969 -7.35 -5.07 18.23
C ASN A 969 -8.05 -4.20 17.20
N PHE A 970 -9.37 -4.03 17.32
CA PHE A 970 -10.14 -3.19 16.40
C PHE A 970 -9.99 -3.65 14.95
N GLY A 971 -9.80 -4.95 14.74
CA GLY A 971 -9.60 -5.49 13.42
C GLY A 971 -8.16 -5.71 13.02
N ALA A 972 -7.22 -5.60 13.95
CA ALA A 972 -5.81 -5.78 13.67
C ALA A 972 -5.38 -7.20 14.05
N ILE A 973 -4.08 -7.46 13.99
CA ILE A 973 -3.56 -8.79 14.32
C ILE A 973 -3.70 -9.06 15.80
N SER A 974 -3.24 -8.13 16.63
CA SER A 974 -3.30 -8.29 18.08
C SER A 974 -3.36 -6.91 18.73
N SER A 975 -3.56 -6.91 20.05
CA SER A 975 -3.61 -5.65 20.78
C SER A 975 -2.22 -5.16 21.18
N VAL A 976 -1.29 -6.07 21.41
CA VAL A 976 0.07 -5.69 21.79
C VAL A 976 0.77 -5.10 20.57
N LEU A 977 1.37 -3.91 20.75
CA LEU A 977 2.04 -3.24 19.65
C LEU A 977 3.44 -3.79 19.40
N ASN A 978 4.14 -4.19 20.47
CA ASN A 978 5.48 -4.72 20.31
C ASN A 978 5.49 -6.03 19.53
N ASP A 979 4.51 -6.90 19.80
CA ASP A 979 4.42 -8.16 19.06
C ASP A 979 4.18 -7.91 17.57
N ILE A 980 3.32 -6.93 17.25
CA ILE A 980 3.07 -6.59 15.86
C ILE A 980 4.33 -6.06 15.20
N LEU A 981 5.00 -5.12 15.88
CA LEU A 981 6.24 -4.56 15.32
C LEU A 981 7.30 -5.62 15.13
N SER A 982 7.32 -6.65 15.98
CA SER A 982 8.32 -7.71 15.86
C SER A 982 7.96 -8.66 14.73
N ARG A 983 6.69 -9.03 14.61
CA ARG A 983 6.30 -10.04 13.62
C ARG A 983 6.12 -9.45 12.23
N LEU A 984 5.20 -8.50 12.07
CA LEU A 984 4.82 -8.05 10.75
C LEU A 984 5.89 -7.15 10.14
N ASP A 985 5.97 -7.19 8.81
CA ASP A 985 6.86 -6.31 8.07
C ASP A 985 6.43 -4.86 8.24
N PRO A 986 7.34 -3.91 8.04
CA PRO A 986 7.02 -2.49 8.24
C PRO A 986 5.81 -2.02 7.43
N PRO A 987 5.67 -2.41 6.15
CA PRO A 987 4.50 -1.91 5.39
C PRO A 987 3.16 -2.28 6.02
N GLU A 988 2.96 -3.55 6.38
CA GLU A 988 1.71 -3.93 7.01
C GLU A 988 1.62 -3.43 8.44
N ALA A 989 2.76 -3.32 9.13
CA ALA A 989 2.77 -2.79 10.49
C ALA A 989 2.31 -1.35 10.52
N GLU A 990 2.61 -0.57 9.47
CA GLU A 990 2.11 0.79 9.40
C GLU A 990 0.58 0.82 9.41
N VAL A 991 -0.05 -0.04 8.61
CA VAL A 991 -1.51 -0.08 8.57
C VAL A 991 -2.07 -0.57 9.89
N GLN A 992 -1.42 -1.56 10.50
CA GLN A 992 -1.88 -2.06 11.81
C GLN A 992 -1.80 -0.96 12.87
N ILE A 993 -0.70 -0.20 12.88
CA ILE A 993 -0.57 0.91 13.82
C ILE A 993 -1.62 1.98 13.55
N ASP A 994 -1.90 2.24 12.27
CA ASP A 994 -2.92 3.23 11.93
C ASP A 994 -4.28 2.80 12.45
N ARG A 995 -4.64 1.52 12.27
CA ARG A 995 -5.93 1.03 12.75
C ARG A 995 -6.01 1.08 14.28
N LEU A 996 -4.93 0.67 14.96
CA LEU A 996 -4.92 0.73 16.43
C LEU A 996 -5.04 2.16 16.91
N ILE A 997 -4.34 3.09 16.26
CA ILE A 997 -4.40 4.49 16.65
C ILE A 997 -5.80 5.04 16.44
N THR A 998 -6.44 4.69 15.32
CA THR A 998 -7.80 5.15 15.06
C THR A 998 -8.76 4.64 16.13
N GLY A 999 -8.65 3.34 16.46
CA GLY A 999 -9.53 2.78 17.46
C GLY A 999 -9.33 3.41 18.83
N ARG A 1000 -8.08 3.55 19.25
CA ARG A 1000 -7.79 4.13 20.56
C ARG A 1000 -8.17 5.60 20.61
N LEU A 1001 -8.02 6.33 19.50
CA LEU A 1001 -8.42 7.72 19.47
C LEU A 1001 -9.94 7.86 19.54
N GLN A 1002 -10.67 6.98 18.86
CA GLN A 1002 -12.12 6.99 18.97
C GLN A 1002 -12.56 6.69 20.39
N SER A 1003 -11.94 5.70 21.03
CA SER A 1003 -12.27 5.38 22.42
C SER A 1003 -11.98 6.57 23.34
N LEU A 1004 -10.83 7.22 23.14
CA LEU A 1004 -10.48 8.35 23.99
C LEU A 1004 -11.40 9.54 23.76
N GLN A 1005 -11.82 9.76 22.52
CA GLN A 1005 -12.76 10.85 22.25
C GLN A 1005 -14.11 10.57 22.87
N THR A 1006 -14.57 9.32 22.81
CA THR A 1006 -15.83 8.97 23.49
C THR A 1006 -15.71 9.18 24.99
N TYR A 1007 -14.58 8.77 25.58
CA TYR A 1007 -14.37 8.98 27.01
C TYR A 1007 -14.36 10.46 27.35
N VAL A 1008 -13.72 11.29 26.53
CA VAL A 1008 -13.65 12.72 26.81
C VAL A 1008 -15.03 13.36 26.67
N THR A 1009 -15.82 12.91 25.70
CA THR A 1009 -17.17 13.44 25.55
C THR A 1009 -18.04 13.09 26.75
N GLN A 1010 -17.99 11.82 27.18
CA GLN A 1010 -18.74 11.42 28.36
C GLN A 1010 -18.27 12.18 29.60
N GLN A 1011 -16.96 12.41 29.71
CA GLN A 1011 -16.44 13.16 30.85
C GLN A 1011 -16.86 14.62 30.81
N LEU A 1012 -16.96 15.21 29.62
CA LEU A 1012 -17.44 16.58 29.51
C LEU A 1012 -18.90 16.68 29.89
N ILE A 1013 -19.73 15.71 29.47
CA ILE A 1013 -21.13 15.71 29.88
C ILE A 1013 -21.25 15.56 31.39
N ARG A 1014 -20.47 14.64 31.97
CA ARG A 1014 -20.50 14.45 33.42
C ARG A 1014 -20.03 15.70 34.15
N ALA A 1015 -19.03 16.39 33.58
CA ALA A 1015 -18.53 17.61 34.20
C ALA A 1015 -19.56 18.73 34.14
N ALA A 1016 -20.32 18.80 33.03
CA ALA A 1016 -21.40 19.78 32.95
C ALA A 1016 -22.48 19.49 33.98
N GLU A 1017 -22.82 18.20 34.16
CA GLU A 1017 -23.80 17.85 35.19
C GLU A 1017 -23.28 18.19 36.58
N ILE A 1018 -22.01 17.92 36.85
CA ILE A 1018 -21.42 18.25 38.15
C ILE A 1018 -21.38 19.75 38.35
N ARG A 1019 -21.15 20.52 37.28
CA ARG A 1019 -21.15 21.97 37.39
C ARG A 1019 -22.54 22.49 37.72
N ALA A 1020 -23.57 21.93 37.09
CA ALA A 1020 -24.94 22.31 37.41
C ALA A 1020 -25.26 22.00 38.87
N SER A 1021 -24.85 20.80 39.33
CA SER A 1021 -25.10 20.42 40.72
C SER A 1021 -24.35 21.34 41.68
N ALA A 1022 -23.12 21.73 41.33
CA ALA A 1022 -22.34 22.60 42.21
C ALA A 1022 -22.91 24.00 42.25
N ASN A 1023 -23.42 24.50 41.11
CA ASN A 1023 -24.08 25.79 41.11
C ASN A 1023 -25.35 25.76 41.97
N LEU A 1024 -26.12 24.67 41.87
CA LEU A 1024 -27.29 24.53 42.72
C LEU A 1024 -26.90 24.50 44.20
N ALA A 1025 -25.84 23.77 44.53
CA ALA A 1025 -25.40 23.68 45.92
C ALA A 1025 -24.90 25.02 46.43
N ALA A 1026 -24.19 25.79 45.60
CA ALA A 1026 -23.71 27.10 46.01
C ALA A 1026 -24.87 28.07 46.20
N THR A 1027 -25.87 28.02 45.32
CA THR A 1027 -27.05 28.86 45.51
C THR A 1027 -27.78 28.50 46.79
N LYS A 1028 -27.95 27.19 47.05
CA LYS A 1028 -28.60 26.76 48.28
C LYS A 1028 -27.82 27.22 49.51
N MET A 1029 -26.49 27.11 49.47
CA MET A 1029 -25.67 27.62 50.56
C MET A 1029 -25.88 29.11 50.78
N SER A 1030 -25.75 29.91 49.72
CA SER A 1030 -25.85 31.35 49.85
C SER A 1030 -27.25 31.81 50.26
N GLU A 1031 -28.28 31.01 49.97
CA GLU A 1031 -29.64 31.43 50.25
C GLU A 1031 -30.24 30.82 51.52
N CYS A 1032 -29.61 29.80 52.10
CA CYS A 1032 -30.20 29.18 53.28
C CYS A 1032 -29.21 29.11 54.45
N VAL A 1033 -27.93 29.02 54.17
CA VAL A 1033 -26.92 29.03 55.23
C VAL A 1033 -26.56 30.45 55.63
N LEU A 1034 -26.42 31.34 54.65
CA LEU A 1034 -26.12 32.74 54.91
C LEU A 1034 -27.38 33.59 55.04
N GLY A 1035 -28.54 32.97 55.18
CA GLY A 1035 -29.77 33.72 55.31
C GLY A 1035 -30.95 32.80 55.57
N GLN A 1036 -32.14 33.31 55.27
CA GLN A 1036 -33.38 32.56 55.43
C GLN A 1036 -34.21 32.72 54.16
N SER A 1037 -34.35 31.64 53.40
CA SER A 1037 -35.07 31.69 52.14
C SER A 1037 -36.55 31.40 52.34
N LYS A 1038 -37.38 32.02 51.50
CA LYS A 1038 -38.82 31.82 51.51
C LYS A 1038 -39.29 30.94 50.37
N ARG A 1039 -38.37 30.37 49.58
CA ARG A 1039 -38.75 29.51 48.48
C ARG A 1039 -39.26 28.17 49.00
N VAL A 1040 -40.45 27.77 48.55
CA VAL A 1040 -41.07 26.55 49.06
C VAL A 1040 -40.35 25.33 48.49
N ASP A 1041 -40.08 24.36 49.37
CA ASP A 1041 -39.46 23.09 49.00
C ASP A 1041 -38.06 23.27 48.40
N PHE A 1042 -37.39 24.36 48.73
CA PHE A 1042 -36.03 24.60 48.25
C PHE A 1042 -34.96 24.21 49.26
N CYS A 1043 -35.25 24.36 50.56
CA CYS A 1043 -34.31 24.00 51.62
C CYS A 1043 -35.04 23.21 52.70
N GLY A 1044 -35.81 22.20 52.29
CA GLY A 1044 -36.51 21.35 53.22
C GLY A 1044 -38.01 21.39 53.06
N LYS A 1045 -38.68 20.31 53.47
CA LYS A 1045 -40.14 20.22 53.40
C LYS A 1045 -40.72 20.87 54.64
N GLY A 1046 -41.11 22.14 54.51
CA GLY A 1046 -41.66 22.91 55.60
C GLY A 1046 -41.12 24.32 55.57
N TYR A 1047 -41.48 25.09 56.59
CA TYR A 1047 -41.04 26.48 56.69
C TYR A 1047 -39.57 26.51 57.08
N HIS A 1048 -38.72 26.98 56.17
CA HIS A 1048 -37.29 26.98 56.40
C HIS A 1048 -36.92 27.92 57.53
N LEU A 1049 -36.05 27.44 58.43
CA LEU A 1049 -35.51 28.24 59.52
C LEU A 1049 -34.02 28.49 59.37
N MET A 1050 -33.22 27.43 59.24
CA MET A 1050 -31.78 27.57 59.12
C MET A 1050 -31.21 26.27 58.56
N SER A 1051 -29.97 26.36 58.06
CA SER A 1051 -29.29 25.21 57.49
C SER A 1051 -27.84 25.20 57.97
N PHE A 1052 -27.31 23.99 58.13
CA PHE A 1052 -25.94 23.80 58.59
C PHE A 1052 -25.16 22.98 57.57
N PRO A 1053 -24.15 23.53 56.92
CA PRO A 1053 -23.39 22.76 55.93
C PRO A 1053 -22.43 21.79 56.59
N GLN A 1054 -22.23 20.66 55.92
CA GLN A 1054 -21.31 19.62 56.37
C GLN A 1054 -20.44 19.18 55.20
N SER A 1055 -19.16 18.94 55.48
CA SER A 1055 -18.22 18.53 54.44
C SER A 1055 -18.37 17.05 54.14
N ALA A 1056 -18.42 16.72 52.85
CA ALA A 1056 -18.55 15.34 52.38
C ALA A 1056 -17.56 15.11 51.26
N PRO A 1057 -17.11 13.87 51.07
CA PRO A 1057 -16.18 13.57 49.97
C PRO A 1057 -16.77 13.93 48.60
N HIS A 1058 -16.18 14.92 47.94
CA HIS A 1058 -16.64 15.39 46.63
C HIS A 1058 -18.12 15.79 46.67
N GLY A 1059 -18.48 16.54 47.70
CA GLY A 1059 -19.85 16.97 47.84
C GLY A 1059 -20.04 17.78 49.11
N VAL A 1060 -21.30 18.10 49.40
CA VAL A 1060 -21.65 18.87 50.59
C VAL A 1060 -23.01 18.38 51.08
N VAL A 1061 -23.19 18.40 52.40
CA VAL A 1061 -24.42 17.96 53.05
C VAL A 1061 -24.97 19.11 53.86
N PHE A 1062 -26.26 19.38 53.70
CA PHE A 1062 -26.95 20.45 54.42
C PHE A 1062 -27.90 19.84 55.44
N LEU A 1063 -28.00 20.49 56.60
CA LEU A 1063 -28.92 20.09 57.67
C LEU A 1063 -30.04 21.13 57.71
N HIS A 1064 -31.08 20.89 56.92
CA HIS A 1064 -32.17 21.85 56.78
C HIS A 1064 -33.11 21.75 57.98
N VAL A 1065 -33.06 22.75 58.86
CA VAL A 1065 -33.95 22.83 60.00
C VAL A 1065 -35.22 23.55 59.54
N THR A 1066 -36.34 22.83 59.50
CA THR A 1066 -37.59 23.36 58.99
C THR A 1066 -38.65 23.35 60.08
N TYR A 1067 -39.67 24.19 59.88
CA TYR A 1067 -40.79 24.30 60.80
C TYR A 1067 -42.00 23.58 60.20
N VAL A 1068 -42.48 22.56 60.90
CA VAL A 1068 -43.61 21.76 60.41
C VAL A 1068 -44.74 21.81 61.44
N PRO A 1069 -45.88 22.41 61.10
CA PRO A 1069 -47.01 22.43 62.04
C PRO A 1069 -47.61 21.04 62.21
N ALA A 1070 -48.26 20.85 63.36
CA ALA A 1070 -48.89 19.58 63.68
C ALA A 1070 -50.01 19.81 64.68
N GLN A 1071 -50.82 18.78 64.88
CA GLN A 1071 -51.94 18.80 65.83
C GLN A 1071 -52.90 19.94 65.53
N GLU A 1072 -53.50 19.88 64.33
CA GLU A 1072 -54.46 20.87 63.92
C GLU A 1072 -55.84 20.56 64.51
N LYS A 1073 -56.72 21.56 64.46
CA LYS A 1073 -58.06 21.43 65.01
C LYS A 1073 -59.04 22.20 64.14
N ASN A 1074 -60.24 21.67 63.98
CA ASN A 1074 -61.26 22.31 63.16
C ASN A 1074 -61.84 23.53 63.88
N PHE A 1075 -62.05 24.61 63.12
CA PHE A 1075 -62.68 25.81 63.63
C PHE A 1075 -63.55 26.41 62.54
N THR A 1076 -64.40 27.36 62.93
CA THR A 1076 -65.27 28.07 62.01
C THR A 1076 -64.75 29.50 61.84
N THR A 1077 -64.62 29.94 60.59
CA THR A 1077 -64.04 31.23 60.26
C THR A 1077 -65.09 32.15 59.65
N ALA A 1078 -64.71 33.41 59.49
CA ALA A 1078 -65.56 34.44 58.91
C ALA A 1078 -64.66 35.50 58.28
N PRO A 1079 -65.02 36.02 57.10
CA PRO A 1079 -64.17 37.05 56.47
C PRO A 1079 -64.04 38.31 57.31
N ALA A 1080 -65.15 38.87 57.78
CA ALA A 1080 -65.11 40.08 58.57
C ALA A 1080 -66.26 40.07 59.56
N ILE A 1081 -66.29 41.08 60.42
CA ILE A 1081 -67.33 41.25 61.43
C ILE A 1081 -67.79 42.70 61.43
N CYS A 1082 -69.07 42.91 61.74
CA CYS A 1082 -69.65 44.23 61.85
C CYS A 1082 -70.10 44.47 63.28
N HIS A 1083 -69.65 45.58 63.87
CA HIS A 1083 -69.98 45.94 65.23
C HIS A 1083 -71.00 47.07 65.31
N ASP A 1084 -70.71 48.21 64.68
CA ASP A 1084 -71.59 49.36 64.67
C ASP A 1084 -71.94 49.77 63.25
N GLY A 1085 -72.11 48.79 62.37
CA GLY A 1085 -72.42 49.04 60.98
C GLY A 1085 -71.21 49.10 60.06
N LYS A 1086 -70.00 49.14 60.62
CA LYS A 1086 -68.78 49.19 59.84
C LYS A 1086 -68.05 47.85 59.91
N ALA A 1087 -67.52 47.40 58.77
CA ALA A 1087 -66.84 46.12 58.70
C ALA A 1087 -65.43 46.23 59.30
N HIS A 1088 -65.04 45.20 60.04
CA HIS A 1088 -63.74 45.15 60.70
C HIS A 1088 -62.95 43.99 60.12
N PHE A 1089 -61.80 44.29 59.51
CA PHE A 1089 -60.93 43.28 58.92
C PHE A 1089 -59.65 43.16 59.75
N PRO A 1090 -59.21 41.94 60.05
CA PRO A 1090 -58.00 41.78 60.87
C PRO A 1090 -56.75 42.17 60.09
N ARG A 1091 -55.85 42.89 60.76
CA ARG A 1091 -54.59 43.28 60.14
C ARG A 1091 -53.72 42.06 59.87
N GLU A 1092 -53.40 41.30 60.91
CA GLU A 1092 -52.60 40.08 60.79
C GLU A 1092 -53.23 39.03 61.69
N GLY A 1093 -54.00 38.13 61.11
CA GLY A 1093 -54.67 37.09 61.87
C GLY A 1093 -55.88 36.58 61.12
N VAL A 1094 -56.58 35.66 61.78
CA VAL A 1094 -57.77 35.01 61.20
C VAL A 1094 -58.83 34.92 62.29
N PHE A 1095 -60.04 35.34 61.95
CA PHE A 1095 -61.17 35.27 62.89
C PHE A 1095 -61.62 33.81 63.01
N VAL A 1096 -61.39 33.22 64.18
CA VAL A 1096 -61.79 31.85 64.46
C VAL A 1096 -62.76 31.85 65.63
N SER A 1097 -63.56 30.79 65.70
CA SER A 1097 -64.55 30.65 66.77
C SER A 1097 -64.57 29.21 67.26
N ASN A 1098 -64.71 29.03 68.56
CA ASN A 1098 -64.80 27.72 69.17
C ASN A 1098 -66.24 27.26 69.37
N GLY A 1099 -67.22 28.01 68.86
CA GLY A 1099 -68.61 27.62 68.98
C GLY A 1099 -69.51 28.72 69.48
N THR A 1100 -69.02 29.54 70.42
CA THR A 1100 -69.85 30.57 71.02
C THR A 1100 -69.15 31.93 70.98
N HIS A 1101 -67.82 31.94 70.98
CA HIS A 1101 -67.04 33.16 71.03
C HIS A 1101 -66.07 33.20 69.85
N TRP A 1102 -65.87 34.39 69.31
CA TRP A 1102 -64.96 34.59 68.18
C TRP A 1102 -63.64 35.18 68.67
N PHE A 1103 -62.54 34.64 68.13
CA PHE A 1103 -61.21 35.10 68.47
C PHE A 1103 -60.37 35.25 67.21
N VAL A 1104 -59.32 36.05 67.32
CA VAL A 1104 -58.36 36.26 66.23
C VAL A 1104 -57.05 35.62 66.62
N THR A 1105 -56.57 34.67 65.82
CA THR A 1105 -55.35 33.94 66.09
C THR A 1105 -54.41 34.05 64.90
N GLN A 1106 -53.21 33.51 65.07
CA GLN A 1106 -52.22 33.51 64.00
C GLN A 1106 -52.62 32.54 62.89
N ARG A 1107 -51.89 32.60 61.79
CA ARG A 1107 -52.15 31.74 60.64
C ARG A 1107 -51.37 30.43 60.70
N ASN A 1108 -50.43 30.29 61.63
CA ASN A 1108 -49.64 29.07 61.75
C ASN A 1108 -49.54 28.54 63.17
N PHE A 1109 -50.19 29.18 64.13
CA PHE A 1109 -50.15 28.73 65.52
C PHE A 1109 -51.39 29.25 66.23
N TYR A 1110 -52.19 28.34 66.78
CA TYR A 1110 -53.45 28.72 67.42
C TYR A 1110 -53.18 29.46 68.72
N GLU A 1111 -53.36 30.78 68.70
CA GLU A 1111 -53.22 31.63 69.87
C GLU A 1111 -54.44 32.52 69.94
N PRO A 1112 -55.49 32.11 70.68
CA PRO A 1112 -56.73 32.90 70.70
C PRO A 1112 -56.55 34.20 71.46
N GLN A 1113 -56.97 35.29 70.84
CA GLN A 1113 -56.92 36.62 71.44
C GLN A 1113 -58.26 37.32 71.24
N ILE A 1114 -58.58 38.22 72.17
CA ILE A 1114 -59.84 38.96 72.08
C ILE A 1114 -59.78 39.94 70.92
N ILE A 1115 -60.92 40.17 70.29
CA ILE A 1115 -61.01 41.05 69.13
C ILE A 1115 -61.03 42.49 69.63
N THR A 1116 -59.95 43.22 69.37
CA THR A 1116 -59.82 44.62 69.75
C THR A 1116 -59.67 45.48 68.49
N THR A 1117 -59.64 46.80 68.70
CA THR A 1117 -59.48 47.74 67.60
C THR A 1117 -58.02 47.94 67.20
N ASP A 1118 -57.08 47.30 67.89
CA ASP A 1118 -55.67 47.45 67.56
C ASP A 1118 -55.19 46.46 66.51
N ASN A 1119 -55.84 45.31 66.39
CA ASN A 1119 -55.48 44.29 65.42
C ASN A 1119 -56.44 44.23 64.24
N THR A 1120 -57.38 45.17 64.15
CA THR A 1120 -58.35 45.20 63.07
C THR A 1120 -58.44 46.61 62.49
N PHE A 1121 -58.71 46.68 61.20
CA PHE A 1121 -58.89 47.94 60.50
C PHE A 1121 -60.26 47.95 59.82
N VAL A 1122 -60.92 49.11 59.84
CA VAL A 1122 -62.26 49.27 59.32
C VAL A 1122 -62.19 49.88 57.93
N SER A 1123 -62.83 49.24 56.95
CA SER A 1123 -62.89 49.76 55.58
C SER A 1123 -64.18 49.26 54.95
N GLY A 1124 -65.21 50.10 54.95
CA GLY A 1124 -66.47 49.79 54.30
C GLY A 1124 -67.59 49.53 55.29
N ASN A 1125 -68.60 48.81 54.81
CA ASN A 1125 -69.78 48.50 55.60
C ASN A 1125 -70.03 46.99 55.65
N CYS A 1126 -71.18 46.60 56.20
CA CYS A 1126 -71.46 45.17 56.36
C CYS A 1126 -71.89 44.53 55.04
N ASP A 1127 -72.88 45.12 54.37
CA ASP A 1127 -73.44 44.54 53.15
C ASP A 1127 -72.59 44.90 51.92
N VAL A 1128 -71.30 44.58 52.02
CA VAL A 1128 -70.37 44.76 50.91
C VAL A 1128 -69.57 43.48 50.73
N VAL A 1129 -69.64 42.60 51.72
CA VAL A 1129 -68.92 41.33 51.71
C VAL A 1129 -69.89 40.22 52.08
N ILE A 1130 -69.78 39.09 51.37
CA ILE A 1130 -70.63 37.93 51.61
C ILE A 1130 -69.94 37.03 52.63
N GLY A 1131 -70.65 36.74 53.73
CA GLY A 1131 -70.11 35.90 54.79
C GLY A 1131 -69.79 36.64 56.08
N ILE A 1132 -70.08 37.94 56.18
CA ILE A 1132 -69.77 38.68 57.38
C ILE A 1132 -70.74 38.28 58.49
N VAL A 1133 -70.20 38.12 59.70
CA VAL A 1133 -70.98 37.69 60.86
C VAL A 1133 -70.96 38.80 61.90
N ASN A 1134 -72.13 39.13 62.45
CA ASN A 1134 -72.22 40.14 63.48
C ASN A 1134 -71.48 39.70 64.74
N ASN A 1135 -70.68 40.59 65.29
CA ASN A 1135 -69.92 40.30 66.51
C ASN A 1135 -69.74 41.61 67.27
N THR A 1136 -68.89 41.58 68.30
CA THR A 1136 -68.61 42.75 69.12
C THR A 1136 -67.11 43.00 69.12
N VAL A 1137 -66.73 44.26 68.87
CA VAL A 1137 -65.33 44.67 68.84
C VAL A 1137 -65.05 45.46 70.11
N TYR A 1138 -63.99 45.06 70.83
CA TYR A 1138 -63.62 45.71 72.07
C TYR A 1138 -62.73 46.91 71.82
N ASP A 1139 -62.94 47.96 72.58
CA ASP A 1139 -62.15 49.19 72.47
C ASP A 1139 -61.45 49.45 73.81
N PRO A 1140 -60.12 49.34 73.88
CA PRO A 1140 -59.44 49.57 75.16
C PRO A 1140 -59.55 50.99 75.67
N LEU A 1141 -59.83 51.96 74.80
CA LEU A 1141 -59.92 53.35 75.23
C LEU A 1141 -61.22 53.66 75.99
N GLN A 1142 -62.25 52.83 75.81
CA GLN A 1142 -63.53 53.11 76.47
C GLN A 1142 -63.45 52.94 77.98
N PRO A 1143 -62.89 51.85 78.53
CA PRO A 1143 -62.76 51.77 79.99
C PRO A 1143 -61.82 52.79 80.59
N GLU A 1144 -60.87 53.30 79.80
CA GLU A 1144 -59.97 54.34 80.30
C GLU A 1144 -60.62 55.72 80.27
N LEU A 1145 -61.51 55.96 79.31
CA LEU A 1145 -62.21 57.23 79.22
C LEU A 1145 -63.47 57.29 80.08
N ASP A 1146 -64.02 56.13 80.47
CA ASP A 1146 -65.21 56.08 81.32
C ASP A 1146 -64.86 55.97 82.80
N SER A 1147 -63.71 56.47 83.21
CA SER A 1147 -63.31 56.41 84.61
C SER A 1147 -63.51 57.77 85.29
N GLN B 14 -42.11 1.02 -51.39
CA GLN B 14 -41.93 2.12 -52.33
C GLN B 14 -41.94 3.47 -51.60
N CYS B 15 -41.66 4.54 -52.34
CA CYS B 15 -41.64 5.89 -51.80
C CYS B 15 -42.59 6.76 -52.60
N VAL B 16 -43.47 7.48 -51.91
CA VAL B 16 -44.45 8.37 -52.52
C VAL B 16 -44.27 9.74 -51.88
N ASN B 17 -43.67 10.68 -52.61
CA ASN B 17 -43.45 12.03 -52.11
C ASN B 17 -44.75 12.81 -52.18
N LEU B 18 -45.36 13.05 -51.03
CA LEU B 18 -46.61 13.79 -50.99
C LEU B 18 -46.41 15.26 -51.37
N THR B 19 -47.40 15.83 -52.04
CA THR B 19 -47.34 17.23 -52.44
C THR B 19 -48.57 17.98 -51.96
N THR B 20 -48.69 19.24 -52.34
CA THR B 20 -49.81 20.11 -51.95
C THR B 20 -49.96 20.14 -50.43
N ARG B 21 -48.92 20.63 -49.76
CA ARG B 21 -48.88 20.72 -48.31
C ARG B 21 -48.60 22.17 -47.92
N THR B 22 -49.57 22.78 -47.24
CA THR B 22 -49.43 24.17 -46.83
C THR B 22 -48.37 24.30 -45.74
N GLN B 23 -47.44 25.24 -45.94
CA GLN B 23 -46.37 25.47 -44.98
C GLN B 23 -46.83 26.38 -43.86
N LEU B 24 -46.32 26.12 -42.65
CA LEU B 24 -46.69 26.91 -41.48
C LEU B 24 -45.59 26.78 -40.46
N PRO B 25 -45.20 27.86 -39.77
CA PRO B 25 -44.15 27.74 -38.76
C PRO B 25 -44.61 26.88 -37.60
N PRO B 26 -43.71 26.12 -36.99
CA PRO B 26 -44.10 25.23 -35.89
C PRO B 26 -44.58 26.02 -34.68
N ALA B 27 -45.56 25.46 -33.99
CA ALA B 27 -46.11 26.05 -32.77
C ALA B 27 -45.50 25.38 -31.54
N TYR B 28 -45.59 26.09 -30.42
CA TYR B 28 -45.02 25.62 -29.15
C TYR B 28 -46.05 25.78 -28.04
N THR B 29 -46.23 24.72 -27.26
CA THR B 29 -47.15 24.71 -26.13
C THR B 29 -46.38 24.43 -24.85
N ASN B 30 -47.11 24.27 -23.75
CA ASN B 30 -46.52 24.01 -22.45
C ASN B 30 -47.06 22.71 -21.87
N SER B 31 -46.17 21.89 -21.33
CA SER B 31 -46.54 20.61 -20.73
C SER B 31 -46.66 20.83 -19.21
N PHE B 32 -47.88 21.07 -18.76
CA PHE B 32 -48.14 21.34 -17.34
C PHE B 32 -48.10 20.04 -16.57
N THR B 33 -46.98 19.77 -15.89
CA THR B 33 -46.78 18.59 -15.05
C THR B 33 -47.10 17.31 -15.82
N ARG B 34 -46.32 17.07 -16.86
CA ARG B 34 -46.44 15.89 -17.69
C ARG B 34 -45.09 15.19 -17.82
N GLY B 35 -45.14 13.90 -18.09
CA GLY B 35 -43.93 13.12 -18.30
C GLY B 35 -43.41 12.34 -17.11
N VAL B 36 -44.14 12.34 -16.00
CA VAL B 36 -43.70 11.62 -14.81
C VAL B 36 -44.11 10.16 -14.93
N TYR B 37 -43.13 9.26 -14.88
CA TYR B 37 -43.35 7.83 -14.96
C TYR B 37 -42.77 7.15 -13.72
N TYR B 38 -42.84 5.82 -13.71
CA TYR B 38 -42.29 5.06 -12.60
C TYR B 38 -40.79 4.86 -12.78
N PRO B 39 -39.96 5.39 -11.87
CA PRO B 39 -38.50 5.22 -12.07
C PRO B 39 -38.03 3.79 -11.95
N ASP B 40 -38.54 3.05 -10.98
CA ASP B 40 -38.11 1.67 -10.76
C ASP B 40 -39.30 0.71 -10.78
N LYS B 41 -39.06 -0.54 -10.42
CA LYS B 41 -40.08 -1.58 -10.42
C LYS B 41 -40.26 -2.15 -9.01
N VAL B 42 -40.31 -1.27 -8.01
CA VAL B 42 -40.46 -1.66 -6.62
C VAL B 42 -41.74 -1.01 -6.10
N PHE B 43 -42.61 -1.83 -5.51
CA PHE B 43 -43.87 -1.33 -4.97
C PHE B 43 -43.61 -0.56 -3.67
N ARG B 44 -44.09 0.68 -3.62
CA ARG B 44 -43.97 1.52 -2.44
C ARG B 44 -45.25 2.32 -2.25
N SER B 45 -45.71 2.42 -1.01
CA SER B 45 -46.95 3.09 -0.69
C SER B 45 -46.76 4.00 0.52
N SER B 46 -47.40 5.16 0.49
CA SER B 46 -47.35 6.14 1.56
C SER B 46 -45.90 6.53 1.89
N VAL B 47 -45.20 6.99 0.85
CA VAL B 47 -43.80 7.38 0.97
C VAL B 47 -43.55 8.54 0.02
N LEU B 48 -42.50 9.31 0.32
CA LEU B 48 -42.12 10.45 -0.50
C LEU B 48 -40.72 10.27 -1.05
N HIS B 49 -40.43 9.07 -1.58
CA HIS B 49 -39.10 8.75 -2.08
C HIS B 49 -38.69 9.71 -3.19
N SER B 50 -37.43 10.15 -3.15
CA SER B 50 -36.88 11.06 -4.13
C SER B 50 -36.02 10.30 -5.13
N THR B 51 -36.17 10.62 -6.41
CA THR B 51 -35.45 9.95 -7.48
C THR B 51 -34.76 10.99 -8.36
N GLN B 52 -33.72 10.54 -9.06
CA GLN B 52 -32.96 11.38 -9.99
C GLN B 52 -32.74 10.55 -11.25
N ASP B 53 -33.61 10.76 -12.24
CA ASP B 53 -33.53 10.02 -13.50
C ASP B 53 -33.93 10.98 -14.62
N LEU B 54 -34.07 10.44 -15.83
CA LEU B 54 -34.43 11.24 -17.01
C LEU B 54 -35.94 11.44 -17.03
N PHE B 55 -36.39 12.60 -16.57
CA PHE B 55 -37.80 12.97 -16.58
C PHE B 55 -38.00 14.20 -17.45
N LEU B 56 -39.27 14.59 -17.61
CA LEU B 56 -39.61 15.79 -18.34
C LEU B 56 -39.79 16.94 -17.35
N PRO B 57 -39.05 18.04 -17.50
CA PRO B 57 -39.19 19.16 -16.55
C PRO B 57 -40.59 19.77 -16.63
N PHE B 58 -41.09 20.21 -15.49
CA PHE B 58 -42.41 20.83 -15.44
C PHE B 58 -42.39 22.19 -16.14
N PHE B 59 -43.52 22.52 -16.77
CA PHE B 59 -43.68 23.76 -17.52
C PHE B 59 -42.58 23.91 -18.57
N SER B 60 -42.38 22.86 -19.34
CA SER B 60 -41.38 22.82 -20.39
C SER B 60 -41.99 23.26 -21.72
N ASN B 61 -41.14 23.79 -22.59
CA ASN B 61 -41.57 24.28 -23.89
C ASN B 61 -41.48 23.14 -24.89
N VAL B 62 -42.62 22.52 -25.18
CA VAL B 62 -42.68 21.39 -26.10
C VAL B 62 -43.16 21.88 -27.46
N THR B 63 -42.84 21.11 -28.50
CA THR B 63 -43.23 21.46 -29.86
C THR B 63 -44.59 20.84 -30.17
N TRP B 64 -45.46 21.63 -30.80
CA TRP B 64 -46.82 21.22 -31.11
C TRP B 64 -46.94 21.03 -32.62
N PHE B 65 -47.44 19.86 -33.02
CA PHE B 65 -47.73 19.56 -34.41
C PHE B 65 -49.23 19.31 -34.58
N HIS B 66 -49.76 19.69 -35.73
CA HIS B 66 -51.19 19.57 -35.99
C HIS B 66 -51.42 19.28 -37.47
N ALA B 67 -52.60 18.77 -37.77
CA ALA B 67 -52.99 18.42 -39.14
C ALA B 67 -54.44 18.80 -39.43
N ILE B 68 -54.92 19.88 -38.83
CA ILE B 68 -56.32 20.26 -38.95
C ILE B 68 -56.56 20.97 -40.28
N HIS B 69 -57.46 20.42 -41.09
CA HIS B 69 -57.83 21.02 -42.37
C HIS B 69 -59.14 20.37 -42.83
N VAL B 70 -60.17 21.17 -43.08
CA VAL B 70 -61.44 20.61 -43.51
C VAL B 70 -61.60 20.78 -45.01
N SER B 71 -61.75 22.03 -45.47
CA SER B 71 -61.80 22.25 -46.91
C SER B 71 -60.90 23.39 -47.39
N GLY B 72 -60.87 24.50 -46.66
CA GLY B 72 -60.13 25.69 -47.05
C GLY B 72 -60.35 26.11 -48.49
N THR B 73 -59.40 26.88 -49.03
CA THR B 73 -59.30 27.10 -50.47
C THR B 73 -58.18 26.24 -51.05
N ASN B 74 -56.95 26.42 -50.55
CA ASN B 74 -55.91 25.42 -50.65
C ASN B 74 -55.80 24.59 -49.39
N GLY B 75 -56.59 24.90 -48.37
CA GLY B 75 -56.62 24.16 -47.13
C GLY B 75 -55.43 24.47 -46.23
N THR B 76 -55.35 23.72 -45.12
CA THR B 76 -54.24 23.84 -44.20
C THR B 76 -53.49 22.51 -44.18
N LYS B 77 -53.26 21.96 -45.38
CA LYS B 77 -52.58 20.67 -45.52
C LYS B 77 -51.26 20.67 -44.76
N ARG B 78 -51.17 19.81 -43.76
CA ARG B 78 -49.98 19.69 -42.93
C ARG B 78 -49.84 18.25 -42.49
N PHE B 79 -48.79 17.57 -42.95
CA PHE B 79 -48.51 16.19 -42.59
C PHE B 79 -47.17 16.20 -41.87
N ASP B 80 -47.22 16.42 -40.55
CA ASP B 80 -46.02 16.61 -39.75
C ASP B 80 -45.40 15.25 -39.46
N ASN B 81 -44.39 14.88 -40.25
CA ASN B 81 -43.58 13.69 -40.00
C ASN B 81 -42.11 14.02 -40.24
N PRO B 82 -41.56 14.95 -39.46
CA PRO B 82 -40.17 15.37 -39.68
C PRO B 82 -39.17 14.53 -38.90
N VAL B 83 -37.91 14.70 -39.26
CA VAL B 83 -36.82 14.04 -38.55
C VAL B 83 -36.46 14.90 -37.34
N LEU B 84 -36.65 14.35 -36.14
CA LEU B 84 -36.41 15.09 -34.91
C LEU B 84 -35.30 14.42 -34.10
N PRO B 85 -34.47 15.21 -33.42
CA PRO B 85 -33.37 14.62 -32.64
C PRO B 85 -33.87 13.85 -31.45
N PHE B 86 -33.07 12.86 -31.04
CA PHE B 86 -33.35 12.02 -29.87
C PHE B 86 -32.13 12.13 -28.96
N ASN B 87 -32.14 13.14 -28.09
CA ASN B 87 -30.98 13.41 -27.23
C ASN B 87 -30.89 12.44 -26.06
N ASP B 88 -31.92 12.44 -25.21
CA ASP B 88 -31.92 11.56 -24.04
C ASP B 88 -33.29 10.96 -23.76
N GLY B 89 -34.23 11.09 -24.70
CA GLY B 89 -35.58 10.60 -24.51
C GLY B 89 -36.59 11.63 -25.01
N VAL B 90 -37.75 11.15 -25.42
CA VAL B 90 -38.80 11.98 -25.99
C VAL B 90 -40.12 11.64 -25.32
N TYR B 91 -40.79 12.66 -24.78
CA TYR B 91 -42.13 12.52 -24.23
C TYR B 91 -43.12 12.72 -25.37
N PHE B 92 -43.66 11.62 -25.89
CA PHE B 92 -44.55 11.65 -27.03
C PHE B 92 -46.00 11.55 -26.55
N ALA B 93 -46.77 12.61 -26.78
CA ALA B 93 -48.21 12.61 -26.51
C ALA B 93 -48.96 12.60 -27.84
N SER B 94 -50.18 12.09 -27.81
CA SER B 94 -51.00 11.97 -29.01
C SER B 94 -52.46 12.21 -28.65
N THR B 95 -52.93 13.45 -28.86
CA THR B 95 -54.33 13.80 -28.64
C THR B 95 -55.05 13.64 -29.97
N GLU B 96 -55.55 12.44 -30.23
CA GLU B 96 -56.22 12.11 -31.48
C GLU B 96 -57.59 11.52 -31.19
N LYS B 97 -58.36 11.31 -32.26
CA LYS B 97 -59.69 10.73 -32.14
C LYS B 97 -60.00 9.64 -33.15
N SER B 98 -59.17 9.48 -34.21
CA SER B 98 -59.43 8.47 -35.23
C SER B 98 -58.21 7.58 -35.45
N ASN B 99 -57.31 7.49 -34.47
CA ASN B 99 -56.12 6.64 -34.55
C ASN B 99 -55.26 6.99 -35.76
N ILE B 100 -54.75 8.22 -35.74
CA ILE B 100 -53.90 8.69 -36.83
C ILE B 100 -52.47 8.20 -36.64
N ILE B 101 -51.86 8.52 -35.50
CA ILE B 101 -50.49 8.10 -35.21
C ILE B 101 -50.52 6.60 -34.91
N ARG B 102 -49.95 5.81 -35.81
CA ARG B 102 -49.97 4.35 -35.71
C ARG B 102 -48.58 3.77 -35.98
N GLY B 103 -47.57 4.35 -35.36
CA GLY B 103 -46.22 3.83 -35.49
C GLY B 103 -45.19 4.92 -35.33
N TRP B 104 -43.94 4.49 -35.16
CA TRP B 104 -42.80 5.38 -35.01
C TRP B 104 -41.61 4.79 -35.76
N ILE B 105 -40.54 5.58 -35.85
CA ILE B 105 -39.30 5.16 -36.50
C ILE B 105 -38.13 5.71 -35.70
N PHE B 106 -37.19 4.85 -35.32
CA PHE B 106 -36.04 5.24 -34.54
C PHE B 106 -34.76 4.80 -35.24
N GLY B 107 -33.72 5.62 -35.09
CA GLY B 107 -32.44 5.31 -35.71
C GLY B 107 -31.50 6.49 -35.58
N THR B 108 -30.43 6.44 -36.37
CA THR B 108 -29.45 7.52 -36.42
C THR B 108 -29.31 8.13 -37.81
N THR B 109 -29.23 7.30 -38.85
CA THR B 109 -29.12 7.79 -40.22
C THR B 109 -30.31 7.41 -41.08
N LEU B 110 -30.88 6.22 -40.87
CA LEU B 110 -32.05 5.76 -41.62
C LEU B 110 -31.80 5.72 -43.12
N ASP B 111 -30.60 5.28 -43.51
CA ASP B 111 -30.21 5.19 -44.90
C ASP B 111 -29.79 3.78 -45.28
N SER B 112 -30.37 2.78 -44.60
CA SER B 112 -30.06 1.37 -44.83
C SER B 112 -28.57 1.07 -44.67
N LYS B 113 -27.91 1.81 -43.78
CA LYS B 113 -26.49 1.61 -43.51
C LYS B 113 -26.23 1.23 -42.06
N THR B 114 -27.25 1.25 -41.20
CA THR B 114 -27.09 0.92 -39.79
C THR B 114 -28.40 0.31 -39.29
N GLN B 115 -28.37 -0.13 -38.04
CA GLN B 115 -29.53 -0.76 -37.42
C GLN B 115 -30.53 0.29 -36.99
N SER B 116 -31.81 0.05 -37.28
CA SER B 116 -32.88 0.98 -36.96
C SER B 116 -34.07 0.22 -36.41
N LEU B 117 -34.94 0.95 -35.71
CA LEU B 117 -36.15 0.38 -35.13
C LEU B 117 -37.35 0.60 -36.04
N LEU B 118 -38.46 -0.03 -35.67
CA LEU B 118 -39.72 0.12 -36.39
C LEU B 118 -40.85 -0.27 -35.46
N ILE B 119 -41.71 0.69 -35.13
CA ILE B 119 -42.78 0.47 -34.15
C ILE B 119 -44.13 0.63 -34.85
N VAL B 120 -44.20 0.25 -36.13
CA VAL B 120 -45.43 0.39 -36.89
C VAL B 120 -46.56 -0.40 -36.22
N ASN B 121 -47.77 0.14 -36.33
CA ASN B 121 -48.98 -0.45 -35.72
C ASN B 121 -50.06 -0.46 -36.79
N ASN B 122 -50.15 -1.56 -37.55
CA ASN B 122 -51.16 -1.69 -38.58
C ASN B 122 -52.48 -2.12 -37.95
N ALA B 123 -53.46 -2.47 -38.78
CA ALA B 123 -54.77 -2.88 -38.30
C ALA B 123 -54.85 -4.34 -37.93
N THR B 124 -53.76 -5.10 -38.07
CA THR B 124 -53.75 -6.52 -37.74
C THR B 124 -52.80 -6.85 -36.60
N ASN B 125 -51.55 -6.41 -36.68
CA ASN B 125 -50.56 -6.69 -35.65
C ASN B 125 -49.77 -5.41 -35.35
N VAL B 126 -48.88 -5.51 -34.37
CA VAL B 126 -48.00 -4.41 -34.01
C VAL B 126 -46.57 -4.93 -34.20
N VAL B 127 -46.02 -4.68 -35.38
CA VAL B 127 -44.69 -5.20 -35.72
C VAL B 127 -43.62 -4.32 -35.10
N ILE B 128 -42.73 -4.94 -34.32
CA ILE B 128 -41.65 -4.22 -33.65
C ILE B 128 -40.32 -4.77 -34.14
N LYS B 129 -40.26 -5.18 -35.39
CA LYS B 129 -39.05 -5.73 -35.97
C LYS B 129 -37.93 -4.69 -35.98
N VAL B 130 -36.69 -5.17 -35.94
CA VAL B 130 -35.52 -4.30 -35.89
C VAL B 130 -34.66 -4.54 -37.13
N CYS B 131 -35.30 -4.89 -38.24
CA CYS B 131 -34.56 -5.05 -39.48
C CYS B 131 -33.98 -3.72 -39.94
N GLU B 132 -33.04 -3.80 -40.88
CA GLU B 132 -32.37 -2.63 -41.43
C GLU B 132 -33.12 -2.21 -42.69
N PHE B 133 -33.89 -1.13 -42.59
CA PHE B 133 -34.75 -0.67 -43.68
C PHE B 133 -34.13 0.53 -44.40
N GLN B 134 -34.61 0.74 -45.62
CA GLN B 134 -34.31 1.95 -46.39
C GLN B 134 -35.55 2.83 -46.32
N PHE B 135 -35.56 3.75 -45.36
CA PHE B 135 -36.72 4.60 -45.13
C PHE B 135 -36.76 5.76 -46.13
N CYS B 136 -37.96 6.05 -46.62
CA CYS B 136 -38.13 7.14 -47.57
C CYS B 136 -37.99 8.49 -46.87
N ASN B 137 -38.03 9.56 -47.67
CA ASN B 137 -37.96 10.90 -47.10
C ASN B 137 -39.26 11.27 -46.37
N ASP B 138 -40.36 10.62 -46.72
CA ASP B 138 -41.67 10.86 -46.09
C ASP B 138 -42.38 9.54 -45.89
N PRO B 139 -41.99 8.76 -44.89
CA PRO B 139 -42.73 7.52 -44.59
C PRO B 139 -44.10 7.83 -44.02
N PHE B 140 -45.10 7.07 -44.46
CA PHE B 140 -46.47 7.32 -44.05
C PHE B 140 -47.29 6.05 -44.25
N LEU B 141 -48.48 6.06 -43.66
CA LEU B 141 -49.49 5.01 -43.83
C LEU B 141 -50.77 5.66 -44.34
N GLY B 142 -51.83 4.86 -44.45
CA GLY B 142 -53.10 5.38 -44.90
C GLY B 142 -54.21 4.36 -45.04
N VAL B 143 -55.44 4.82 -44.93
CA VAL B 143 -56.62 3.98 -45.14
C VAL B 143 -57.25 4.36 -46.47
N TYR B 144 -58.23 3.56 -46.89
CA TYR B 144 -58.93 3.77 -48.16
C TYR B 144 -60.42 3.61 -47.92
N TYR B 145 -61.12 4.73 -47.75
CA TYR B 145 -62.56 4.71 -47.57
C TYR B 145 -63.26 4.62 -48.92
N HIS B 146 -64.30 3.79 -48.99
CA HIS B 146 -65.03 3.55 -50.22
C HIS B 146 -66.44 4.09 -50.11
N LYS B 147 -67.07 4.27 -51.27
CA LYS B 147 -68.45 4.76 -51.35
C LYS B 147 -69.46 3.63 -51.51
N ASN B 148 -69.13 2.59 -52.28
CA ASN B 148 -70.02 1.45 -52.40
C ASN B 148 -70.08 0.65 -51.10
N ASN B 149 -68.96 0.55 -50.38
CA ASN B 149 -68.89 -0.11 -49.09
C ASN B 149 -68.36 0.86 -48.05
N LYS B 150 -68.97 0.85 -46.87
CA LYS B 150 -68.61 1.77 -45.79
C LYS B 150 -67.47 1.23 -44.92
N SER B 151 -66.66 0.31 -45.44
CA SER B 151 -65.54 -0.22 -44.68
C SER B 151 -64.33 0.71 -44.82
N TRP B 152 -63.26 0.36 -44.12
CA TRP B 152 -62.01 1.13 -44.14
C TRP B 152 -60.86 0.16 -44.41
N MET B 153 -60.56 -0.04 -45.69
CA MET B 153 -59.49 -0.95 -46.09
C MET B 153 -58.15 -0.24 -46.00
N GLU B 154 -57.27 -0.73 -45.14
CA GLU B 154 -55.93 -0.16 -44.98
C GLU B 154 -54.99 -0.91 -45.92
N SER B 155 -54.61 -0.25 -47.01
CA SER B 155 -53.72 -0.85 -48.00
C SER B 155 -52.69 0.15 -48.50
N GLU B 156 -52.28 1.10 -47.67
CA GLU B 156 -51.31 2.13 -48.02
C GLU B 156 -50.09 2.07 -47.11
N PHE B 157 -49.61 0.85 -46.85
CA PHE B 157 -48.42 0.66 -46.02
C PHE B 157 -47.19 0.82 -46.91
N ARG B 158 -46.65 2.04 -46.92
CA ARG B 158 -45.52 2.41 -47.77
C ARG B 158 -44.41 3.02 -46.93
N VAL B 159 -44.08 2.37 -45.81
CA VAL B 159 -43.07 2.90 -44.91
C VAL B 159 -41.66 2.61 -45.44
N TYR B 160 -41.32 1.35 -45.58
CA TYR B 160 -40.00 0.93 -46.03
C TYR B 160 -40.10 0.22 -47.39
N SER B 161 -38.93 -0.06 -47.96
CA SER B 161 -38.86 -0.72 -49.26
C SER B 161 -37.97 -1.95 -49.20
N SER B 162 -36.90 -1.88 -48.41
CA SER B 162 -35.93 -2.96 -48.30
C SER B 162 -36.07 -3.67 -46.95
N ALA B 163 -35.48 -4.87 -46.87
CA ALA B 163 -35.51 -5.68 -45.65
C ALA B 163 -34.15 -6.36 -45.51
N ASN B 164 -33.25 -5.72 -44.77
CA ASN B 164 -31.93 -6.28 -44.49
C ASN B 164 -32.00 -7.06 -43.18
N ASN B 165 -30.84 -7.43 -42.63
CA ASN B 165 -30.77 -8.25 -41.43
C ASN B 165 -31.57 -7.63 -40.29
N CYS B 166 -32.18 -8.50 -39.48
CA CYS B 166 -32.98 -8.10 -38.33
C CYS B 166 -32.21 -8.36 -37.04
N THR B 167 -32.71 -7.76 -35.96
CA THR B 167 -32.14 -7.95 -34.63
C THR B 167 -33.11 -8.65 -33.69
N PHE B 168 -34.33 -8.12 -33.55
CA PHE B 168 -35.34 -8.71 -32.66
C PHE B 168 -36.71 -8.54 -33.33
N GLU B 169 -37.12 -9.54 -34.09
CA GLU B 169 -38.42 -9.53 -34.75
C GLU B 169 -39.48 -10.03 -33.79
N TYR B 170 -40.52 -9.23 -33.57
CA TYR B 170 -41.57 -9.56 -32.61
C TYR B 170 -42.91 -9.10 -33.17
N VAL B 171 -43.74 -10.06 -33.56
CA VAL B 171 -45.10 -9.77 -33.99
C VAL B 171 -46.01 -9.75 -32.76
N SER B 172 -47.20 -9.18 -32.93
CA SER B 172 -48.18 -9.08 -31.86
C SER B 172 -49.38 -9.97 -32.17
N GLN B 173 -50.32 -10.03 -31.23
CA GLN B 173 -51.50 -10.86 -31.41
C GLN B 173 -52.44 -10.21 -32.43
N PRO B 174 -53.11 -11.01 -33.26
CA PRO B 174 -54.04 -10.44 -34.25
C PRO B 174 -55.24 -9.79 -33.56
N PHE B 175 -55.59 -8.59 -34.02
CA PHE B 175 -56.73 -7.86 -33.49
C PHE B 175 -57.43 -7.17 -34.65
N LEU B 176 -58.39 -6.30 -34.33
CA LEU B 176 -59.14 -5.56 -35.34
C LEU B 176 -59.25 -4.11 -34.87
N MET B 177 -58.43 -3.25 -35.46
CA MET B 177 -58.46 -1.83 -35.10
C MET B 177 -59.62 -1.14 -35.80
N ASP B 178 -60.06 -0.02 -35.21
CA ASP B 178 -61.25 0.66 -35.70
C ASP B 178 -60.99 1.33 -37.05
N LEU B 179 -60.06 2.29 -37.07
CA LEU B 179 -59.65 2.98 -38.31
C LEU B 179 -60.82 3.66 -39.00
N GLU B 180 -61.77 4.18 -38.23
CA GLU B 180 -62.92 4.88 -38.78
C GLU B 180 -62.77 6.38 -38.56
N GLY B 181 -63.49 7.15 -39.39
CA GLY B 181 -63.46 8.60 -39.31
C GLY B 181 -64.53 9.11 -38.38
N LYS B 182 -64.13 9.93 -37.41
CA LYS B 182 -65.05 10.48 -36.43
C LYS B 182 -64.78 11.98 -36.27
N GLN B 183 -65.85 12.73 -36.10
CA GLN B 183 -65.78 14.18 -35.93
C GLN B 183 -66.25 14.55 -34.54
N GLY B 184 -65.66 15.61 -33.98
CA GLY B 184 -66.01 16.11 -32.67
C GLY B 184 -64.77 16.32 -31.83
N ASN B 185 -64.97 16.34 -30.52
CA ASN B 185 -63.86 16.56 -29.60
C ASN B 185 -62.97 15.33 -29.51
N PHE B 186 -61.68 15.56 -29.30
CA PHE B 186 -60.74 14.47 -29.12
C PHE B 186 -60.94 13.80 -27.76
N LYS B 187 -60.93 12.47 -27.75
CA LYS B 187 -61.17 11.72 -26.53
C LYS B 187 -60.22 10.54 -26.39
N ASN B 188 -59.00 10.66 -26.92
CA ASN B 188 -58.00 9.60 -26.84
C ASN B 188 -56.64 10.26 -26.65
N LEU B 189 -56.17 10.30 -25.40
CA LEU B 189 -54.86 10.86 -25.06
C LEU B 189 -53.94 9.71 -24.70
N ARG B 190 -53.00 9.40 -25.60
CA ARG B 190 -52.05 8.31 -25.42
C ARG B 190 -50.65 8.90 -25.27
N GLU B 191 -50.12 8.87 -24.05
CA GLU B 191 -48.80 9.40 -23.78
C GLU B 191 -47.74 8.29 -23.89
N PHE B 192 -46.55 8.68 -24.31
CA PHE B 192 -45.44 7.74 -24.47
C PHE B 192 -44.14 8.43 -24.10
N VAL B 193 -43.31 7.72 -23.33
CA VAL B 193 -42.00 8.22 -22.91
C VAL B 193 -40.97 7.21 -23.38
N PHE B 194 -40.34 7.47 -24.52
CA PHE B 194 -39.32 6.59 -25.06
C PHE B 194 -37.96 6.96 -24.49
N LYS B 195 -37.17 5.94 -24.15
CA LYS B 195 -35.84 6.14 -23.60
C LYS B 195 -34.99 4.91 -23.88
N ASN B 196 -33.73 5.14 -24.20
CA ASN B 196 -32.79 4.07 -24.55
C ASN B 196 -31.55 4.21 -23.66
N ILE B 197 -31.58 3.54 -22.50
CA ILE B 197 -30.47 3.53 -21.57
C ILE B 197 -30.17 2.08 -21.19
N ASP B 198 -28.90 1.82 -20.89
CA ASP B 198 -28.43 0.49 -20.47
C ASP B 198 -28.76 -0.58 -21.49
N GLY B 199 -28.73 -0.22 -22.78
CA GLY B 199 -29.04 -1.15 -23.84
C GLY B 199 -30.49 -1.55 -23.95
N TYR B 200 -31.37 -0.97 -23.16
CA TYR B 200 -32.80 -1.28 -23.18
C TYR B 200 -33.57 -0.09 -23.74
N PHE B 201 -34.49 -0.37 -24.66
CA PHE B 201 -35.37 0.65 -25.23
C PHE B 201 -36.69 0.60 -24.47
N LYS B 202 -36.72 1.30 -23.34
CA LYS B 202 -37.91 1.30 -22.49
C LYS B 202 -39.01 2.16 -23.09
N ILE B 203 -40.24 1.64 -23.04
CA ILE B 203 -41.41 2.33 -23.58
C ILE B 203 -42.46 2.40 -22.48
N TYR B 204 -43.04 3.59 -22.30
CA TYR B 204 -44.11 3.81 -21.34
C TYR B 204 -45.38 4.20 -22.07
N SER B 205 -46.52 3.97 -21.42
CA SER B 205 -47.81 4.27 -22.02
C SER B 205 -48.85 4.46 -20.93
N LYS B 206 -49.75 5.42 -21.15
CA LYS B 206 -50.83 5.67 -20.20
C LYS B 206 -51.99 6.32 -20.96
N HIS B 207 -53.02 5.53 -21.24
CA HIS B 207 -54.19 6.01 -21.97
C HIS B 207 -55.19 6.61 -20.98
N THR B 208 -55.56 7.87 -21.19
CA THR B 208 -56.49 8.55 -20.31
C THR B 208 -57.53 9.32 -21.13
N PRO B 209 -58.81 9.01 -20.98
CA PRO B 209 -59.83 9.75 -21.73
C PRO B 209 -59.95 11.19 -21.24
N ILE B 210 -60.22 12.09 -22.18
CA ILE B 210 -60.37 13.52 -21.88
C ILE B 210 -61.33 14.11 -22.91
N ASN B 211 -61.79 15.34 -22.65
CA ASN B 211 -62.71 16.05 -23.53
C ASN B 211 -62.08 17.41 -23.85
N LEU B 212 -61.29 17.46 -24.93
CA LEU B 212 -60.61 18.68 -25.30
C LEU B 212 -60.20 18.59 -26.77
N VAL B 213 -60.17 19.75 -27.43
CA VAL B 213 -59.81 19.82 -28.84
C VAL B 213 -58.47 20.49 -29.07
N ARG B 214 -58.06 21.42 -28.21
CA ARG B 214 -56.84 22.17 -28.41
C ARG B 214 -56.37 22.68 -27.05
N ASP B 215 -55.07 23.02 -26.98
CA ASP B 215 -54.43 23.45 -25.73
C ASP B 215 -54.53 22.35 -24.67
N LEU B 216 -53.80 21.27 -24.94
CA LEU B 216 -53.79 20.01 -24.20
C LEU B 216 -53.93 20.22 -22.70
N PRO B 217 -54.77 19.44 -22.04
CA PRO B 217 -55.12 19.72 -20.64
C PRO B 217 -53.95 19.54 -19.70
N GLN B 218 -54.11 20.10 -18.50
CA GLN B 218 -53.14 19.97 -17.42
C GLN B 218 -53.60 18.93 -16.42
N GLY B 219 -52.64 18.23 -15.85
CA GLY B 219 -52.93 17.18 -14.87
C GLY B 219 -51.78 16.23 -14.74
N PHE B 220 -51.86 15.41 -13.69
CA PHE B 220 -50.82 14.45 -13.35
C PHE B 220 -51.32 13.06 -13.71
N SER B 221 -50.50 12.31 -14.46
CA SER B 221 -50.85 10.95 -14.86
C SER B 221 -49.56 10.15 -15.01
N ALA B 222 -49.34 9.21 -14.09
CA ALA B 222 -48.13 8.40 -14.14
C ALA B 222 -48.22 7.38 -15.27
N LEU B 223 -47.10 7.14 -15.93
CA LEU B 223 -47.03 6.21 -17.06
C LEU B 223 -46.38 4.92 -16.60
N GLU B 224 -47.09 3.80 -16.75
CA GLU B 224 -46.56 2.50 -16.38
C GLU B 224 -45.67 1.95 -17.50
N PRO B 225 -44.65 1.16 -17.14
CA PRO B 225 -43.79 0.57 -18.17
C PRO B 225 -44.58 -0.39 -19.06
N LEU B 226 -44.12 -0.51 -20.30
CA LEU B 226 -44.78 -1.36 -21.29
C LEU B 226 -43.89 -2.45 -21.85
N VAL B 227 -42.61 -2.14 -22.12
CA VAL B 227 -41.70 -3.11 -22.70
C VAL B 227 -40.28 -2.69 -22.37
N ASP B 228 -39.35 -3.64 -22.42
CA ASP B 228 -37.93 -3.43 -22.14
C ASP B 228 -37.08 -4.06 -23.22
N LEU B 229 -37.40 -3.76 -24.48
CA LEU B 229 -36.74 -4.33 -25.65
C LEU B 229 -35.22 -4.18 -25.54
N PRO B 230 -34.46 -5.27 -25.48
CA PRO B 230 -32.99 -5.21 -25.40
C PRO B 230 -32.34 -5.16 -26.78
N ILE B 231 -32.44 -4.01 -27.43
CA ILE B 231 -31.86 -3.83 -28.76
C ILE B 231 -30.47 -3.22 -28.69
N GLY B 232 -30.30 -2.19 -27.86
CA GLY B 232 -29.01 -1.56 -27.68
C GLY B 232 -28.37 -1.04 -28.95
N ILE B 233 -29.06 -0.15 -29.65
CA ILE B 233 -28.56 0.44 -30.88
C ILE B 233 -28.42 1.95 -30.68
N ASN B 234 -27.66 2.56 -31.59
CA ASN B 234 -27.42 4.00 -31.55
C ASN B 234 -28.64 4.72 -32.11
N ILE B 235 -29.35 5.45 -31.24
CA ILE B 235 -30.56 6.18 -31.62
C ILE B 235 -30.28 7.67 -31.47
N THR B 236 -30.39 8.40 -32.56
CA THR B 236 -30.14 9.84 -32.55
C THR B 236 -31.30 10.64 -33.14
N ARG B 237 -31.95 10.13 -34.18
CA ARG B 237 -33.04 10.84 -34.85
C ARG B 237 -34.23 9.91 -35.00
N PHE B 238 -35.42 10.47 -34.75
CA PHE B 238 -36.66 9.69 -34.86
C PHE B 238 -37.65 10.45 -35.72
N GLN B 239 -38.70 9.75 -36.15
CA GLN B 239 -39.71 10.34 -37.02
C GLN B 239 -41.05 9.67 -36.74
N THR B 240 -42.10 10.48 -36.65
CA THR B 240 -43.44 9.97 -36.39
C THR B 240 -44.06 9.45 -37.68
N LEU B 241 -45.03 8.54 -37.53
CA LEU B 241 -45.72 7.93 -38.66
C LEU B 241 -47.22 8.15 -38.48
N LEU B 242 -47.82 8.86 -39.44
CA LEU B 242 -49.26 9.14 -39.43
C LEU B 242 -49.94 8.36 -40.53
N ALA B 243 -51.27 8.37 -40.49
CA ALA B 243 -52.10 7.66 -41.46
C ALA B 243 -53.12 8.62 -42.05
N LEU B 244 -53.05 8.81 -43.37
CA LEU B 244 -53.98 9.71 -44.05
C LEU B 244 -55.28 8.98 -44.39
N HIS B 245 -56.37 9.74 -44.39
CA HIS B 245 -57.70 9.20 -44.69
C HIS B 245 -58.04 9.46 -46.15
N ARG B 246 -57.29 8.78 -47.03
CA ARG B 246 -57.55 8.89 -48.46
C ARG B 246 -58.84 8.18 -48.82
N SER B 247 -59.64 8.82 -49.67
CA SER B 247 -60.93 8.27 -50.08
C SER B 247 -61.24 8.78 -51.49
N TYR B 248 -62.42 8.40 -51.98
CA TYR B 248 -62.87 8.82 -53.31
C TYR B 248 -63.64 10.13 -53.29
N LEU B 249 -63.89 10.71 -52.12
CA LEU B 249 -64.60 11.97 -52.05
C LEU B 249 -63.75 13.12 -52.54
N THR B 250 -62.44 13.09 -52.26
CA THR B 250 -61.50 14.10 -52.72
C THR B 250 -60.54 13.45 -53.70
N PRO B 251 -60.83 13.49 -55.00
CA PRO B 251 -59.94 12.84 -55.98
C PRO B 251 -58.66 13.62 -56.22
N GLY B 252 -57.80 13.09 -57.06
CA GLY B 252 -56.54 13.73 -57.36
C GLY B 252 -55.50 12.70 -57.76
N ASP B 253 -54.24 13.08 -57.60
CA ASP B 253 -53.13 12.19 -57.94
C ASP B 253 -52.83 11.27 -56.76
N SER B 254 -51.94 10.30 -57.00
CA SER B 254 -51.55 9.37 -55.95
C SER B 254 -50.80 10.05 -54.81
N SER B 255 -50.27 11.26 -55.05
CA SER B 255 -49.56 12.00 -54.02
C SER B 255 -50.13 13.40 -53.82
N SER B 256 -51.29 13.70 -54.40
CA SER B 256 -51.89 15.02 -54.27
C SER B 256 -53.33 14.91 -53.75
N GLY B 257 -54.03 13.85 -54.16
CA GLY B 257 -55.40 13.64 -53.76
C GLY B 257 -55.59 13.06 -52.37
N TRP B 258 -54.50 12.86 -51.62
CA TRP B 258 -54.62 12.31 -50.28
C TRP B 258 -55.28 13.31 -49.33
N THR B 259 -56.18 12.81 -48.50
CA THR B 259 -56.90 13.63 -47.53
C THR B 259 -56.43 13.30 -46.13
N ALA B 260 -56.09 14.33 -45.37
CA ALA B 260 -55.62 14.17 -44.00
C ALA B 260 -56.80 14.22 -43.03
N GLY B 261 -56.57 13.70 -41.83
CA GLY B 261 -57.56 13.66 -40.78
C GLY B 261 -57.42 14.81 -39.81
N ALA B 262 -57.73 14.53 -38.54
CA ALA B 262 -57.65 15.52 -37.47
C ALA B 262 -56.94 14.90 -36.28
N ALA B 263 -55.73 15.37 -35.99
CA ALA B 263 -54.95 14.86 -34.88
C ALA B 263 -53.88 15.88 -34.52
N ALA B 264 -53.20 15.63 -33.41
CA ALA B 264 -52.14 16.52 -32.94
C ALA B 264 -51.28 15.75 -31.94
N TYR B 265 -49.98 15.73 -32.17
CA TYR B 265 -49.03 15.04 -31.30
C TYR B 265 -47.98 16.02 -30.82
N TYR B 266 -47.58 15.88 -29.55
CA TYR B 266 -46.62 16.75 -28.91
C TYR B 266 -45.31 16.01 -28.70
N VAL B 267 -44.20 16.68 -28.98
CA VAL B 267 -42.86 16.11 -28.86
C VAL B 267 -42.12 16.85 -27.75
N GLY B 268 -41.51 16.08 -26.84
CA GLY B 268 -40.73 16.65 -25.76
C GLY B 268 -39.34 16.05 -25.71
N TYR B 269 -38.58 16.50 -24.71
CA TYR B 269 -37.22 16.03 -24.51
C TYR B 269 -36.97 15.85 -23.02
N LEU B 270 -36.28 14.76 -22.67
CA LEU B 270 -36.00 14.43 -21.29
C LEU B 270 -34.65 14.99 -20.87
N GLN B 271 -34.56 15.42 -19.61
CA GLN B 271 -33.34 15.97 -19.04
C GLN B 271 -33.15 15.40 -17.64
N PRO B 272 -31.91 15.23 -17.19
CA PRO B 272 -31.69 14.74 -15.83
C PRO B 272 -32.20 15.71 -14.77
N ARG B 273 -33.25 15.32 -14.06
CA ARG B 273 -33.88 16.18 -13.07
C ARG B 273 -34.15 15.39 -11.80
N THR B 274 -34.32 16.11 -10.70
CA THR B 274 -34.60 15.50 -9.40
C THR B 274 -36.08 15.72 -9.07
N PHE B 275 -36.76 14.64 -8.68
CA PHE B 275 -38.18 14.69 -8.37
C PHE B 275 -38.43 14.12 -6.99
N LEU B 276 -39.58 14.47 -6.43
CA LEU B 276 -40.04 14.02 -5.12
C LEU B 276 -41.44 13.41 -5.24
N LEU B 277 -41.60 12.50 -6.19
CA LEU B 277 -42.91 11.93 -6.48
C LEU B 277 -43.53 11.27 -5.24
N LYS B 278 -44.83 11.43 -5.10
CA LYS B 278 -45.57 10.92 -3.95
C LYS B 278 -46.34 9.65 -4.35
N TYR B 279 -46.18 8.60 -3.56
CA TYR B 279 -46.93 7.37 -3.77
C TYR B 279 -48.19 7.38 -2.92
N ASN B 280 -49.28 6.91 -3.51
CA ASN B 280 -50.57 6.90 -2.83
C ASN B 280 -50.68 5.69 -1.91
N GLU B 281 -51.83 5.57 -1.24
CA GLU B 281 -52.04 4.44 -0.33
C GLU B 281 -52.13 3.12 -1.09
N ASN B 282 -52.51 3.15 -2.36
CA ASN B 282 -52.58 1.95 -3.18
C ASN B 282 -51.32 1.71 -3.98
N GLY B 283 -50.29 2.53 -3.82
CA GLY B 283 -49.04 2.32 -4.53
C GLY B 283 -48.99 2.90 -5.92
N THR B 284 -49.52 4.10 -6.11
CA THR B 284 -49.50 4.77 -7.40
C THR B 284 -49.03 6.20 -7.23
N ILE B 285 -48.27 6.69 -8.21
CA ILE B 285 -47.75 8.05 -8.14
C ILE B 285 -48.87 9.04 -8.45
N THR B 286 -49.02 10.04 -7.59
CA THR B 286 -50.09 11.02 -7.73
C THR B 286 -49.62 12.47 -7.82
N ASP B 287 -48.36 12.75 -7.48
CA ASP B 287 -47.86 14.12 -7.51
C ASP B 287 -46.34 14.08 -7.66
N ALA B 288 -45.78 15.25 -7.94
CA ALA B 288 -44.34 15.40 -8.07
C ALA B 288 -43.99 16.86 -7.82
N VAL B 289 -42.73 17.10 -7.46
CA VAL B 289 -42.28 18.44 -7.10
C VAL B 289 -41.28 19.01 -8.08
N ASP B 290 -40.46 18.18 -8.72
CA ASP B 290 -39.50 18.65 -9.73
C ASP B 290 -38.57 19.70 -9.15
N CYS B 291 -37.71 19.29 -8.22
CA CYS B 291 -36.92 20.24 -7.42
C CYS B 291 -35.79 20.86 -8.22
N ALA B 292 -36.15 21.40 -9.38
CA ALA B 292 -35.21 22.19 -10.16
C ALA B 292 -35.86 23.42 -10.78
N LEU B 293 -37.15 23.65 -10.57
CA LEU B 293 -37.88 24.71 -11.25
C LEU B 293 -37.85 26.02 -10.45
N ASP B 294 -38.32 25.97 -9.21
CA ASP B 294 -38.51 27.17 -8.42
C ASP B 294 -38.01 26.93 -7.00
N PRO B 295 -37.61 28.00 -6.29
CA PRO B 295 -37.19 27.84 -4.89
C PRO B 295 -38.28 27.27 -4.00
N LEU B 296 -39.55 27.47 -4.35
CA LEU B 296 -40.63 26.84 -3.59
C LEU B 296 -40.52 25.32 -3.66
N SER B 297 -40.34 24.78 -4.86
CA SER B 297 -40.17 23.34 -5.01
C SER B 297 -38.87 22.87 -4.37
N GLU B 298 -37.80 23.68 -4.46
CA GLU B 298 -36.56 23.33 -3.80
C GLU B 298 -36.76 23.19 -2.29
N THR B 299 -37.48 24.12 -1.68
CA THR B 299 -37.76 24.04 -0.25
C THR B 299 -38.66 22.87 0.08
N LYS B 300 -39.68 22.62 -0.76
CA LYS B 300 -40.56 21.48 -0.53
C LYS B 300 -39.81 20.17 -0.57
N CYS B 301 -38.77 20.07 -1.40
CA CYS B 301 -37.99 18.83 -1.46
C CYS B 301 -36.98 18.75 -0.33
N THR B 302 -36.35 19.88 0.03
CA THR B 302 -35.39 19.86 1.13
C THR B 302 -36.07 19.59 2.47
N LEU B 303 -37.35 19.94 2.58
CA LEU B 303 -38.11 19.64 3.79
C LEU B 303 -38.75 18.25 3.77
N LYS B 304 -38.68 17.54 2.65
CA LYS B 304 -39.20 16.18 2.51
C LYS B 304 -40.70 16.14 2.82
N SER B 305 -41.44 16.98 2.12
CA SER B 305 -42.88 17.08 2.30
C SER B 305 -43.48 17.75 1.07
N PHE B 306 -44.77 18.08 1.15
CA PHE B 306 -45.47 18.77 0.08
C PHE B 306 -46.12 20.07 0.53
N THR B 307 -46.00 20.43 1.80
CA THR B 307 -46.59 21.66 2.33
C THR B 307 -45.61 22.29 3.30
N VAL B 308 -45.02 23.41 2.90
CA VAL B 308 -44.05 24.11 3.73
C VAL B 308 -44.79 25.05 4.68
N GLU B 309 -44.10 25.48 5.73
CA GLU B 309 -44.63 26.39 6.72
C GLU B 309 -44.00 27.78 6.54
N LYS B 310 -44.41 28.71 7.40
CA LYS B 310 -43.89 30.07 7.34
C LYS B 310 -42.55 30.14 8.04
N GLY B 311 -41.53 30.58 7.33
CA GLY B 311 -40.20 30.70 7.90
C GLY B 311 -39.15 30.77 6.80
N ILE B 312 -37.91 30.60 7.23
CA ILE B 312 -36.75 30.61 6.34
C ILE B 312 -36.07 29.25 6.41
N TYR B 313 -35.81 28.66 5.25
CA TYR B 313 -35.24 27.32 5.16
C TYR B 313 -34.01 27.35 4.27
N GLN B 314 -32.90 26.83 4.79
CA GLN B 314 -31.68 26.70 4.00
C GLN B 314 -31.82 25.53 3.03
N THR B 315 -31.83 25.82 1.73
CA THR B 315 -32.04 24.81 0.70
C THR B 315 -30.75 24.32 0.07
N SER B 316 -29.93 25.23 -0.44
CA SER B 316 -28.69 24.86 -1.13
C SER B 316 -27.64 25.93 -0.85
N ASN B 317 -26.53 25.87 -1.59
CA ASN B 317 -25.44 26.81 -1.44
C ASN B 317 -25.12 27.43 -2.80
N PHE B 318 -24.50 28.61 -2.74
CA PHE B 318 -24.11 29.35 -3.93
C PHE B 318 -22.58 29.43 -4.01
N ARG B 319 -22.03 29.02 -5.14
CA ARG B 319 -20.58 29.04 -5.36
C ARG B 319 -20.30 29.54 -6.76
N VAL B 320 -19.48 30.58 -6.86
CA VAL B 320 -19.10 31.11 -8.17
C VAL B 320 -18.11 30.15 -8.83
N GLN B 321 -18.48 29.63 -9.99
CA GLN B 321 -17.63 28.67 -10.68
C GLN B 321 -16.50 29.39 -11.41
N PRO B 322 -15.30 28.80 -11.45
CA PRO B 322 -14.20 29.42 -12.19
C PRO B 322 -14.49 29.45 -13.68
N THR B 323 -14.21 30.59 -14.31
CA THR B 323 -14.48 30.76 -15.73
C THR B 323 -13.27 30.41 -16.58
N GLU B 324 -12.15 31.07 -16.35
CA GLU B 324 -10.92 30.86 -17.10
C GLU B 324 -9.90 30.13 -16.25
N SER B 325 -8.71 29.93 -16.83
CA SER B 325 -7.60 29.29 -16.15
C SER B 325 -6.31 30.00 -16.52
N ILE B 326 -5.46 30.22 -15.52
CA ILE B 326 -4.21 30.96 -15.70
C ILE B 326 -3.06 30.08 -15.21
N VAL B 327 -2.00 30.00 -16.03
CA VAL B 327 -0.81 29.24 -15.70
C VAL B 327 0.38 30.19 -15.76
N ARG B 328 1.13 30.27 -14.67
CA ARG B 328 2.25 31.19 -14.55
C ARG B 328 3.51 30.42 -14.21
N PHE B 329 4.60 30.72 -14.90
CA PHE B 329 5.89 30.10 -14.68
C PHE B 329 6.98 31.12 -14.98
N PRO B 330 8.17 30.97 -14.39
CA PRO B 330 9.25 31.92 -14.66
C PRO B 330 9.64 31.93 -16.13
N ASN B 331 10.44 32.94 -16.48
CA ASN B 331 10.89 33.09 -17.86
C ASN B 331 11.76 31.91 -18.27
N ILE B 332 11.67 31.54 -19.55
CA ILE B 332 12.44 30.43 -20.10
C ILE B 332 13.81 30.98 -20.50
N THR B 333 14.82 30.71 -19.67
CA THR B 333 16.17 31.16 -19.91
C THR B 333 17.12 29.97 -19.76
N ASN B 334 18.42 30.24 -19.95
CA ASN B 334 19.47 29.23 -19.86
C ASN B 334 19.19 28.07 -20.82
N LEU B 335 19.10 28.41 -22.11
CA LEU B 335 18.82 27.41 -23.13
C LEU B 335 20.02 26.48 -23.30
N CYS B 336 19.73 25.20 -23.49
CA CYS B 336 20.81 24.23 -23.65
C CYS B 336 21.49 24.41 -25.01
N PRO B 337 22.80 24.19 -25.09
CA PRO B 337 23.49 24.36 -26.37
C PRO B 337 23.21 23.24 -27.36
N PHE B 338 21.97 23.15 -27.83
CA PHE B 338 21.64 22.14 -28.83
C PHE B 338 22.23 22.48 -30.19
N GLY B 339 22.47 23.77 -30.46
CA GLY B 339 23.04 24.16 -31.73
C GLY B 339 24.48 23.74 -31.90
N GLU B 340 25.19 23.46 -30.81
CA GLU B 340 26.59 23.06 -30.91
C GLU B 340 26.71 21.61 -31.38
N VAL B 341 25.88 20.73 -30.82
CA VAL B 341 25.99 19.31 -31.16
C VAL B 341 25.33 19.02 -32.50
N PHE B 342 24.23 19.71 -32.81
CA PHE B 342 23.53 19.48 -34.08
C PHE B 342 24.15 20.28 -35.22
N ASN B 343 24.19 21.60 -35.08
CA ASN B 343 24.76 22.47 -36.11
C ASN B 343 26.25 22.68 -35.81
N ALA B 344 27.05 21.68 -36.14
CA ALA B 344 28.49 21.72 -35.94
C ALA B 344 29.21 21.76 -37.27
N THR B 345 30.38 22.41 -37.27
CA THR B 345 31.16 22.52 -38.50
C THR B 345 31.72 21.16 -38.93
N ARG B 346 32.35 20.45 -38.00
CA ARG B 346 32.93 19.14 -38.28
C ARG B 346 32.53 18.16 -37.19
N PHE B 347 32.07 16.98 -37.60
CA PHE B 347 31.69 15.93 -36.66
C PHE B 347 32.81 14.91 -36.54
N ALA B 348 32.70 14.06 -35.52
CA ALA B 348 33.66 13.00 -35.26
C ALA B 348 33.21 11.70 -35.89
N SER B 349 34.17 10.79 -36.07
CA SER B 349 33.89 9.50 -36.67
C SER B 349 33.21 8.58 -35.66
N VAL B 350 32.74 7.43 -36.15
CA VAL B 350 32.09 6.47 -35.28
C VAL B 350 33.11 5.80 -34.35
N TYR B 351 34.35 5.69 -34.80
CA TYR B 351 35.40 5.11 -33.97
C TYR B 351 35.65 5.97 -32.73
N ALA B 352 36.10 7.20 -32.94
CA ALA B 352 36.33 8.15 -31.84
C ALA B 352 35.12 9.07 -31.70
N TRP B 353 33.99 8.47 -31.31
CA TRP B 353 32.76 9.23 -31.13
C TRP B 353 32.88 10.15 -29.93
N ASN B 354 32.52 11.42 -30.11
CA ASN B 354 32.66 12.41 -29.07
C ASN B 354 31.58 12.22 -28.00
N ARG B 355 31.74 12.96 -26.90
CA ARG B 355 30.82 12.92 -25.78
C ARG B 355 30.50 14.34 -25.32
N LYS B 356 29.26 14.55 -24.88
CA LYS B 356 28.82 15.87 -24.42
C LYS B 356 27.71 15.67 -23.40
N ARG B 357 28.03 15.88 -22.12
CA ARG B 357 27.06 15.72 -21.04
C ARG B 357 26.51 17.09 -20.67
N ILE B 358 25.59 17.58 -21.50
CA ILE B 358 24.95 18.87 -21.25
C ILE B 358 23.99 18.72 -20.09
N SER B 359 24.19 19.54 -19.05
CA SER B 359 23.35 19.51 -17.86
C SER B 359 23.11 20.93 -17.37
N ASN B 360 22.21 21.06 -16.40
CA ASN B 360 21.86 22.35 -15.80
C ASN B 360 21.40 23.34 -16.86
N CYS B 361 20.30 22.98 -17.54
CA CYS B 361 19.79 23.79 -18.62
C CYS B 361 18.30 23.54 -18.76
N VAL B 362 17.60 24.53 -19.32
CA VAL B 362 16.18 24.41 -19.64
C VAL B 362 16.11 24.09 -21.13
N ALA B 363 16.10 22.80 -21.45
CA ALA B 363 16.14 22.34 -22.83
C ALA B 363 14.73 22.07 -23.33
N ASP B 364 14.43 22.57 -24.53
CA ASP B 364 13.14 22.34 -25.18
C ASP B 364 13.34 21.38 -26.34
N TYR B 365 12.73 20.21 -26.24
CA TYR B 365 12.85 19.18 -27.28
C TYR B 365 11.80 19.33 -28.37
N SER B 366 11.10 20.46 -28.43
CA SER B 366 10.08 20.68 -29.44
C SER B 366 10.66 21.25 -30.73
N VAL B 367 11.79 21.95 -30.66
CA VAL B 367 12.41 22.48 -31.87
C VAL B 367 13.10 21.40 -32.68
N LEU B 368 13.32 20.23 -32.09
CA LEU B 368 13.93 19.10 -32.79
C LEU B 368 12.92 18.11 -33.32
N TYR B 369 11.80 17.92 -32.62
CA TYR B 369 10.78 16.99 -33.09
C TYR B 369 10.02 17.54 -34.28
N ASN B 370 9.52 18.77 -34.17
CA ASN B 370 8.79 19.42 -35.26
C ASN B 370 9.74 20.32 -36.05
N SER B 371 10.62 19.66 -36.82
CA SER B 371 11.60 20.35 -37.64
C SER B 371 11.57 19.98 -39.12
N ALA B 372 11.01 18.82 -39.48
CA ALA B 372 10.90 18.34 -40.85
C ALA B 372 12.26 18.16 -41.53
N SER B 373 13.35 18.22 -40.79
CA SER B 373 14.69 18.03 -41.33
C SER B 373 15.30 16.70 -40.93
N PHE B 374 15.08 16.26 -39.69
CA PHE B 374 15.63 14.98 -39.23
C PHE B 374 14.89 13.84 -39.89
N SER B 375 15.62 12.97 -40.58
CA SER B 375 15.00 11.84 -41.27
C SER B 375 14.36 10.89 -40.28
N THR B 376 15.15 10.29 -39.40
CA THR B 376 14.67 9.34 -38.41
C THR B 376 14.66 9.97 -37.03
N PHE B 377 13.60 9.71 -36.28
CA PHE B 377 13.42 10.21 -34.91
C PHE B 377 12.98 9.09 -34.00
N LYS B 378 13.66 7.94 -34.08
CA LYS B 378 13.32 6.78 -33.28
C LYS B 378 13.62 7.06 -31.82
N CYS B 379 12.56 7.12 -31.00
CA CYS B 379 12.69 7.38 -29.56
C CYS B 379 12.60 6.06 -28.82
N TYR B 380 13.73 5.36 -28.77
CA TYR B 380 13.79 4.10 -28.02
C TYR B 380 13.75 4.39 -26.53
N GLY B 381 12.72 3.90 -25.86
CA GLY B 381 12.52 4.21 -24.45
C GLY B 381 11.31 5.09 -24.22
N VAL B 382 11.55 6.35 -23.88
CA VAL B 382 10.44 7.28 -23.69
C VAL B 382 9.72 7.53 -25.02
N SER B 383 8.49 7.98 -24.91
CA SER B 383 7.67 8.23 -26.09
C SER B 383 8.21 9.43 -26.87
N PRO B 384 7.91 9.50 -28.16
CA PRO B 384 8.32 10.68 -28.94
C PRO B 384 7.75 11.99 -28.41
N THR B 385 6.61 11.94 -27.73
CA THR B 385 6.01 13.09 -27.08
C THR B 385 6.31 13.04 -25.58
N LYS B 386 5.73 13.99 -24.84
CA LYS B 386 5.86 14.11 -23.40
C LYS B 386 7.31 14.33 -22.95
N LEU B 387 8.22 14.60 -23.89
CA LEU B 387 9.61 14.82 -23.53
C LEU B 387 9.82 16.18 -22.86
N ASN B 388 8.88 17.11 -23.03
CA ASN B 388 8.96 18.40 -22.35
C ASN B 388 8.43 18.35 -20.92
N ASP B 389 7.95 17.21 -20.46
CA ASP B 389 7.45 17.04 -19.10
C ASP B 389 8.24 16.00 -18.32
N LEU B 390 9.51 15.81 -18.69
CA LEU B 390 10.39 14.85 -18.03
C LEU B 390 11.68 15.57 -17.65
N CYS B 391 11.84 15.83 -16.35
CA CYS B 391 13.01 16.54 -15.85
C CYS B 391 14.08 15.52 -15.49
N PHE B 392 15.16 15.49 -16.28
CA PHE B 392 16.27 14.57 -16.04
C PHE B 392 17.39 15.28 -15.29
N THR B 393 18.34 14.48 -14.80
CA THR B 393 19.47 15.03 -14.06
C THR B 393 20.57 15.52 -14.99
N ASN B 394 20.95 14.70 -15.97
CA ASN B 394 21.98 15.08 -16.93
C ASN B 394 21.84 14.21 -18.17
N VAL B 395 21.72 14.82 -19.33
CA VAL B 395 21.57 14.10 -20.58
C VAL B 395 22.91 14.10 -21.32
N TYR B 396 23.05 13.18 -22.26
CA TYR B 396 24.27 13.04 -23.06
C TYR B 396 23.94 13.20 -24.53
N ALA B 397 24.99 13.34 -25.34
CA ALA B 397 24.86 13.51 -26.78
C ALA B 397 26.02 12.83 -27.47
N ASP B 398 25.73 11.80 -28.26
CA ASP B 398 26.74 11.07 -29.03
C ASP B 398 26.57 11.40 -30.51
N SER B 399 27.64 11.92 -31.11
CA SER B 399 27.61 12.35 -32.51
C SER B 399 28.57 11.51 -33.33
N PHE B 400 28.10 11.05 -34.49
CA PHE B 400 28.93 10.28 -35.41
C PHE B 400 28.28 10.33 -36.79
N VAL B 401 29.03 9.89 -37.79
CA VAL B 401 28.60 9.93 -39.18
C VAL B 401 28.70 8.52 -39.75
N ILE B 402 27.55 7.97 -40.14
CA ILE B 402 27.49 6.64 -40.74
C ILE B 402 26.99 6.78 -42.18
N ARG B 403 26.96 5.66 -42.90
CA ARG B 403 26.49 5.63 -44.26
C ARG B 403 24.97 5.51 -44.29
N GLY B 404 24.40 5.23 -45.46
CA GLY B 404 22.97 5.16 -45.63
C GLY B 404 22.31 4.01 -44.89
N ASP B 405 22.62 2.78 -45.29
CA ASP B 405 21.99 1.61 -44.69
C ASP B 405 22.73 1.17 -43.43
N GLU B 406 22.95 2.10 -42.50
CA GLU B 406 23.57 1.80 -41.23
C GLU B 406 22.82 2.39 -40.03
N VAL B 407 21.74 3.15 -40.27
CA VAL B 407 20.98 3.71 -39.16
C VAL B 407 20.18 2.64 -38.45
N ARG B 408 19.79 1.58 -39.18
CA ARG B 408 19.04 0.50 -38.56
C ARG B 408 19.89 -0.28 -37.55
N GLN B 409 21.21 -0.31 -37.76
CA GLN B 409 22.08 -1.04 -36.84
C GLN B 409 22.22 -0.32 -35.51
N ILE B 410 22.02 0.99 -35.48
CA ILE B 410 22.12 1.76 -34.23
C ILE B 410 20.72 1.71 -33.60
N ALA B 411 20.48 0.64 -32.85
CA ALA B 411 19.19 0.40 -32.20
C ALA B 411 19.34 -0.69 -31.16
N PRO B 412 18.57 -0.66 -30.07
CA PRO B 412 18.64 -1.73 -29.07
C PRO B 412 18.17 -3.05 -29.65
N GLY B 413 19.09 -3.99 -29.78
CA GLY B 413 18.79 -5.30 -30.33
C GLY B 413 19.26 -5.54 -31.74
N GLN B 414 20.42 -5.00 -32.12
CA GLN B 414 20.97 -5.17 -33.46
C GLN B 414 22.44 -5.57 -33.36
N THR B 415 22.83 -6.54 -34.17
CA THR B 415 24.21 -7.03 -34.21
C THR B 415 24.74 -6.82 -35.62
N GLY B 416 25.32 -5.65 -35.87
CA GLY B 416 25.87 -5.29 -37.15
C GLY B 416 27.37 -5.02 -37.06
N LYS B 417 27.95 -4.73 -38.23
CA LYS B 417 29.38 -4.46 -38.30
C LYS B 417 29.74 -3.13 -37.66
N ILE B 418 28.78 -2.21 -37.54
CA ILE B 418 29.03 -0.91 -36.90
C ILE B 418 28.51 -0.87 -35.47
N ALA B 419 27.59 -1.77 -35.09
CA ALA B 419 27.00 -1.77 -33.76
C ALA B 419 27.64 -2.80 -32.84
N ASP B 420 28.65 -3.54 -33.29
CA ASP B 420 29.33 -4.52 -32.47
C ASP B 420 30.79 -4.19 -32.18
N TYR B 421 31.41 -3.29 -32.96
CA TYR B 421 32.81 -2.94 -32.76
C TYR B 421 33.07 -1.44 -32.79
N ASN B 422 32.09 -0.61 -33.14
CA ASN B 422 32.27 0.83 -33.19
C ASN B 422 31.44 1.57 -32.15
N TYR B 423 30.13 1.32 -32.12
CA TYR B 423 29.25 1.97 -31.15
C TYR B 423 28.07 1.04 -30.90
N LYS B 424 28.04 0.42 -29.72
CA LYS B 424 26.98 -0.51 -29.34
C LYS B 424 26.00 0.19 -28.41
N LEU B 425 24.75 0.30 -28.86
CA LEU B 425 23.71 0.88 -28.03
C LEU B 425 23.16 -0.15 -27.05
N PRO B 426 22.96 0.23 -25.79
CA PRO B 426 22.47 -0.75 -24.81
C PRO B 426 21.07 -1.23 -25.15
N ASP B 427 20.75 -2.45 -24.69
CA ASP B 427 19.45 -3.04 -24.99
C ASP B 427 18.32 -2.30 -24.28
N ASP B 428 18.58 -1.77 -23.09
CA ASP B 428 17.58 -1.02 -22.33
C ASP B 428 17.88 0.47 -22.49
N PHE B 429 17.36 1.05 -23.56
CA PHE B 429 17.57 2.46 -23.87
C PHE B 429 16.41 3.29 -23.35
N THR B 430 16.69 4.57 -23.10
CA THR B 430 15.67 5.50 -22.63
C THR B 430 15.74 6.85 -23.31
N GLY B 431 16.51 6.99 -24.39
CA GLY B 431 16.63 8.26 -25.07
C GLY B 431 15.91 8.31 -26.40
N CYS B 432 16.58 8.80 -27.44
CA CYS B 432 15.98 8.94 -28.76
C CYS B 432 17.09 9.00 -29.79
N VAL B 433 16.90 8.29 -30.89
CA VAL B 433 17.87 8.29 -31.99
C VAL B 433 17.46 9.36 -33.00
N ILE B 434 18.37 10.29 -33.28
CA ILE B 434 18.12 11.39 -34.20
C ILE B 434 19.18 11.33 -35.30
N ALA B 435 18.73 11.26 -36.55
CA ALA B 435 19.62 11.20 -37.70
C ALA B 435 19.01 11.99 -38.85
N TRP B 436 19.87 12.43 -39.75
CA TRP B 436 19.44 13.19 -40.92
C TRP B 436 20.51 13.09 -41.99
N ASN B 437 20.09 13.18 -43.26
CA ASN B 437 21.03 13.15 -44.36
C ASN B 437 21.92 14.39 -44.37
N SER B 438 23.19 14.19 -44.68
CA SER B 438 24.18 15.27 -44.70
C SER B 438 25.00 15.22 -45.97
N ASN B 439 24.35 14.91 -47.10
CA ASN B 439 25.06 14.85 -48.37
C ASN B 439 25.37 16.26 -48.89
N ASN B 440 26.48 16.36 -49.62
CA ASN B 440 26.92 17.58 -50.28
C ASN B 440 27.49 18.60 -49.30
N LEU B 441 27.38 18.31 -47.99
CA LEU B 441 28.00 19.13 -46.97
C LEU B 441 29.02 18.37 -46.12
N ASP B 442 29.11 17.05 -46.28
CA ASP B 442 30.11 16.25 -45.58
C ASP B 442 31.01 15.45 -46.50
N SER B 443 30.54 15.12 -47.71
CA SER B 443 31.36 14.40 -48.67
C SER B 443 32.33 15.35 -49.37
N LYS B 444 33.02 14.83 -50.38
CA LYS B 444 33.99 15.62 -51.12
C LYS B 444 34.15 15.03 -52.52
N VAL B 445 34.28 15.90 -53.52
CA VAL B 445 34.46 15.47 -54.90
C VAL B 445 35.82 14.76 -54.98
N GLY B 446 35.79 13.45 -55.24
CA GLY B 446 37.00 12.66 -55.30
C GLY B 446 37.19 11.69 -54.15
N GLY B 447 36.22 11.57 -53.24
CA GLY B 447 36.34 10.67 -52.12
C GLY B 447 36.69 11.35 -50.83
N ASN B 448 35.75 11.43 -49.91
CA ASN B 448 35.98 12.06 -48.61
C ASN B 448 36.73 11.09 -47.71
N TYR B 449 37.87 11.54 -47.19
CA TYR B 449 38.73 10.71 -46.34
C TYR B 449 38.85 11.27 -44.93
N ASN B 450 37.87 12.04 -44.48
CA ASN B 450 37.90 12.64 -43.14
C ASN B 450 37.20 11.80 -42.09
N TYR B 451 36.62 10.66 -42.47
CA TYR B 451 35.91 9.79 -41.53
C TYR B 451 36.41 8.36 -41.69
N LEU B 452 36.54 7.66 -40.56
CA LEU B 452 37.02 6.29 -40.54
C LEU B 452 36.17 5.47 -39.59
N TYR B 453 36.38 4.16 -39.61
CA TYR B 453 35.65 3.24 -38.75
C TYR B 453 36.43 1.94 -38.63
N ARG B 454 36.18 1.22 -37.53
CA ARG B 454 36.92 0.01 -37.21
C ARG B 454 36.17 -1.21 -37.73
N LEU B 455 36.83 -1.99 -38.59
CA LEU B 455 36.27 -3.21 -39.15
C LEU B 455 36.67 -4.45 -38.36
N PHE B 456 37.97 -4.71 -38.24
CA PHE B 456 38.47 -5.92 -37.63
C PHE B 456 38.76 -5.71 -36.16
N ARG B 457 38.23 -6.58 -35.31
CA ARG B 457 38.50 -6.55 -33.88
C ARG B 457 38.48 -7.99 -33.36
N LYS B 458 38.79 -8.14 -32.07
CA LYS B 458 38.88 -9.46 -31.45
C LYS B 458 37.68 -9.77 -30.56
N SER B 459 37.16 -8.79 -29.84
CA SER B 459 36.03 -8.98 -28.94
C SER B 459 34.93 -7.98 -29.27
N ASN B 460 33.74 -8.26 -28.74
CA ASN B 460 32.60 -7.37 -28.93
C ASN B 460 32.74 -6.14 -28.06
N LEU B 461 31.90 -5.14 -28.35
CA LEU B 461 31.91 -3.88 -27.62
C LEU B 461 30.93 -3.94 -26.45
N LYS B 462 31.12 -3.02 -25.50
CA LYS B 462 30.26 -2.88 -24.35
C LYS B 462 29.36 -1.66 -24.50
N PRO B 463 28.22 -1.63 -23.82
CA PRO B 463 27.33 -0.46 -23.90
C PRO B 463 28.04 0.80 -23.42
N PHE B 464 28.07 1.81 -24.30
CA PHE B 464 28.71 3.09 -24.02
C PHE B 464 30.18 2.92 -23.67
N GLU B 465 30.93 2.37 -24.64
CA GLU B 465 32.37 2.15 -24.49
C GLU B 465 33.08 2.76 -25.69
N ARG B 466 34.20 3.43 -25.42
CA ARG B 466 35.02 4.06 -26.44
C ARG B 466 36.41 3.46 -26.39
N ASP B 467 36.86 2.90 -27.51
CA ASP B 467 38.19 2.30 -27.62
C ASP B 467 38.97 3.05 -28.69
N ILE B 468 39.78 4.02 -28.27
CA ILE B 468 40.58 4.82 -29.19
C ILE B 468 41.91 4.16 -29.53
N SER B 469 42.37 3.21 -28.73
CA SER B 469 43.64 2.53 -28.97
C SER B 469 43.57 1.74 -30.27
N THR B 470 44.35 2.14 -31.25
CA THR B 470 44.36 1.50 -32.58
C THR B 470 45.67 0.74 -32.72
N GLU B 471 45.59 -0.59 -32.75
CA GLU B 471 46.76 -1.45 -32.91
C GLU B 471 46.45 -2.51 -33.95
N ILE B 472 47.50 -3.18 -34.43
CA ILE B 472 47.33 -4.21 -35.43
C ILE B 472 46.54 -5.38 -34.85
N TYR B 473 45.79 -6.06 -35.70
CA TYR B 473 44.95 -7.19 -35.31
C TYR B 473 45.53 -8.49 -35.87
N GLN B 474 45.54 -9.53 -35.04
CA GLN B 474 46.06 -10.83 -35.43
C GLN B 474 44.92 -11.62 -36.08
N ALA B 475 44.88 -11.55 -37.42
CA ALA B 475 43.87 -12.27 -38.19
C ALA B 475 44.37 -13.66 -38.59
N GLY B 476 44.80 -14.43 -37.61
CA GLY B 476 45.31 -15.76 -37.89
C GLY B 476 45.82 -16.42 -36.62
N SER B 477 46.73 -17.37 -36.82
CA SER B 477 47.31 -18.10 -35.69
C SER B 477 48.57 -17.41 -35.15
N THR B 478 49.54 -17.16 -36.02
CA THR B 478 50.78 -16.53 -35.58
C THR B 478 50.54 -15.04 -35.30
N PRO B 479 51.11 -14.51 -34.23
CA PRO B 479 50.94 -13.08 -33.95
C PRO B 479 51.63 -12.21 -35.00
N CYS B 480 51.07 -11.02 -35.20
CA CYS B 480 51.62 -10.10 -36.18
C CYS B 480 52.90 -9.42 -35.68
N ASN B 481 53.05 -9.27 -34.36
CA ASN B 481 54.24 -8.73 -33.73
C ASN B 481 54.56 -7.30 -34.18
N GLY B 482 53.56 -6.57 -34.67
CA GLY B 482 53.76 -5.19 -35.06
C GLY B 482 53.54 -4.91 -36.52
N VAL B 483 53.99 -5.82 -37.39
CA VAL B 483 53.85 -5.63 -38.83
C VAL B 483 52.40 -5.86 -39.24
N GLU B 484 52.06 -5.44 -40.45
CA GLU B 484 50.70 -5.58 -40.98
C GLU B 484 50.74 -6.19 -42.37
N GLY B 485 51.51 -7.27 -42.52
CA GLY B 485 51.62 -7.95 -43.79
C GLY B 485 50.49 -8.91 -44.05
N PHE B 486 50.82 -10.11 -44.55
CA PHE B 486 49.79 -11.11 -44.81
C PHE B 486 49.17 -11.60 -43.52
N ASN B 487 47.88 -11.93 -43.59
CA ASN B 487 47.07 -12.39 -42.47
C ASN B 487 47.00 -11.39 -41.33
N CYS B 488 47.35 -10.13 -41.58
CA CYS B 488 47.31 -9.07 -40.58
C CYS B 488 46.69 -7.84 -41.20
N TYR B 489 45.53 -7.43 -40.68
CA TYR B 489 44.77 -6.31 -41.22
C TYR B 489 44.74 -5.16 -40.22
N PHE B 490 44.45 -3.97 -40.73
CA PHE B 490 44.35 -2.77 -39.92
C PHE B 490 42.91 -2.50 -39.56
N PRO B 491 42.60 -2.19 -38.30
CA PRO B 491 41.20 -2.00 -37.91
C PRO B 491 40.53 -0.83 -38.62
N LEU B 492 41.14 0.35 -38.59
CA LEU B 492 40.54 1.53 -39.20
C LEU B 492 40.55 1.41 -40.72
N GLN B 493 39.42 1.74 -41.34
CA GLN B 493 39.27 1.68 -42.78
C GLN B 493 38.72 3.00 -43.29
N SER B 494 38.77 3.18 -44.61
CA SER B 494 38.33 4.41 -45.23
C SER B 494 36.82 4.41 -45.44
N TYR B 495 36.19 5.54 -45.12
CA TYR B 495 34.76 5.72 -45.34
C TYR B 495 34.57 6.55 -46.60
N GLY B 496 34.57 5.87 -47.74
CA GLY B 496 34.42 6.54 -49.03
C GLY B 496 33.07 7.20 -49.20
N PHE B 497 33.05 8.52 -49.19
CA PHE B 497 31.83 9.31 -49.35
C PHE B 497 31.93 10.07 -50.67
N GLN B 498 31.37 9.49 -51.73
CA GLN B 498 31.36 10.13 -53.05
C GLN B 498 30.02 10.79 -53.29
N PRO B 499 30.00 12.05 -53.75
CA PRO B 499 28.71 12.73 -53.97
C PRO B 499 27.91 12.19 -55.14
N THR B 500 28.39 11.17 -55.85
CA THR B 500 27.69 10.60 -56.99
C THR B 500 27.35 9.14 -56.74
N ASN B 501 26.90 8.82 -55.53
CA ASN B 501 26.49 7.48 -55.17
C ASN B 501 25.02 7.46 -54.77
N GLY B 502 24.51 6.25 -54.54
CA GLY B 502 23.13 6.07 -54.14
C GLY B 502 22.89 6.54 -52.72
N VAL B 503 21.63 6.36 -52.29
CA VAL B 503 21.24 6.76 -50.93
C VAL B 503 21.94 5.93 -49.87
N GLY B 504 22.36 4.71 -50.21
CA GLY B 504 23.03 3.85 -49.25
C GLY B 504 24.49 4.17 -49.00
N TYR B 505 25.06 5.12 -49.74
CA TYR B 505 26.46 5.50 -49.60
C TYR B 505 26.58 7.00 -49.40
N GLN B 506 25.74 7.57 -48.55
CA GLN B 506 25.76 9.00 -48.26
C GLN B 506 25.99 9.24 -46.78
N PRO B 507 26.69 10.32 -46.42
CA PRO B 507 26.90 10.62 -45.00
C PRO B 507 25.58 10.89 -44.28
N TYR B 508 25.48 10.36 -43.06
CA TYR B 508 24.27 10.53 -42.24
C TYR B 508 24.72 10.90 -40.83
N ARG B 509 24.63 12.19 -40.50
CA ARG B 509 24.96 12.63 -39.15
C ARG B 509 23.90 12.15 -38.18
N VAL B 510 24.33 11.39 -37.16
CA VAL B 510 23.44 10.80 -36.18
C VAL B 510 23.77 11.36 -34.81
N VAL B 511 22.74 11.79 -34.09
CA VAL B 511 22.89 12.29 -32.72
C VAL B 511 22.02 11.40 -31.83
N VAL B 512 22.67 10.49 -31.11
CA VAL B 512 21.96 9.54 -30.26
C VAL B 512 21.88 10.17 -28.86
N LEU B 513 20.78 10.87 -28.60
CA LEU B 513 20.58 11.47 -27.29
C LEU B 513 20.18 10.41 -26.29
N SER B 514 20.92 10.32 -25.18
CA SER B 514 20.65 9.36 -24.13
C SER B 514 20.29 10.10 -22.84
N PHE B 515 19.27 9.60 -22.16
CA PHE B 515 18.78 10.22 -20.93
C PHE B 515 19.25 9.42 -19.71
N GLU B 516 19.03 10.00 -18.53
CA GLU B 516 19.42 9.36 -17.29
C GLU B 516 18.60 9.96 -16.15
N LEU B 517 18.22 9.10 -15.20
CA LEU B 517 17.45 9.50 -14.03
C LEU B 517 18.15 8.93 -12.80
N LEU B 518 18.87 9.77 -12.07
CA LEU B 518 19.63 9.37 -10.91
C LEU B 518 18.98 9.95 -9.65
N HIS B 519 19.46 9.49 -8.49
CA HIS B 519 18.93 9.96 -7.22
C HIS B 519 19.24 11.43 -6.96
N ALA B 520 20.21 12.00 -7.67
CA ALA B 520 20.52 13.41 -7.52
C ALA B 520 19.35 14.26 -8.02
N PRO B 521 19.20 15.48 -7.49
CA PRO B 521 18.13 16.36 -7.97
C PRO B 521 18.26 16.64 -9.46
N ALA B 522 17.15 16.49 -10.18
CA ALA B 522 17.17 16.67 -11.62
C ALA B 522 17.42 18.12 -11.99
N THR B 523 18.28 18.32 -12.98
CA THR B 523 18.62 19.65 -13.47
C THR B 523 18.07 19.95 -14.86
N VAL B 524 18.18 19.00 -15.79
CA VAL B 524 17.66 19.18 -17.14
C VAL B 524 16.15 18.99 -17.09
N CYS B 525 15.42 20.11 -17.04
CA CYS B 525 13.97 20.10 -16.96
C CYS B 525 13.37 20.41 -18.33
N GLY B 526 12.05 20.53 -18.37
CA GLY B 526 11.34 20.85 -19.59
C GLY B 526 10.91 22.31 -19.62
N PRO B 527 10.57 22.80 -20.81
CA PRO B 527 10.13 24.19 -20.93
C PRO B 527 8.71 24.41 -20.42
N LYS B 528 8.56 25.12 -19.31
CA LYS B 528 7.25 25.40 -18.75
C LYS B 528 6.63 26.59 -19.47
N LYS B 529 5.37 26.45 -19.87
CA LYS B 529 4.65 27.52 -20.55
C LYS B 529 3.92 28.38 -19.53
N SER B 530 3.64 29.62 -19.92
CA SER B 530 2.97 30.59 -19.06
C SER B 530 1.88 31.31 -19.85
N THR B 531 0.72 31.46 -19.23
CA THR B 531 -0.41 32.14 -19.84
C THR B 531 -0.38 33.62 -19.44
N ASN B 532 -1.47 34.33 -19.74
CA ASN B 532 -1.57 35.75 -19.42
C ASN B 532 -2.12 35.95 -18.01
N LEU B 533 -1.74 37.07 -17.39
CA LEU B 533 -2.15 37.39 -16.04
C LEU B 533 -3.51 38.09 -16.11
N VAL B 534 -4.57 37.36 -15.78
CA VAL B 534 -5.92 37.88 -15.79
C VAL B 534 -6.28 38.26 -14.36
N LYS B 535 -6.54 39.55 -14.13
CA LYS B 535 -6.87 40.07 -12.82
C LYS B 535 -8.37 40.28 -12.68
N ASN B 536 -8.82 40.40 -11.43
CA ASN B 536 -10.22 40.68 -11.10
C ASN B 536 -11.15 39.62 -11.71
N LYS B 537 -10.79 38.36 -11.53
CA LYS B 537 -11.59 37.25 -12.04
C LYS B 537 -11.31 36.01 -11.22
N CYS B 538 -12.37 35.35 -10.77
CA CYS B 538 -12.25 34.12 -9.97
C CYS B 538 -11.79 32.99 -10.89
N VAL B 539 -10.48 32.70 -10.87
CA VAL B 539 -9.88 31.69 -11.71
C VAL B 539 -8.96 30.83 -10.84
N ASN B 540 -8.29 29.87 -11.48
CA ASN B 540 -7.41 28.93 -10.80
C ASN B 540 -5.97 29.39 -11.00
N PHE B 541 -5.36 29.91 -9.94
CA PHE B 541 -3.98 30.38 -10.01
C PHE B 541 -3.01 29.22 -9.92
N ASN B 542 -1.97 29.26 -10.73
CA ASN B 542 -0.97 28.20 -10.80
C ASN B 542 0.43 28.81 -10.78
N PHE B 543 0.67 29.71 -9.83
CA PHE B 543 1.91 30.47 -9.77
C PHE B 543 3.09 29.62 -9.29
N ASN B 544 3.28 28.45 -9.91
CA ASN B 544 4.48 27.63 -9.77
C ASN B 544 4.62 27.05 -8.36
N GLY B 545 3.76 27.46 -7.44
CA GLY B 545 3.89 26.99 -6.07
C GLY B 545 2.63 26.43 -5.44
N LEU B 546 1.48 26.76 -6.01
CA LEU B 546 0.21 26.35 -5.43
C LEU B 546 -0.85 26.27 -6.52
N THR B 547 -1.74 25.30 -6.40
CA THR B 547 -2.88 25.13 -7.29
C THR B 547 -4.15 25.24 -6.47
N GLY B 548 -5.01 26.19 -6.85
CA GLY B 548 -6.25 26.42 -6.12
C GLY B 548 -7.22 27.29 -6.88
N THR B 549 -7.93 28.17 -6.16
CA THR B 549 -8.90 29.06 -6.77
C THR B 549 -8.95 30.36 -5.97
N GLY B 550 -9.21 31.46 -6.67
CA GLY B 550 -9.30 32.75 -6.03
C GLY B 550 -9.43 33.84 -7.06
N VAL B 551 -9.49 35.08 -6.56
CA VAL B 551 -9.61 36.27 -7.39
C VAL B 551 -8.29 37.02 -7.29
N LEU B 552 -7.50 36.99 -8.36
CA LEU B 552 -6.20 37.65 -8.38
C LEU B 552 -6.41 39.15 -8.49
N THR B 553 -6.04 39.88 -7.44
CA THR B 553 -6.16 41.33 -7.39
C THR B 553 -4.78 41.95 -7.14
N GLU B 554 -4.75 43.27 -7.10
CA GLU B 554 -3.52 44.01 -6.85
C GLU B 554 -3.35 44.25 -5.36
N SER B 555 -2.15 43.98 -4.85
CA SER B 555 -1.84 44.13 -3.44
C SER B 555 -0.81 45.23 -3.24
N ASN B 556 -0.72 45.71 -2.00
CA ASN B 556 0.22 46.75 -1.63
C ASN B 556 1.34 46.23 -0.73
N LYS B 557 1.39 44.92 -0.49
CA LYS B 557 2.43 44.35 0.36
C LYS B 557 3.79 44.43 -0.33
N LYS B 558 4.83 44.60 0.49
CA LYS B 558 6.21 44.68 0.02
C LYS B 558 6.95 43.44 0.53
N PHE B 559 6.99 42.40 -0.30
CA PHE B 559 7.68 41.18 0.07
C PHE B 559 9.20 41.39 0.06
N LEU B 560 9.90 40.45 0.67
CA LEU B 560 11.36 40.47 0.66
C LEU B 560 11.87 40.00 -0.71
N PRO B 561 13.11 40.38 -1.07
CA PRO B 561 13.63 40.00 -2.40
C PRO B 561 13.66 38.50 -2.63
N PHE B 562 13.73 37.69 -1.58
CA PHE B 562 13.75 36.24 -1.74
C PHE B 562 12.40 35.58 -1.47
N GLN B 563 11.54 36.20 -0.67
CA GLN B 563 10.24 35.62 -0.37
C GLN B 563 9.33 35.68 -1.59
N GLN B 564 8.57 34.60 -1.80
CA GLN B 564 7.67 34.49 -2.94
C GLN B 564 6.21 34.44 -2.53
N PHE B 565 5.83 33.52 -1.65
CA PHE B 565 4.44 33.32 -1.27
C PHE B 565 4.11 34.16 -0.04
N GLY B 566 2.94 33.93 0.53
CA GLY B 566 2.52 34.64 1.73
C GLY B 566 1.46 33.88 2.51
N ARG B 567 1.69 33.70 3.80
CA ARG B 567 0.77 32.98 4.66
C ARG B 567 -0.07 33.96 5.48
N ASP B 568 -0.89 33.42 6.39
CA ASP B 568 -1.75 34.21 7.25
C ASP B 568 -1.61 33.67 8.67
N ILE B 569 -2.51 34.13 9.56
CA ILE B 569 -2.50 33.67 10.95
C ILE B 569 -3.00 32.24 11.10
N ALA B 570 -3.67 31.70 10.08
CA ALA B 570 -4.20 30.34 10.12
C ALA B 570 -3.56 29.46 9.06
N ASP B 571 -2.34 29.80 8.64
CA ASP B 571 -1.58 29.03 7.65
C ASP B 571 -2.36 28.91 6.33
N THR B 572 -2.91 30.02 5.87
CA THR B 572 -3.66 30.07 4.62
C THR B 572 -2.97 31.04 3.67
N THR B 573 -2.78 30.61 2.43
CA THR B 573 -2.14 31.46 1.43
C THR B 573 -3.04 32.63 1.08
N ASP B 574 -2.48 33.83 1.06
CA ASP B 574 -3.24 35.04 0.78
C ASP B 574 -2.62 35.94 -0.28
N ALA B 575 -1.33 35.78 -0.60
CA ALA B 575 -0.69 36.62 -1.59
C ALA B 575 0.51 35.88 -2.17
N VAL B 576 0.66 35.94 -3.48
CA VAL B 576 1.77 35.32 -4.18
C VAL B 576 2.41 36.35 -5.11
N ARG B 577 3.60 36.00 -5.62
CA ARG B 577 4.35 36.85 -6.53
C ARG B 577 4.37 36.21 -7.91
N ASP B 578 4.10 37.01 -8.94
CA ASP B 578 4.15 36.52 -10.31
C ASP B 578 5.58 36.18 -10.68
N PRO B 579 5.85 34.97 -11.17
CA PRO B 579 7.24 34.60 -11.51
C PRO B 579 7.83 35.46 -12.61
N GLN B 580 7.04 35.87 -13.60
CA GLN B 580 7.56 36.66 -14.70
C GLN B 580 7.81 38.11 -14.28
N THR B 581 6.76 38.81 -13.87
CA THR B 581 6.86 40.19 -13.44
C THR B 581 6.89 40.26 -11.92
N LEU B 582 7.89 40.95 -11.37
CA LEU B 582 8.04 41.06 -9.93
C LEU B 582 6.99 42.00 -9.35
N GLU B 583 5.87 41.43 -8.92
CA GLU B 583 4.78 42.22 -8.35
C GLU B 583 4.05 41.38 -7.32
N ILE B 584 3.53 42.03 -6.29
CA ILE B 584 2.81 41.37 -5.21
C ILE B 584 1.32 41.44 -5.52
N LEU B 585 0.71 40.27 -5.71
CA LEU B 585 -0.71 40.17 -6.02
C LEU B 585 -1.45 39.54 -4.85
N ASP B 586 -2.62 40.08 -4.53
CA ASP B 586 -3.43 39.57 -3.44
C ASP B 586 -4.32 38.44 -3.94
N ILE B 587 -4.60 37.49 -3.05
CA ILE B 587 -5.47 36.35 -3.34
C ILE B 587 -6.58 36.33 -2.29
N THR B 588 -7.82 36.46 -2.76
CA THR B 588 -8.99 36.42 -1.90
C THR B 588 -9.87 35.23 -2.26
N PRO B 589 -10.51 34.60 -1.28
CA PRO B 589 -11.38 33.46 -1.58
C PRO B 589 -12.50 33.85 -2.54
N CYS B 590 -12.70 33.01 -3.56
CA CYS B 590 -13.74 33.26 -4.55
C CYS B 590 -15.11 33.27 -3.88
N SER B 591 -16.00 34.12 -4.39
CA SER B 591 -17.28 34.37 -3.76
C SER B 591 -18.10 33.08 -3.64
N PHE B 592 -18.59 32.82 -2.44
CA PHE B 592 -19.44 31.68 -2.16
C PHE B 592 -20.43 32.06 -1.07
N GLY B 593 -21.21 31.08 -0.61
CA GLY B 593 -22.17 31.33 0.44
C GLY B 593 -23.29 30.30 0.39
N GLY B 594 -24.38 30.62 1.10
CA GLY B 594 -25.53 29.75 1.17
C GLY B 594 -26.78 30.47 0.70
N VAL B 595 -27.74 29.70 0.19
CA VAL B 595 -29.00 30.23 -0.32
C VAL B 595 -30.11 29.81 0.63
N SER B 596 -30.89 30.79 1.08
CA SER B 596 -32.02 30.55 1.98
C SER B 596 -33.29 31.08 1.33
N VAL B 597 -34.34 30.27 1.33
CA VAL B 597 -35.61 30.61 0.70
C VAL B 597 -36.59 31.00 1.80
N ILE B 598 -36.91 32.28 1.88
CA ILE B 598 -37.88 32.79 2.85
C ILE B 598 -39.26 32.68 2.22
N THR B 599 -40.04 31.71 2.68
CA THR B 599 -41.37 31.48 2.13
C THR B 599 -42.41 31.40 3.24
N PRO B 600 -43.57 32.03 3.06
CA PRO B 600 -44.65 31.87 4.04
C PRO B 600 -45.36 30.54 3.89
N GLY B 601 -46.42 30.33 4.66
CA GLY B 601 -47.20 29.11 4.57
C GLY B 601 -47.78 28.90 3.18
N THR B 602 -47.65 27.68 2.65
CA THR B 602 -48.14 27.40 1.30
C THR B 602 -49.65 27.52 1.19
N ASN B 603 -50.38 27.43 2.31
CA ASN B 603 -51.82 27.62 2.27
C ASN B 603 -52.20 29.07 2.00
N THR B 604 -51.35 30.01 2.42
CA THR B 604 -51.64 31.43 2.21
C THR B 604 -51.34 31.82 0.77
N SER B 605 -50.10 31.65 0.32
CA SER B 605 -49.70 32.01 -1.03
C SER B 605 -48.54 31.12 -1.44
N ASN B 606 -47.99 31.40 -2.63
CA ASN B 606 -46.87 30.63 -3.18
C ASN B 606 -45.68 31.50 -3.52
N GLN B 607 -45.72 32.79 -3.16
CA GLN B 607 -44.59 33.67 -3.44
C GLN B 607 -43.44 33.38 -2.49
N VAL B 608 -42.22 33.34 -3.04
CA VAL B 608 -41.02 33.03 -2.27
C VAL B 608 -39.99 34.12 -2.49
N ALA B 609 -39.06 34.22 -1.54
CA ALA B 609 -37.95 35.15 -1.62
C ALA B 609 -36.66 34.43 -1.29
N VAL B 610 -35.61 34.71 -2.06
CA VAL B 610 -34.32 34.05 -1.90
C VAL B 610 -33.36 35.00 -1.22
N LEU B 611 -32.45 34.45 -0.42
CA LEU B 611 -31.44 35.22 0.29
C LEU B 611 -30.06 34.60 0.02
N TYR B 612 -29.13 35.42 -0.44
CA TYR B 612 -27.76 34.99 -0.70
C TYR B 612 -26.88 35.55 0.41
N GLN B 613 -26.54 34.69 1.38
CA GLN B 613 -25.78 35.12 2.54
C GLN B 613 -24.37 35.53 2.15
N GLY B 614 -23.93 36.66 2.69
CA GLY B 614 -22.58 37.18 2.46
C GLY B 614 -22.31 37.41 0.97
N VAL B 615 -23.29 38.00 0.28
CA VAL B 615 -23.19 38.31 -1.14
C VAL B 615 -23.59 39.76 -1.35
N ASN B 616 -22.78 40.49 -2.12
CA ASN B 616 -23.02 41.91 -2.38
C ASN B 616 -23.91 42.13 -3.60
N CYS B 617 -24.69 41.12 -3.99
CA CYS B 617 -25.60 41.21 -5.13
C CYS B 617 -24.86 41.61 -6.41
N THR B 618 -23.65 41.07 -6.57
CA THR B 618 -22.86 41.32 -7.78
C THR B 618 -22.25 40.07 -8.39
N GLU B 619 -22.38 38.90 -7.74
CA GLU B 619 -21.90 37.64 -8.30
C GLU B 619 -23.03 36.71 -8.70
N VAL B 620 -24.28 37.05 -8.41
CA VAL B 620 -25.42 36.20 -8.75
C VAL B 620 -25.70 36.27 -10.24
N ASN B 641 -37.20 44.53 -5.72
CA ASN B 641 -36.75 43.15 -5.58
C ASN B 641 -35.34 43.09 -5.00
N VAL B 642 -34.38 43.68 -5.71
CA VAL B 642 -32.99 43.67 -5.26
C VAL B 642 -32.84 44.64 -4.09
N PHE B 643 -32.33 44.14 -2.97
CA PHE B 643 -32.11 44.96 -1.79
C PHE B 643 -30.95 44.35 -1.01
N GLN B 644 -29.85 45.09 -0.90
CA GLN B 644 -28.66 44.60 -0.21
C GLN B 644 -28.78 44.85 1.29
N THR B 645 -28.75 43.78 2.07
CA THR B 645 -28.81 43.85 3.52
C THR B 645 -27.41 43.67 4.10
N ARG B 646 -27.33 43.67 5.44
CA ARG B 646 -26.06 43.43 6.11
C ARG B 646 -25.71 41.95 6.18
N ALA B 647 -26.69 41.06 6.01
CA ALA B 647 -26.47 39.63 6.02
C ALA B 647 -26.43 39.03 4.61
N GLY B 648 -26.57 39.84 3.58
CA GLY B 648 -26.59 39.36 2.22
C GLY B 648 -27.50 40.23 1.37
N CYS B 649 -28.03 39.62 0.31
CA CYS B 649 -28.95 40.28 -0.61
C CYS B 649 -30.26 39.50 -0.63
N LEU B 650 -31.36 40.19 -0.32
CA LEU B 650 -32.68 39.58 -0.30
C LEU B 650 -33.40 39.98 -1.59
N ILE B 651 -33.40 39.08 -2.58
CA ILE B 651 -34.00 39.34 -3.88
C ILE B 651 -35.39 38.72 -3.88
N GLY B 652 -36.42 39.57 -3.83
CA GLY B 652 -37.78 39.09 -3.88
C GLY B 652 -38.71 39.82 -2.92
N ALA B 653 -38.16 40.66 -2.07
CA ALA B 653 -38.93 41.40 -1.08
C ALA B 653 -38.85 42.89 -1.36
N GLU B 654 -39.93 43.59 -1.04
CA GLU B 654 -40.02 45.04 -1.23
C GLU B 654 -39.61 45.74 0.06
N HIS B 655 -38.61 46.61 -0.02
CA HIS B 655 -38.12 47.33 1.15
C HIS B 655 -39.01 48.53 1.43
N VAL B 656 -39.56 48.59 2.64
CA VAL B 656 -40.40 49.71 3.06
C VAL B 656 -39.68 50.45 4.19
N ASN B 657 -40.16 51.66 4.47
CA ASN B 657 -39.59 52.50 5.50
C ASN B 657 -40.34 52.41 6.83
N ASN B 658 -41.33 51.53 6.93
CA ASN B 658 -42.08 51.35 8.16
C ASN B 658 -41.42 50.29 9.04
N SER B 659 -41.95 50.11 10.24
CA SER B 659 -41.42 49.14 11.19
C SER B 659 -42.58 48.37 11.80
N TYR B 660 -42.57 47.06 11.63
CA TYR B 660 -43.60 46.18 12.18
C TYR B 660 -42.94 45.12 13.05
N GLU B 661 -43.74 44.16 13.52
CA GLU B 661 -43.23 43.06 14.31
C GLU B 661 -42.49 42.07 13.41
N CYS B 662 -41.45 41.46 13.96
CA CYS B 662 -40.62 40.53 13.19
C CYS B 662 -41.37 39.22 13.00
N ASP B 663 -41.74 38.92 11.75
CA ASP B 663 -42.41 37.67 11.44
C ASP B 663 -41.41 36.57 11.08
N ILE B 664 -40.55 36.84 10.10
CA ILE B 664 -39.49 35.91 9.72
C ILE B 664 -38.15 36.62 9.88
N PRO B 665 -37.29 36.18 10.80
CA PRO B 665 -36.01 36.87 11.02
C PRO B 665 -35.04 36.62 9.86
N ILE B 666 -34.55 37.69 9.26
CA ILE B 666 -33.58 37.60 8.17
C ILE B 666 -32.16 37.68 8.70
N GLY B 667 -31.87 38.66 9.55
CA GLY B 667 -30.55 38.84 10.12
C GLY B 667 -30.18 40.31 10.17
N ALA B 668 -29.39 40.67 11.19
CA ALA B 668 -28.90 42.03 11.38
C ALA B 668 -30.05 43.03 11.48
N GLY B 669 -31.13 42.63 12.17
CA GLY B 669 -32.28 43.47 12.37
C GLY B 669 -33.29 43.45 11.24
N ILE B 670 -32.99 42.79 10.13
CA ILE B 670 -33.91 42.73 9.00
C ILE B 670 -34.93 41.63 9.23
N CYS B 671 -36.20 41.92 8.94
CA CYS B 671 -37.27 40.94 9.08
C CYS B 671 -38.16 41.03 7.86
N ALA B 672 -38.78 39.91 7.51
CA ALA B 672 -39.61 39.80 6.33
C ALA B 672 -40.98 39.22 6.70
N SER B 673 -42.02 39.82 6.13
CA SER B 673 -43.39 39.36 6.38
C SER B 673 -44.16 39.43 5.07
N TYR B 674 -45.29 38.73 5.04
CA TYR B 674 -46.19 38.69 3.88
C TYR B 674 -47.39 39.57 4.22
N GLN B 675 -47.32 40.84 3.81
CA GLN B 675 -48.35 41.83 4.09
C GLN B 675 -48.98 42.31 2.79
N THR B 676 -50.07 43.04 2.94
CA THR B 676 -50.78 43.58 1.78
C THR B 676 -50.11 44.85 1.26
N SER B 689 -50.92 44.55 -4.53
CA SER B 689 -51.45 43.32 -3.95
C SER B 689 -50.57 42.81 -2.82
N GLN B 690 -50.94 41.68 -2.24
CA GLN B 690 -50.18 41.09 -1.16
C GLN B 690 -48.87 40.51 -1.68
N SER B 691 -47.76 40.90 -1.05
CA SER B 691 -46.45 40.43 -1.47
C SER B 691 -45.53 40.41 -0.25
N ILE B 692 -44.36 39.81 -0.43
CA ILE B 692 -43.37 39.72 0.64
C ILE B 692 -42.62 41.04 0.73
N ILE B 693 -42.52 41.56 1.95
CA ILE B 693 -41.83 42.83 2.20
C ILE B 693 -40.60 42.57 3.06
N ALA B 694 -39.79 43.61 3.22
CA ALA B 694 -38.59 43.55 4.04
C ALA B 694 -38.44 44.88 4.76
N TYR B 695 -38.37 44.84 6.09
CA TYR B 695 -38.31 46.04 6.90
C TYR B 695 -37.42 45.79 8.11
N THR B 696 -37.18 46.86 8.86
CA THR B 696 -36.43 46.78 10.11
C THR B 696 -37.39 46.52 11.26
N MET B 697 -37.07 45.52 12.08
CA MET B 697 -37.94 45.15 13.19
C MET B 697 -38.00 46.28 14.22
N SER B 698 -39.19 46.50 14.75
CA SER B 698 -39.41 47.52 15.77
C SER B 698 -39.29 46.88 17.15
N LEU B 699 -38.50 47.49 18.03
CA LEU B 699 -38.33 46.97 19.38
C LEU B 699 -39.53 47.21 20.28
N GLY B 700 -40.50 48.00 19.82
CA GLY B 700 -41.68 48.28 20.62
C GLY B 700 -42.19 49.70 20.41
N ALA B 701 -43.38 49.98 20.92
CA ALA B 701 -43.95 51.32 20.79
C ALA B 701 -43.15 52.32 21.62
N GLU B 702 -43.11 53.55 21.14
CA GLU B 702 -42.39 54.60 21.84
C GLU B 702 -43.25 55.19 22.95
N ASN B 703 -42.62 55.49 24.08
CA ASN B 703 -43.33 56.03 25.23
C ASN B 703 -42.35 56.88 26.05
N SER B 704 -42.89 57.94 26.65
CA SER B 704 -42.10 58.86 27.48
C SER B 704 -42.86 59.04 28.80
N VAL B 705 -42.35 58.42 29.86
CA VAL B 705 -42.98 58.53 31.17
C VAL B 705 -42.85 59.96 31.68
N ALA B 706 -43.96 60.53 32.13
CA ALA B 706 -43.97 61.90 32.65
C ALA B 706 -43.36 61.90 34.04
N TYR B 707 -42.04 61.83 34.07
CA TYR B 707 -41.31 61.78 35.34
C TYR B 707 -41.15 63.18 35.91
N SER B 708 -41.30 63.29 37.23
CA SER B 708 -41.12 64.55 37.94
C SER B 708 -40.68 64.22 39.36
N ASN B 709 -40.69 65.24 40.23
CA ASN B 709 -40.31 65.07 41.62
C ASN B 709 -41.49 65.18 42.57
N ASN B 710 -42.67 65.55 42.09
CA ASN B 710 -43.88 65.65 42.91
C ASN B 710 -45.08 65.09 42.18
N SER B 711 -44.86 64.04 41.39
CA SER B 711 -45.92 63.42 40.61
C SER B 711 -45.79 61.91 40.68
N ILE B 712 -46.83 61.25 41.18
CA ILE B 712 -46.87 59.80 41.28
C ILE B 712 -48.13 59.29 40.61
N ALA B 713 -48.06 58.07 40.07
CA ALA B 713 -49.18 57.43 39.40
C ALA B 713 -49.63 56.23 40.24
N ILE B 714 -50.85 56.29 40.74
CA ILE B 714 -51.44 55.23 41.56
C ILE B 714 -52.59 54.63 40.78
N PRO B 715 -52.63 53.31 40.57
CA PRO B 715 -53.74 52.71 39.83
C PRO B 715 -55.02 52.72 40.64
N THR B 716 -56.14 52.83 39.92
CA THR B 716 -57.46 52.88 40.54
C THR B 716 -58.28 51.62 40.29
N ASN B 717 -57.76 50.67 39.52
CA ASN B 717 -58.47 49.44 39.21
C ASN B 717 -57.44 48.34 38.95
N PHE B 718 -57.92 47.17 38.55
CA PHE B 718 -57.04 46.04 38.29
C PHE B 718 -57.77 45.05 37.39
N THR B 719 -57.05 44.02 36.98
CA THR B 719 -57.60 42.96 36.15
C THR B 719 -56.86 41.67 36.41
N ILE B 720 -57.58 40.56 36.33
CA ILE B 720 -57.00 39.23 36.54
C ILE B 720 -56.61 38.65 35.19
N SER B 721 -55.35 38.23 35.07
CA SER B 721 -54.82 37.69 33.83
C SER B 721 -54.25 36.31 34.10
N VAL B 722 -54.82 35.30 33.46
CA VAL B 722 -54.36 33.92 33.56
C VAL B 722 -53.51 33.61 32.33
N THR B 723 -52.23 33.34 32.54
CA THR B 723 -51.30 33.06 31.47
C THR B 723 -51.11 31.55 31.31
N THR B 724 -50.24 31.17 30.39
CA THR B 724 -49.96 29.77 30.11
C THR B 724 -48.49 29.62 29.76
N GLU B 725 -47.81 28.68 30.43
CA GLU B 725 -46.39 28.44 30.20
C GLU B 725 -46.18 26.94 30.00
N ILE B 726 -45.70 26.57 28.82
CA ILE B 726 -45.44 25.18 28.48
C ILE B 726 -44.00 24.84 28.82
N LEU B 727 -43.78 23.68 29.42
CA LEU B 727 -42.44 23.26 29.81
C LEU B 727 -42.24 21.77 29.54
N PRO B 728 -41.22 21.40 28.76
CA PRO B 728 -40.94 19.98 28.56
C PRO B 728 -40.44 19.33 29.85
N VAL B 729 -40.89 18.10 30.09
CA VAL B 729 -40.54 17.36 31.29
C VAL B 729 -39.75 16.10 30.97
N SER B 730 -40.22 15.31 29.99
CA SER B 730 -39.56 14.05 29.65
C SER B 730 -39.69 13.83 28.15
N MET B 731 -39.04 12.76 27.67
CA MET B 731 -39.09 12.39 26.27
C MET B 731 -39.54 10.95 26.10
N THR B 732 -39.52 10.46 24.86
CA THR B 732 -39.87 9.07 24.59
C THR B 732 -38.67 8.18 24.88
N LYS B 733 -38.83 7.26 25.84
CA LYS B 733 -37.75 6.35 26.22
C LYS B 733 -37.54 5.35 25.09
N THR B 734 -36.47 5.54 24.34
CA THR B 734 -36.14 4.66 23.23
C THR B 734 -35.01 3.71 23.61
N SER B 735 -34.98 2.56 22.93
CA SER B 735 -33.96 1.55 23.15
C SER B 735 -33.45 1.07 21.79
N VAL B 736 -32.14 1.13 21.60
CA VAL B 736 -31.51 0.77 20.34
C VAL B 736 -30.62 -0.44 20.59
N ASP B 737 -31.04 -1.60 20.12
CA ASP B 737 -30.22 -2.80 20.22
C ASP B 737 -28.97 -2.62 19.36
N CYS B 738 -27.80 -2.59 20.01
CA CYS B 738 -26.57 -2.26 19.31
C CYS B 738 -26.25 -3.28 18.23
N THR B 739 -26.20 -4.57 18.62
CA THR B 739 -25.83 -5.61 17.66
C THR B 739 -26.88 -5.76 16.57
N MET B 740 -28.16 -5.76 16.94
CA MET B 740 -29.23 -5.92 15.96
C MET B 740 -29.25 -4.75 14.97
N TYR B 741 -28.91 -3.55 15.43
CA TYR B 741 -28.87 -2.40 14.53
C TYR B 741 -27.64 -2.44 13.64
N ILE B 742 -26.48 -2.78 14.20
CA ILE B 742 -25.24 -2.74 13.41
C ILE B 742 -25.23 -3.89 12.40
N CYS B 743 -25.25 -5.13 12.88
CA CYS B 743 -25.19 -6.28 11.99
C CYS B 743 -26.57 -6.84 11.67
N GLY B 744 -27.26 -7.39 12.66
CA GLY B 744 -28.59 -7.93 12.48
C GLY B 744 -28.57 -9.42 12.21
N ASP B 745 -28.87 -10.22 13.24
CA ASP B 745 -28.95 -11.68 13.14
C ASP B 745 -27.81 -12.26 12.31
N SER B 746 -26.58 -11.84 12.63
CA SER B 746 -25.40 -12.25 11.87
C SER B 746 -24.29 -12.64 12.86
N THR B 747 -23.99 -13.93 12.93
CA THR B 747 -23.01 -14.42 13.88
C THR B 747 -21.60 -13.96 13.51
N GLU B 748 -21.23 -14.06 12.22
CA GLU B 748 -19.90 -13.64 11.81
C GLU B 748 -19.71 -12.14 11.98
N CYS B 749 -20.71 -11.35 11.61
CA CYS B 749 -20.62 -9.91 11.78
C CYS B 749 -20.59 -9.53 13.27
N SER B 750 -21.31 -10.27 14.10
CA SER B 750 -21.25 -10.01 15.55
C SER B 750 -19.86 -10.34 16.10
N ASN B 751 -19.27 -11.44 15.64
CA ASN B 751 -17.92 -11.79 16.09
C ASN B 751 -16.91 -10.75 15.64
N LEU B 752 -17.09 -10.20 14.43
CA LEU B 752 -16.20 -9.14 13.97
C LEU B 752 -16.41 -7.85 14.75
N LEU B 753 -17.65 -7.56 15.15
CA LEU B 753 -17.93 -6.38 15.95
C LEU B 753 -17.38 -6.50 17.36
N LEU B 754 -17.34 -7.72 17.90
CA LEU B 754 -16.81 -7.93 19.25
C LEU B 754 -15.34 -7.56 19.39
N GLN B 755 -14.63 -7.35 18.27
CA GLN B 755 -13.24 -6.96 18.32
C GLN B 755 -13.04 -5.46 18.56
N TYR B 756 -14.11 -4.69 18.68
CA TYR B 756 -14.02 -3.26 18.88
C TYR B 756 -14.07 -2.84 20.34
N GLY B 757 -14.27 -3.78 21.26
CA GLY B 757 -14.25 -3.45 22.67
C GLY B 757 -15.60 -3.56 23.36
N SER B 758 -15.98 -2.50 24.07
CA SER B 758 -17.22 -2.49 24.86
C SER B 758 -18.13 -1.33 24.46
N PHE B 759 -18.09 -0.95 23.18
CA PHE B 759 -18.94 0.15 22.72
C PHE B 759 -20.41 -0.23 22.80
N CYS B 760 -20.73 -1.50 22.53
CA CYS B 760 -22.11 -1.97 22.67
C CYS B 760 -22.60 -1.75 24.10
N THR B 761 -21.83 -2.20 25.09
CA THR B 761 -22.23 -2.05 26.47
C THR B 761 -22.28 -0.58 26.87
N GLN B 762 -21.36 0.24 26.37
CA GLN B 762 -21.37 1.66 26.68
C GLN B 762 -22.67 2.31 26.18
N LEU B 763 -23.05 2.02 24.93
CA LEU B 763 -24.26 2.62 24.37
C LEU B 763 -25.51 2.11 25.07
N ASN B 764 -25.54 0.81 25.40
CA ASN B 764 -26.69 0.26 26.12
C ASN B 764 -26.83 0.89 27.49
N ARG B 765 -25.72 1.05 28.21
CA ARG B 765 -25.77 1.69 29.51
C ARG B 765 -26.19 3.15 29.40
N ALA B 766 -25.72 3.84 28.36
CA ALA B 766 -26.14 5.23 28.16
C ALA B 766 -27.63 5.33 27.90
N LEU B 767 -28.17 4.44 27.07
CA LEU B 767 -29.61 4.47 26.79
C LEU B 767 -30.42 4.11 28.04
N THR B 768 -29.95 3.14 28.82
CA THR B 768 -30.66 2.79 30.06
C THR B 768 -30.64 3.97 31.04
N GLY B 769 -29.50 4.64 31.16
CA GLY B 769 -29.44 5.81 32.02
C GLY B 769 -30.34 6.93 31.54
N ILE B 770 -30.43 7.13 30.22
CA ILE B 770 -31.33 8.14 29.68
C ILE B 770 -32.78 7.79 30.00
N ALA B 771 -33.14 6.52 29.88
CA ALA B 771 -34.51 6.11 30.21
C ALA B 771 -34.82 6.32 31.69
N VAL B 772 -33.90 5.92 32.57
CA VAL B 772 -34.11 6.10 34.00
C VAL B 772 -34.19 7.59 34.33
N GLU B 773 -33.41 8.42 33.63
CA GLU B 773 -33.46 9.86 33.86
C GLU B 773 -34.79 10.45 33.41
N GLN B 774 -35.29 10.03 32.25
CA GLN B 774 -36.59 10.51 31.79
C GLN B 774 -37.71 10.06 32.71
N ASP B 775 -37.57 8.89 33.35
CA ASP B 775 -38.56 8.48 34.33
C ASP B 775 -38.47 9.31 35.60
N LYS B 776 -37.27 9.51 36.14
CA LYS B 776 -37.13 10.24 37.39
C LYS B 776 -37.48 11.71 37.22
N ASN B 777 -37.34 12.26 36.00
CA ASN B 777 -37.73 13.64 35.76
C ASN B 777 -39.22 13.84 36.04
N THR B 778 -40.07 13.11 35.31
CA THR B 778 -41.50 13.23 35.55
C THR B 778 -41.89 12.76 36.95
N GLN B 779 -41.14 11.80 37.51
CA GLN B 779 -41.40 11.40 38.90
C GLN B 779 -41.25 12.58 39.85
N GLU B 780 -40.09 13.23 39.83
CA GLU B 780 -39.84 14.38 40.69
C GLU B 780 -40.68 15.59 40.33
N VAL B 781 -41.20 15.67 39.11
CA VAL B 781 -42.04 16.81 38.73
C VAL B 781 -43.45 16.63 39.26
N PHE B 782 -44.08 15.48 38.99
CA PHE B 782 -45.47 15.30 39.35
C PHE B 782 -45.65 14.68 40.73
N ALA B 783 -44.96 13.58 41.02
CA ALA B 783 -45.14 12.87 42.29
C ALA B 783 -44.45 13.68 43.40
N GLN B 784 -45.13 14.74 43.83
CA GLN B 784 -44.65 15.58 44.91
C GLN B 784 -45.55 15.58 46.13
N VAL B 785 -46.83 15.29 45.98
CA VAL B 785 -47.77 15.24 47.10
C VAL B 785 -47.81 13.82 47.64
N LYS B 786 -48.01 13.70 48.96
CA LYS B 786 -48.03 12.39 49.59
C LYS B 786 -49.39 11.71 49.45
N GLN B 787 -50.45 12.38 49.86
CA GLN B 787 -51.80 11.83 49.82
C GLN B 787 -52.57 12.40 48.64
N ILE B 788 -53.42 11.58 48.04
CA ILE B 788 -54.23 11.98 46.89
C ILE B 788 -55.50 12.63 47.42
N TYR B 789 -55.68 13.91 47.10
CA TYR B 789 -56.85 14.66 47.54
C TYR B 789 -57.94 14.64 46.46
N LYS B 790 -59.16 14.93 46.89
CA LYS B 790 -60.31 15.01 46.00
C LYS B 790 -61.12 16.26 46.33
N THR B 791 -61.88 16.71 45.35
CA THR B 791 -62.70 17.91 45.53
C THR B 791 -64.06 17.53 46.13
N PRO B 792 -64.61 18.38 47.00
CA PRO B 792 -65.92 18.09 47.58
C PRO B 792 -67.02 18.20 46.53
N PRO B 793 -68.15 17.52 46.73
CA PRO B 793 -69.23 17.62 45.73
C PRO B 793 -69.87 19.00 45.67
N ILE B 794 -69.86 19.75 46.76
CA ILE B 794 -70.42 21.10 46.80
C ILE B 794 -69.34 22.07 46.37
N LYS B 795 -69.46 22.58 45.15
CA LYS B 795 -68.46 23.51 44.60
C LYS B 795 -68.80 24.94 45.04
N ASP B 796 -68.68 25.16 46.34
CA ASP B 796 -68.91 26.47 46.94
C ASP B 796 -67.57 27.16 47.14
N PHE B 797 -67.02 27.66 46.04
CA PHE B 797 -65.71 28.30 46.03
C PHE B 797 -65.81 29.83 46.02
N GLY B 798 -66.91 30.37 46.54
CA GLY B 798 -67.07 31.81 46.61
C GLY B 798 -67.34 32.49 45.28
N GLY B 799 -67.65 31.74 44.23
CA GLY B 799 -67.92 32.30 42.92
C GLY B 799 -66.94 31.88 41.83
N PHE B 800 -65.79 31.31 42.18
CA PHE B 800 -64.83 30.86 41.19
C PHE B 800 -65.27 29.54 40.60
N ASN B 801 -65.13 29.40 39.28
CA ASN B 801 -65.57 28.23 38.54
C ASN B 801 -64.34 27.45 38.09
N PHE B 802 -64.09 26.32 38.74
CA PHE B 802 -62.97 25.44 38.41
C PHE B 802 -63.42 24.17 37.70
N SER B 803 -64.67 24.13 37.22
CA SER B 803 -65.18 22.93 36.56
C SER B 803 -64.47 22.64 35.25
N GLN B 804 -63.82 23.63 34.65
CA GLN B 804 -63.12 23.43 33.39
C GLN B 804 -61.72 22.86 33.58
N ILE B 805 -61.15 22.97 34.78
CA ILE B 805 -59.83 22.41 35.07
C ILE B 805 -59.91 21.18 35.96
N LEU B 806 -61.05 20.91 36.58
CA LEU B 806 -61.19 19.69 37.36
C LEU B 806 -61.68 18.54 36.49
N PRO B 807 -61.20 17.32 36.71
CA PRO B 807 -61.62 16.19 35.87
C PRO B 807 -63.09 15.86 36.07
N ASP B 808 -63.69 15.33 35.01
CA ASP B 808 -65.08 14.90 35.01
C ASP B 808 -65.18 13.39 34.84
N PRO B 809 -66.08 12.73 35.58
CA PRO B 809 -66.16 11.27 35.51
C PRO B 809 -66.83 10.73 34.25
N SER B 810 -67.33 11.59 33.37
CA SER B 810 -68.01 11.14 32.16
C SER B 810 -67.02 10.88 31.02
N LYS B 811 -65.99 10.08 31.31
CA LYS B 811 -64.96 9.70 30.35
C LYS B 811 -64.05 8.64 30.95
N PRO B 812 -63.43 7.78 30.14
CA PRO B 812 -62.54 6.74 30.69
C PRO B 812 -61.37 7.33 31.47
N SER B 813 -60.61 8.20 30.83
CA SER B 813 -59.46 8.83 31.47
C SER B 813 -59.93 10.08 32.21
N LYS B 814 -59.61 10.15 33.51
CA LYS B 814 -60.05 11.27 34.34
C LYS B 814 -59.25 12.53 34.05
N ARG B 815 -59.49 13.13 32.88
CA ARG B 815 -58.80 14.34 32.47
C ARG B 815 -59.82 15.47 32.29
N SER B 816 -59.40 16.68 32.59
CA SER B 816 -60.27 17.85 32.46
C SER B 816 -60.38 18.27 30.99
N PHE B 817 -61.19 19.30 30.73
CA PHE B 817 -61.36 19.78 29.37
C PHE B 817 -60.07 20.37 28.82
N ILE B 818 -59.34 21.11 29.66
CA ILE B 818 -58.06 21.67 29.22
C ILE B 818 -57.07 20.56 28.90
N GLU B 819 -57.02 19.53 29.75
CA GLU B 819 -56.11 18.41 29.49
C GLU B 819 -56.49 17.66 28.22
N ASP B 820 -57.79 17.48 27.98
CA ASP B 820 -58.23 16.85 26.74
C ASP B 820 -57.83 17.68 25.53
N LEU B 821 -57.99 19.00 25.60
CA LEU B 821 -57.57 19.86 24.50
C LEU B 821 -56.07 19.76 24.27
N LEU B 822 -55.28 19.74 25.34
CA LEU B 822 -53.83 19.67 25.20
C LEU B 822 -53.40 18.33 24.61
N PHE B 823 -54.05 17.24 25.01
CA PHE B 823 -53.70 15.93 24.47
C PHE B 823 -54.17 15.76 23.03
N ASN B 824 -55.23 16.47 22.64
CA ASN B 824 -55.71 16.37 21.27
C ASN B 824 -54.93 17.26 20.32
N LYS B 825 -54.40 18.39 20.81
CA LYS B 825 -53.64 19.28 19.94
C LYS B 825 -52.27 18.69 19.62
N VAL B 826 -51.60 18.11 20.62
CA VAL B 826 -50.29 17.51 20.40
C VAL B 826 -50.47 16.20 19.64
N THR B 827 -49.84 16.11 18.47
CA THR B 827 -49.92 14.90 17.65
C THR B 827 -48.57 14.23 17.55
N LYS B 854 -42.17 -2.49 16.66
CA LYS B 854 -40.90 -3.13 16.36
C LYS B 854 -40.26 -2.52 15.11
N PHE B 855 -38.93 -2.53 15.06
CA PHE B 855 -38.19 -1.98 13.94
C PHE B 855 -36.90 -2.78 13.80
N ASN B 856 -35.95 -2.24 13.02
CA ASN B 856 -34.66 -2.89 12.83
C ASN B 856 -33.71 -2.56 13.97
N GLY B 857 -34.14 -2.91 15.18
CA GLY B 857 -33.39 -2.65 16.40
C GLY B 857 -33.92 -1.49 17.22
N LEU B 858 -34.89 -0.73 16.70
CA LEU B 858 -35.44 0.42 17.40
C LEU B 858 -36.72 0.00 18.12
N THR B 859 -36.77 0.26 19.43
CA THR B 859 -37.95 -0.04 20.22
C THR B 859 -38.13 1.05 21.28
N VAL B 860 -39.38 1.46 21.48
CA VAL B 860 -39.72 2.51 22.44
C VAL B 860 -40.26 1.87 23.70
N LEU B 861 -39.74 2.29 24.85
CA LEU B 861 -40.19 1.77 26.14
C LEU B 861 -41.32 2.63 26.68
N PRO B 862 -42.36 2.01 27.26
CA PRO B 862 -43.47 2.80 27.79
C PRO B 862 -43.07 3.46 29.10
N PRO B 863 -43.61 4.64 29.39
CA PRO B 863 -43.25 5.32 30.65
C PRO B 863 -43.85 4.59 31.85
N LEU B 864 -43.24 4.84 33.01
CA LEU B 864 -43.71 4.22 34.25
C LEU B 864 -45.08 4.75 34.64
N LEU B 865 -45.20 6.07 34.77
CA LEU B 865 -46.47 6.70 35.13
C LEU B 865 -47.29 6.94 33.87
N THR B 866 -48.48 6.34 33.82
CA THR B 866 -49.35 6.48 32.67
C THR B 866 -50.02 7.86 32.66
N ASP B 867 -50.69 8.15 31.55
CA ASP B 867 -51.41 9.42 31.43
C ASP B 867 -52.51 9.52 32.47
N GLU B 868 -53.18 8.40 32.78
CA GLU B 868 -54.20 8.41 33.81
C GLU B 868 -53.62 8.73 35.18
N MET B 869 -52.44 8.17 35.49
CA MET B 869 -51.81 8.45 36.77
C MET B 869 -51.33 9.89 36.84
N ILE B 870 -50.82 10.43 35.73
CA ILE B 870 -50.43 11.84 35.72
C ILE B 870 -51.64 12.74 35.91
N ALA B 871 -52.76 12.39 35.28
CA ALA B 871 -53.98 13.17 35.46
C ALA B 871 -54.48 13.10 36.90
N GLN B 872 -54.37 11.92 37.53
CA GLN B 872 -54.76 11.79 38.93
C GLN B 872 -53.85 12.63 39.84
N TYR B 873 -52.55 12.64 39.54
CA TYR B 873 -51.62 13.47 40.31
C TYR B 873 -51.97 14.95 40.17
N THR B 874 -52.25 15.39 38.94
CA THR B 874 -52.61 16.80 38.73
C THR B 874 -53.93 17.14 39.42
N SER B 875 -54.88 16.22 39.41
CA SER B 875 -56.16 16.45 40.08
C SER B 875 -55.98 16.54 41.59
N ALA B 876 -55.13 15.67 42.15
CA ALA B 876 -54.85 15.72 43.58
C ALA B 876 -54.17 17.04 43.95
N LEU B 877 -53.21 17.47 43.14
CA LEU B 877 -52.55 18.76 43.38
C LEU B 877 -53.55 19.90 43.32
N LEU B 878 -54.45 19.88 42.33
CA LEU B 878 -55.45 20.94 42.19
C LEU B 878 -56.39 20.96 43.39
N ALA B 879 -56.84 19.78 43.83
CA ALA B 879 -57.74 19.71 44.98
C ALA B 879 -57.06 20.21 46.25
N GLY B 880 -55.83 19.74 46.49
CA GLY B 880 -55.08 20.22 47.65
C GLY B 880 -54.87 21.72 47.62
N THR B 881 -54.55 22.26 46.44
CA THR B 881 -54.40 23.71 46.31
C THR B 881 -55.70 24.42 46.68
N ILE B 882 -56.79 24.08 45.99
CA ILE B 882 -58.07 24.76 46.23
C ILE B 882 -58.50 24.64 47.69
N THR B 883 -58.17 23.53 48.35
CA THR B 883 -58.66 23.32 49.71
C THR B 883 -57.71 23.81 50.80
N SER B 884 -56.45 24.10 50.48
CA SER B 884 -55.52 24.46 51.55
C SER B 884 -54.77 25.76 51.32
N GLY B 885 -54.49 26.11 50.07
CA GLY B 885 -53.63 27.26 49.79
C GLY B 885 -52.18 26.82 49.58
N TRP B 886 -51.36 26.98 50.62
CA TRP B 886 -49.98 26.54 50.60
C TRP B 886 -49.61 25.66 51.78
N THR B 887 -50.58 25.30 52.63
CA THR B 887 -50.28 24.50 53.81
C THR B 887 -50.07 23.02 53.49
N PHE B 888 -50.56 22.56 52.34
CA PHE B 888 -50.42 21.16 51.97
C PHE B 888 -49.02 20.81 51.47
N GLY B 889 -48.13 21.78 51.36
CA GLY B 889 -46.77 21.52 50.91
C GLY B 889 -45.78 21.48 52.05
N ALA B 890 -46.02 22.29 53.08
CA ALA B 890 -45.13 22.31 54.24
C ALA B 890 -45.43 21.16 55.19
N GLY B 891 -46.63 21.13 55.74
CA GLY B 891 -47.02 20.07 56.65
C GLY B 891 -48.21 19.27 56.14
N ALA B 892 -49.33 19.35 56.86
CA ALA B 892 -50.56 18.67 56.49
C ALA B 892 -51.55 19.66 55.89
N ALA B 893 -52.46 19.12 55.08
CA ALA B 893 -53.46 19.96 54.43
C ALA B 893 -54.43 20.52 55.46
N LEU B 894 -54.62 21.84 55.43
CA LEU B 894 -55.51 22.53 56.36
C LEU B 894 -56.66 23.14 55.58
N GLN B 895 -57.88 22.85 56.01
CA GLN B 895 -59.06 23.39 55.36
C GLN B 895 -59.12 24.91 55.52
N ILE B 896 -59.57 25.58 54.48
CA ILE B 896 -59.67 27.05 54.46
C ILE B 896 -60.56 27.46 53.30
N PRO B 897 -61.50 28.39 53.50
CA PRO B 897 -62.33 28.83 52.37
C PRO B 897 -61.50 29.56 51.32
N PHE B 898 -61.94 29.42 50.06
CA PHE B 898 -61.20 30.00 48.96
C PHE B 898 -61.21 31.51 49.00
N ALA B 899 -62.25 32.11 49.59
CA ALA B 899 -62.29 33.56 49.75
C ALA B 899 -61.14 34.03 50.64
N MET B 900 -60.97 33.39 51.80
CA MET B 900 -59.86 33.76 52.68
C MET B 900 -58.52 33.38 52.08
N GLN B 901 -58.47 32.30 51.29
CA GLN B 901 -57.25 31.95 50.59
C GLN B 901 -56.84 33.07 49.64
N MET B 902 -57.78 33.55 48.83
CA MET B 902 -57.49 34.67 47.93
C MET B 902 -57.17 35.95 48.69
N ALA B 903 -57.79 36.15 49.85
CA ALA B 903 -57.43 37.31 50.68
C ALA B 903 -55.98 37.23 51.13
N TYR B 904 -55.53 36.04 51.54
CA TYR B 904 -54.13 35.86 51.91
C TYR B 904 -53.21 36.07 50.71
N ARG B 905 -53.61 35.55 49.54
CA ARG B 905 -52.83 35.76 48.33
C ARG B 905 -52.67 37.24 48.02
N PHE B 906 -53.76 38.01 48.16
CA PHE B 906 -53.69 39.45 47.92
C PHE B 906 -52.83 40.15 48.95
N ASN B 907 -52.94 39.75 50.22
CA ASN B 907 -52.08 40.32 51.26
C ASN B 907 -50.62 39.96 51.06
N GLY B 908 -50.33 38.89 50.31
CA GLY B 908 -48.96 38.50 50.04
C GLY B 908 -48.23 39.32 49.01
N ILE B 909 -48.90 40.28 48.37
CA ILE B 909 -48.27 41.13 47.36
C ILE B 909 -48.34 42.61 47.70
N GLY B 910 -49.12 43.01 48.69
CA GLY B 910 -49.24 44.40 49.09
C GLY B 910 -50.64 44.97 49.03
N VAL B 911 -51.62 44.21 48.53
CA VAL B 911 -53.01 44.68 48.45
C VAL B 911 -53.76 44.15 49.67
N THR B 912 -54.48 45.04 50.34
CA THR B 912 -55.23 44.65 51.52
C THR B 912 -56.39 43.71 51.15
N GLN B 913 -56.88 42.99 52.16
CA GLN B 913 -57.92 42.00 51.94
C GLN B 913 -59.30 42.60 51.75
N ASN B 914 -59.50 43.86 52.14
CA ASN B 914 -60.80 44.49 51.95
C ASN B 914 -61.11 44.68 50.46
N VAL B 915 -60.09 44.90 49.65
CA VAL B 915 -60.30 45.01 48.20
C VAL B 915 -60.94 43.75 47.66
N LEU B 916 -60.40 42.59 48.04
CA LEU B 916 -61.01 41.33 47.61
C LEU B 916 -62.38 41.12 48.24
N TYR B 917 -62.52 41.40 49.54
CA TYR B 917 -63.80 41.19 50.19
C TYR B 917 -64.88 42.12 49.65
N GLU B 918 -64.51 43.17 48.93
CA GLU B 918 -65.49 44.06 48.30
C GLU B 918 -65.67 43.80 46.82
N ASN B 919 -64.68 43.24 46.13
CA ASN B 919 -64.77 43.00 44.69
C ASN B 919 -64.62 41.54 44.33
N GLN B 920 -65.03 40.65 45.24
CA GLN B 920 -64.97 39.21 44.97
C GLN B 920 -65.77 38.85 43.72
N LYS B 921 -66.94 39.46 43.53
CA LYS B 921 -67.75 39.17 42.36
C LYS B 921 -67.02 39.55 41.08
N LEU B 922 -66.45 40.75 41.04
CA LEU B 922 -65.72 41.19 39.86
C LEU B 922 -64.50 40.32 39.61
N ILE B 923 -63.80 39.92 40.67
CA ILE B 923 -62.61 39.10 40.50
C ILE B 923 -62.99 37.71 39.98
N ALA B 924 -64.08 37.14 40.48
CA ALA B 924 -64.53 35.85 39.99
C ALA B 924 -64.98 35.93 38.54
N ASN B 925 -65.65 37.02 38.17
CA ASN B 925 -66.06 37.19 36.77
C ASN B 925 -64.84 37.33 35.87
N GLN B 926 -63.83 38.08 36.30
CA GLN B 926 -62.62 38.22 35.51
C GLN B 926 -61.89 36.89 35.38
N PHE B 927 -61.86 36.10 36.45
CA PHE B 927 -61.21 34.79 36.38
C PHE B 927 -61.95 33.86 35.43
N ASN B 928 -63.28 33.86 35.48
CA ASN B 928 -64.05 33.03 34.56
C ASN B 928 -63.86 33.47 33.12
N SER B 929 -63.81 34.79 32.89
CA SER B 929 -63.57 35.29 31.54
C SER B 929 -62.18 34.90 31.05
N ALA B 930 -61.18 34.95 31.92
CA ALA B 930 -59.84 34.53 31.53
C ALA B 930 -59.78 33.04 31.21
N ILE B 931 -60.48 32.22 32.00
CA ILE B 931 -60.52 30.80 31.73
C ILE B 931 -61.21 30.53 30.39
N GLY B 932 -62.30 31.26 30.12
CA GLY B 932 -62.97 31.10 28.84
C GLY B 932 -62.11 31.51 27.67
N LYS B 933 -61.36 32.61 27.82
CA LYS B 933 -60.46 33.03 26.77
C LYS B 933 -59.35 32.02 26.54
N ILE B 934 -58.83 31.42 27.62
CA ILE B 934 -57.81 30.38 27.48
C ILE B 934 -58.39 29.18 26.74
N GLN B 935 -59.61 28.79 27.09
CA GLN B 935 -60.26 27.67 26.39
C GLN B 935 -60.43 27.97 24.91
N ASP B 936 -60.90 29.18 24.58
CA ASP B 936 -61.11 29.54 23.19
C ASP B 936 -59.79 29.57 22.43
N SER B 937 -58.72 30.09 23.05
CA SER B 937 -57.43 30.10 22.38
C SER B 937 -56.90 28.69 22.16
N LEU B 938 -57.01 27.82 23.16
CA LEU B 938 -56.54 26.44 22.99
C LEU B 938 -57.37 25.69 21.97
N SER B 939 -58.65 26.03 21.81
CA SER B 939 -59.48 25.37 20.83
C SER B 939 -59.27 25.91 19.42
N SER B 940 -58.85 27.17 19.30
CA SER B 940 -58.67 27.78 17.99
C SER B 940 -57.26 27.58 17.47
N THR B 941 -56.25 28.07 18.19
CA THR B 941 -54.87 27.98 17.74
C THR B 941 -54.31 26.60 18.05
N ALA B 942 -53.68 25.98 17.05
CA ALA B 942 -53.07 24.68 17.21
C ALA B 942 -51.58 24.75 17.52
N SER B 943 -50.95 25.92 17.36
CA SER B 943 -49.54 26.10 17.61
C SER B 943 -49.25 26.62 19.01
N ALA B 944 -50.12 26.33 19.98
CA ALA B 944 -49.91 26.78 21.35
C ALA B 944 -48.74 26.05 22.00
N LEU B 945 -48.80 24.72 22.03
CA LEU B 945 -47.73 23.91 22.61
C LEU B 945 -46.62 23.79 21.58
N GLY B 946 -45.62 24.66 21.70
CA GLY B 946 -44.55 24.71 20.72
C GLY B 946 -43.34 23.86 21.06
N LYS B 947 -42.86 23.98 22.31
CA LYS B 947 -41.63 23.27 22.69
C LYS B 947 -41.84 21.76 22.74
N LEU B 948 -43.02 21.31 23.17
CA LEU B 948 -43.31 19.88 23.20
C LEU B 948 -43.29 19.31 21.79
N GLN B 949 -43.97 19.97 20.85
CA GLN B 949 -43.98 19.51 19.46
C GLN B 949 -42.57 19.60 18.86
N ASP B 950 -41.79 20.60 19.25
CA ASP B 950 -40.42 20.70 18.73
C ASP B 950 -39.57 19.54 19.22
N VAL B 951 -39.70 19.17 20.50
CA VAL B 951 -38.94 18.03 21.02
C VAL B 951 -39.38 16.74 20.35
N VAL B 952 -40.70 16.58 20.14
CA VAL B 952 -41.20 15.37 19.48
C VAL B 952 -40.66 15.29 18.05
N ASN B 953 -40.66 16.42 17.33
CA ASN B 953 -40.16 16.43 15.97
C ASN B 953 -38.65 16.16 15.93
N GLN B 954 -37.91 16.68 16.89
CA GLN B 954 -36.47 16.42 16.94
C GLN B 954 -36.19 14.95 17.18
N ASN B 955 -36.93 14.33 18.11
CA ASN B 955 -36.76 12.90 18.36
C ASN B 955 -37.13 12.09 17.13
N ALA B 956 -38.22 12.47 16.44
CA ALA B 956 -38.62 11.74 15.25
C ALA B 956 -37.59 11.87 14.14
N GLN B 957 -37.02 13.07 13.97
CA GLN B 957 -36.00 13.25 12.95
C GLN B 957 -34.73 12.48 13.28
N ALA B 958 -34.36 12.43 14.58
CA ALA B 958 -33.20 11.64 14.98
C ALA B 958 -33.42 10.16 14.70
N LEU B 959 -34.61 9.65 15.02
CA LEU B 959 -34.89 8.24 14.75
C LEU B 959 -34.90 7.96 13.25
N ASN B 960 -35.49 8.86 12.46
CA ASN B 960 -35.53 8.66 11.01
C ASN B 960 -34.12 8.69 10.42
N THR B 961 -33.27 9.58 10.91
CA THR B 961 -31.89 9.62 10.42
C THR B 961 -31.13 8.36 10.82
N LEU B 962 -31.32 7.89 12.06
CA LEU B 962 -30.67 6.66 12.49
C LEU B 962 -31.13 5.47 11.66
N VAL B 963 -32.40 5.45 11.24
CA VAL B 963 -32.89 4.36 10.41
C VAL B 963 -32.33 4.47 8.99
N LYS B 964 -32.35 5.68 8.42
CA LYS B 964 -31.88 5.86 7.05
C LYS B 964 -30.37 5.71 6.92
N GLN B 965 -29.63 5.80 8.02
CA GLN B 965 -28.18 5.57 7.93
C GLN B 965 -27.82 4.11 7.67
N LEU B 966 -28.79 3.20 7.50
CA LEU B 966 -28.51 1.82 7.18
C LEU B 966 -28.51 1.54 5.68
N SER B 967 -28.99 2.47 4.87
CA SER B 967 -29.00 2.32 3.42
C SER B 967 -27.75 2.85 2.76
N SER B 968 -26.71 3.16 3.53
CA SER B 968 -25.47 3.70 3.01
C SER B 968 -24.43 2.60 2.90
N ASN B 969 -23.54 2.74 1.91
CA ASN B 969 -22.50 1.75 1.67
C ASN B 969 -21.24 1.98 2.50
N PHE B 970 -20.92 3.25 2.79
CA PHE B 970 -19.71 3.60 3.55
C PHE B 970 -18.45 3.06 2.88
N GLY B 971 -18.45 2.95 1.55
CA GLY B 971 -17.33 2.43 0.82
C GLY B 971 -17.39 0.96 0.52
N ALA B 972 -18.43 0.25 0.96
CA ALA B 972 -18.56 -1.17 0.72
C ALA B 972 -19.24 -1.43 -0.62
N ILE B 973 -19.48 -2.71 -0.92
CA ILE B 973 -20.13 -3.06 -2.18
C ILE B 973 -21.61 -2.70 -2.14
N SER B 974 -22.28 -3.02 -1.04
CA SER B 974 -23.70 -2.71 -0.89
C SER B 974 -24.00 -2.51 0.59
N SER B 975 -25.21 -2.04 0.87
CA SER B 975 -25.67 -1.81 2.22
C SER B 975 -26.47 -2.98 2.78
N VAL B 976 -26.51 -4.10 2.08
CA VAL B 976 -27.26 -5.28 2.50
C VAL B 976 -26.27 -6.33 2.99
N LEU B 977 -26.26 -6.57 4.30
CA LEU B 977 -25.29 -7.49 4.87
C LEU B 977 -25.54 -8.93 4.42
N ASN B 978 -26.80 -9.34 4.32
CA ASN B 978 -27.09 -10.69 3.86
C ASN B 978 -26.70 -10.87 2.40
N ASP B 979 -26.93 -9.85 1.57
CA ASP B 979 -26.50 -9.93 0.17
C ASP B 979 -24.99 -10.01 0.06
N ILE B 980 -24.27 -9.23 0.89
CA ILE B 980 -22.82 -9.31 0.89
C ILE B 980 -22.35 -10.70 1.30
N LEU B 981 -22.95 -11.26 2.35
CA LEU B 981 -22.55 -12.59 2.81
C LEU B 981 -22.87 -13.66 1.78
N SER B 982 -23.95 -13.49 1.01
CA SER B 982 -24.31 -14.46 -0.01
C SER B 982 -23.50 -14.31 -1.29
N ARG B 983 -22.97 -13.12 -1.58
CA ARG B 983 -22.21 -12.91 -2.80
C ARG B 983 -20.72 -13.16 -2.61
N LEU B 984 -20.14 -12.74 -1.49
CA LEU B 984 -18.71 -12.85 -1.25
C LEU B 984 -18.43 -13.83 -0.12
N ASP B 985 -17.32 -14.57 -0.27
CA ASP B 985 -16.85 -15.42 0.81
C ASP B 985 -16.37 -14.55 1.97
N PRO B 986 -16.35 -15.09 3.19
CA PRO B 986 -15.96 -14.31 4.37
C PRO B 986 -14.58 -13.67 4.22
N PRO B 987 -13.56 -14.37 3.70
CA PRO B 987 -12.24 -13.73 3.58
C PRO B 987 -12.25 -12.46 2.74
N GLU B 988 -13.12 -12.37 1.73
CA GLU B 988 -13.19 -11.18 0.90
C GLU B 988 -14.24 -10.18 1.37
N ALA B 989 -15.24 -10.64 2.12
CA ALA B 989 -16.30 -9.77 2.62
C ALA B 989 -16.00 -9.20 4.00
N GLU B 990 -14.91 -9.63 4.64
CA GLU B 990 -14.53 -9.06 5.93
C GLU B 990 -14.30 -7.57 5.83
N VAL B 991 -13.71 -7.10 4.73
CA VAL B 991 -13.43 -5.68 4.58
C VAL B 991 -14.73 -4.89 4.47
N GLN B 992 -15.68 -5.39 3.68
CA GLN B 992 -16.97 -4.70 3.55
C GLN B 992 -17.72 -4.70 4.86
N ILE B 993 -17.68 -5.82 5.59
CA ILE B 993 -18.34 -5.90 6.89
C ILE B 993 -17.71 -4.90 7.86
N ASP B 994 -16.38 -4.78 7.83
CA ASP B 994 -15.71 -3.82 8.71
C ASP B 994 -16.08 -2.39 8.36
N ARG B 995 -16.16 -2.07 7.06
CA ARG B 995 -16.57 -0.73 6.65
C ARG B 995 -17.98 -0.42 7.13
N LEU B 996 -18.91 -1.35 6.93
CA LEU B 996 -20.28 -1.14 7.39
C LEU B 996 -20.35 -0.99 8.90
N ILE B 997 -19.59 -1.81 9.63
CA ILE B 997 -19.59 -1.75 11.08
C ILE B 997 -19.07 -0.40 11.55
N THR B 998 -17.97 0.07 10.97
CA THR B 998 -17.41 1.35 11.37
C THR B 998 -18.38 2.49 11.07
N GLY B 999 -18.99 2.48 9.89
CA GLY B 999 -19.93 3.54 9.55
C GLY B 999 -21.13 3.57 10.47
N ARG B 1000 -21.76 2.41 10.68
CA ARG B 1000 -22.93 2.35 11.55
C ARG B 1000 -22.58 2.65 13.00
N LEU B 1001 -21.39 2.27 13.45
CA LEU B 1001 -20.97 2.57 14.81
C LEU B 1001 -20.74 4.07 14.99
N GLN B 1002 -20.13 4.72 14.00
CA GLN B 1002 -19.95 6.16 14.08
C GLN B 1002 -21.30 6.88 14.09
N SER B 1003 -22.22 6.43 13.23
CA SER B 1003 -23.55 7.05 13.21
C SER B 1003 -24.27 6.86 14.54
N LEU B 1004 -24.18 5.65 15.12
CA LEU B 1004 -24.86 5.39 16.38
C LEU B 1004 -24.22 6.17 17.52
N GLN B 1005 -22.90 6.35 17.49
CA GLN B 1005 -22.24 7.14 18.52
C GLN B 1005 -22.64 8.61 18.42
N THR B 1006 -22.72 9.15 17.20
CA THR B 1006 -23.21 10.52 17.03
C THR B 1006 -24.64 10.65 17.54
N TYR B 1007 -25.50 9.67 17.21
CA TYR B 1007 -26.87 9.70 17.70
C TYR B 1007 -26.93 9.66 19.22
N VAL B 1008 -26.10 8.83 19.85
CA VAL B 1008 -26.11 8.72 21.30
C VAL B 1008 -25.59 10.00 21.95
N THR B 1009 -24.60 10.64 21.35
CA THR B 1009 -24.10 11.90 21.87
C THR B 1009 -25.17 13.00 21.80
N GLN B 1010 -25.82 13.11 20.64
CA GLN B 1010 -26.90 14.09 20.51
C GLN B 1010 -28.04 13.79 21.47
N GLN B 1011 -28.34 12.50 21.68
CA GLN B 1011 -29.40 12.13 22.60
C GLN B 1011 -29.02 12.46 24.04
N LEU B 1012 -27.74 12.30 24.39
CA LEU B 1012 -27.30 12.68 25.73
C LEU B 1012 -27.39 14.18 25.95
N ILE B 1013 -27.01 14.97 24.93
CA ILE B 1013 -27.12 16.42 25.05
C ILE B 1013 -28.59 16.83 25.20
N ARG B 1014 -29.47 16.24 24.38
CA ARG B 1014 -30.89 16.54 24.49
C ARG B 1014 -31.48 16.10 25.82
N ALA B 1015 -30.98 14.98 26.36
CA ALA B 1015 -31.46 14.51 27.66
C ALA B 1015 -31.01 15.43 28.78
N ALA B 1016 -29.79 15.99 28.67
CA ALA B 1016 -29.35 16.97 29.65
C ALA B 1016 -30.20 18.23 29.57
N GLU B 1017 -30.52 18.68 28.36
CA GLU B 1017 -31.40 19.83 28.21
C GLU B 1017 -32.78 19.57 28.80
N ILE B 1018 -33.33 18.37 28.55
CA ILE B 1018 -34.63 18.02 29.10
C ILE B 1018 -34.57 17.89 30.61
N ARG B 1019 -33.44 17.43 31.17
CA ARG B 1019 -33.28 17.38 32.61
C ARG B 1019 -33.28 18.77 33.22
N ALA B 1020 -32.58 19.71 32.58
CA ALA B 1020 -32.61 21.10 33.05
C ALA B 1020 -34.02 21.66 32.99
N SER B 1021 -34.73 21.39 31.89
CA SER B 1021 -36.11 21.87 31.76
C SER B 1021 -37.02 21.26 32.82
N ALA B 1022 -36.82 19.98 33.14
CA ALA B 1022 -37.64 19.31 34.13
C ALA B 1022 -37.34 19.84 35.53
N ASN B 1023 -36.07 20.13 35.82
CA ASN B 1023 -35.73 20.74 37.10
C ASN B 1023 -36.37 22.12 37.22
N LEU B 1024 -36.34 22.91 36.14
CA LEU B 1024 -37.00 24.21 36.16
C LEU B 1024 -38.50 24.06 36.37
N ALA B 1025 -39.10 23.07 35.72
CA ALA B 1025 -40.55 22.86 35.86
C ALA B 1025 -40.91 22.42 37.28
N ALA B 1026 -40.07 21.58 37.90
CA ALA B 1026 -40.33 21.16 39.27
C ALA B 1026 -40.16 22.32 40.23
N THR B 1027 -39.15 23.17 40.01
CA THR B 1027 -38.99 24.36 40.84
C THR B 1027 -40.19 25.30 40.70
N LYS B 1028 -40.67 25.50 39.47
CA LYS B 1028 -41.84 26.34 39.27
C LYS B 1028 -43.07 25.74 39.94
N MET B 1029 -43.24 24.42 39.83
CA MET B 1029 -44.33 23.76 40.53
C MET B 1029 -44.27 24.04 42.03
N SER B 1030 -43.12 23.77 42.65
CA SER B 1030 -42.99 23.91 44.09
C SER B 1030 -43.10 25.36 44.56
N GLU B 1031 -42.74 26.33 43.71
CA GLU B 1031 -42.75 27.73 44.12
C GLU B 1031 -43.98 28.50 43.67
N CYS B 1032 -44.82 27.92 42.81
CA CYS B 1032 -46.04 28.59 42.38
C CYS B 1032 -47.32 27.87 42.79
N VAL B 1033 -47.34 26.54 42.71
CA VAL B 1033 -48.54 25.81 43.07
C VAL B 1033 -48.61 25.57 44.57
N LEU B 1034 -47.49 25.21 45.19
CA LEU B 1034 -47.44 24.93 46.62
C LEU B 1034 -47.13 26.17 47.44
N GLY B 1035 -47.13 27.34 46.84
CA GLY B 1035 -46.85 28.57 47.57
C GLY B 1035 -46.82 29.75 46.61
N GLN B 1036 -46.88 30.93 47.21
CA GLN B 1036 -46.88 32.19 46.48
C GLN B 1036 -45.46 32.76 46.51
N SER B 1037 -44.79 32.75 45.36
CA SER B 1037 -43.43 33.24 45.25
C SER B 1037 -43.41 34.75 45.03
N LYS B 1038 -42.33 35.38 45.46
CA LYS B 1038 -42.12 36.81 45.27
C LYS B 1038 -41.11 37.11 44.17
N ARG B 1039 -40.68 36.09 43.42
CA ARG B 1039 -39.73 36.29 42.34
C ARG B 1039 -40.44 36.91 41.14
N VAL B 1040 -39.87 38.00 40.61
CA VAL B 1040 -40.50 38.73 39.52
C VAL B 1040 -40.42 37.91 38.24
N ASP B 1041 -41.55 37.81 37.53
CA ASP B 1041 -41.64 37.13 36.23
C ASP B 1041 -41.27 35.66 36.33
N PHE B 1042 -41.45 35.05 37.51
CA PHE B 1042 -41.22 33.62 37.69
C PHE B 1042 -42.51 32.83 37.52
N CYS B 1043 -43.53 33.12 38.32
CA CYS B 1043 -44.85 32.50 38.18
C CYS B 1043 -45.76 33.36 37.30
N GLY B 1044 -45.28 33.61 36.09
CA GLY B 1044 -46.00 34.45 35.15
C GLY B 1044 -45.64 35.92 35.26
N LYS B 1045 -46.03 36.67 34.24
CA LYS B 1045 -45.76 38.10 34.20
C LYS B 1045 -46.77 38.85 35.05
N GLY B 1046 -46.28 39.60 36.03
CA GLY B 1046 -47.14 40.37 36.92
C GLY B 1046 -47.02 39.96 38.36
N TYR B 1047 -47.97 40.39 39.19
CA TYR B 1047 -47.99 40.03 40.60
C TYR B 1047 -48.62 38.66 40.76
N HIS B 1048 -47.80 37.68 41.10
CA HIS B 1048 -48.27 36.29 41.18
C HIS B 1048 -49.29 36.13 42.30
N LEU B 1049 -50.38 35.43 42.01
CA LEU B 1049 -51.39 35.07 43.00
C LEU B 1049 -51.48 33.57 43.23
N MET B 1050 -51.69 32.79 42.17
CA MET B 1050 -51.78 31.34 42.30
C MET B 1050 -51.50 30.72 40.93
N SER B 1051 -51.31 29.41 40.92
CA SER B 1051 -51.01 28.68 39.70
C SER B 1051 -51.66 27.31 39.76
N PHE B 1052 -52.07 26.82 38.60
CA PHE B 1052 -52.75 25.54 38.48
C PHE B 1052 -52.02 24.66 37.47
N PRO B 1053 -51.49 23.51 37.88
CA PRO B 1053 -50.82 22.62 36.92
C PRO B 1053 -51.81 21.88 36.02
N GLN B 1054 -51.37 21.62 34.80
CA GLN B 1054 -52.16 20.89 33.82
C GLN B 1054 -51.27 19.88 33.12
N SER B 1055 -51.72 18.64 33.05
CA SER B 1055 -50.94 17.59 32.40
C SER B 1055 -50.88 17.83 30.89
N ALA B 1056 -49.77 17.41 30.30
CA ALA B 1056 -49.55 17.55 28.87
C ALA B 1056 -48.67 16.41 28.40
N PRO B 1057 -48.77 16.00 27.13
CA PRO B 1057 -47.91 14.92 26.63
C PRO B 1057 -46.44 15.25 26.75
N HIS B 1058 -45.72 14.51 27.59
CA HIS B 1058 -44.29 14.70 27.83
C HIS B 1058 -43.99 16.14 28.26
N GLY B 1059 -44.83 16.68 29.12
CA GLY B 1059 -44.63 18.04 29.60
C GLY B 1059 -45.63 18.39 30.67
N VAL B 1060 -45.61 19.68 31.06
CA VAL B 1060 -46.49 20.20 32.08
C VAL B 1060 -46.91 21.61 31.68
N VAL B 1061 -48.14 21.98 32.04
CA VAL B 1061 -48.71 23.27 31.70
C VAL B 1061 -49.18 23.95 32.97
N PHE B 1062 -48.71 25.17 33.20
CA PHE B 1062 -49.10 25.96 34.36
C PHE B 1062 -50.06 27.07 33.93
N LEU B 1063 -50.98 27.40 34.83
CA LEU B 1063 -51.94 28.48 34.61
C LEU B 1063 -51.67 29.54 35.69
N HIS B 1064 -50.76 30.45 35.39
CA HIS B 1064 -50.33 31.47 36.34
C HIS B 1064 -51.39 32.56 36.42
N VAL B 1065 -52.04 32.68 37.57
CA VAL B 1065 -53.00 33.74 37.82
C VAL B 1065 -52.24 34.92 38.42
N THR B 1066 -52.18 36.02 37.66
CA THR B 1066 -51.39 37.18 38.06
C THR B 1066 -52.31 38.37 38.33
N TYR B 1067 -51.77 39.36 39.02
CA TYR B 1067 -52.47 40.59 39.36
C TYR B 1067 -51.86 41.73 38.56
N VAL B 1068 -52.67 42.33 37.68
CA VAL B 1068 -52.20 43.41 36.82
C VAL B 1068 -53.01 44.67 37.11
N PRO B 1069 -52.38 45.72 37.65
CA PRO B 1069 -53.12 46.97 37.89
C PRO B 1069 -53.47 47.66 36.58
N ALA B 1070 -54.62 48.33 36.59
CA ALA B 1070 -55.11 49.05 35.42
C ALA B 1070 -55.69 50.39 35.85
N GLN B 1071 -56.03 51.21 34.86
CA GLN B 1071 -56.63 52.54 35.08
C GLN B 1071 -55.73 53.41 35.96
N GLU B 1072 -54.54 53.69 35.43
CA GLU B 1072 -53.58 54.51 36.15
C GLU B 1072 -54.07 55.96 36.24
N LYS B 1073 -53.74 56.60 37.35
CA LYS B 1073 -54.12 58.00 37.59
C LYS B 1073 -52.97 58.70 38.30
N ASN B 1074 -52.57 59.85 37.78
CA ASN B 1074 -51.46 60.61 38.35
C ASN B 1074 -51.97 61.60 39.39
N PHE B 1075 -51.20 61.75 40.47
CA PHE B 1075 -51.54 62.67 41.54
C PHE B 1075 -50.28 63.42 41.95
N THR B 1076 -50.39 64.23 43.00
CA THR B 1076 -49.27 64.96 43.56
C THR B 1076 -48.84 64.31 44.85
N THR B 1077 -47.54 64.06 44.99
CA THR B 1077 -46.99 63.35 46.14
C THR B 1077 -45.99 64.22 46.88
N ALA B 1078 -45.60 63.75 48.07
CA ALA B 1078 -44.61 64.44 48.89
C ALA B 1078 -43.94 63.41 49.78
N PRO B 1079 -42.64 63.56 50.08
CA PRO B 1079 -41.98 62.56 50.94
C PRO B 1079 -42.57 62.47 52.33
N ALA B 1080 -42.88 63.59 52.95
CA ALA B 1080 -43.43 63.61 54.30
C ALA B 1080 -44.26 64.88 54.47
N ILE B 1081 -44.75 65.10 55.69
CA ILE B 1081 -45.52 66.29 56.04
C ILE B 1081 -45.01 66.81 57.37
N CYS B 1082 -44.94 68.13 57.50
CA CYS B 1082 -44.44 68.79 58.70
C CYS B 1082 -45.61 69.53 59.36
N HIS B 1083 -46.17 68.93 60.42
CA HIS B 1083 -47.31 69.51 61.09
C HIS B 1083 -46.89 70.56 62.12
N ASP B 1084 -46.10 70.15 63.12
CA ASP B 1084 -45.69 71.05 64.19
C ASP B 1084 -44.18 71.06 64.35
N GLY B 1085 -43.45 71.18 63.25
CA GLY B 1085 -42.00 71.20 63.27
C GLY B 1085 -41.36 69.84 63.05
N LYS B 1086 -41.99 68.79 63.56
CA LYS B 1086 -41.49 67.44 63.39
C LYS B 1086 -42.10 66.79 62.15
N ALA B 1087 -41.27 66.04 61.43
CA ALA B 1087 -41.71 65.39 60.21
C ALA B 1087 -42.52 64.13 60.51
N HIS B 1088 -43.42 63.79 59.59
CA HIS B 1088 -44.28 62.62 59.72
C HIS B 1088 -44.15 61.78 58.45
N PHE B 1089 -43.61 60.57 58.61
CA PHE B 1089 -43.41 59.65 57.49
C PHE B 1089 -44.45 58.54 57.53
N PRO B 1090 -44.98 58.12 56.39
CA PRO B 1090 -46.02 57.09 56.39
C PRO B 1090 -45.44 55.71 56.70
N ARG B 1091 -46.20 54.93 57.48
CA ARG B 1091 -45.78 53.58 57.81
C ARG B 1091 -45.86 52.67 56.60
N GLU B 1092 -47.06 52.51 56.03
CA GLU B 1092 -47.26 51.67 54.86
C GLU B 1092 -48.22 52.41 53.91
N GLY B 1093 -47.67 53.07 52.92
CA GLY B 1093 -48.45 53.82 51.98
C GLY B 1093 -47.66 55.00 51.45
N VAL B 1094 -48.34 55.82 50.66
CA VAL B 1094 -47.75 56.99 50.03
C VAL B 1094 -48.71 58.18 50.18
N PHE B 1095 -48.15 59.34 50.50
CA PHE B 1095 -48.95 60.55 50.61
C PHE B 1095 -49.27 61.08 49.21
N VAL B 1096 -50.55 61.11 48.87
CA VAL B 1096 -51.00 61.61 47.58
C VAL B 1096 -51.96 62.77 47.81
N SER B 1097 -52.17 63.54 46.75
CA SER B 1097 -53.04 64.71 46.80
C SER B 1097 -53.84 64.80 45.51
N ASN B 1098 -55.13 65.11 45.64
CA ASN B 1098 -56.01 65.29 44.49
C ASN B 1098 -56.14 66.75 44.07
N GLY B 1099 -55.18 67.59 44.46
CA GLY B 1099 -55.19 68.99 44.07
C GLY B 1099 -55.29 69.95 45.22
N THR B 1100 -56.12 69.64 46.21
CA THR B 1100 -56.33 70.54 47.33
C THR B 1100 -56.14 69.83 48.67
N HIS B 1101 -56.46 68.54 48.73
CA HIS B 1101 -56.41 67.76 49.96
C HIS B 1101 -55.40 66.62 49.81
N TRP B 1102 -54.70 66.33 50.90
CA TRP B 1102 -53.71 65.26 50.93
C TRP B 1102 -54.29 64.02 51.60
N PHE B 1103 -53.97 62.86 51.03
CA PHE B 1103 -54.44 61.59 51.57
C PHE B 1103 -53.31 60.57 51.49
N VAL B 1104 -53.43 59.53 52.31
CA VAL B 1104 -52.49 58.42 52.33
C VAL B 1104 -53.20 57.19 51.79
N THR B 1105 -52.70 56.65 50.68
CA THR B 1105 -53.29 55.50 50.00
C THR B 1105 -52.28 54.37 49.90
N GLN B 1106 -52.73 53.26 49.35
CA GLN B 1106 -51.87 52.10 49.14
C GLN B 1106 -50.92 52.36 47.96
N ARG B 1107 -50.07 51.38 47.69
CA ARG B 1107 -49.12 51.49 46.60
C ARG B 1107 -49.63 50.89 45.29
N ASN B 1108 -50.48 49.87 45.36
CA ASN B 1108 -51.00 49.20 44.17
C ASN B 1108 -52.50 49.38 44.00
N PHE B 1109 -53.14 50.20 44.82
CA PHE B 1109 -54.58 50.43 44.71
C PHE B 1109 -54.91 51.77 45.33
N TYR B 1110 -55.61 52.62 44.59
CA TYR B 1110 -55.94 53.97 45.05
C TYR B 1110 -57.06 53.88 46.07
N GLU B 1111 -56.71 54.01 47.35
CA GLU B 1111 -57.68 54.02 48.45
C GLU B 1111 -57.31 55.17 49.37
N PRO B 1112 -57.82 56.37 49.09
CA PRO B 1112 -57.44 57.55 49.89
C PRO B 1112 -58.01 57.47 51.29
N GLN B 1113 -57.13 57.63 52.28
CA GLN B 1113 -57.50 57.62 53.68
C GLN B 1113 -57.05 58.92 54.34
N ILE B 1114 -57.78 59.33 55.38
CA ILE B 1114 -57.43 60.54 56.11
C ILE B 1114 -56.13 60.32 56.86
N ILE B 1115 -55.22 61.29 56.75
CA ILE B 1115 -53.91 61.19 57.38
C ILE B 1115 -54.08 61.39 58.88
N THR B 1116 -53.92 60.32 59.64
CA THR B 1116 -53.99 60.36 61.10
C THR B 1116 -52.64 59.93 61.68
N THR B 1117 -52.54 60.02 63.01
CA THR B 1117 -51.29 59.63 63.68
C THR B 1117 -51.07 58.12 63.69
N ASP B 1118 -52.09 57.34 63.34
CA ASP B 1118 -51.94 55.89 63.27
C ASP B 1118 -51.41 55.42 61.91
N ASN B 1119 -51.44 56.28 60.90
CA ASN B 1119 -50.95 55.94 59.57
C ASN B 1119 -49.53 56.43 59.32
N THR B 1120 -48.98 57.27 60.20
CA THR B 1120 -47.66 57.84 60.03
C THR B 1120 -46.89 57.79 61.34
N PHE B 1121 -45.57 57.93 61.24
CA PHE B 1121 -44.69 57.94 62.40
C PHE B 1121 -43.76 59.13 62.31
N VAL B 1122 -43.45 59.72 63.46
CA VAL B 1122 -42.59 60.89 63.54
C VAL B 1122 -41.15 60.45 63.78
N SER B 1123 -40.21 61.06 63.04
CA SER B 1123 -38.79 60.73 63.19
C SER B 1123 -37.99 62.00 62.90
N GLY B 1124 -37.62 62.71 63.97
CA GLY B 1124 -36.78 63.88 63.83
C GLY B 1124 -37.55 65.11 63.37
N ASN B 1125 -36.78 66.12 62.95
CA ASN B 1125 -37.33 67.37 62.45
C ASN B 1125 -37.51 67.31 60.94
N CYS B 1126 -38.09 68.37 60.39
CA CYS B 1126 -38.42 68.44 58.98
C CYS B 1126 -37.57 69.47 58.23
N ASP B 1127 -36.36 69.72 58.72
CA ASP B 1127 -35.43 70.65 58.08
C ASP B 1127 -34.24 69.94 57.47
N VAL B 1128 -34.37 68.65 57.17
CA VAL B 1128 -33.27 67.87 56.60
C VAL B 1128 -33.80 67.12 55.38
N VAL B 1129 -35.11 67.04 55.24
CA VAL B 1129 -35.75 66.35 54.13
C VAL B 1129 -36.05 67.37 53.04
N ILE B 1130 -35.69 67.03 51.80
CA ILE B 1130 -35.86 67.93 50.66
C ILE B 1130 -37.15 67.55 49.94
N GLY B 1131 -38.11 68.47 49.93
CA GLY B 1131 -39.38 68.25 49.25
C GLY B 1131 -40.57 68.09 50.16
N ILE B 1132 -40.43 68.28 51.48
CA ILE B 1132 -41.54 68.06 52.39
C ILE B 1132 -42.53 69.21 52.29
N VAL B 1133 -43.82 68.89 52.35
CA VAL B 1133 -44.88 69.88 52.25
C VAL B 1133 -45.53 70.03 53.62
N ASN B 1134 -46.21 71.16 53.81
CA ASN B 1134 -46.89 71.46 55.07
C ASN B 1134 -48.33 70.96 55.02
N ASN B 1135 -48.72 70.21 56.05
CA ASN B 1135 -50.07 69.67 56.15
C ASN B 1135 -50.48 69.65 57.61
N THR B 1136 -51.74 69.31 57.87
CA THR B 1136 -52.28 69.25 59.22
C THR B 1136 -52.73 67.83 59.50
N VAL B 1137 -51.96 67.12 60.32
CA VAL B 1137 -52.33 65.75 60.67
C VAL B 1137 -53.50 65.76 61.66
N TYR B 1138 -54.24 64.66 61.69
CA TYR B 1138 -55.41 64.51 62.54
C TYR B 1138 -55.11 63.55 63.68
N ASP B 1139 -55.59 63.88 64.87
CA ASP B 1139 -55.42 63.04 66.04
C ASP B 1139 -56.75 62.40 66.41
N PRO B 1140 -56.87 61.06 66.31
CA PRO B 1140 -58.18 60.44 66.60
C PRO B 1140 -58.58 60.54 68.05
N LEU B 1141 -57.64 60.51 68.99
CA LEU B 1141 -57.96 60.55 70.41
C LEU B 1141 -58.06 61.96 70.97
N GLN B 1142 -57.94 62.99 70.12
CA GLN B 1142 -58.06 64.37 70.57
C GLN B 1142 -59.52 64.73 70.84
N PRO B 1143 -60.45 64.54 69.85
CA PRO B 1143 -61.86 64.84 70.14
C PRO B 1143 -62.56 63.68 70.82
N GLU B 1144 -61.89 63.09 71.79
CA GLU B 1144 -62.49 62.08 72.67
C GLU B 1144 -62.24 62.52 74.10
N LEU B 1145 -61.15 63.25 74.29
CA LEU B 1145 -60.85 63.92 75.56
C LEU B 1145 -61.12 65.41 75.51
N ASP B 1146 -61.35 65.98 74.33
CA ASP B 1146 -61.68 67.40 74.21
C ASP B 1146 -62.98 67.60 73.44
N SER B 1147 -63.90 66.65 73.53
CA SER B 1147 -65.17 66.74 72.84
C SER B 1147 -66.28 67.23 73.78
N GLN C 14 51.35 19.92 -6.36
CA GLN C 14 52.25 21.02 -6.66
C GLN C 14 52.12 22.13 -5.62
N CYS C 15 51.60 21.79 -4.45
CA CYS C 15 51.41 22.76 -3.40
C CYS C 15 52.73 23.01 -2.66
N VAL C 16 52.65 23.80 -1.59
CA VAL C 16 53.81 24.13 -0.76
C VAL C 16 53.47 23.74 0.67
N ASN C 17 54.20 22.78 1.22
CA ASN C 17 53.99 22.34 2.59
C ASN C 17 54.37 23.46 3.55
N LEU C 18 53.37 24.07 4.17
CA LEU C 18 53.60 25.22 5.04
C LEU C 18 54.22 24.79 6.35
N THR C 19 55.30 25.45 6.74
CA THR C 19 55.98 25.16 8.00
C THR C 19 56.18 26.44 8.82
N THR C 20 56.91 26.33 9.93
CA THR C 20 57.19 27.46 10.81
C THR C 20 55.90 28.13 11.29
N ARG C 21 55.11 27.36 12.03
CA ARG C 21 53.82 27.81 12.54
C ARG C 21 53.75 27.45 14.02
N THR C 22 53.68 28.47 14.88
CA THR C 22 53.61 28.24 16.31
C THR C 22 52.28 27.60 16.69
N GLN C 23 52.35 26.48 17.40
CA GLN C 23 51.16 25.74 17.80
C GLN C 23 50.76 26.14 19.22
N LEU C 24 49.45 26.20 19.45
CA LEU C 24 48.90 26.55 20.75
C LEU C 24 47.53 25.92 20.87
N PRO C 25 47.06 25.62 22.08
CA PRO C 25 45.74 25.03 22.23
C PRO C 25 44.66 26.01 21.81
N PRO C 26 43.56 25.52 21.23
CA PRO C 26 42.50 26.43 20.77
C PRO C 26 41.70 27.02 21.91
N ALA C 27 40.75 27.89 21.58
CA ALA C 27 39.89 28.54 22.55
C ALA C 27 38.42 28.27 22.20
N TYR C 28 37.52 28.77 23.04
CA TYR C 28 36.10 28.59 22.85
C TYR C 28 35.36 29.84 23.27
N THR C 29 34.36 30.21 22.48
CA THR C 29 33.53 31.38 22.75
C THR C 29 32.06 30.94 22.87
N ASN C 30 31.17 31.93 23.00
CA ASN C 30 29.75 31.69 23.16
C ASN C 30 28.98 32.42 22.07
N SER C 31 28.01 31.73 21.47
CA SER C 31 27.17 32.31 20.43
C SER C 31 25.96 32.95 21.11
N PHE C 32 25.92 34.28 21.13
CA PHE C 32 24.87 35.03 21.83
C PHE C 32 23.69 35.22 20.89
N THR C 33 22.93 34.14 20.72
CA THR C 33 21.70 34.13 19.93
C THR C 33 21.93 34.64 18.51
N ARG C 34 22.77 33.90 17.77
CA ARG C 34 23.08 34.23 16.39
C ARG C 34 23.11 32.95 15.56
N GLY C 35 22.41 32.97 14.43
CA GLY C 35 22.36 31.81 13.56
C GLY C 35 20.96 31.41 13.16
N VAL C 36 19.99 32.27 13.44
CA VAL C 36 18.59 32.01 13.11
C VAL C 36 18.34 32.59 11.71
N TYR C 37 18.27 31.71 10.72
CA TYR C 37 18.02 32.10 9.35
C TYR C 37 16.53 32.01 9.03
N TYR C 38 16.17 32.37 7.80
CA TYR C 38 14.79 32.26 7.36
C TYR C 38 14.48 30.82 6.99
N PRO C 39 13.55 30.15 7.68
CA PRO C 39 13.27 28.74 7.35
C PRO C 39 12.73 28.54 5.94
N ASP C 40 11.65 29.23 5.59
CA ASP C 40 11.02 29.09 4.30
C ASP C 40 10.95 30.44 3.59
N LYS C 41 10.76 30.39 2.28
CA LYS C 41 10.69 31.59 1.45
C LYS C 41 9.26 32.08 1.30
N VAL C 42 8.58 32.28 2.43
CA VAL C 42 7.18 32.69 2.46
C VAL C 42 7.06 33.93 3.33
N PHE C 43 6.36 34.95 2.82
CA PHE C 43 6.17 36.17 3.57
C PHE C 43 5.14 35.97 4.68
N ARG C 44 5.46 36.51 5.86
CA ARG C 44 4.55 36.47 7.00
C ARG C 44 4.72 37.75 7.79
N SER C 45 3.59 38.37 8.16
CA SER C 45 3.60 39.64 8.87
C SER C 45 2.85 39.50 10.19
N SER C 46 3.52 39.84 11.28
CA SER C 46 2.95 39.83 12.62
C SER C 46 2.41 38.44 12.99
N VAL C 47 3.31 37.46 12.96
CA VAL C 47 2.97 36.09 13.29
C VAL C 47 4.17 35.45 13.98
N LEU C 48 3.92 34.33 14.66
CA LEU C 48 4.95 33.59 15.38
C LEU C 48 4.95 32.15 14.87
N HIS C 49 5.84 31.86 13.93
CA HIS C 49 5.91 30.52 13.35
C HIS C 49 6.61 29.56 14.31
N SER C 50 6.40 28.27 14.08
CA SER C 50 6.91 27.21 14.93
C SER C 50 7.72 26.20 14.11
N THR C 51 8.65 26.72 13.31
CA THR C 51 9.47 25.88 12.45
C THR C 51 10.30 24.90 13.29
N GLN C 52 10.68 23.80 12.67
CA GLN C 52 11.45 22.74 13.30
C GLN C 52 12.60 22.30 12.40
N ASP C 53 13.33 23.27 11.85
CA ASP C 53 14.43 22.99 10.96
C ASP C 53 15.74 22.95 11.75
N LEU C 54 16.86 22.80 11.03
CA LEU C 54 18.17 22.70 11.67
C LEU C 54 18.69 24.11 11.96
N PHE C 55 18.65 24.50 13.24
CA PHE C 55 19.13 25.80 13.68
C PHE C 55 20.25 25.60 14.70
N LEU C 56 20.85 26.71 15.11
CA LEU C 56 21.92 26.70 16.12
C LEU C 56 21.34 27.03 17.47
N PRO C 57 21.61 26.22 18.50
CA PRO C 57 21.03 26.49 19.83
C PRO C 57 21.61 27.77 20.42
N PHE C 58 20.76 28.51 21.14
CA PHE C 58 21.19 29.74 21.77
C PHE C 58 22.18 29.44 22.90
N PHE C 59 23.14 30.36 23.06
CA PHE C 59 24.18 30.24 24.09
C PHE C 59 24.96 28.93 23.96
N SER C 60 25.38 28.64 22.73
CA SER C 60 26.16 27.45 22.45
C SER C 60 27.65 27.76 22.63
N ASN C 61 28.48 26.74 22.42
CA ASN C 61 29.93 26.87 22.58
C ASN C 61 30.58 26.62 21.22
N VAL C 62 30.90 27.69 20.50
CA VAL C 62 31.56 27.60 19.22
C VAL C 62 33.06 27.81 19.41
N THR C 63 33.84 27.37 18.42
CA THR C 63 35.28 27.49 18.50
C THR C 63 35.72 28.92 18.15
N TRP C 64 37.01 29.17 18.33
CA TRP C 64 37.60 30.50 18.13
C TRP C 64 38.87 30.40 17.31
N PHE C 65 38.80 29.68 16.18
CA PHE C 65 39.94 29.60 15.28
C PHE C 65 40.30 30.98 14.74
N HIS C 66 41.52 31.43 15.04
CA HIS C 66 42.00 32.74 14.62
C HIS C 66 43.35 32.59 13.95
N ALA C 67 43.86 33.70 13.42
CA ALA C 67 45.14 33.73 12.74
C ALA C 67 45.78 35.09 12.99
N ILE C 68 46.67 35.15 13.98
CA ILE C 68 47.35 36.39 14.33
C ILE C 68 48.86 36.14 14.26
N HIS C 69 49.60 37.21 13.97
CA HIS C 69 51.06 37.15 13.85
C HIS C 69 51.66 38.28 14.67
N VAL C 70 52.26 37.93 15.80
CA VAL C 70 52.92 38.90 16.67
C VAL C 70 54.39 38.99 16.26
N SER C 71 54.81 40.18 15.81
CA SER C 71 56.17 40.38 15.33
C SER C 71 57.09 40.81 16.47
N GLY C 72 57.25 39.89 17.43
CA GLY C 72 58.14 40.12 18.55
C GLY C 72 59.31 39.15 18.58
N THR C 73 59.76 38.78 19.78
CA THR C 73 60.83 37.79 19.89
C THR C 73 60.35 36.43 19.41
N ASN C 74 59.31 35.89 20.06
CA ASN C 74 58.66 34.67 19.62
C ASN C 74 57.23 34.92 19.16
N GLY C 75 56.40 35.49 20.02
CA GLY C 75 55.04 35.83 19.64
C GLY C 75 54.24 34.62 19.22
N THR C 76 53.29 34.83 18.32
CA THR C 76 52.45 33.77 17.78
C THR C 76 52.49 33.82 16.26
N LYS C 77 52.48 32.64 15.64
CA LYS C 77 52.49 32.54 14.18
C LYS C 77 51.47 31.52 13.70
N ARG C 78 50.34 31.41 14.40
CA ARG C 78 49.34 30.40 14.07
C ARG C 78 48.59 30.78 12.80
N PHE C 79 48.29 29.75 11.98
CA PHE C 79 47.50 29.91 10.76
C PHE C 79 46.50 28.75 10.73
N ASP C 80 45.33 28.99 11.30
CA ASP C 80 44.34 27.93 11.47
C ASP C 80 43.62 27.66 10.15
N ASN C 81 43.69 26.41 9.68
CA ASN C 81 42.93 25.96 8.52
C ASN C 81 42.74 24.45 8.58
N PRO C 82 42.06 23.92 9.60
CA PRO C 82 41.91 22.47 9.73
C PRO C 82 40.63 21.97 9.07
N VAL C 83 40.53 20.64 8.99
CA VAL C 83 39.35 19.98 8.47
C VAL C 83 38.42 19.68 9.65
N LEU C 84 37.17 20.17 9.55
CA LEU C 84 36.20 19.99 10.61
C LEU C 84 35.04 19.11 10.14
N PRO C 85 34.49 18.28 11.03
CA PRO C 85 33.39 17.39 10.64
C PRO C 85 32.14 18.17 10.30
N PHE C 86 31.62 17.97 9.09
CA PHE C 86 30.37 18.60 8.65
C PHE C 86 29.22 17.68 9.02
N ASN C 87 28.88 17.69 10.31
CA ASN C 87 27.84 16.81 10.84
C ASN C 87 26.48 17.11 10.22
N ASP C 88 25.95 18.30 10.48
CA ASP C 88 24.64 18.67 9.95
C ASP C 88 24.59 20.12 9.48
N GLY C 89 25.72 20.80 9.40
CA GLY C 89 25.76 22.20 9.00
C GLY C 89 26.83 22.95 9.78
N VAL C 90 27.21 24.11 9.26
CA VAL C 90 28.25 24.93 9.87
C VAL C 90 27.80 26.38 9.87
N TYR C 91 27.72 26.98 11.07
CA TYR C 91 27.48 28.42 11.21
C TYR C 91 28.84 29.09 11.17
N PHE C 92 29.25 29.50 9.97
CA PHE C 92 30.59 30.05 9.75
C PHE C 92 30.52 31.56 9.81
N ALA C 93 30.99 32.13 10.92
CA ALA C 93 31.17 33.56 11.04
C ALA C 93 32.58 33.95 10.59
N SER C 94 32.76 35.24 10.33
CA SER C 94 34.06 35.73 9.86
C SER C 94 34.24 37.17 10.35
N THR C 95 34.97 37.33 11.45
CA THR C 95 35.33 38.66 11.96
C THR C 95 36.66 39.03 11.33
N GLU C 96 36.61 39.66 10.16
CA GLU C 96 37.79 40.00 9.39
C GLU C 96 38.01 41.50 9.38
N LYS C 97 39.23 41.91 9.05
CA LYS C 97 39.58 43.32 8.98
C LYS C 97 40.29 43.64 7.67
N SER C 98 40.92 42.63 7.06
CA SER C 98 41.66 42.82 5.81
C SER C 98 41.29 41.76 4.76
N ASN C 99 40.10 41.17 4.87
CA ASN C 99 39.63 40.17 3.92
C ASN C 99 40.60 38.98 3.81
N ILE C 100 40.76 38.29 4.94
CA ILE C 100 41.67 37.16 5.01
C ILE C 100 41.02 35.88 4.53
N ILE C 101 39.79 35.61 5.00
CA ILE C 101 39.09 34.39 4.59
C ILE C 101 38.65 34.54 3.14
N ARG C 102 39.02 33.57 2.31
CA ARG C 102 38.72 33.61 0.88
C ARG C 102 37.51 32.75 0.52
N GLY C 103 37.56 31.46 0.85
CA GLY C 103 36.48 30.57 0.52
C GLY C 103 36.47 29.34 1.39
N TRP C 104 35.66 28.36 1.00
CA TRP C 104 35.50 27.12 1.76
C TRP C 104 35.48 25.94 0.79
N ILE C 105 35.66 24.75 1.35
CA ILE C 105 35.59 23.51 0.60
C ILE C 105 34.77 22.50 1.38
N PHE C 106 34.04 21.66 0.65
CA PHE C 106 33.18 20.65 1.26
C PHE C 106 33.32 19.33 0.52
N GLY C 107 33.36 18.24 1.27
CA GLY C 107 33.50 16.93 0.67
C GLY C 107 33.49 15.85 1.73
N THR C 108 33.74 14.62 1.28
CA THR C 108 33.78 13.45 2.17
C THR C 108 35.21 13.05 2.52
N THR C 109 36.03 12.79 1.52
CA THR C 109 37.41 12.35 1.75
C THR C 109 38.45 13.43 1.46
N LEU C 110 38.18 14.32 0.50
CA LEU C 110 39.11 15.40 0.14
C LEU C 110 40.46 14.84 -0.30
N ASP C 111 40.44 13.67 -0.95
CA ASP C 111 41.67 13.02 -1.40
C ASP C 111 41.55 12.58 -2.86
N SER C 112 40.85 13.37 -3.68
CA SER C 112 40.66 13.07 -5.10
C SER C 112 40.00 11.71 -5.30
N LYS C 113 39.11 11.35 -4.38
CA LYS C 113 38.38 10.09 -4.45
C LYS C 113 36.88 10.27 -4.64
N THR C 114 36.30 11.33 -4.10
CA THR C 114 34.87 11.61 -4.25
C THR C 114 34.69 13.05 -4.70
N GLN C 115 33.47 13.36 -5.13
CA GLN C 115 33.16 14.70 -5.59
C GLN C 115 33.19 15.69 -4.42
N SER C 116 33.79 16.85 -4.66
CA SER C 116 33.94 17.86 -3.63
C SER C 116 33.58 19.23 -4.20
N LEU C 117 33.18 20.14 -3.31
CA LEU C 117 32.80 21.49 -3.68
C LEU C 117 34.01 22.42 -3.64
N LEU C 118 33.80 23.65 -4.12
CA LEU C 118 34.85 24.67 -4.12
C LEU C 118 34.16 26.02 -4.11
N ILE C 119 34.13 26.67 -2.94
CA ILE C 119 33.43 27.94 -2.79
C ILE C 119 34.47 29.05 -2.61
N VAL C 120 35.66 28.86 -3.16
CA VAL C 120 36.69 29.88 -3.06
C VAL C 120 36.30 31.11 -3.85
N ASN C 121 36.91 32.25 -3.49
CA ASN C 121 36.63 33.53 -4.13
C ASN C 121 37.93 34.34 -4.14
N ASN C 122 38.62 34.34 -5.27
CA ASN C 122 39.85 35.10 -5.40
C ASN C 122 39.53 36.54 -5.78
N ALA C 123 40.55 37.31 -6.15
CA ALA C 123 40.40 38.74 -6.43
C ALA C 123 39.77 39.03 -7.79
N THR C 124 39.22 38.02 -8.47
CA THR C 124 38.56 38.25 -9.75
C THR C 124 37.07 38.01 -9.68
N ASN C 125 36.63 36.83 -9.25
CA ASN C 125 35.20 36.50 -9.18
C ASN C 125 35.05 35.25 -8.33
N VAL C 126 33.82 34.77 -8.24
CA VAL C 126 33.52 33.55 -7.49
C VAL C 126 33.85 32.35 -8.35
N VAL C 127 34.33 31.28 -7.72
CA VAL C 127 34.81 30.11 -8.43
C VAL C 127 34.01 28.87 -8.04
N ILE C 128 32.72 29.06 -7.76
CA ILE C 128 31.87 27.93 -7.40
C ILE C 128 31.87 26.92 -8.53
N LYS C 129 32.38 25.71 -8.26
CA LYS C 129 32.43 24.64 -9.23
C LYS C 129 32.68 23.33 -8.50
N VAL C 130 32.18 22.24 -9.08
CA VAL C 130 32.25 20.92 -8.46
C VAL C 130 33.12 20.05 -9.37
N CYS C 131 34.43 20.04 -9.12
CA CYS C 131 35.37 19.23 -9.84
C CYS C 131 35.78 18.02 -9.00
N GLU C 132 36.77 17.27 -9.48
CA GLU C 132 37.33 16.12 -8.77
C GLU C 132 38.82 16.34 -8.48
N PHE C 133 39.19 17.57 -8.15
CA PHE C 133 40.59 17.87 -7.90
C PHE C 133 41.05 17.30 -6.55
N GLN C 134 42.36 17.31 -6.35
CA GLN C 134 42.98 16.83 -5.13
C GLN C 134 43.38 18.01 -4.26
N PHE C 135 43.08 17.93 -2.96
CA PHE C 135 43.42 18.99 -2.02
C PHE C 135 44.80 18.77 -1.45
N CYS C 136 45.44 19.87 -1.05
CA CYS C 136 46.75 19.81 -0.43
C CYS C 136 46.63 19.42 1.03
N ASN C 137 47.78 19.15 1.66
CA ASN C 137 47.80 18.87 3.09
C ASN C 137 47.52 20.13 3.90
N ASP C 138 47.99 21.28 3.41
CA ASP C 138 47.74 22.57 4.05
C ASP C 138 47.57 23.60 2.95
N PRO C 139 46.38 23.71 2.37
CA PRO C 139 46.18 24.63 1.24
C PRO C 139 45.78 26.03 1.67
N PHE C 140 46.16 26.99 0.85
CA PHE C 140 45.85 28.40 1.08
C PHE C 140 45.91 29.12 -0.25
N LEU C 141 45.52 30.40 -0.23
CA LEU C 141 45.54 31.22 -1.43
C LEU C 141 46.87 31.99 -1.57
N GLY C 142 47.18 32.83 -0.59
CA GLY C 142 48.43 33.55 -0.59
C GLY C 142 48.44 34.77 -1.49
N VAL C 143 48.93 35.90 -0.97
CA VAL C 143 49.06 37.13 -1.73
C VAL C 143 50.50 37.64 -1.56
N TYR C 144 50.77 38.79 -2.16
CA TYR C 144 52.10 39.39 -2.08
C TYR C 144 51.98 40.89 -2.17
N TYR C 145 52.89 41.58 -1.50
CA TYR C 145 52.91 43.05 -1.44
C TYR C 145 54.19 43.52 -2.13
N HIS C 146 54.05 44.02 -3.35
CA HIS C 146 55.19 44.54 -4.09
C HIS C 146 55.52 45.95 -3.63
N LYS C 147 56.81 46.20 -3.40
CA LYS C 147 57.26 47.52 -2.97
C LYS C 147 57.51 48.48 -4.12
N ASN C 148 57.64 47.97 -5.35
CA ASN C 148 57.89 48.84 -6.49
C ASN C 148 56.66 49.65 -6.84
N ASN C 149 55.48 49.03 -6.77
CA ASN C 149 54.23 49.70 -7.07
C ASN C 149 53.40 50.02 -5.83
N LYS C 150 53.78 49.47 -4.68
CA LYS C 150 53.10 49.73 -3.40
C LYS C 150 51.60 49.37 -3.49
N SER C 151 51.33 48.14 -3.91
CA SER C 151 49.96 47.67 -4.02
C SER C 151 49.95 46.15 -3.91
N TRP C 152 48.87 45.62 -3.36
CA TRP C 152 48.73 44.18 -3.19
C TRP C 152 48.23 43.52 -4.46
N MET C 153 48.60 42.25 -4.63
CA MET C 153 48.16 41.47 -5.77
C MET C 153 48.37 39.99 -5.47
N GLU C 154 47.51 39.16 -6.06
CA GLU C 154 47.59 37.72 -5.86
C GLU C 154 48.58 37.12 -6.85
N SER C 155 49.60 36.42 -6.33
CA SER C 155 50.61 35.78 -7.15
C SER C 155 50.85 34.34 -6.70
N GLU C 156 49.83 33.69 -6.16
CA GLU C 156 49.96 32.32 -5.69
C GLU C 156 48.57 31.69 -5.62
N PHE C 157 48.51 30.40 -5.95
CA PHE C 157 47.26 29.65 -5.90
C PHE C 157 47.59 28.21 -5.54
N ARG C 158 47.46 27.88 -4.25
CA ARG C 158 47.79 26.56 -3.73
C ARG C 158 46.56 25.84 -3.19
N VAL C 159 45.43 25.96 -3.89
CA VAL C 159 44.21 25.31 -3.46
C VAL C 159 44.23 23.83 -3.85
N TYR C 160 44.34 23.56 -5.15
CA TYR C 160 44.37 22.19 -5.65
C TYR C 160 45.54 22.03 -6.61
N SER C 161 45.91 20.77 -6.86
CA SER C 161 47.04 20.44 -7.72
C SER C 161 46.62 19.72 -8.99
N SER C 162 45.89 18.61 -8.87
CA SER C 162 45.46 17.82 -10.02
C SER C 162 43.99 18.13 -10.29
N ALA C 163 43.76 19.20 -11.05
CA ALA C 163 42.41 19.65 -11.35
C ALA C 163 41.78 18.71 -12.39
N ASN C 164 40.73 18.00 -11.99
CA ASN C 164 40.00 17.14 -12.90
C ASN C 164 38.85 17.93 -13.53
N ASN C 165 37.94 17.22 -14.20
CA ASN C 165 36.81 17.89 -14.83
C ASN C 165 35.69 18.14 -13.84
N CYS C 166 34.98 19.24 -14.04
CA CYS C 166 33.88 19.64 -13.17
C CYS C 166 32.56 19.06 -13.67
N THR C 167 31.53 19.21 -12.83
CA THR C 167 30.17 18.82 -13.19
C THR C 167 29.20 20.00 -13.24
N PHE C 168 29.57 21.15 -12.68
CA PHE C 168 28.69 22.32 -12.68
C PHE C 168 29.55 23.55 -12.45
N GLU C 169 29.58 24.46 -13.42
CA GLU C 169 30.34 25.70 -13.32
C GLU C 169 29.40 26.85 -13.00
N TYR C 170 29.78 27.67 -12.02
CA TYR C 170 28.97 28.81 -11.59
C TYR C 170 29.87 30.03 -11.39
N VAL C 171 30.77 30.27 -12.36
CA VAL C 171 31.63 31.44 -12.29
C VAL C 171 30.78 32.71 -12.40
N SER C 172 30.92 33.59 -11.42
CA SER C 172 30.12 34.80 -11.35
C SER C 172 30.77 35.91 -12.17
N GLN C 173 30.25 37.12 -12.05
CA GLN C 173 30.79 38.24 -12.81
C GLN C 173 32.11 38.70 -12.22
N PRO C 174 33.09 39.06 -13.06
CA PRO C 174 34.38 39.51 -12.54
C PRO C 174 34.27 40.85 -11.83
N PHE C 175 35.13 41.03 -10.83
CA PHE C 175 35.21 42.27 -10.07
C PHE C 175 36.60 42.37 -9.46
N LEU C 176 36.84 43.47 -8.75
CA LEU C 176 38.14 43.72 -8.12
C LEU C 176 37.91 44.33 -6.75
N MET C 177 38.36 43.65 -5.71
CA MET C 177 38.27 44.13 -4.34
C MET C 177 39.58 44.82 -3.95
N ASP C 178 39.72 45.15 -2.67
CA ASP C 178 40.85 45.95 -2.21
C ASP C 178 42.10 45.09 -1.99
N LEU C 179 41.96 44.03 -1.18
CA LEU C 179 43.08 43.17 -0.78
C LEU C 179 44.17 43.94 -0.02
N GLU C 180 43.84 45.13 0.50
CA GLU C 180 44.83 45.95 1.17
C GLU C 180 45.04 45.47 2.60
N GLY C 181 46.25 45.70 3.11
CA GLY C 181 46.59 45.32 4.47
C GLY C 181 46.29 46.43 5.47
N LYS C 182 45.03 46.84 5.54
CA LYS C 182 44.64 47.91 6.46
C LYS C 182 44.62 47.39 7.89
N GLN C 183 45.29 48.11 8.79
CA GLN C 183 45.39 47.72 10.19
C GLN C 183 44.47 48.58 11.05
N GLY C 184 43.92 47.96 12.09
CA GLY C 184 43.02 48.63 13.00
C GLY C 184 42.04 47.65 13.60
N ASN C 185 40.91 48.17 14.04
CA ASN C 185 39.88 47.34 14.64
C ASN C 185 39.05 46.65 13.56
N PHE C 186 38.44 45.53 13.93
CA PHE C 186 37.62 44.78 12.99
C PHE C 186 36.35 45.55 12.66
N LYS C 187 35.98 45.59 11.38
CA LYS C 187 34.80 46.30 10.93
C LYS C 187 33.98 45.49 9.93
N ASN C 188 34.23 44.18 9.83
CA ASN C 188 33.50 43.33 8.91
C ASN C 188 33.05 42.06 9.62
N LEU C 189 31.90 41.55 9.21
CA LEU C 189 31.32 40.33 9.79
C LEU C 189 30.63 39.56 8.68
N ARG C 190 31.18 38.40 8.31
CA ARG C 190 30.64 37.56 7.25
C ARG C 190 30.08 36.30 7.89
N GLU C 191 28.76 36.21 7.99
CA GLU C 191 28.09 35.06 8.57
C GLU C 191 27.54 34.17 7.47
N PHE C 192 27.69 32.86 7.65
CA PHE C 192 27.24 31.88 6.66
C PHE C 192 26.73 30.65 7.39
N VAL C 193 25.54 30.18 6.99
CA VAL C 193 24.92 29.00 7.57
C VAL C 193 24.78 27.98 6.43
N PHE C 194 25.70 27.02 6.39
CA PHE C 194 25.67 25.97 5.38
C PHE C 194 24.83 24.80 5.87
N LYS C 195 24.29 24.03 4.92
CA LYS C 195 23.49 22.86 5.24
C LYS C 195 23.43 21.96 4.01
N ASN C 196 22.86 20.76 4.22
CA ASN C 196 22.71 19.79 3.14
C ASN C 196 21.41 19.05 3.39
N ILE C 197 20.34 19.48 2.71
CA ILE C 197 19.02 18.89 2.88
C ILE C 197 18.49 18.50 1.50
N ASP C 198 18.32 17.19 1.27
CA ASP C 198 17.75 16.67 0.03
C ASP C 198 18.55 17.13 -1.19
N GLY C 199 19.86 17.22 -1.04
CA GLY C 199 20.71 17.63 -2.15
C GLY C 199 20.59 19.09 -2.53
N TYR C 200 20.43 19.98 -1.54
CA TYR C 200 20.38 21.42 -1.79
C TYR C 200 21.27 22.11 -0.77
N PHE C 201 22.42 22.60 -1.24
CA PHE C 201 23.39 23.27 -0.38
C PHE C 201 22.94 24.71 -0.17
N LYS C 202 21.97 24.87 0.72
CA LYS C 202 21.41 26.19 1.01
C LYS C 202 22.43 27.03 1.76
N ILE C 203 22.84 28.14 1.15
CA ILE C 203 23.82 29.05 1.73
C ILE C 203 23.11 30.33 2.15
N TYR C 204 23.33 30.76 3.38
CA TYR C 204 22.76 31.99 3.91
C TYR C 204 23.89 32.99 4.18
N SER C 205 23.54 34.27 4.13
CA SER C 205 24.54 35.32 4.32
C SER C 205 23.85 36.59 4.79
N LYS C 206 24.48 37.28 5.75
CA LYS C 206 23.96 38.55 6.25
C LYS C 206 25.15 39.34 6.81
N HIS C 207 25.60 40.33 6.04
CA HIS C 207 26.74 41.15 6.43
C HIS C 207 26.27 42.31 7.28
N THR C 208 26.81 42.42 8.50
CA THR C 208 26.46 43.49 9.42
C THR C 208 27.73 44.13 9.95
N PRO C 209 27.72 45.45 10.16
CA PRO C 209 28.90 46.11 10.72
C PRO C 209 29.18 45.67 12.15
N ILE C 210 30.46 45.63 12.50
CA ILE C 210 30.90 45.21 13.83
C ILE C 210 32.01 46.14 14.29
N ASN C 211 32.06 46.40 15.59
CA ASN C 211 33.07 47.27 16.18
C ASN C 211 33.64 46.65 17.44
N LEU C 212 33.91 45.34 17.41
CA LEU C 212 34.51 44.64 18.52
C LEU C 212 35.95 44.24 18.17
N VAL C 213 36.64 43.63 19.13
CA VAL C 213 38.04 43.28 18.97
C VAL C 213 38.21 41.77 18.96
N ARG C 214 37.84 41.12 20.07
CA ARG C 214 38.04 39.69 20.24
C ARG C 214 36.80 39.05 20.85
N ASP C 215 35.63 39.44 20.35
CA ASP C 215 34.38 38.91 20.86
C ASP C 215 33.32 39.03 19.77
N LEU C 216 32.27 38.23 19.91
CA LEU C 216 31.10 38.16 19.03
C LEU C 216 30.11 39.26 19.40
N PRO C 217 29.54 39.95 18.40
CA PRO C 217 28.62 41.05 18.72
C PRO C 217 27.35 40.55 19.41
N GLN C 218 26.96 41.28 20.46
CA GLN C 218 25.76 40.97 21.22
C GLN C 218 24.54 41.50 20.48
N GLY C 219 23.88 40.63 19.72
CA GLY C 219 22.72 41.05 18.98
C GLY C 219 22.09 39.89 18.25
N PHE C 220 21.12 40.21 17.39
CA PHE C 220 20.40 39.23 16.60
C PHE C 220 20.34 39.71 15.15
N SER C 221 20.60 38.80 14.22
CA SER C 221 20.59 39.13 12.81
C SER C 221 20.16 37.90 12.01
N ALA C 222 19.05 38.02 11.27
CA ALA C 222 18.56 36.92 10.46
C ALA C 222 19.29 36.86 9.13
N LEU C 223 19.68 35.65 8.73
CA LEU C 223 20.42 35.43 7.51
C LEU C 223 19.46 35.01 6.40
N GLU C 224 19.53 35.71 5.25
CA GLU C 224 18.70 35.47 4.10
C GLU C 224 19.32 34.43 3.17
N PRO C 225 18.50 33.65 2.46
CA PRO C 225 19.05 32.67 1.52
C PRO C 225 19.83 33.35 0.40
N LEU C 226 20.82 32.64 -0.13
CA LEU C 226 21.69 33.18 -1.16
C LEU C 226 21.74 32.33 -2.41
N VAL C 227 21.73 31.00 -2.30
CA VAL C 227 21.87 30.14 -3.46
C VAL C 227 21.26 28.77 -3.12
N ASP C 228 20.90 28.02 -4.15
CA ASP C 228 20.31 26.69 -4.05
C ASP C 228 21.00 25.73 -5.01
N LEU C 229 22.34 25.71 -4.94
CA LEU C 229 23.26 24.99 -5.83
C LEU C 229 22.77 23.60 -6.21
N PRO C 230 22.93 23.19 -7.47
CA PRO C 230 22.54 21.84 -7.88
C PRO C 230 23.52 20.78 -7.39
N ILE C 231 23.31 20.32 -6.16
CA ILE C 231 24.26 19.43 -5.48
C ILE C 231 23.53 18.19 -5.00
N GLY C 232 24.19 17.38 -4.20
CA GLY C 232 23.67 16.09 -3.80
C GLY C 232 24.78 15.07 -3.60
N ILE C 233 26.00 15.47 -3.94
CA ILE C 233 27.16 14.64 -3.63
C ILE C 233 27.30 14.51 -2.12
N ASN C 234 28.03 13.47 -1.70
CA ASN C 234 28.18 13.17 -0.29
C ASN C 234 29.19 14.12 0.34
N ILE C 235 28.77 14.79 1.43
CA ILE C 235 29.60 15.75 2.14
C ILE C 235 29.58 15.39 3.62
N THR C 236 30.76 15.13 4.19
CA THR C 236 30.88 14.82 5.61
C THR C 236 31.98 15.60 6.33
N ARG C 237 32.85 16.31 5.61
CA ARG C 237 33.94 17.05 6.22
C ARG C 237 34.06 18.41 5.56
N PHE C 238 34.66 19.35 6.28
CA PHE C 238 34.77 20.73 5.82
C PHE C 238 36.09 21.32 6.32
N GLN C 239 36.79 22.00 5.42
CA GLN C 239 38.06 22.64 5.72
C GLN C 239 38.02 24.10 5.29
N THR C 240 38.70 24.95 6.04
CA THR C 240 38.75 26.37 5.76
C THR C 240 39.98 26.70 4.93
N LEU C 241 39.87 27.76 4.12
CA LEU C 241 40.95 28.22 3.26
C LEU C 241 41.12 29.72 3.44
N LEU C 242 42.30 30.13 3.89
CA LEU C 242 42.62 31.54 4.08
C LEU C 242 43.80 31.93 3.18
N ALA C 243 44.28 33.15 3.35
CA ALA C 243 45.38 33.67 2.56
C ALA C 243 46.35 34.42 3.47
N LEU C 244 47.64 34.23 3.24
CA LEU C 244 48.68 34.88 4.02
C LEU C 244 49.24 36.08 3.26
N HIS C 245 49.70 37.08 4.02
CA HIS C 245 50.20 38.33 3.44
C HIS C 245 51.72 38.29 3.41
N ARG C 246 52.25 37.75 2.31
CA ARG C 246 53.69 37.75 2.11
C ARG C 246 54.17 39.12 1.63
N SER C 247 55.38 39.49 2.07
CA SER C 247 55.96 40.76 1.71
C SER C 247 57.48 40.64 1.71
N TYR C 248 58.14 41.71 1.29
CA TYR C 248 59.60 41.73 1.26
C TYR C 248 60.21 41.99 2.63
N LEU C 249 59.44 42.54 3.58
CA LEU C 249 59.96 42.83 4.91
C LEU C 249 60.12 41.59 5.78
N THR C 250 59.66 40.43 5.32
CA THR C 250 59.82 39.16 6.04
C THR C 250 60.50 38.16 5.11
N PRO C 251 61.82 38.24 4.96
CA PRO C 251 62.52 37.28 4.10
C PRO C 251 62.50 35.88 4.68
N GLY C 252 62.49 34.90 3.81
CA GLY C 252 62.49 33.52 4.24
C GLY C 252 62.42 32.58 3.06
N ASP C 253 62.13 31.31 3.35
CA ASP C 253 62.01 30.29 2.34
C ASP C 253 60.62 30.34 1.71
N SER C 254 60.28 29.33 0.92
CA SER C 254 58.97 29.28 0.27
C SER C 254 57.84 28.99 1.24
N SER C 255 58.15 28.56 2.47
CA SER C 255 57.10 28.25 3.44
C SER C 255 57.45 28.76 4.84
N SER C 256 58.37 29.71 4.96
CA SER C 256 58.76 30.25 6.25
C SER C 256 58.61 31.76 6.34
N GLY C 257 58.89 32.49 5.24
CA GLY C 257 58.76 33.93 5.25
C GLY C 257 57.37 34.39 4.87
N TRP C 258 56.38 34.03 5.67
CA TRP C 258 54.98 34.36 5.39
C TRP C 258 54.34 34.97 6.64
N THR C 259 53.53 36.00 6.44
CA THR C 259 52.81 36.66 7.51
C THR C 259 51.32 36.40 7.35
N ALA C 260 50.68 35.94 8.43
CA ALA C 260 49.27 35.61 8.38
C ALA C 260 48.42 36.88 8.42
N GLY C 261 48.56 37.68 9.47
CA GLY C 261 47.78 38.90 9.61
C GLY C 261 46.97 38.94 10.88
N ALA C 262 45.67 39.21 10.77
CA ALA C 262 44.80 39.26 11.94
C ALA C 262 43.38 38.96 11.48
N ALA C 263 42.87 37.80 11.86
CA ALA C 263 41.52 37.39 11.49
C ALA C 263 41.04 36.31 12.47
N ALA C 264 39.76 35.99 12.37
CA ALA C 264 39.15 34.97 13.22
C ALA C 264 37.82 34.57 12.62
N TYR C 265 37.49 33.29 12.77
CA TYR C 265 36.23 32.74 12.26
C TYR C 265 35.67 31.76 13.27
N TYR C 266 34.42 31.97 13.66
CA TYR C 266 33.76 31.16 14.68
C TYR C 266 32.93 30.07 13.98
N VAL C 267 33.42 28.84 14.03
CA VAL C 267 32.72 27.72 13.42
C VAL C 267 31.74 27.13 14.43
N GLY C 268 30.49 26.94 14.01
CA GLY C 268 29.47 26.35 14.85
C GLY C 268 28.84 25.15 14.18
N TYR C 269 28.02 24.44 14.97
CA TYR C 269 27.34 23.24 14.50
C TYR C 269 25.83 23.42 14.65
N LEU C 270 25.08 22.66 13.86
CA LEU C 270 23.63 22.70 13.86
C LEU C 270 23.06 21.36 14.32
N GLN C 271 21.84 21.42 14.84
CA GLN C 271 21.15 20.24 15.34
C GLN C 271 19.65 20.49 15.24
N PRO C 272 18.85 19.43 15.13
CA PRO C 272 17.39 19.63 15.10
C PRO C 272 16.89 20.27 16.39
N ARG C 273 16.16 21.37 16.23
CA ARG C 273 15.69 22.13 17.38
C ARG C 273 14.54 23.02 16.94
N THR C 274 13.51 23.12 17.79
CA THR C 274 12.36 23.96 17.51
C THR C 274 12.67 25.40 17.90
N PHE C 275 12.21 26.34 17.06
CA PHE C 275 12.46 27.76 17.29
C PHE C 275 11.19 28.55 17.01
N LEU C 276 10.83 29.42 17.94
CA LEU C 276 9.66 30.29 17.81
C LEU C 276 10.14 31.67 17.41
N LEU C 277 10.29 31.89 16.10
CA LEU C 277 10.73 33.16 15.57
C LEU C 277 9.53 34.05 15.26
N LYS C 278 9.70 35.35 15.46
CA LYS C 278 8.63 36.33 15.27
C LYS C 278 8.97 37.21 14.08
N TYR C 279 8.08 37.22 13.09
CA TYR C 279 8.25 38.08 11.93
C TYR C 279 7.69 39.47 12.20
N ASN C 280 8.39 40.49 11.70
CA ASN C 280 7.98 41.86 11.90
C ASN C 280 6.89 42.22 10.89
N GLU C 281 6.52 43.50 10.81
CA GLU C 281 5.47 43.93 9.90
C GLU C 281 5.92 43.87 8.45
N ASN C 282 7.21 43.85 8.17
CA ASN C 282 7.73 43.81 6.82
C ASN C 282 8.25 42.42 6.43
N GLY C 283 8.05 41.43 7.29
CA GLY C 283 8.49 40.07 6.99
C GLY C 283 9.88 39.71 7.45
N THR C 284 10.53 40.57 8.23
CA THR C 284 11.86 40.31 8.75
C THR C 284 11.79 39.75 10.16
N ILE C 285 12.76 38.91 10.50
CA ILE C 285 12.82 38.28 11.81
C ILE C 285 13.63 39.17 12.75
N THR C 286 13.03 39.52 13.88
CA THR C 286 13.67 40.36 14.88
C THR C 286 14.06 39.63 16.15
N ASP C 287 13.30 38.62 16.56
CA ASP C 287 13.59 37.85 17.76
C ASP C 287 13.31 36.39 17.49
N ALA C 288 13.70 35.55 18.46
CA ALA C 288 13.51 34.11 18.35
C ALA C 288 13.60 33.49 19.73
N VAL C 289 12.95 32.34 19.89
CA VAL C 289 12.95 31.60 21.15
C VAL C 289 13.61 30.25 20.89
N ASP C 290 14.52 29.85 21.78
CA ASP C 290 15.21 28.58 21.62
C ASP C 290 14.27 27.39 21.82
N CYS C 291 13.18 27.58 22.57
CA CYS C 291 12.12 26.61 22.81
C CYS C 291 12.59 25.42 23.62
N ALA C 292 13.90 25.28 23.88
CA ALA C 292 14.41 24.17 24.67
C ALA C 292 15.53 24.57 25.63
N LEU C 293 15.86 25.85 25.74
CA LEU C 293 16.98 26.27 26.58
C LEU C 293 16.56 26.38 28.04
N ASP C 294 15.57 27.21 28.33
CA ASP C 294 15.09 27.46 29.68
C ASP C 294 13.64 27.04 29.82
N PRO C 295 13.18 26.79 31.05
CA PRO C 295 11.74 26.54 31.25
C PRO C 295 10.88 27.72 30.84
N LEU C 296 11.35 28.95 31.10
CA LEU C 296 10.64 30.12 30.62
C LEU C 296 10.59 30.16 29.10
N SER C 297 11.69 29.75 28.46
CA SER C 297 11.70 29.69 27.00
C SER C 297 10.70 28.66 26.49
N GLU C 298 10.62 27.50 27.15
CA GLU C 298 9.64 26.49 26.75
C GLU C 298 8.22 26.99 26.96
N THR C 299 7.99 27.75 28.03
CA THR C 299 6.67 28.32 28.26
C THR C 299 6.30 29.32 27.17
N LYS C 300 7.23 30.22 26.84
CA LYS C 300 7.00 31.16 25.75
C LYS C 300 6.78 30.45 24.43
N CYS C 301 7.44 29.31 24.23
CA CYS C 301 7.30 28.56 22.98
C CYS C 301 5.94 27.88 22.91
N THR C 302 5.46 27.33 24.03
CA THR C 302 4.17 26.66 24.05
C THR C 302 3.00 27.64 24.05
N LEU C 303 3.19 28.85 24.56
CA LEU C 303 2.13 29.85 24.58
C LEU C 303 2.07 30.68 23.30
N LYS C 304 3.01 30.49 22.38
CA LYS C 304 3.03 31.21 21.10
C LYS C 304 3.06 32.72 21.30
N SER C 305 3.81 33.17 22.31
CA SER C 305 3.92 34.58 22.61
C SER C 305 5.24 34.85 23.30
N PHE C 306 5.71 36.10 23.18
CA PHE C 306 6.93 36.54 23.83
C PHE C 306 6.71 37.15 25.21
N THR C 307 5.46 37.18 25.68
CA THR C 307 5.13 37.70 27.00
C THR C 307 4.21 36.71 27.69
N VAL C 308 4.62 36.23 28.86
CA VAL C 308 3.86 35.26 29.64
C VAL C 308 3.34 35.94 30.90
N GLU C 309 2.06 35.74 31.19
CA GLU C 309 1.45 36.32 32.38
C GLU C 309 1.75 35.46 33.60
N LYS C 310 1.37 35.97 34.76
CA LYS C 310 1.59 35.25 36.01
C LYS C 310 0.64 34.07 36.12
N GLY C 311 1.19 32.91 36.47
CA GLY C 311 0.38 31.72 36.61
C GLY C 311 1.23 30.47 36.42
N ILE C 312 0.54 29.35 36.30
CA ILE C 312 1.16 28.04 36.11
C ILE C 312 0.70 27.48 34.77
N TYR C 313 1.66 27.08 33.94
CA TYR C 313 1.39 26.58 32.60
C TYR C 313 2.10 25.26 32.39
N GLN C 314 1.37 24.26 31.93
CA GLN C 314 1.95 22.96 31.60
C GLN C 314 2.63 23.04 30.24
N THR C 315 3.92 22.72 30.20
CA THR C 315 4.72 22.84 28.99
C THR C 315 5.09 21.49 28.37
N SER C 316 5.52 20.52 29.16
CA SER C 316 5.95 19.23 28.64
C SER C 316 5.45 18.14 29.60
N ASN C 317 5.96 16.94 29.41
CA ASN C 317 5.57 15.79 30.22
C ASN C 317 6.81 14.98 30.55
N PHE C 318 7.10 14.85 31.85
CA PHE C 318 8.26 14.08 32.29
C PHE C 318 7.96 12.59 32.21
N ARG C 319 8.98 11.82 31.82
CA ARG C 319 8.84 10.38 31.68
C ARG C 319 10.23 9.75 31.73
N VAL C 320 10.44 8.85 32.69
CA VAL C 320 11.73 8.20 32.82
C VAL C 320 11.95 7.24 31.66
N GLN C 321 13.08 7.37 30.99
CA GLN C 321 13.39 6.52 29.85
C GLN C 321 14.01 5.21 30.32
N PRO C 322 13.65 4.09 29.68
CA PRO C 322 14.24 2.80 30.05
C PRO C 322 15.74 2.80 29.79
N THR C 323 16.51 2.48 30.84
CA THR C 323 17.97 2.51 30.73
C THR C 323 18.51 1.21 30.13
N GLU C 324 18.20 0.08 30.74
CA GLU C 324 18.72 -1.22 30.32
C GLU C 324 17.56 -2.13 29.91
N SER C 325 17.90 -3.34 29.49
CA SER C 325 16.94 -4.35 29.09
C SER C 325 17.30 -5.68 29.73
N ILE C 326 16.28 -6.46 30.09
CA ILE C 326 16.45 -7.73 30.75
C ILE C 326 15.73 -8.80 29.94
N VAL C 327 16.42 -9.91 29.68
CA VAL C 327 15.88 -11.04 28.93
C VAL C 327 15.84 -12.23 29.88
N ARG C 328 14.64 -12.61 30.31
CA ARG C 328 14.45 -13.68 31.28
C ARG C 328 13.83 -14.88 30.58
N PHE C 329 14.50 -16.02 30.69
CA PHE C 329 14.03 -17.29 30.15
C PHE C 329 14.37 -18.41 31.12
N PRO C 330 13.63 -19.51 31.09
CA PRO C 330 13.92 -20.63 32.00
C PRO C 330 15.27 -21.26 31.72
N ASN C 331 15.65 -22.20 32.59
CA ASN C 331 16.91 -22.90 32.44
C ASN C 331 16.91 -23.75 31.17
N ILE C 332 18.10 -24.22 30.81
CA ILE C 332 18.24 -25.05 29.63
C ILE C 332 17.51 -26.37 29.84
N THR C 333 16.64 -26.72 28.90
CA THR C 333 15.85 -27.94 28.99
C THR C 333 16.71 -29.14 28.57
N ASN C 334 16.09 -30.29 28.37
CA ASN C 334 16.80 -31.49 27.97
C ASN C 334 17.44 -31.28 26.59
N LEU C 335 18.76 -31.39 26.54
CA LEU C 335 19.49 -31.19 25.29
C LEU C 335 19.24 -32.35 24.34
N CYS C 336 19.13 -32.04 23.06
CA CYS C 336 18.94 -33.07 22.05
C CYS C 336 20.16 -33.99 22.00
N PRO C 337 19.96 -35.27 21.71
CA PRO C 337 21.10 -36.21 21.68
C PRO C 337 22.02 -35.96 20.49
N PHE C 338 23.19 -35.41 20.77
CA PHE C 338 24.20 -35.18 19.74
C PHE C 338 25.48 -35.95 19.95
N GLY C 339 25.63 -36.63 21.08
CA GLY C 339 26.81 -37.44 21.34
C GLY C 339 26.77 -38.84 20.77
N GLU C 340 25.70 -39.20 20.06
CA GLU C 340 25.57 -40.51 19.45
C GLU C 340 25.31 -40.43 17.95
N VAL C 341 25.38 -39.23 17.37
CA VAL C 341 25.18 -39.06 15.93
C VAL C 341 26.35 -38.26 15.36
N PHE C 342 27.16 -37.66 16.23
CA PHE C 342 28.33 -36.91 15.81
C PHE C 342 29.64 -37.56 16.21
N ASN C 343 29.68 -38.29 17.32
CA ASN C 343 30.88 -38.96 17.80
C ASN C 343 30.55 -40.39 18.21
N ALA C 344 29.80 -41.09 17.36
CA ALA C 344 29.43 -42.47 17.63
C ALA C 344 30.62 -43.39 17.41
N THR C 345 30.41 -44.67 17.73
CA THR C 345 31.48 -45.65 17.60
C THR C 345 31.66 -46.09 16.15
N ARG C 346 30.62 -46.65 15.55
CA ARG C 346 30.66 -47.13 14.17
C ARG C 346 29.43 -46.60 13.44
N PHE C 347 29.65 -45.72 12.47
CA PHE C 347 28.55 -45.18 11.68
C PHE C 347 28.06 -46.19 10.66
N ALA C 348 26.82 -46.01 10.23
CA ALA C 348 26.21 -46.93 9.27
C ALA C 348 26.84 -46.78 7.89
N SER C 349 26.57 -47.76 7.04
CA SER C 349 27.11 -47.78 5.69
C SER C 349 26.35 -46.81 4.79
N VAL C 350 26.69 -46.83 3.50
CA VAL C 350 26.06 -45.92 2.54
C VAL C 350 24.66 -46.41 2.19
N TYR C 351 24.52 -47.68 1.82
CA TYR C 351 23.23 -48.21 1.41
C TYR C 351 22.28 -48.41 2.58
N ALA C 352 22.80 -48.41 3.81
CA ALA C 352 22.00 -48.64 5.01
C ALA C 352 22.18 -47.49 5.99
N TRP C 353 22.10 -46.25 5.47
CA TRP C 353 22.26 -45.07 6.30
C TRP C 353 21.18 -45.01 7.38
N ASN C 354 21.61 -44.93 8.63
CA ASN C 354 20.69 -44.87 9.75
C ASN C 354 20.06 -43.49 9.86
N ARG C 355 18.79 -43.47 10.28
CA ARG C 355 18.03 -42.24 10.46
C ARG C 355 17.51 -42.16 11.88
N LYS C 356 17.75 -41.05 12.55
CA LYS C 356 17.30 -40.82 13.90
C LYS C 356 16.29 -39.67 13.92
N ARG C 357 15.29 -39.81 14.80
CA ARG C 357 14.23 -38.82 14.94
C ARG C 357 14.51 -37.99 16.19
N ILE C 358 15.10 -36.81 15.98
CA ILE C 358 15.41 -35.90 17.08
C ILE C 358 14.20 -34.98 17.27
N SER C 359 13.51 -35.14 18.40
CA SER C 359 12.32 -34.35 18.68
C SER C 359 12.15 -34.21 20.19
N ASN C 360 11.31 -33.26 20.58
CA ASN C 360 10.98 -33.01 21.98
C ASN C 360 12.23 -32.69 22.80
N CYS C 361 13.03 -31.74 22.31
CA CYS C 361 14.27 -31.35 22.96
C CYS C 361 14.72 -30.02 22.38
N VAL C 362 15.79 -29.48 22.97
CA VAL C 362 16.39 -28.23 22.52
C VAL C 362 17.81 -28.54 22.04
N ALA C 363 18.13 -28.12 20.82
CA ALA C 363 19.40 -28.40 20.18
C ALA C 363 20.24 -27.14 20.14
N ASP C 364 21.52 -27.27 20.47
CA ASP C 364 22.46 -26.15 20.47
C ASP C 364 23.26 -26.19 19.16
N TYR C 365 22.79 -25.44 18.17
CA TYR C 365 23.46 -25.40 16.87
C TYR C 365 24.65 -24.46 16.86
N SER C 366 24.85 -23.65 17.90
CA SER C 366 25.97 -22.72 17.92
C SER C 366 27.28 -23.44 18.24
N VAL C 367 27.23 -24.43 19.13
CA VAL C 367 28.43 -25.16 19.50
C VAL C 367 28.93 -26.06 18.38
N LEU C 368 28.09 -26.34 17.38
CA LEU C 368 28.48 -27.16 16.25
C LEU C 368 29.01 -26.33 15.09
N TYR C 369 28.43 -25.15 14.85
CA TYR C 369 28.92 -24.29 13.79
C TYR C 369 30.23 -23.62 14.16
N ASN C 370 30.45 -23.34 15.45
CA ASN C 370 31.65 -22.70 15.94
C ASN C 370 32.71 -23.70 16.41
N SER C 371 32.51 -24.99 16.13
CA SER C 371 33.48 -25.99 16.55
C SER C 371 34.80 -25.87 15.79
N ALA C 372 34.73 -25.45 14.52
CA ALA C 372 35.90 -25.26 13.67
C ALA C 372 36.72 -26.54 13.51
N SER C 373 36.10 -27.70 13.67
CA SER C 373 36.78 -28.98 13.52
C SER C 373 36.21 -29.83 12.39
N PHE C 374 35.18 -29.35 11.70
CA PHE C 374 34.57 -30.09 10.61
C PHE C 374 35.24 -29.71 9.29
N SER C 375 34.69 -30.18 8.17
CA SER C 375 35.19 -29.84 6.84
C SER C 375 34.23 -28.99 6.04
N THR C 376 32.93 -29.10 6.27
CA THR C 376 31.95 -28.28 5.57
C THR C 376 30.71 -28.12 6.45
N PHE C 377 30.09 -26.95 6.36
CA PHE C 377 28.89 -26.64 7.12
C PHE C 377 27.87 -25.93 6.24
N LYS C 378 27.72 -26.41 5.01
CA LYS C 378 26.83 -25.78 4.05
C LYS C 378 25.38 -26.03 4.44
N CYS C 379 24.68 -24.97 4.82
CA CYS C 379 23.26 -25.03 5.19
C CYS C 379 22.43 -24.70 3.95
N TYR C 380 22.04 -25.74 3.21
CA TYR C 380 21.23 -25.54 2.01
C TYR C 380 19.78 -25.32 2.40
N GLY C 381 19.23 -24.17 2.03
CA GLY C 381 17.84 -23.87 2.30
C GLY C 381 17.64 -22.76 3.31
N VAL C 382 18.45 -22.75 4.37
CA VAL C 382 18.35 -21.76 5.43
C VAL C 382 19.72 -21.17 5.69
N SER C 383 19.74 -19.99 6.30
CA SER C 383 21.00 -19.33 6.61
C SER C 383 21.71 -20.09 7.73
N PRO C 384 23.05 -20.16 7.69
CA PRO C 384 23.78 -20.85 8.76
C PRO C 384 23.57 -20.21 10.13
N THR C 385 23.39 -18.90 10.18
CA THR C 385 23.16 -18.21 11.45
C THR C 385 21.68 -18.24 11.80
N LYS C 386 21.37 -17.80 13.02
CA LYS C 386 20.01 -17.73 13.55
C LYS C 386 19.32 -19.10 13.58
N LEU C 387 20.10 -20.19 13.56
CA LEU C 387 19.51 -21.52 13.66
C LEU C 387 19.22 -21.93 15.09
N ASN C 388 19.89 -21.29 16.07
CA ASN C 388 19.65 -21.57 17.48
C ASN C 388 18.51 -20.73 18.06
N ASP C 389 17.63 -20.20 17.21
CA ASP C 389 16.49 -19.42 17.68
C ASP C 389 15.21 -19.75 16.92
N LEU C 390 15.16 -20.83 16.16
CA LEU C 390 13.99 -21.19 15.36
C LEU C 390 13.43 -22.52 15.83
N CYS C 391 12.10 -22.62 15.85
CA CYS C 391 11.41 -23.83 16.26
C CYS C 391 11.13 -24.70 15.03
N PHE C 392 11.23 -26.02 15.24
CA PHE C 392 10.96 -26.99 14.18
C PHE C 392 10.18 -28.16 14.76
N THR C 393 9.57 -28.94 13.88
CA THR C 393 8.78 -30.09 14.31
C THR C 393 9.66 -31.32 14.54
N ASN C 394 10.40 -31.73 13.52
CA ASN C 394 11.25 -32.90 13.61
C ASN C 394 12.48 -32.70 12.74
N VAL C 395 13.64 -33.08 13.26
CA VAL C 395 14.92 -32.97 12.57
C VAL C 395 15.54 -34.36 12.48
N TYR C 396 15.94 -34.75 11.27
CA TYR C 396 16.52 -36.06 11.05
C TYR C 396 18.04 -36.01 11.23
N ALA C 397 18.64 -37.20 11.35
CA ALA C 397 20.07 -37.35 11.60
C ALA C 397 20.66 -38.39 10.66
N ASP C 398 20.34 -38.27 9.36
CA ASP C 398 20.87 -39.19 8.36
C ASP C 398 22.38 -39.13 8.30
N SER C 399 23.05 -40.23 8.65
CA SER C 399 24.50 -40.28 8.73
C SER C 399 25.02 -41.44 7.90
N PHE C 400 26.17 -41.23 7.26
CA PHE C 400 26.83 -42.25 6.46
C PHE C 400 28.30 -41.89 6.32
N VAL C 401 29.04 -42.74 5.62
CA VAL C 401 30.49 -42.56 5.44
C VAL C 401 30.81 -42.78 3.97
N ILE C 402 31.37 -41.76 3.33
CA ILE C 402 31.76 -41.85 1.92
C ILE C 402 33.24 -41.50 1.79
N ARG C 403 33.77 -41.59 0.58
CA ARG C 403 35.19 -41.33 0.34
C ARG C 403 35.44 -39.82 0.33
N GLY C 404 36.68 -39.44 0.00
CA GLY C 404 37.03 -38.03 0.01
C GLY C 404 36.34 -37.24 -1.09
N ASP C 405 36.45 -37.71 -2.33
CA ASP C 405 35.84 -37.03 -3.48
C ASP C 405 34.40 -37.46 -3.69
N GLU C 406 33.60 -37.38 -2.62
CA GLU C 406 32.18 -37.69 -2.72
C GLU C 406 31.30 -36.70 -1.95
N VAL C 407 31.87 -35.73 -1.25
CA VAL C 407 31.05 -34.73 -0.55
C VAL C 407 30.39 -33.80 -1.56
N ARG C 408 31.05 -33.55 -2.69
CA ARG C 408 30.45 -32.70 -3.73
C ARG C 408 29.29 -33.39 -4.43
N GLN C 409 29.26 -34.73 -4.43
CA GLN C 409 28.18 -35.44 -5.11
C GLN C 409 26.88 -35.34 -4.33
N ILE C 410 26.95 -35.32 -3.00
CA ILE C 410 25.76 -35.22 -2.16
C ILE C 410 25.40 -33.76 -1.99
N ALA C 411 24.59 -33.23 -2.90
CA ALA C 411 24.17 -31.84 -2.89
C ALA C 411 22.76 -31.76 -3.46
N PRO C 412 22.00 -30.74 -3.07
CA PRO C 412 20.64 -30.60 -3.60
C PRO C 412 20.61 -30.23 -5.07
N GLY C 413 20.87 -31.21 -5.93
CA GLY C 413 20.86 -30.98 -7.37
C GLY C 413 21.98 -31.69 -8.10
N GLN C 414 23.10 -31.91 -7.42
CA GLN C 414 24.24 -32.57 -8.04
C GLN C 414 23.99 -34.08 -8.10
N THR C 415 24.21 -34.68 -9.26
CA THR C 415 24.01 -36.09 -9.47
C THR C 415 25.31 -36.75 -9.93
N GLY C 416 25.53 -37.98 -9.50
CA GLY C 416 26.73 -38.73 -9.86
C GLY C 416 26.45 -40.21 -9.89
N LYS C 417 27.38 -40.98 -9.34
CA LYS C 417 27.24 -42.44 -9.26
C LYS C 417 26.91 -42.93 -7.85
N ILE C 418 27.55 -42.37 -6.83
CA ILE C 418 27.29 -42.77 -5.45
C ILE C 418 26.33 -41.78 -4.77
N ALA C 419 25.69 -40.91 -5.54
CA ALA C 419 24.74 -39.94 -5.00
C ALA C 419 23.34 -40.04 -5.60
N ASP C 420 23.16 -40.81 -6.68
CA ASP C 420 21.86 -40.97 -7.31
C ASP C 420 21.39 -42.42 -7.28
N TYR C 421 22.15 -43.32 -6.65
CA TYR C 421 21.78 -44.72 -6.56
C TYR C 421 21.63 -45.24 -5.14
N ASN C 422 22.15 -44.53 -4.14
CA ASN C 422 22.09 -44.98 -2.75
C ASN C 422 21.50 -43.94 -1.82
N TYR C 423 21.78 -42.66 -2.04
CA TYR C 423 21.28 -41.61 -1.15
C TYR C 423 21.30 -40.30 -1.93
N LYS C 424 20.13 -39.77 -2.24
CA LYS C 424 20.00 -38.53 -2.99
C LYS C 424 19.29 -37.48 -2.13
N LEU C 425 19.64 -36.22 -2.35
CA LEU C 425 19.06 -35.11 -1.62
C LEU C 425 17.98 -34.45 -2.47
N PRO C 426 16.81 -34.17 -1.91
CA PRO C 426 15.76 -33.51 -2.70
C PRO C 426 16.16 -32.11 -3.14
N ASP C 427 15.50 -31.64 -4.20
CA ASP C 427 15.79 -30.30 -4.71
C ASP C 427 15.40 -29.23 -3.71
N ASP C 428 14.32 -29.45 -2.96
CA ASP C 428 13.87 -28.52 -1.94
C ASP C 428 14.44 -28.88 -0.57
N PHE C 429 15.76 -29.03 -0.52
CA PHE C 429 16.45 -29.39 0.72
C PHE C 429 16.60 -28.15 1.61
N THR C 430 16.09 -28.24 2.83
CA THR C 430 16.12 -27.15 3.80
C THR C 430 16.86 -27.55 5.06
N GLY C 431 18.00 -28.23 4.90
CA GLY C 431 18.79 -28.65 6.04
C GLY C 431 20.20 -28.08 6.05
N CYS C 432 21.17 -28.91 6.41
CA CYS C 432 22.56 -28.48 6.47
C CYS C 432 23.45 -29.70 6.35
N VAL C 433 24.31 -29.74 5.33
CA VAL C 433 25.21 -30.86 5.12
C VAL C 433 26.44 -30.67 6.00
N ILE C 434 26.65 -31.62 6.91
CA ILE C 434 27.77 -31.58 7.85
C ILE C 434 28.68 -32.76 7.56
N ALA C 435 29.99 -32.52 7.59
CA ALA C 435 30.96 -33.57 7.30
C ALA C 435 32.32 -33.16 7.86
N TRP C 436 33.06 -34.15 8.36
CA TRP C 436 34.41 -33.94 8.86
C TRP C 436 35.29 -35.12 8.48
N ASN C 437 36.51 -34.83 8.03
CA ASN C 437 37.40 -35.87 7.53
C ASN C 437 37.82 -36.80 8.66
N SER C 438 37.87 -38.10 8.35
CA SER C 438 38.30 -39.14 9.29
C SER C 438 39.28 -40.08 8.61
N ASN C 439 40.29 -39.51 7.93
CA ASN C 439 41.24 -40.32 7.17
C ASN C 439 42.00 -41.29 8.07
N ASN C 440 42.36 -40.87 9.28
CA ASN C 440 43.10 -41.70 10.21
C ASN C 440 42.31 -42.00 11.48
N LEU C 441 40.98 -41.86 11.42
CA LEU C 441 40.12 -42.14 12.57
C LEU C 441 39.32 -43.42 12.40
N ASP C 442 38.89 -43.75 11.18
CA ASP C 442 38.11 -44.94 10.92
C ASP C 442 38.93 -46.07 10.31
N SER C 443 39.83 -45.76 9.39
CA SER C 443 40.61 -46.79 8.72
C SER C 443 41.58 -47.47 9.70
N LYS C 444 41.90 -48.72 9.41
CA LYS C 444 42.82 -49.50 10.23
C LYS C 444 43.95 -50.06 9.39
N VAL C 445 44.76 -50.95 9.98
CA VAL C 445 45.86 -51.56 9.24
C VAL C 445 45.33 -52.36 8.07
N GLY C 446 44.29 -53.18 8.31
CA GLY C 446 43.67 -53.93 7.24
C GLY C 446 42.65 -53.12 6.46
N GLY C 447 42.15 -53.72 5.39
CA GLY C 447 41.16 -53.05 4.56
C GLY C 447 39.82 -52.97 5.28
N ASN C 448 39.28 -51.74 5.36
CA ASN C 448 38.00 -51.50 6.02
C ASN C 448 36.89 -51.98 5.09
N TYR C 449 36.64 -53.30 5.12
CA TYR C 449 35.70 -53.91 4.21
C TYR C 449 34.25 -53.85 4.69
N ASN C 450 34.02 -53.46 5.95
CA ASN C 450 32.67 -53.44 6.47
C ASN C 450 31.81 -52.36 5.84
N TYR C 451 32.42 -51.36 5.22
CA TYR C 451 31.69 -50.30 4.53
C TYR C 451 31.39 -50.73 3.09
N LEU C 452 30.12 -50.74 2.73
CA LEU C 452 29.67 -51.15 1.40
C LEU C 452 28.97 -49.98 0.72
N TYR C 453 29.23 -49.82 -0.57
CA TYR C 453 28.65 -48.74 -1.36
C TYR C 453 27.87 -49.31 -2.53
N ARG C 454 26.91 -48.52 -3.02
CA ARG C 454 26.11 -48.92 -4.17
C ARG C 454 26.86 -48.65 -5.46
N LEU C 455 26.90 -49.65 -6.34
CA LEU C 455 27.60 -49.53 -7.61
C LEU C 455 26.67 -49.63 -8.81
N PHE C 456 25.81 -50.65 -8.86
CA PHE C 456 24.94 -50.89 -9.99
C PHE C 456 23.49 -50.79 -9.54
N ARG C 457 22.69 -50.01 -10.26
CA ARG C 457 21.28 -49.84 -9.97
C ARG C 457 20.49 -49.79 -11.27
N LYS C 458 19.24 -50.27 -11.21
CA LYS C 458 18.38 -50.26 -12.39
C LYS C 458 17.94 -48.84 -12.73
N SER C 459 17.28 -48.17 -11.78
CA SER C 459 16.81 -46.81 -11.95
C SER C 459 17.23 -45.97 -10.74
N ASN C 460 17.14 -44.66 -10.90
CA ASN C 460 17.49 -43.74 -9.83
C ASN C 460 16.46 -43.84 -8.71
N LEU C 461 16.94 -43.99 -7.48
CA LEU C 461 16.06 -44.13 -6.33
C LEU C 461 15.39 -42.81 -5.99
N LYS C 462 14.25 -42.90 -5.30
CA LYS C 462 13.51 -41.73 -4.89
C LYS C 462 14.27 -40.99 -3.78
N PRO C 463 14.00 -39.70 -3.61
CA PRO C 463 14.65 -38.95 -2.51
C PRO C 463 14.27 -39.53 -1.16
N PHE C 464 15.26 -39.60 -0.27
CA PHE C 464 15.09 -40.15 1.08
C PHE C 464 14.57 -41.58 1.04
N GLU C 465 15.31 -42.43 0.33
CA GLU C 465 14.98 -43.84 0.20
C GLU C 465 16.19 -44.68 0.57
N ARG C 466 15.93 -45.81 1.23
CA ARG C 466 16.98 -46.72 1.69
C ARG C 466 16.61 -48.13 1.25
N ASP C 467 17.30 -48.64 0.23
CA ASP C 467 17.02 -49.97 -0.33
C ASP C 467 18.07 -50.93 0.21
N ILE C 468 17.77 -51.55 1.35
CA ILE C 468 18.65 -52.55 1.95
C ILE C 468 18.22 -53.90 1.37
N SER C 469 18.76 -54.23 0.21
CA SER C 469 18.41 -55.48 -0.46
C SER C 469 19.48 -55.79 -1.51
N THR C 470 20.03 -57.00 -1.45
CA THR C 470 21.01 -57.46 -2.43
C THR C 470 20.29 -58.22 -3.54
N GLU C 471 19.55 -57.47 -4.35
CA GLU C 471 18.74 -58.04 -5.41
C GLU C 471 19.62 -58.45 -6.59
N ILE C 472 18.97 -58.95 -7.64
CA ILE C 472 19.66 -59.45 -8.83
C ILE C 472 19.69 -58.32 -9.85
N TYR C 473 20.88 -57.79 -10.12
CA TYR C 473 21.04 -56.70 -11.08
C TYR C 473 21.16 -57.28 -12.48
N GLN C 474 20.17 -57.00 -13.33
CA GLN C 474 20.15 -57.48 -14.70
C GLN C 474 20.93 -56.50 -15.57
N ALA C 475 22.15 -56.87 -15.94
CA ALA C 475 23.00 -56.05 -16.79
C ALA C 475 22.98 -56.60 -18.21
N GLY C 476 22.79 -55.71 -19.18
CA GLY C 476 22.76 -56.13 -20.57
C GLY C 476 21.47 -56.86 -20.89
N SER C 477 21.61 -58.03 -21.53
CA SER C 477 20.44 -58.83 -21.89
C SER C 477 20.57 -60.31 -21.55
N THR C 478 21.72 -60.78 -21.09
CA THR C 478 21.88 -62.18 -20.77
C THR C 478 21.09 -62.54 -19.51
N PRO C 479 20.16 -63.49 -19.59
CA PRO C 479 19.39 -63.85 -18.38
C PRO C 479 20.27 -64.54 -17.35
N CYS C 480 19.99 -64.24 -16.08
CA CYS C 480 20.73 -64.81 -14.96
C CYS C 480 19.87 -65.74 -14.12
N ASN C 481 18.72 -65.26 -13.64
CA ASN C 481 17.78 -66.06 -12.86
C ASN C 481 18.43 -66.63 -11.60
N GLY C 482 19.14 -65.76 -10.87
CA GLY C 482 19.77 -66.10 -9.61
C GLY C 482 21.27 -66.23 -9.69
N VAL C 483 21.81 -66.61 -10.84
CA VAL C 483 23.25 -66.82 -10.98
C VAL C 483 23.94 -65.47 -11.10
N GLU C 484 25.22 -65.44 -10.73
CA GLU C 484 26.05 -64.25 -10.92
C GLU C 484 26.85 -64.35 -12.22
N GLY C 485 27.72 -65.36 -12.31
CA GLY C 485 28.49 -65.64 -13.51
C GLY C 485 29.23 -64.44 -14.09
N PHE C 486 28.95 -64.14 -15.36
CA PHE C 486 29.56 -63.01 -16.05
C PHE C 486 28.48 -62.09 -16.59
N ASN C 487 28.80 -60.80 -16.66
CA ASN C 487 27.91 -59.75 -17.15
C ASN C 487 26.63 -59.63 -16.34
N CYS C 488 26.58 -60.22 -15.15
CA CYS C 488 25.43 -60.11 -14.26
C CYS C 488 25.89 -59.90 -12.82
N TYR C 489 26.87 -59.00 -12.64
CA TYR C 489 27.41 -58.73 -11.31
C TYR C 489 26.34 -58.11 -10.41
N PHE C 490 26.53 -58.28 -9.11
CA PHE C 490 25.58 -57.81 -8.11
C PHE C 490 26.06 -56.52 -7.46
N PRO C 491 25.14 -55.70 -6.95
CA PRO C 491 25.53 -54.45 -6.29
C PRO C 491 26.16 -54.65 -4.92
N LEU C 492 26.37 -53.54 -4.21
CA LEU C 492 26.94 -53.54 -2.85
C LEU C 492 28.37 -54.07 -2.84
N GLN C 493 29.23 -53.36 -3.57
CA GLN C 493 30.66 -53.60 -3.49
C GLN C 493 31.26 -52.90 -2.28
N SER C 494 32.52 -53.19 -2.01
CA SER C 494 33.23 -52.63 -0.85
C SER C 494 34.30 -51.65 -1.31
N TYR C 495 34.61 -50.69 -0.45
CA TYR C 495 35.63 -49.70 -0.75
C TYR C 495 37.03 -50.30 -0.59
N GLY C 496 37.37 -50.74 0.62
CA GLY C 496 38.69 -51.27 0.88
C GLY C 496 39.78 -50.23 0.77
N PHE C 497 39.77 -49.25 1.67
CA PHE C 497 40.72 -48.14 1.64
C PHE C 497 41.78 -48.33 2.70
N GLN C 498 43.00 -47.88 2.40
CA GLN C 498 44.13 -47.95 3.31
C GLN C 498 44.30 -46.62 4.03
N PRO C 499 45.07 -46.60 5.13
CA PRO C 499 45.32 -45.31 5.80
C PRO C 499 46.06 -44.31 4.93
N THR C 500 46.91 -44.77 4.02
CA THR C 500 47.68 -43.89 3.14
C THR C 500 47.23 -44.15 1.70
N ASN C 501 46.46 -43.22 1.15
CA ASN C 501 45.98 -43.33 -0.22
C ASN C 501 45.78 -41.92 -0.77
N GLY C 502 45.07 -41.81 -1.88
CA GLY C 502 44.82 -40.53 -2.51
C GLY C 502 43.79 -39.71 -1.73
N VAL C 503 43.38 -38.61 -2.36
CA VAL C 503 42.41 -37.71 -1.74
C VAL C 503 41.02 -38.30 -1.79
N GLY C 504 40.67 -38.95 -2.90
CA GLY C 504 39.34 -39.49 -3.07
C GLY C 504 39.15 -40.88 -2.47
N TYR C 505 39.83 -41.15 -1.36
CA TYR C 505 39.70 -42.43 -0.69
C TYR C 505 39.65 -42.32 0.83
N GLN C 506 39.62 -41.10 1.38
CA GLN C 506 39.61 -40.95 2.83
C GLN C 506 38.18 -40.95 3.36
N PRO C 507 37.93 -41.56 4.51
CA PRO C 507 36.57 -41.58 5.07
C PRO C 507 36.09 -40.19 5.42
N TYR C 508 34.76 -40.05 5.49
CA TYR C 508 34.14 -38.77 5.82
C TYR C 508 32.85 -39.06 6.58
N ARG C 509 32.83 -38.72 7.87
CA ARG C 509 31.62 -38.86 8.68
C ARG C 509 30.62 -37.78 8.31
N VAL C 510 29.71 -38.10 7.39
CA VAL C 510 28.77 -37.13 6.85
C VAL C 510 27.44 -37.31 7.55
N VAL C 511 26.94 -36.24 8.18
CA VAL C 511 25.64 -36.22 8.82
C VAL C 511 24.78 -35.18 8.11
N VAL C 512 23.64 -35.62 7.58
CA VAL C 512 22.77 -34.76 6.79
C VAL C 512 21.55 -34.44 7.65
N LEU C 513 21.57 -33.28 8.30
CA LEU C 513 20.43 -32.82 9.07
C LEU C 513 19.34 -32.30 8.14
N SER C 514 18.08 -32.59 8.48
CA SER C 514 16.93 -32.21 7.67
C SER C 514 15.91 -31.49 8.55
N PHE C 515 15.94 -30.16 8.53
CA PHE C 515 14.97 -29.36 9.27
C PHE C 515 13.66 -29.31 8.50
N GLU C 516 12.61 -29.87 9.07
CA GLU C 516 11.31 -29.95 8.43
C GLU C 516 10.22 -29.55 9.42
N LEU C 517 9.26 -28.77 8.94
CA LEU C 517 8.17 -28.26 9.77
C LEU C 517 6.84 -28.79 9.25
N LEU C 518 5.97 -29.18 10.17
CA LEU C 518 4.65 -29.70 9.85
C LEU C 518 3.57 -28.88 10.56
N HIS C 519 2.32 -29.33 10.43
CA HIS C 519 1.21 -28.66 11.11
C HIS C 519 1.22 -28.90 12.60
N ALA C 520 1.91 -29.94 13.06
CA ALA C 520 1.99 -30.22 14.49
C ALA C 520 2.77 -29.11 15.20
N PRO C 521 2.49 -28.90 16.50
CA PRO C 521 3.26 -27.88 17.24
C PRO C 521 4.74 -28.20 17.24
N ALA C 522 5.54 -27.19 16.89
CA ALA C 522 6.98 -27.36 16.80
C ALA C 522 7.58 -27.57 18.18
N THR C 523 8.47 -28.56 18.29
CA THR C 523 9.15 -28.87 19.54
C THR C 523 10.65 -28.65 19.47
N VAL C 524 11.29 -28.96 18.34
CA VAL C 524 12.73 -28.78 18.17
C VAL C 524 12.97 -27.29 17.95
N CYS C 525 13.45 -26.60 18.98
CA CYS C 525 13.71 -25.17 18.91
C CYS C 525 15.16 -24.91 19.31
N GLY C 526 15.50 -23.65 19.46
CA GLY C 526 16.85 -23.26 19.83
C GLY C 526 16.93 -22.72 21.24
N PRO C 527 18.15 -22.63 21.77
CA PRO C 527 18.33 -22.11 23.14
C PRO C 527 17.97 -20.64 23.22
N LYS C 528 17.46 -20.25 24.38
CA LYS C 528 17.10 -18.87 24.66
C LYS C 528 18.03 -18.32 25.74
N LYS C 529 18.72 -17.24 25.42
CA LYS C 529 19.66 -16.65 26.36
C LYS C 529 18.91 -16.00 27.53
N SER C 530 19.64 -15.83 28.64
CA SER C 530 19.08 -15.25 29.85
C SER C 530 20.06 -14.23 30.41
N THR C 531 19.58 -13.00 30.63
CA THR C 531 20.40 -11.93 31.16
C THR C 531 20.29 -11.90 32.68
N ASN C 532 20.81 -10.85 33.31
CA ASN C 532 20.77 -10.71 34.76
C ASN C 532 19.50 -9.97 35.16
N LEU C 533 18.91 -10.40 36.28
CA LEU C 533 17.67 -9.81 36.78
C LEU C 533 18.01 -8.61 37.64
N VAL C 534 17.97 -7.42 37.02
CA VAL C 534 18.22 -6.17 37.72
C VAL C 534 16.91 -5.70 38.35
N LYS C 535 16.98 -5.24 39.59
CA LYS C 535 15.81 -4.80 40.34
C LYS C 535 15.97 -3.34 40.76
N ASN C 536 14.83 -2.72 41.07
CA ASN C 536 14.78 -1.34 41.56
C ASN C 536 15.42 -0.37 40.55
N LYS C 537 15.00 -0.48 39.30
CA LYS C 537 15.51 0.38 38.25
C LYS C 537 14.55 0.32 37.06
N CYS C 538 14.30 1.47 36.45
CA CYS C 538 13.40 1.57 35.30
C CYS C 538 14.11 0.98 34.07
N VAL C 539 13.88 -0.31 33.83
CA VAL C 539 14.50 -1.02 32.73
C VAL C 539 13.42 -1.79 31.97
N ASN C 540 13.84 -2.51 30.93
CA ASN C 540 12.95 -3.33 30.13
C ASN C 540 13.08 -4.79 30.54
N PHE C 541 11.96 -5.52 30.44
CA PHE C 541 11.93 -6.95 30.74
C PHE C 541 11.32 -7.70 29.58
N ASN C 542 11.90 -8.85 29.24
CA ASN C 542 11.43 -9.69 28.15
C ASN C 542 11.30 -11.13 28.68
N PHE C 543 10.14 -11.44 29.23
CA PHE C 543 9.87 -12.78 29.74
C PHE C 543 9.39 -13.68 28.61
N ASN C 544 8.88 -14.87 28.97
CA ASN C 544 8.41 -15.81 27.95
C ASN C 544 7.31 -15.21 27.10
N GLY C 545 6.35 -14.54 27.73
CA GLY C 545 5.27 -13.91 26.99
C GLY C 545 4.85 -12.58 27.58
N LEU C 546 5.68 -12.02 28.45
CA LEU C 546 5.40 -10.77 29.15
C LEU C 546 6.43 -9.73 28.71
N THR C 547 6.02 -8.86 27.79
CA THR C 547 6.88 -7.79 27.31
C THR C 547 6.41 -6.45 27.86
N GLY C 548 7.35 -5.53 28.00
CA GLY C 548 7.06 -4.21 28.51
C GLY C 548 8.22 -3.67 29.30
N THR C 549 8.02 -2.47 29.85
CA THR C 549 9.02 -1.80 30.67
C THR C 549 8.43 -1.44 32.02
N GLY C 550 9.28 -1.43 33.04
CA GLY C 550 8.84 -1.11 34.38
C GLY C 550 9.95 -1.33 35.38
N VAL C 551 9.62 -1.09 36.64
CA VAL C 551 10.55 -1.24 37.75
C VAL C 551 10.23 -2.57 38.43
N LEU C 552 11.04 -3.58 38.17
CA LEU C 552 10.83 -4.91 38.75
C LEU C 552 11.31 -4.89 40.20
N THR C 553 10.37 -5.00 41.13
CA THR C 553 10.67 -5.02 42.56
C THR C 553 10.22 -6.35 43.15
N GLU C 554 10.37 -6.47 44.47
CA GLU C 554 9.97 -7.67 45.19
C GLU C 554 8.55 -7.53 45.71
N SER C 555 7.83 -8.64 45.73
CA SER C 555 6.44 -8.67 46.20
C SER C 555 6.23 -9.89 47.08
N ASN C 556 5.32 -9.74 48.04
CA ASN C 556 4.97 -10.81 48.97
C ASN C 556 3.83 -11.67 48.48
N LYS C 557 3.34 -11.46 47.25
CA LYS C 557 2.25 -12.24 46.72
C LYS C 557 2.71 -13.67 46.44
N LYS C 558 1.98 -14.65 46.97
CA LYS C 558 2.30 -16.06 46.80
C LYS C 558 1.39 -16.64 45.72
N PHE C 559 1.97 -16.98 44.59
CA PHE C 559 1.22 -17.55 43.48
C PHE C 559 1.11 -19.06 43.62
N LEU C 560 0.07 -19.63 43.03
CA LEU C 560 -0.07 -21.07 43.02
C LEU C 560 0.97 -21.68 42.08
N PRO C 561 1.45 -22.90 42.36
CA PRO C 561 2.56 -23.45 41.58
C PRO C 561 2.14 -24.00 40.22
N PHE C 562 1.33 -23.24 39.48
CA PHE C 562 1.08 -23.52 38.07
C PHE C 562 0.90 -22.28 37.23
N GLN C 563 0.70 -21.11 37.82
CA GLN C 563 0.51 -19.88 37.07
C GLN C 563 1.85 -19.18 36.88
N GLN C 564 2.12 -18.73 35.65
CA GLN C 564 3.38 -18.09 35.33
C GLN C 564 3.38 -16.62 35.76
N PHE C 565 2.46 -15.83 35.21
CA PHE C 565 2.38 -14.41 35.50
C PHE C 565 1.06 -14.06 36.15
N GLY C 566 1.02 -12.90 36.79
CA GLY C 566 -0.17 -12.39 37.43
C GLY C 566 -0.88 -11.35 36.60
N ARG C 567 -1.85 -10.69 37.25
CA ARG C 567 -2.65 -9.67 36.59
C ARG C 567 -3.10 -8.67 37.65
N ASP C 568 -4.09 -7.84 37.28
CA ASP C 568 -4.66 -6.85 38.19
C ASP C 568 -6.17 -6.91 38.11
N ILE C 569 -6.84 -5.85 38.57
CA ILE C 569 -8.30 -5.79 38.49
C ILE C 569 -8.76 -5.94 37.04
N ALA C 570 -8.48 -4.95 36.19
CA ALA C 570 -9.07 -4.92 34.86
C ALA C 570 -8.29 -5.75 33.83
N ASP C 571 -7.10 -5.28 33.44
CA ASP C 571 -6.36 -5.99 32.39
C ASP C 571 -4.84 -5.94 32.52
N THR C 572 -4.27 -5.33 33.56
CA THR C 572 -2.85 -5.03 33.58
C THR C 572 -2.09 -6.12 34.34
N THR C 573 -0.95 -6.52 33.79
CA THR C 573 -0.07 -7.48 34.47
C THR C 573 0.63 -6.76 35.62
N ASP C 574 0.29 -7.13 36.86
CA ASP C 574 0.84 -6.46 38.03
C ASP C 574 2.10 -7.14 38.56
N ALA C 575 2.21 -8.46 38.42
CA ALA C 575 3.37 -9.18 38.93
C ALA C 575 3.63 -10.39 38.04
N VAL C 576 4.90 -10.80 38.00
CA VAL C 576 5.33 -11.96 37.23
C VAL C 576 6.28 -12.79 38.07
N ARG C 577 6.43 -14.06 37.69
CA ARG C 577 7.33 -14.99 38.35
C ARG C 577 8.50 -15.26 37.42
N ASP C 578 9.69 -14.85 37.83
CA ASP C 578 10.89 -15.10 37.05
C ASP C 578 11.18 -16.60 37.02
N PRO C 579 11.22 -17.23 35.84
CA PRO C 579 11.43 -18.68 35.78
C PRO C 579 12.90 -19.06 35.87
N GLN C 580 13.63 -18.44 36.79
CA GLN C 580 15.01 -18.81 37.06
C GLN C 580 15.20 -19.28 38.49
N THR C 581 14.75 -18.49 39.48
CA THR C 581 14.79 -18.87 40.88
C THR C 581 13.41 -19.10 41.48
N LEU C 582 12.36 -19.04 40.66
CA LEU C 582 10.98 -19.21 41.12
C LEU C 582 10.62 -18.19 42.20
N GLU C 583 10.89 -16.93 41.90
CA GLU C 583 10.60 -15.83 42.81
C GLU C 583 9.53 -14.92 42.18
N ILE C 584 8.66 -14.37 43.03
CA ILE C 584 7.57 -13.51 42.58
C ILE C 584 8.09 -12.08 42.53
N LEU C 585 8.08 -11.50 41.33
CA LEU C 585 8.52 -10.12 41.13
C LEU C 585 7.31 -9.19 41.25
N ASP C 586 7.50 -7.92 40.89
CA ASP C 586 6.42 -6.93 40.95
C ASP C 586 6.68 -5.89 39.88
N ILE C 587 5.87 -5.89 38.83
CA ILE C 587 6.02 -4.93 37.74
C ILE C 587 5.43 -3.60 38.20
N THR C 588 6.29 -2.62 38.43
CA THR C 588 5.87 -1.29 38.83
C THR C 588 6.20 -0.30 37.73
N PRO C 589 5.23 0.45 37.21
CA PRO C 589 5.54 1.43 36.17
C PRO C 589 6.46 2.52 36.68
N CYS C 590 7.23 3.09 35.76
CA CYS C 590 8.17 4.13 36.12
C CYS C 590 7.46 5.46 36.33
N SER C 591 8.13 6.36 37.05
CA SER C 591 7.54 7.65 37.39
C SER C 591 7.36 8.50 36.14
N PHE C 592 6.19 9.14 36.03
CA PHE C 592 5.90 10.02 34.91
C PHE C 592 4.92 11.07 35.36
N GLY C 593 4.81 12.13 34.58
CA GLY C 593 3.88 13.21 34.89
C GLY C 593 4.17 14.43 34.05
N GLY C 594 3.30 15.42 34.21
CA GLY C 594 3.45 16.66 33.48
C GLY C 594 4.44 17.60 34.14
N VAL C 595 5.04 18.46 33.33
CA VAL C 595 6.03 19.44 33.79
C VAL C 595 5.37 20.81 33.72
N SER C 596 5.07 21.38 34.88
CA SER C 596 4.48 22.70 34.99
C SER C 596 5.55 23.72 35.32
N VAL C 597 5.46 24.89 34.70
CA VAL C 597 6.44 25.96 34.88
C VAL C 597 5.72 27.12 35.56
N ILE C 598 6.03 27.33 36.84
CA ILE C 598 5.46 28.44 37.60
C ILE C 598 6.28 29.69 37.30
N THR C 599 5.67 30.67 36.64
CA THR C 599 6.34 31.90 36.28
C THR C 599 5.57 33.10 36.84
N PRO C 600 6.26 34.06 37.45
CA PRO C 600 5.58 35.25 37.96
C PRO C 600 5.33 36.33 36.92
N GLY C 601 5.48 36.04 35.64
CA GLY C 601 5.30 37.04 34.61
C GLY C 601 6.61 37.55 34.05
N THR C 602 6.71 37.63 32.72
CA THR C 602 7.93 38.10 32.08
C THR C 602 8.19 39.58 32.30
N ASN C 603 7.20 40.34 32.77
CA ASN C 603 7.40 41.75 33.02
C ASN C 603 8.05 42.04 34.37
N THR C 604 8.00 41.08 35.29
CA THR C 604 8.60 41.25 36.62
C THR C 604 10.02 40.67 36.68
N SER C 605 10.16 39.40 36.34
CA SER C 605 11.47 38.75 36.37
C SER C 605 11.41 37.51 35.47
N ASN C 606 12.59 36.94 35.21
CA ASN C 606 12.72 35.76 34.39
C ASN C 606 12.94 34.49 35.20
N GLN C 607 13.03 34.61 36.52
CA GLN C 607 13.21 33.45 37.39
C GLN C 607 11.95 32.63 37.43
N VAL C 608 12.02 31.37 37.01
CA VAL C 608 10.86 30.49 36.99
C VAL C 608 11.16 29.25 37.82
N ALA C 609 10.13 28.46 38.06
CA ALA C 609 10.24 27.21 38.80
C ALA C 609 9.49 26.11 38.06
N VAL C 610 10.05 24.90 38.09
CA VAL C 610 9.47 23.75 37.41
C VAL C 610 8.81 22.85 38.44
N LEU C 611 7.67 22.27 38.07
CA LEU C 611 6.92 21.37 38.93
C LEU C 611 6.76 20.03 38.22
N TYR C 612 7.37 18.99 38.79
CA TYR C 612 7.23 17.64 38.26
C TYR C 612 6.11 16.94 39.02
N GLN C 613 5.04 16.58 38.30
CA GLN C 613 3.86 16.02 38.94
C GLN C 613 4.06 14.53 39.21
N GLY C 614 3.65 14.10 40.41
CA GLY C 614 3.66 12.68 40.81
C GLY C 614 5.07 12.10 40.77
N VAL C 615 5.98 12.75 41.50
CA VAL C 615 7.35 12.27 41.67
C VAL C 615 7.71 12.35 43.15
N ASN C 616 8.85 11.75 43.49
CA ASN C 616 9.33 11.69 44.87
C ASN C 616 10.68 12.37 45.04
N CYS C 617 10.94 13.41 44.26
CA CYS C 617 12.18 14.19 44.30
C CYS C 617 13.43 13.31 44.09
N THR C 618 13.27 12.16 43.45
CA THR C 618 14.40 11.26 43.21
C THR C 618 14.51 10.75 41.78
N GLU C 619 13.46 10.87 40.96
CA GLU C 619 13.53 10.45 39.57
C GLU C 619 13.93 11.58 38.64
N VAL C 620 14.02 12.81 39.13
CA VAL C 620 14.40 13.94 38.29
C VAL C 620 15.88 13.90 37.97
N ASN C 641 16.07 24.54 47.25
CA ASN C 641 15.27 24.64 46.04
C ASN C 641 14.45 23.38 45.82
N VAL C 642 15.02 22.23 46.20
CA VAL C 642 14.37 20.93 46.02
C VAL C 642 13.41 20.74 47.19
N PHE C 643 12.13 21.01 46.95
CA PHE C 643 11.09 20.84 47.96
C PHE C 643 10.08 19.79 47.49
N GLN C 644 9.52 19.07 48.45
CA GLN C 644 8.58 17.98 48.18
C GLN C 644 7.19 18.39 48.63
N THR C 645 6.25 18.38 47.70
CA THR C 645 4.84 18.67 47.97
C THR C 645 4.02 17.41 47.79
N ARG C 646 2.71 17.53 48.04
CA ARG C 646 1.81 16.40 47.84
C ARG C 646 1.49 16.16 46.38
N ALA C 647 1.64 17.16 45.52
CA ALA C 647 1.42 17.00 44.09
C ALA C 647 2.67 16.59 43.34
N GLY C 648 3.85 16.89 43.87
CA GLY C 648 5.09 16.55 43.23
C GLY C 648 6.24 17.34 43.80
N CYS C 649 7.40 17.19 43.16
CA CYS C 649 8.61 17.87 43.59
C CYS C 649 8.68 19.24 42.93
N LEU C 650 8.77 20.28 43.75
CA LEU C 650 8.85 21.66 43.26
C LEU C 650 10.31 22.09 43.27
N ILE C 651 10.87 22.33 42.09
CA ILE C 651 12.26 22.73 41.93
C ILE C 651 12.31 24.20 41.55
N GLY C 652 13.18 24.96 42.21
CA GLY C 652 13.36 26.36 41.91
C GLY C 652 12.74 27.30 42.92
N ALA C 653 11.88 26.81 43.81
CA ALA C 653 11.23 27.63 44.81
C ALA C 653 11.62 27.17 46.20
N GLU C 654 11.62 28.11 47.14
CA GLU C 654 11.96 27.84 48.53
C GLU C 654 10.70 27.75 49.39
N HIS C 655 10.79 26.96 50.46
CA HIS C 655 9.66 26.77 51.36
C HIS C 655 9.77 27.72 52.55
N VAL C 656 8.63 28.31 52.92
CA VAL C 656 8.53 29.20 54.07
C VAL C 656 7.40 28.70 54.96
N ASN C 657 7.55 28.90 56.27
CA ASN C 657 6.56 28.45 57.24
C ASN C 657 5.40 29.42 57.40
N ASN C 658 5.41 30.54 56.69
CA ASN C 658 4.34 31.52 56.78
C ASN C 658 3.14 31.06 55.94
N SER C 659 2.09 31.89 55.94
CA SER C 659 0.88 31.59 55.18
C SER C 659 0.34 32.88 54.58
N TYR C 660 0.30 32.94 53.26
CA TYR C 660 -0.21 34.10 52.53
C TYR C 660 -1.35 33.66 51.62
N GLU C 661 -1.91 34.62 50.89
CA GLU C 661 -2.96 34.32 49.93
C GLU C 661 -2.39 33.54 48.75
N CYS C 662 -3.21 32.65 48.20
CA CYS C 662 -2.78 31.77 47.11
C CYS C 662 -2.72 32.60 45.82
N ASP C 663 -1.51 32.98 45.42
CA ASP C 663 -1.34 33.73 44.18
C ASP C 663 -1.34 32.80 42.97
N ILE C 664 -0.42 31.85 42.94
CA ILE C 664 -0.31 30.87 41.87
C ILE C 664 -0.68 29.50 42.45
N PRO C 665 -1.87 28.97 42.16
CA PRO C 665 -2.27 27.68 42.73
C PRO C 665 -1.42 26.52 42.21
N ILE C 666 -0.68 25.88 43.11
CA ILE C 666 0.12 24.72 42.74
C ILE C 666 -0.67 23.43 42.89
N GLY C 667 -1.29 23.22 44.03
CA GLY C 667 -2.10 22.03 44.28
C GLY C 667 -1.91 21.52 45.70
N ALA C 668 -2.97 20.89 46.23
CA ALA C 668 -2.96 20.29 47.57
C ALA C 668 -2.59 21.33 48.64
N GLY C 669 -3.10 22.55 48.48
CA GLY C 669 -2.87 23.62 49.41
C GLY C 669 -1.60 24.42 49.16
N ILE C 670 -0.61 23.82 48.49
CA ILE C 670 0.63 24.52 48.20
C ILE C 670 0.37 25.62 47.19
N CYS C 671 0.95 26.79 47.42
CA CYS C 671 0.80 27.93 46.52
C CYS C 671 2.13 28.64 46.40
N ALA C 672 2.27 29.43 45.34
CA ALA C 672 3.50 30.14 45.04
C ALA C 672 3.22 31.60 44.78
N SER C 673 4.19 32.45 45.13
CA SER C 673 4.07 33.89 44.93
C SER C 673 5.47 34.49 44.92
N TYR C 674 5.66 35.52 44.08
CA TYR C 674 6.94 36.19 43.96
C TYR C 674 6.94 37.39 44.90
N GLN C 675 7.69 37.27 46.00
CA GLN C 675 7.75 38.33 47.00
C GLN C 675 9.09 38.27 47.70
N THR C 676 9.57 39.43 48.13
CA THR C 676 10.85 39.53 48.84
C THR C 676 10.79 38.84 50.19
N SER C 689 16.63 41.24 46.27
CA SER C 689 16.76 39.81 46.53
C SER C 689 15.39 39.16 46.66
N GLN C 690 14.64 39.15 45.56
CA GLN C 690 13.30 38.57 45.52
C GLN C 690 13.33 37.27 44.73
N SER C 691 12.62 36.26 45.24
CA SER C 691 12.58 34.96 44.60
C SER C 691 11.22 34.33 44.82
N ILE C 692 10.94 33.27 44.05
CA ILE C 692 9.68 32.56 44.15
C ILE C 692 9.69 31.70 45.41
N ILE C 693 8.71 31.91 46.27
CA ILE C 693 8.59 31.15 47.51
C ILE C 693 7.43 30.17 47.39
N ALA C 694 7.43 29.18 48.28
CA ALA C 694 6.39 28.16 48.33
C ALA C 694 5.86 28.08 49.75
N TYR C 695 4.54 28.22 49.90
CA TYR C 695 3.90 28.21 51.21
C TYR C 695 2.54 27.52 51.10
N THR C 696 1.81 27.51 52.21
CA THR C 696 0.47 26.97 52.26
C THR C 696 -0.53 28.12 52.30
N MET C 697 -1.56 28.04 51.47
CA MET C 697 -2.54 29.11 51.38
C MET C 697 -3.32 29.23 52.68
N SER C 698 -3.60 30.48 53.06
CA SER C 698 -4.40 30.78 54.25
C SER C 698 -5.83 31.07 53.81
N LEU C 699 -6.79 30.40 54.44
CA LEU C 699 -8.19 30.58 54.07
C LEU C 699 -8.70 31.97 54.40
N GLY C 700 -8.07 32.66 55.34
CA GLY C 700 -8.49 34.01 55.69
C GLY C 700 -7.82 34.47 56.97
N ALA C 701 -8.45 35.43 57.64
CA ALA C 701 -7.96 35.97 58.89
C ALA C 701 -8.73 35.34 60.05
N GLU C 702 -8.01 34.75 60.99
CA GLU C 702 -8.63 34.10 62.14
C GLU C 702 -9.40 35.12 62.98
N ASN C 703 -10.72 35.03 62.99
CA ASN C 703 -11.57 35.94 63.72
C ASN C 703 -12.35 35.18 64.79
N SER C 704 -12.60 35.85 65.91
CA SER C 704 -13.33 35.25 67.03
C SER C 704 -14.36 36.27 67.50
N VAL C 705 -15.62 36.05 67.12
CA VAL C 705 -16.70 36.94 67.53
C VAL C 705 -16.94 36.81 69.02
N ALA C 706 -17.07 37.94 69.72
CA ALA C 706 -17.29 37.96 71.15
C ALA C 706 -18.74 37.59 71.45
N TYR C 707 -19.04 36.31 71.27
CA TYR C 707 -20.40 35.82 71.47
C TYR C 707 -20.76 35.82 72.95
N SER C 708 -21.99 36.21 73.25
CA SER C 708 -22.50 36.22 74.61
C SER C 708 -24.02 36.26 74.56
N ASN C 709 -24.65 35.80 75.64
CA ASN C 709 -26.11 35.77 75.71
C ASN C 709 -26.70 37.09 76.18
N ASN C 710 -25.93 38.18 76.18
CA ASN C 710 -26.46 39.48 76.53
C ASN C 710 -25.94 40.62 75.64
N SER C 711 -25.14 40.31 74.62
CA SER C 711 -24.51 41.32 73.78
C SER C 711 -25.07 41.26 72.37
N ILE C 712 -25.30 42.43 71.78
CA ILE C 712 -25.78 42.55 70.41
C ILE C 712 -24.95 43.60 69.69
N ALA C 713 -24.77 43.41 68.39
CA ALA C 713 -23.99 44.32 67.55
C ALA C 713 -24.91 44.89 66.47
N ILE C 714 -25.12 46.21 66.53
CA ILE C 714 -25.97 46.91 65.58
C ILE C 714 -25.13 47.98 64.90
N PRO C 715 -25.11 48.05 63.57
CA PRO C 715 -24.32 49.08 62.89
C PRO C 715 -24.93 50.46 63.08
N THR C 716 -24.05 51.47 63.14
CA THR C 716 -24.47 52.85 63.30
C THR C 716 -24.37 53.65 62.01
N ASN C 717 -23.69 53.12 60.99
CA ASN C 717 -23.52 53.81 59.72
C ASN C 717 -23.69 52.80 58.60
N PHE C 718 -23.49 53.25 57.36
CA PHE C 718 -23.63 52.39 56.21
C PHE C 718 -22.80 52.93 55.06
N THR C 719 -22.73 52.15 53.98
CA THR C 719 -21.97 52.55 52.79
C THR C 719 -22.55 51.83 51.59
N ILE C 720 -22.89 52.57 50.54
CA ILE C 720 -23.42 51.98 49.32
C ILE C 720 -22.26 51.47 48.48
N SER C 721 -22.36 50.22 48.05
CA SER C 721 -21.32 49.56 47.26
C SER C 721 -21.94 49.05 45.97
N VAL C 722 -21.50 49.60 44.84
CA VAL C 722 -21.97 49.20 43.53
C VAL C 722 -20.99 48.17 42.97
N THR C 723 -21.40 46.92 42.90
CA THR C 723 -20.56 45.85 42.40
C THR C 723 -20.84 45.63 40.91
N THR C 724 -20.26 44.57 40.35
CA THR C 724 -20.44 44.25 38.94
C THR C 724 -20.38 42.75 38.74
N GLU C 725 -20.94 42.29 37.63
CA GLU C 725 -20.96 40.87 37.30
C GLU C 725 -21.01 40.71 35.79
N ILE C 726 -20.19 39.79 35.28
CA ILE C 726 -20.09 39.53 33.85
C ILE C 726 -20.73 38.18 33.56
N LEU C 727 -21.61 38.14 32.55
CA LEU C 727 -22.30 36.91 32.19
C LEU C 727 -22.43 36.79 30.68
N PRO C 728 -21.85 35.77 30.06
CA PRO C 728 -22.05 35.56 28.62
C PRO C 728 -23.48 35.19 28.31
N VAL C 729 -23.98 35.70 27.18
CA VAL C 729 -25.37 35.49 26.79
C VAL C 729 -25.44 34.74 25.47
N SER C 730 -24.43 34.92 24.62
CA SER C 730 -24.47 34.31 23.29
C SER C 730 -23.06 34.17 22.76
N MET C 731 -22.96 33.50 21.60
CA MET C 731 -21.70 33.32 20.90
C MET C 731 -21.82 33.79 19.46
N THR C 732 -20.81 33.49 18.64
CA THR C 732 -20.84 33.81 17.22
C THR C 732 -21.51 32.67 16.46
N LYS C 733 -22.58 33.00 15.74
CA LYS C 733 -23.33 32.01 14.97
C LYS C 733 -22.55 31.69 13.70
N THR C 734 -22.11 30.44 13.58
CA THR C 734 -21.33 30.00 12.43
C THR C 734 -22.09 28.95 11.64
N SER C 735 -21.68 28.77 10.39
CA SER C 735 -22.27 27.78 9.50
C SER C 735 -21.21 27.31 8.53
N VAL C 736 -21.02 25.99 8.46
CA VAL C 736 -19.99 25.40 7.62
C VAL C 736 -20.64 24.58 6.52
N ASP C 737 -19.99 24.56 5.36
CA ASP C 737 -20.43 23.79 4.20
C ASP C 737 -19.44 22.64 4.02
N CYS C 738 -19.91 21.41 4.18
CA CYS C 738 -19.02 20.26 4.07
C CYS C 738 -18.49 20.08 2.66
N THR C 739 -19.35 20.33 1.66
CA THR C 739 -18.93 20.16 0.26
C THR C 739 -17.78 21.09 -0.11
N MET C 740 -17.57 22.16 0.65
CA MET C 740 -16.43 23.05 0.43
C MET C 740 -15.31 22.87 1.44
N TYR C 741 -15.62 22.35 2.63
CA TYR C 741 -14.58 22.12 3.64
C TYR C 741 -13.80 20.85 3.36
N ILE C 742 -14.52 19.72 3.19
CA ILE C 742 -13.84 18.44 3.01
C ILE C 742 -13.46 18.25 1.54
N CYS C 743 -14.31 18.69 0.61
CA CYS C 743 -14.15 18.44 -0.81
C CYS C 743 -14.18 19.74 -1.59
N GLY C 744 -13.41 20.73 -1.14
CA GLY C 744 -13.35 22.01 -1.82
C GLY C 744 -12.85 21.91 -3.24
N ASP C 745 -13.76 22.09 -4.21
CA ASP C 745 -13.44 22.07 -5.63
C ASP C 745 -12.80 20.74 -6.04
N SER C 746 -13.56 19.67 -5.89
CA SER C 746 -13.09 18.33 -6.28
C SER C 746 -14.31 17.46 -6.58
N THR C 747 -14.51 17.15 -7.86
CA THR C 747 -15.66 16.36 -8.26
C THR C 747 -15.55 14.92 -7.75
N GLU C 748 -14.35 14.34 -7.84
CA GLU C 748 -14.15 12.98 -7.33
C GLU C 748 -14.39 12.91 -5.83
N CYS C 749 -13.93 13.91 -5.09
CA CYS C 749 -14.17 13.96 -3.65
C CYS C 749 -15.66 14.11 -3.36
N SER C 750 -16.35 14.99 -4.12
CA SER C 750 -17.78 15.18 -3.90
C SER C 750 -18.56 13.89 -4.20
N ASN C 751 -18.10 13.12 -5.19
CA ASN C 751 -18.76 11.86 -5.50
C ASN C 751 -18.49 10.81 -4.44
N LEU C 752 -17.26 10.74 -3.93
CA LEU C 752 -16.93 9.77 -2.89
C LEU C 752 -17.53 10.15 -1.55
N LEU C 753 -17.90 11.40 -1.34
CA LEU C 753 -18.52 11.81 -0.09
C LEU C 753 -19.97 11.35 0.01
N LEU C 754 -20.62 11.06 -1.10
CA LEU C 754 -22.03 10.67 -1.09
C LEU C 754 -22.26 9.26 -0.57
N GLN C 755 -21.20 8.47 -0.37
CA GLN C 755 -21.35 7.11 0.13
C GLN C 755 -21.32 7.03 1.65
N TYR C 756 -21.02 8.14 2.34
CA TYR C 756 -21.00 8.18 3.79
C TYR C 756 -22.33 8.59 4.40
N GLY C 757 -23.43 8.36 3.69
CA GLY C 757 -24.72 8.74 4.22
C GLY C 757 -24.97 10.24 4.12
N SER C 758 -25.71 10.76 5.09
CA SER C 758 -26.05 12.18 5.16
C SER C 758 -25.67 12.70 6.54
N PHE C 759 -24.41 13.11 6.69
CA PHE C 759 -23.95 13.75 7.90
C PHE C 759 -23.89 15.27 7.80
N CYS C 760 -23.72 15.80 6.57
CA CYS C 760 -23.73 17.25 6.40
C CYS C 760 -25.09 17.83 6.75
N THR C 761 -26.16 17.10 6.43
CA THR C 761 -27.50 17.57 6.82
C THR C 761 -27.64 17.62 8.33
N GLN C 762 -27.15 16.60 9.04
CA GLN C 762 -27.21 16.60 10.49
C GLN C 762 -26.40 17.76 11.07
N LEU C 763 -25.20 18.00 10.53
CA LEU C 763 -24.37 19.08 11.04
C LEU C 763 -25.00 20.44 10.79
N ASN C 764 -25.61 20.62 9.61
CA ASN C 764 -26.27 21.88 9.30
C ASN C 764 -27.50 22.09 10.19
N ARG C 765 -28.25 21.02 10.46
CA ARG C 765 -29.38 21.14 11.39
C ARG C 765 -28.90 21.51 12.79
N ALA C 766 -27.79 20.91 13.23
CA ALA C 766 -27.24 21.25 14.54
C ALA C 766 -26.80 22.70 14.60
N LEU C 767 -26.14 23.18 13.54
CA LEU C 767 -25.70 24.57 13.53
C LEU C 767 -26.88 25.53 13.48
N THR C 768 -27.93 25.19 12.73
CA THR C 768 -29.11 26.02 12.69
C THR C 768 -29.80 26.06 14.05
N GLY C 769 -29.87 24.91 14.73
CA GLY C 769 -30.41 24.90 16.07
C GLY C 769 -29.60 25.73 17.04
N ILE C 770 -28.27 25.68 16.91
CA ILE C 770 -27.41 26.52 17.76
C ILE C 770 -27.66 27.99 17.49
N ALA C 771 -27.82 28.36 16.21
CA ALA C 771 -28.06 29.75 15.87
C ALA C 771 -29.40 30.24 16.41
N VAL C 772 -30.44 29.42 16.26
CA VAL C 772 -31.75 29.78 16.80
C VAL C 772 -31.70 29.88 18.32
N GLU C 773 -30.92 29.00 18.96
CA GLU C 773 -30.77 29.04 20.41
C GLU C 773 -30.07 30.32 20.85
N GLN C 774 -29.03 30.75 20.12
CA GLN C 774 -28.34 31.98 20.48
C GLN C 774 -29.24 33.19 20.26
N ASP C 775 -30.04 33.18 19.19
CA ASP C 775 -30.99 34.26 18.98
C ASP C 775 -32.03 34.32 20.10
N LYS C 776 -32.52 33.15 20.53
CA LYS C 776 -33.47 33.12 21.64
C LYS C 776 -32.82 33.61 22.93
N ASN C 777 -31.55 33.27 23.16
CA ASN C 777 -30.85 33.75 24.34
C ASN C 777 -30.69 35.27 24.31
N THR C 778 -30.37 35.82 23.13
CA THR C 778 -30.24 37.27 23.02
C THR C 778 -31.58 37.97 23.18
N GLN C 779 -32.67 37.32 22.76
CA GLN C 779 -33.99 37.94 22.79
C GLN C 779 -34.68 37.82 24.14
N GLU C 780 -34.40 36.78 24.92
CA GLU C 780 -35.07 36.59 26.19
C GLU C 780 -34.39 37.28 27.36
N VAL C 781 -33.25 37.92 27.15
CA VAL C 781 -32.52 38.61 28.20
C VAL C 781 -32.78 40.11 28.15
N PHE C 782 -32.63 40.72 26.98
CA PHE C 782 -32.77 42.17 26.86
C PHE C 782 -34.20 42.60 26.53
N ALA C 783 -34.90 41.83 25.69
CA ALA C 783 -36.25 42.18 25.29
C ALA C 783 -37.28 41.67 26.31
N GLN C 784 -37.20 42.24 27.51
CA GLN C 784 -38.12 41.93 28.59
C GLN C 784 -39.04 43.10 28.92
N VAL C 785 -39.23 44.02 27.97
CA VAL C 785 -40.07 45.19 28.17
C VAL C 785 -40.96 45.36 26.94
N LYS C 786 -42.18 45.83 27.16
CA LYS C 786 -43.13 46.00 26.05
C LYS C 786 -42.78 47.22 25.21
N GLN C 787 -42.75 48.40 25.81
CA GLN C 787 -42.47 49.64 25.10
C GLN C 787 -41.00 50.01 25.27
N ILE C 788 -40.60 51.08 24.60
CA ILE C 788 -39.24 51.61 24.68
C ILE C 788 -39.33 52.97 25.36
N TYR C 789 -38.99 53.01 26.65
CA TYR C 789 -39.08 54.25 27.42
C TYR C 789 -37.85 55.12 27.17
N LYS C 790 -38.03 56.42 27.36
CA LYS C 790 -36.96 57.39 27.21
C LYS C 790 -36.85 58.24 28.46
N THR C 791 -35.62 58.65 28.79
CA THR C 791 -35.40 59.47 29.96
C THR C 791 -35.93 60.89 29.73
N PRO C 792 -36.46 61.51 30.78
CA PRO C 792 -36.97 62.88 30.63
C PRO C 792 -35.83 63.87 30.46
N PRO C 793 -36.09 65.02 29.83
CA PRO C 793 -35.00 66.00 29.65
C PRO C 793 -34.45 66.54 30.96
N ILE C 794 -35.32 66.92 31.89
CA ILE C 794 -34.88 67.44 33.17
C ILE C 794 -34.39 66.27 34.02
N LYS C 795 -33.10 66.26 34.33
CA LYS C 795 -32.51 65.18 35.12
C LYS C 795 -32.58 65.53 36.61
N ASP C 796 -33.81 65.57 37.11
CA ASP C 796 -34.09 65.85 38.51
C ASP C 796 -34.30 64.53 39.24
N PHE C 797 -33.19 63.84 39.51
CA PHE C 797 -33.20 62.53 40.13
C PHE C 797 -32.86 62.59 41.62
N GLY C 798 -33.09 63.74 42.27
CA GLY C 798 -32.83 63.87 43.69
C GLY C 798 -31.38 64.01 44.08
N GLY C 799 -30.46 64.02 43.11
CA GLY C 799 -29.04 64.14 43.39
C GLY C 799 -28.19 63.02 42.85
N PHE C 800 -28.78 61.96 42.31
CA PHE C 800 -28.03 60.85 41.74
C PHE C 800 -27.68 61.14 40.29
N ASN C 801 -26.45 60.80 39.90
CA ASN C 801 -25.98 60.98 38.54
C ASN C 801 -26.05 59.65 37.79
N PHE C 802 -26.76 59.64 36.66
CA PHE C 802 -26.86 58.46 35.81
C PHE C 802 -26.31 58.71 34.41
N SER C 803 -25.69 59.87 34.16
CA SER C 803 -25.15 60.15 32.84
C SER C 803 -24.04 59.17 32.46
N GLN C 804 -23.38 58.58 33.46
CA GLN C 804 -22.35 57.59 33.17
C GLN C 804 -22.92 56.29 32.62
N ILE C 805 -24.19 56.00 32.90
CA ILE C 805 -24.83 54.78 32.38
C ILE C 805 -25.93 55.08 31.37
N LEU C 806 -26.48 56.29 31.34
CA LEU C 806 -27.47 56.64 30.34
C LEU C 806 -26.80 56.91 29.00
N PRO C 807 -27.50 56.65 27.89
CA PRO C 807 -26.88 56.87 26.58
C PRO C 807 -26.59 58.33 26.31
N ASP C 808 -25.61 58.56 25.44
CA ASP C 808 -25.19 59.91 25.09
C ASP C 808 -25.56 60.19 23.64
N PRO C 809 -26.45 61.14 23.37
CA PRO C 809 -26.83 61.43 21.97
C PRO C 809 -25.68 61.97 21.14
N SER C 810 -24.68 62.59 21.76
CA SER C 810 -23.53 63.08 21.01
C SER C 810 -22.71 61.93 20.44
N LYS C 811 -22.66 60.81 21.15
CA LYS C 811 -21.92 59.65 20.66
C LYS C 811 -22.62 59.05 19.45
N PRO C 812 -21.91 58.77 18.36
CA PRO C 812 -22.56 58.18 17.19
C PRO C 812 -23.01 56.74 17.39
N SER C 813 -22.47 56.05 18.39
CA SER C 813 -22.86 54.67 18.65
C SER C 813 -24.12 54.55 19.49
N LYS C 814 -24.68 55.66 19.97
CA LYS C 814 -25.90 55.68 20.77
C LYS C 814 -25.77 54.82 22.03
N ARG C 815 -24.57 54.76 22.60
CA ARG C 815 -24.31 54.02 23.83
C ARG C 815 -23.80 54.98 24.90
N SER C 816 -23.52 54.42 26.08
CA SER C 816 -23.05 55.20 27.21
C SER C 816 -21.52 55.09 27.31
N PHE C 817 -20.96 55.80 28.28
CA PHE C 817 -19.51 55.79 28.48
C PHE C 817 -19.04 54.43 28.98
N ILE C 818 -19.75 53.87 29.95
CA ILE C 818 -19.38 52.54 30.46
C ILE C 818 -19.57 51.48 29.38
N GLU C 819 -20.64 51.60 28.59
CA GLU C 819 -20.86 50.64 27.51
C GLU C 819 -19.76 50.75 26.46
N ASP C 820 -19.32 51.97 26.15
CA ASP C 820 -18.23 52.15 25.20
C ASP C 820 -16.94 51.56 25.74
N LEU C 821 -16.67 51.75 27.04
CA LEU C 821 -15.48 51.14 27.63
C LEU C 821 -15.54 49.62 27.57
N LEU C 822 -16.73 49.04 27.82
CA LEU C 822 -16.88 47.60 27.77
C LEU C 822 -16.69 47.08 26.35
N PHE C 823 -17.21 47.79 25.35
CA PHE C 823 -17.02 47.38 23.96
C PHE C 823 -15.58 47.54 23.51
N ASN C 824 -14.86 48.53 24.05
CA ASN C 824 -13.47 48.72 23.66
C ASN C 824 -12.54 47.73 24.36
N LYS C 825 -12.87 47.30 25.57
CA LYS C 825 -12.03 46.33 26.28
C LYS C 825 -12.10 44.96 25.61
N VAL C 826 -13.32 44.45 25.42
CA VAL C 826 -13.49 43.13 24.80
C VAL C 826 -13.12 43.24 23.32
N THR C 827 -12.20 42.39 22.88
CA THR C 827 -11.76 42.40 21.50
C THR C 827 -12.75 41.64 20.62
N LYS C 854 -14.50 34.14 6.20
CA LYS C 854 -14.82 33.00 5.34
C LYS C 854 -13.58 32.48 4.63
N PHE C 855 -13.09 31.32 5.06
CA PHE C 855 -11.91 30.69 4.45
C PHE C 855 -12.25 29.40 3.74
N ASN C 856 -12.85 28.44 4.43
CA ASN C 856 -13.24 27.16 3.84
C ASN C 856 -14.62 26.78 4.37
N GLY C 857 -15.66 27.22 3.66
CA GLY C 857 -17.01 26.83 3.97
C GLY C 857 -17.64 27.51 5.18
N LEU C 858 -16.82 28.01 6.09
CA LEU C 858 -17.34 28.64 7.30
C LEU C 858 -17.92 30.01 6.96
N THR C 859 -19.12 30.29 7.47
CA THR C 859 -19.80 31.56 7.28
C THR C 859 -20.36 32.01 8.63
N VAL C 860 -19.78 33.07 9.19
CA VAL C 860 -20.22 33.59 10.48
C VAL C 860 -21.49 34.39 10.25
N LEU C 861 -22.61 33.89 10.75
CA LEU C 861 -23.88 34.57 10.59
C LEU C 861 -23.99 35.73 11.58
N PRO C 862 -24.51 36.88 11.14
CA PRO C 862 -24.65 38.02 12.05
C PRO C 862 -25.84 37.83 12.97
N PRO C 863 -25.78 38.38 14.18
CA PRO C 863 -26.90 38.24 15.11
C PRO C 863 -28.13 38.98 14.63
N LEU C 864 -29.29 38.54 15.12
CA LEU C 864 -30.54 39.19 14.76
C LEU C 864 -30.67 40.57 15.39
N LEU C 865 -30.47 40.65 16.71
CA LEU C 865 -30.53 41.91 17.43
C LEU C 865 -29.16 42.58 17.34
N THR C 866 -29.10 43.71 16.65
CA THR C 866 -27.84 44.41 16.47
C THR C 866 -27.40 45.10 17.76
N ASP C 867 -26.18 45.62 17.75
CA ASP C 867 -25.66 46.32 18.91
C ASP C 867 -26.48 47.57 19.21
N GLU C 868 -26.97 48.25 18.18
CA GLU C 868 -27.81 49.42 18.39
C GLU C 868 -29.13 49.03 19.06
N MET C 869 -29.71 47.91 18.63
CA MET C 869 -30.96 47.47 19.25
C MET C 869 -30.75 47.03 20.70
N ILE C 870 -29.62 46.36 20.97
CA ILE C 870 -29.31 45.98 22.35
C ILE C 870 -29.11 47.22 23.21
N ALA C 871 -28.45 48.24 22.66
CA ALA C 871 -28.26 49.49 23.41
C ALA C 871 -29.59 50.18 23.67
N GLN C 872 -30.49 50.16 22.68
CA GLN C 872 -31.81 50.76 22.88
C GLN C 872 -32.60 49.99 23.94
N TYR C 873 -32.49 48.66 23.95
CA TYR C 873 -33.16 47.88 24.98
C TYR C 873 -32.62 48.21 26.36
N THR C 874 -31.29 48.30 26.49
CA THR C 874 -30.70 48.65 27.78
C THR C 874 -31.10 50.05 28.22
N SER C 875 -31.17 50.99 27.27
CA SER C 875 -31.58 52.34 27.60
C SER C 875 -33.04 52.38 28.06
N ALA C 876 -33.91 51.61 27.40
CA ALA C 876 -35.30 51.55 27.81
C ALA C 876 -35.44 50.94 29.20
N LEU C 877 -34.69 49.87 29.47
CA LEU C 877 -34.73 49.27 30.81
C LEU C 877 -34.22 50.25 31.87
N LEU C 878 -33.16 50.99 31.55
CA LEU C 878 -32.62 51.96 32.50
C LEU C 878 -33.62 53.07 32.77
N ALA C 879 -34.24 53.60 31.71
CA ALA C 879 -35.24 54.66 31.87
C ALA C 879 -36.42 54.16 32.69
N GLY C 880 -36.87 52.93 32.45
CA GLY C 880 -37.95 52.37 33.23
C GLY C 880 -37.58 52.23 34.69
N THR C 881 -36.40 51.67 34.97
CA THR C 881 -35.96 51.51 36.36
C THR C 881 -35.81 52.85 37.06
N ILE C 882 -35.41 53.89 36.33
CA ILE C 882 -35.25 55.20 36.95
C ILE C 882 -36.61 55.84 37.22
N THR C 883 -37.52 55.79 36.25
CA THR C 883 -38.78 56.50 36.38
C THR C 883 -39.79 55.73 37.23
N SER C 884 -40.16 54.52 36.79
CA SER C 884 -41.23 53.79 37.45
C SER C 884 -40.74 52.89 38.57
N GLY C 885 -39.57 52.28 38.41
CA GLY C 885 -39.04 51.38 39.42
C GLY C 885 -39.20 49.93 39.04
N TRP C 886 -40.16 49.25 39.67
CA TRP C 886 -40.46 47.86 39.35
C TRP C 886 -41.88 47.67 38.82
N THR C 887 -42.58 48.76 38.51
CA THR C 887 -43.96 48.67 38.03
C THR C 887 -44.05 48.51 36.52
N PHE C 888 -42.98 48.79 35.78
CA PHE C 888 -43.01 48.64 34.33
C PHE C 888 -42.77 47.21 33.88
N GLY C 889 -42.46 46.29 34.80
CA GLY C 889 -42.27 44.90 34.45
C GLY C 889 -43.43 44.04 34.89
N ALA C 890 -44.46 44.67 35.47
CA ALA C 890 -45.65 43.96 35.92
C ALA C 890 -46.92 44.71 35.54
N GLY C 891 -46.90 45.43 34.42
CA GLY C 891 -48.05 46.18 33.99
C GLY C 891 -47.67 47.47 33.28
N ALA C 892 -48.23 48.59 33.74
CA ALA C 892 -47.96 49.90 33.15
C ALA C 892 -46.91 50.64 33.97
N ALA C 893 -46.19 51.53 33.30
CA ALA C 893 -45.14 52.31 33.94
C ALA C 893 -45.77 53.43 34.75
N LEU C 894 -45.68 53.34 36.07
CA LEU C 894 -46.23 54.33 36.99
C LEU C 894 -45.09 55.22 37.46
N GLN C 895 -45.12 56.50 37.08
CA GLN C 895 -44.07 57.42 37.46
C GLN C 895 -44.05 57.63 38.97
N ILE C 896 -42.85 57.82 39.50
CA ILE C 896 -42.65 57.99 40.94
C ILE C 896 -41.29 58.66 41.16
N PRO C 897 -41.19 59.64 42.05
CA PRO C 897 -39.88 60.26 42.31
C PRO C 897 -38.85 59.25 42.78
N PHE C 898 -37.60 59.48 42.36
CA PHE C 898 -36.52 58.58 42.72
C PHE C 898 -36.28 58.56 44.22
N ALA C 899 -36.62 59.64 44.92
CA ALA C 899 -36.50 59.66 46.38
C ALA C 899 -37.41 58.61 47.00
N MET C 900 -38.70 58.63 46.63
CA MET C 900 -39.62 57.63 47.16
C MET C 900 -39.29 56.24 46.64
N GLN C 901 -38.74 56.13 45.43
CA GLN C 901 -38.29 54.84 44.93
C GLN C 901 -37.20 54.26 45.83
N MET C 902 -36.19 55.06 46.16
CA MET C 902 -35.15 54.61 47.07
C MET C 902 -35.68 54.35 48.47
N ALA C 903 -36.69 55.12 48.90
CA ALA C 903 -37.32 54.85 50.19
C ALA C 903 -37.96 53.46 50.19
N TYR C 904 -38.66 53.10 49.11
CA TYR C 904 -39.24 51.77 49.02
C TYR C 904 -38.15 50.69 48.94
N ARG C 905 -37.06 50.99 48.24
CA ARG C 905 -35.95 50.03 48.17
C ARG C 905 -35.37 49.77 49.57
N PHE C 906 -35.22 50.83 50.37
CA PHE C 906 -34.73 50.66 51.73
C PHE C 906 -35.73 49.94 52.61
N ASN C 907 -37.03 50.20 52.40
CA ASN C 907 -38.04 49.47 53.15
C ASN C 907 -38.07 48.00 52.77
N GLY C 908 -37.61 47.66 51.56
CA GLY C 908 -37.60 46.27 51.12
C GLY C 908 -36.57 45.42 51.81
N ILE C 909 -35.60 46.02 52.50
CA ILE C 909 -34.55 45.26 53.18
C ILE C 909 -34.67 45.35 54.70
N GLY C 910 -35.40 46.32 55.23
CA GLY C 910 -35.56 46.43 56.67
C GLY C 910 -35.09 47.75 57.24
N VAL C 911 -35.00 48.77 56.39
CA VAL C 911 -34.58 50.11 56.79
C VAL C 911 -35.75 51.06 56.54
N THR C 912 -36.04 51.90 57.53
CA THR C 912 -37.16 52.83 57.42
C THR C 912 -36.84 53.93 56.42
N GLN C 913 -37.84 54.77 56.15
CA GLN C 913 -37.69 55.85 55.18
C GLN C 913 -36.97 57.06 55.73
N ASN C 914 -36.95 57.24 57.05
CA ASN C 914 -36.31 58.41 57.64
C ASN C 914 -34.80 58.38 57.42
N VAL C 915 -34.19 57.19 57.42
CA VAL C 915 -32.76 57.09 57.16
C VAL C 915 -32.42 57.71 55.82
N LEU C 916 -33.17 57.33 54.77
CA LEU C 916 -32.93 57.91 53.45
C LEU C 916 -33.28 59.39 53.43
N TYR C 917 -34.44 59.77 53.99
CA TYR C 917 -34.85 61.16 53.95
C TYR C 917 -33.92 62.07 54.76
N GLU C 918 -33.05 61.50 55.59
CA GLU C 918 -32.07 62.30 56.32
C GLU C 918 -30.66 62.21 55.75
N ASN C 919 -30.32 61.12 55.05
CA ASN C 919 -28.98 60.94 54.51
C ASN C 919 -28.97 60.78 52.99
N GLN C 920 -29.95 61.37 52.31
CA GLN C 920 -29.99 61.31 50.85
C GLN C 920 -28.74 61.90 50.23
N LYS C 921 -28.23 62.99 50.80
CA LYS C 921 -27.02 63.61 50.25
C LYS C 921 -25.83 62.67 50.35
N LEU C 922 -25.64 62.07 51.52
CA LEU C 922 -24.54 61.12 51.70
C LEU C 922 -24.70 59.90 50.79
N ILE C 923 -25.93 59.43 50.62
CA ILE C 923 -26.17 58.26 49.78
C ILE C 923 -25.86 58.59 48.32
N ALA C 924 -26.27 59.78 47.86
CA ALA C 924 -25.97 60.18 46.49
C ALA C 924 -24.47 60.35 46.29
N ASN C 925 -23.77 60.92 47.28
CA ASN C 925 -22.32 61.06 47.17
C ASN C 925 -21.64 59.70 47.10
N GLN C 926 -22.08 58.74 47.94
CA GLN C 926 -21.50 57.41 47.91
C GLN C 926 -21.80 56.70 46.60
N PHE C 927 -22.99 56.89 46.05
CA PHE C 927 -23.32 56.29 44.76
C PHE C 927 -22.46 56.86 43.65
N ASN C 928 -22.26 58.18 43.64
CA ASN C 928 -21.40 58.79 42.63
C ASN C 928 -19.96 58.32 42.78
N SER C 929 -19.48 58.19 44.01
CA SER C 929 -18.12 57.69 44.24
C SER C 929 -17.98 56.24 43.77
N ALA C 930 -19.00 55.41 44.01
CA ALA C 930 -18.96 54.03 43.56
C ALA C 930 -18.98 53.95 42.04
N ILE C 931 -19.77 54.81 41.39
CA ILE C 931 -19.80 54.85 39.93
C ILE C 931 -18.44 55.25 39.39
N GLY C 932 -17.81 56.26 40.01
CA GLY C 932 -16.48 56.66 39.58
C GLY C 932 -15.45 55.57 39.77
N LYS C 933 -15.54 54.83 40.88
CA LYS C 933 -14.60 53.73 41.11
C LYS C 933 -14.82 52.60 40.10
N ILE C 934 -16.07 52.33 39.75
CA ILE C 934 -16.36 51.32 38.74
C ILE C 934 -15.79 51.74 37.39
N GLN C 935 -15.94 53.02 37.05
CA GLN C 935 -15.38 53.53 35.80
C GLN C 935 -13.86 53.40 35.79
N ASP C 936 -13.21 53.79 36.90
CA ASP C 936 -11.76 53.69 36.98
C ASP C 936 -11.30 52.24 36.86
N SER C 937 -12.01 51.31 37.51
CA SER C 937 -11.66 49.91 37.42
C SER C 937 -11.80 49.40 35.98
N LEU C 938 -12.95 49.66 35.35
CA LEU C 938 -13.17 49.20 33.98
C LEU C 938 -12.25 49.87 32.97
N SER C 939 -11.67 51.03 33.31
CA SER C 939 -10.74 51.69 32.42
C SER C 939 -9.28 51.36 32.69
N SER C 940 -8.96 50.82 33.87
CA SER C 940 -7.59 50.50 34.21
C SER C 940 -7.30 49.00 34.23
N THR C 941 -8.07 48.22 35.01
CA THR C 941 -7.79 46.80 35.14
C THR C 941 -8.41 46.02 33.98
N ALA C 942 -7.73 44.96 33.56
CA ALA C 942 -8.19 44.10 32.49
C ALA C 942 -8.77 42.79 32.98
N SER C 943 -8.81 42.56 34.29
CA SER C 943 -9.33 41.33 34.87
C SER C 943 -10.83 41.38 35.13
N ALA C 944 -11.53 42.39 34.59
CA ALA C 944 -12.97 42.51 34.76
C ALA C 944 -13.72 41.76 33.67
N LEU C 945 -13.46 42.11 32.40
CA LEU C 945 -14.08 41.44 31.26
C LEU C 945 -13.33 40.14 30.97
N GLY C 946 -13.52 39.18 31.87
CA GLY C 946 -12.82 37.92 31.76
C GLY C 946 -13.59 36.83 31.05
N LYS C 947 -14.86 36.65 31.40
CA LYS C 947 -15.64 35.57 30.83
C LYS C 947 -15.93 35.79 29.35
N LEU C 948 -16.28 37.03 28.99
CA LEU C 948 -16.53 37.33 27.58
C LEU C 948 -15.27 37.15 26.74
N GLN C 949 -14.14 37.63 27.25
CA GLN C 949 -12.87 37.46 26.54
C GLN C 949 -12.52 35.98 26.41
N ASP C 950 -12.78 35.20 27.45
CA ASP C 950 -12.50 33.76 27.38
C ASP C 950 -13.38 33.08 26.34
N VAL C 951 -14.67 33.46 26.27
CA VAL C 951 -15.56 32.87 25.28
C VAL C 951 -15.11 33.24 23.87
N VAL C 952 -14.73 34.51 23.67
CA VAL C 952 -14.27 34.94 22.34
C VAL C 952 -13.00 34.20 21.96
N ASN C 953 -12.07 34.04 22.91
CA ASN C 953 -10.83 33.33 22.62
C ASN C 953 -11.09 31.86 22.33
N GLN C 954 -12.02 31.24 23.04
CA GLN C 954 -12.36 29.84 22.77
C GLN C 954 -12.96 29.68 21.38
N ASN C 955 -13.86 30.58 20.99
CA ASN C 955 -14.43 30.52 19.63
C ASN C 955 -13.35 30.72 18.58
N ALA C 956 -12.44 31.68 18.81
CA ALA C 956 -11.37 31.93 17.84
C ALA C 956 -10.45 30.73 17.73
N GLN C 957 -10.11 30.10 18.85
CA GLN C 957 -9.24 28.93 18.82
C GLN C 957 -9.94 27.76 18.13
N ALA C 958 -11.24 27.59 18.36
CA ALA C 958 -11.99 26.53 17.68
C ALA C 958 -11.99 26.75 16.17
N LEU C 959 -12.24 27.99 15.74
CA LEU C 959 -12.22 28.28 14.31
C LEU C 959 -10.83 28.06 13.71
N ASN C 960 -9.78 28.51 14.42
CA ASN C 960 -8.43 28.34 13.90
C ASN C 960 -8.04 26.87 13.82
N THR C 961 -8.49 26.06 14.79
CA THR C 961 -8.19 24.63 14.75
C THR C 961 -8.95 23.96 13.60
N LEU C 962 -10.22 24.34 13.40
CA LEU C 962 -10.99 23.78 12.30
C LEU C 962 -10.36 24.14 10.96
N VAL C 963 -9.76 25.33 10.86
CA VAL C 963 -9.10 25.72 9.62
C VAL C 963 -7.79 24.95 9.45
N LYS C 964 -7.00 24.82 10.53
CA LYS C 964 -5.71 24.16 10.43
C LYS C 964 -5.82 22.66 10.27
N GLN C 965 -6.98 22.07 10.59
CA GLN C 965 -7.15 20.63 10.38
C GLN C 965 -7.14 20.24 8.91
N LEU C 966 -7.19 21.21 8.00
CA LEU C 966 -7.11 20.94 6.57
C LEU C 966 -5.68 20.82 6.07
N SER C 967 -4.68 21.00 6.94
CA SER C 967 -3.28 20.89 6.58
C SER C 967 -2.63 19.67 7.22
N SER C 968 -3.38 18.59 7.40
CA SER C 968 -2.89 17.36 7.98
C SER C 968 -3.06 16.21 7.00
N ASN C 969 -2.16 15.24 7.08
CA ASN C 969 -2.19 14.11 6.16
C ASN C 969 -3.17 13.03 6.60
N PHE C 970 -3.37 12.88 7.92
CA PHE C 970 -4.25 11.85 8.48
C PHE C 970 -3.85 10.44 8.03
N GLY C 971 -2.57 10.27 7.68
CA GLY C 971 -2.08 9.01 7.19
C GLY C 971 -1.87 8.96 5.69
N ALA C 972 -2.35 9.95 4.95
CA ALA C 972 -2.20 9.98 3.50
C ALA C 972 -0.82 10.51 3.14
N ILE C 973 -0.59 10.77 1.85
CA ILE C 973 0.70 11.27 1.41
C ILE C 973 0.79 12.78 1.55
N SER C 974 -0.34 13.48 1.43
CA SER C 974 -0.37 14.93 1.54
C SER C 974 -1.80 15.37 1.83
N SER C 975 -1.99 16.67 1.98
CA SER C 975 -3.29 17.25 2.26
C SER C 975 -3.85 18.07 1.09
N VAL C 976 -3.27 17.94 -0.09
CA VAL C 976 -3.71 18.67 -1.27
C VAL C 976 -4.38 17.68 -2.22
N LEU C 977 -5.69 17.84 -2.39
CA LEU C 977 -6.44 16.92 -3.26
C LEU C 977 -5.95 16.99 -4.70
N ASN C 978 -5.68 18.21 -5.19
CA ASN C 978 -5.20 18.37 -6.56
C ASN C 978 -3.84 17.70 -6.75
N ASP C 979 -2.93 17.89 -5.81
CA ASP C 979 -1.62 17.26 -5.91
C ASP C 979 -1.74 15.74 -5.85
N ILE C 980 -2.61 15.22 -4.98
CA ILE C 980 -2.79 13.78 -4.88
C ILE C 980 -3.32 13.22 -6.19
N LEU C 981 -4.35 13.87 -6.76
CA LEU C 981 -4.93 13.40 -8.02
C LEU C 981 -3.96 13.52 -9.17
N SER C 982 -3.07 14.51 -9.14
CA SER C 982 -2.08 14.66 -10.22
C SER C 982 -0.94 13.67 -10.09
N ARG C 983 -0.56 13.29 -8.86
CA ARG C 983 0.55 12.38 -8.67
C ARG C 983 0.15 10.92 -8.69
N LEU C 984 -1.11 10.59 -8.43
CA LEU C 984 -1.55 9.21 -8.43
C LEU C 984 -2.77 9.04 -9.33
N ASP C 985 -2.86 7.87 -9.96
CA ASP C 985 -4.03 7.53 -10.75
C ASP C 985 -5.25 7.42 -9.83
N PRO C 986 -6.46 7.62 -10.37
CA PRO C 986 -7.68 7.57 -9.54
C PRO C 986 -7.82 6.29 -8.74
N PRO C 987 -7.54 5.10 -9.32
CA PRO C 987 -7.69 3.88 -8.51
C PRO C 987 -6.87 3.86 -7.23
N GLU C 988 -5.66 4.43 -7.26
CA GLU C 988 -4.83 4.47 -6.06
C GLU C 988 -5.11 5.70 -5.20
N ALA C 989 -5.51 6.81 -5.81
CA ALA C 989 -5.80 8.03 -5.06
C ALA C 989 -7.15 8.00 -4.37
N GLU C 990 -8.03 7.05 -4.74
CA GLU C 990 -9.32 6.94 -4.07
C GLU C 990 -9.13 6.63 -2.59
N VAL C 991 -8.15 5.80 -2.26
CA VAL C 991 -7.91 5.44 -0.85
C VAL C 991 -7.48 6.68 -0.07
N GLN C 992 -6.57 7.47 -0.64
CA GLN C 992 -6.11 8.68 0.03
C GLN C 992 -7.23 9.69 0.18
N ILE C 993 -8.07 9.83 -0.86
CA ILE C 993 -9.20 10.75 -0.78
C ILE C 993 -10.17 10.32 0.30
N ASP C 994 -10.46 9.02 0.39
CA ASP C 994 -11.36 8.53 1.43
C ASP C 994 -10.76 8.72 2.82
N ARG C 995 -9.45 8.53 2.95
CA ARG C 995 -8.81 8.73 4.25
C ARG C 995 -8.89 10.20 4.68
N LEU C 996 -8.61 11.11 3.75
CA LEU C 996 -8.73 12.54 4.07
C LEU C 996 -10.17 12.90 4.38
N ILE C 997 -11.13 12.30 3.68
CA ILE C 997 -12.54 12.57 3.94
C ILE C 997 -12.92 12.13 5.35
N THR C 998 -12.48 10.92 5.73
CA THR C 998 -12.77 10.43 7.07
C THR C 998 -12.13 11.30 8.14
N GLY C 999 -10.88 11.71 7.93
CA GLY C 999 -10.22 12.57 8.90
C GLY C 999 -10.92 13.91 9.07
N ARG C 1000 -11.25 14.55 7.95
CA ARG C 1000 -11.92 15.85 8.01
C ARG C 1000 -13.31 15.72 8.61
N LEU C 1001 -14.01 14.63 8.31
CA LEU C 1001 -15.34 14.42 8.88
C LEU C 1001 -15.26 14.21 10.38
N GLN C 1002 -14.26 13.44 10.85
CA GLN C 1002 -14.08 13.26 12.29
C GLN C 1002 -13.76 14.58 12.97
N SER C 1003 -12.88 15.39 12.35
CA SER C 1003 -12.55 16.69 12.93
C SER C 1003 -13.77 17.59 12.99
N LEU C 1004 -14.59 17.59 11.93
CA LEU C 1004 -15.77 18.44 11.91
C LEU C 1004 -16.80 17.97 12.93
N GLN C 1005 -16.94 16.65 13.12
CA GLN C 1005 -17.86 16.14 14.12
C GLN C 1005 -17.39 16.50 15.53
N THR C 1006 -16.08 16.42 15.77
CA THR C 1006 -15.55 16.84 17.07
C THR C 1006 -15.81 18.33 17.30
N TYR C 1007 -15.60 19.14 16.27
CA TYR C 1007 -15.89 20.58 16.38
C TYR C 1007 -17.35 20.83 16.68
N VAL C 1008 -18.25 20.09 16.02
CA VAL C 1008 -19.68 20.29 16.24
C VAL C 1008 -20.07 19.85 17.65
N THR C 1009 -19.47 18.77 18.15
CA THR C 1009 -19.76 18.33 19.52
C THR C 1009 -19.29 19.36 20.54
N GLN C 1010 -18.08 19.90 20.35
CA GLN C 1010 -17.58 20.94 21.24
C GLN C 1010 -18.46 22.18 21.18
N GLN C 1011 -18.92 22.54 19.98
CA GLN C 1011 -19.81 23.69 19.85
C GLN C 1011 -21.14 23.45 20.53
N LEU C 1012 -21.66 22.21 20.47
CA LEU C 1012 -22.90 21.90 21.17
C LEU C 1012 -22.73 21.99 22.68
N ILE C 1013 -21.62 21.49 23.21
CA ILE C 1013 -21.38 21.57 24.65
C ILE C 1013 -21.25 23.03 25.08
N ARG C 1014 -20.48 23.81 24.33
CA ARG C 1014 -20.32 25.22 24.66
C ARG C 1014 -21.63 25.98 24.52
N ALA C 1015 -22.48 25.59 23.56
CA ALA C 1015 -23.78 26.24 23.41
C ALA C 1015 -24.70 25.90 24.56
N ALA C 1016 -24.63 24.67 25.07
CA ALA C 1016 -25.40 24.32 26.26
C ALA C 1016 -24.93 25.14 27.48
N GLU C 1017 -23.62 25.27 27.64
CA GLU C 1017 -23.09 26.11 28.72
C GLU C 1017 -23.56 27.56 28.58
N ILE C 1018 -23.51 28.08 27.35
CA ILE C 1018 -23.94 29.46 27.12
C ILE C 1018 -25.44 29.61 27.33
N ARG C 1019 -26.23 28.57 27.03
CA ARG C 1019 -27.66 28.61 27.29
C ARG C 1019 -27.93 28.66 28.80
N ALA C 1020 -27.19 27.86 29.57
CA ALA C 1020 -27.33 27.93 31.03
C ALA C 1020 -26.96 29.32 31.54
N SER C 1021 -25.85 29.87 31.04
CA SER C 1021 -25.44 31.20 31.46
C SER C 1021 -26.46 32.26 31.08
N ALA C 1022 -27.07 32.13 29.90
CA ALA C 1022 -28.06 33.10 29.46
C ALA C 1022 -29.35 32.99 30.25
N ASN C 1023 -29.75 31.77 30.63
CA ASN C 1023 -30.90 31.62 31.51
C ASN C 1023 -30.63 32.25 32.86
N LEU C 1024 -29.43 32.04 33.40
CA LEU C 1024 -29.07 32.68 34.66
C LEU C 1024 -29.09 34.21 34.53
N ALA C 1025 -28.59 34.72 33.40
CA ALA C 1025 -28.56 36.17 33.20
C ALA C 1025 -29.96 36.74 33.06
N ALA C 1026 -30.85 36.02 32.38
CA ALA C 1026 -32.23 36.49 32.25
C ALA C 1026 -32.94 36.46 33.60
N THR C 1027 -32.71 35.42 34.40
CA THR C 1027 -33.28 35.38 35.74
C THR C 1027 -32.77 36.54 36.59
N LYS C 1028 -31.46 36.81 36.52
CA LYS C 1028 -30.91 37.94 37.27
C LYS C 1028 -31.49 39.26 36.80
N MET C 1029 -31.65 39.42 35.48
CA MET C 1029 -32.29 40.63 34.96
C MET C 1029 -33.70 40.79 35.52
N SER C 1030 -34.52 39.75 35.42
CA SER C 1030 -35.90 39.84 35.86
C SER C 1030 -36.04 40.01 37.36
N GLU C 1031 -35.06 39.53 38.14
CA GLU C 1031 -35.17 39.60 39.60
C GLU C 1031 -34.45 40.79 40.23
N CYS C 1032 -33.51 41.42 39.51
CA CYS C 1032 -32.79 42.56 40.05
C CYS C 1032 -33.14 43.88 39.39
N VAL C 1033 -33.42 43.89 38.09
CA VAL C 1033 -33.76 45.12 37.39
C VAL C 1033 -35.26 45.38 37.42
N LEU C 1034 -36.07 44.35 37.19
CA LEU C 1034 -37.52 44.46 37.21
C LEU C 1034 -38.10 44.39 38.61
N GLY C 1035 -37.26 44.34 39.64
CA GLY C 1035 -37.76 44.29 41.00
C GLY C 1035 -36.61 44.23 41.98
N GLN C 1036 -36.96 43.99 43.24
CA GLN C 1036 -35.99 43.89 44.33
C GLN C 1036 -36.02 42.47 44.87
N SER C 1037 -34.97 41.71 44.58
CA SER C 1037 -34.91 40.32 45.01
C SER C 1037 -34.45 40.21 46.46
N LYS C 1038 -35.10 39.32 47.20
CA LYS C 1038 -34.74 39.05 48.59
C LYS C 1038 -33.77 37.87 48.72
N ARG C 1039 -33.34 37.29 47.60
CA ARG C 1039 -32.39 36.18 47.66
C ARG C 1039 -31.01 36.71 48.03
N VAL C 1040 -30.37 36.04 48.98
CA VAL C 1040 -29.07 36.47 49.49
C VAL C 1040 -27.99 36.15 48.46
N ASP C 1041 -27.09 37.10 48.22
CA ASP C 1041 -25.96 36.95 47.32
C ASP C 1041 -26.37 36.67 45.88
N PHE C 1042 -27.60 37.06 45.51
CA PHE C 1042 -28.05 36.89 44.13
C PHE C 1042 -27.82 38.16 43.31
N CYS C 1043 -28.39 39.27 43.75
CA CYS C 1043 -28.18 40.57 43.10
C CYS C 1043 -27.03 41.32 43.77
N GLY C 1044 -25.87 40.68 43.80
CA GLY C 1044 -24.70 41.26 44.43
C GLY C 1044 -24.54 40.82 45.89
N LYS C 1045 -23.37 41.15 46.44
CA LYS C 1045 -23.03 40.79 47.81
C LYS C 1045 -23.50 41.90 48.74
N GLY C 1046 -24.54 41.62 49.53
CA GLY C 1046 -25.08 42.56 50.49
C GLY C 1046 -26.58 42.65 50.34
N TYR C 1047 -27.15 43.67 50.98
CA TYR C 1047 -28.59 43.91 50.91
C TYR C 1047 -28.89 44.60 49.58
N HIS C 1048 -29.53 43.87 48.67
CA HIS C 1048 -29.80 44.37 47.33
C HIS C 1048 -30.76 45.56 47.37
N LEU C 1049 -30.42 46.61 46.63
CA LEU C 1049 -31.29 47.77 46.47
C LEU C 1049 -31.78 47.91 45.04
N MET C 1050 -30.87 47.97 44.07
CA MET C 1050 -31.27 48.12 42.66
C MET C 1050 -30.11 47.68 41.79
N SER C 1051 -30.42 47.44 40.51
CA SER C 1051 -29.42 47.00 39.55
C SER C 1051 -29.64 47.73 38.23
N PHE C 1052 -28.57 47.87 37.47
CA PHE C 1052 -28.61 48.58 36.18
C PHE C 1052 -27.95 47.72 35.12
N PRO C 1053 -28.66 47.32 34.08
CA PRO C 1053 -28.05 46.51 33.03
C PRO C 1053 -27.20 47.35 32.09
N GLN C 1054 -26.12 46.75 31.59
CA GLN C 1054 -25.21 47.39 30.67
C GLN C 1054 -24.91 46.44 29.52
N SER C 1055 -25.06 46.93 28.29
CA SER C 1055 -24.78 46.11 27.12
C SER C 1055 -23.30 45.78 27.03
N ALA C 1056 -22.99 44.56 26.62
CA ALA C 1056 -21.62 44.08 26.50
C ALA C 1056 -21.52 43.14 25.31
N PRO C 1057 -20.35 43.04 24.70
CA PRO C 1057 -20.19 42.11 23.56
C PRO C 1057 -20.44 40.67 23.98
N HIS C 1058 -21.51 40.08 23.42
CA HIS C 1058 -21.89 38.70 23.70
C HIS C 1058 -22.12 38.48 25.20
N GLY C 1059 -22.66 39.48 25.87
CA GLY C 1059 -22.91 39.36 27.29
C GLY C 1059 -23.70 40.55 27.81
N VAL C 1060 -23.82 40.60 29.14
CA VAL C 1060 -24.54 41.67 29.82
C VAL C 1060 -23.84 41.92 31.16
N VAL C 1061 -23.77 43.19 31.54
CA VAL C 1061 -23.11 43.61 32.77
C VAL C 1061 -24.14 44.26 33.68
N PHE C 1062 -24.24 43.77 34.90
CA PHE C 1062 -25.16 44.30 35.90
C PHE C 1062 -24.38 45.11 36.93
N LEU C 1063 -24.93 46.26 37.31
CA LEU C 1063 -24.34 47.12 38.34
C LEU C 1063 -25.21 46.99 39.58
N HIS C 1064 -24.89 46.02 40.43
CA HIS C 1064 -25.69 45.72 41.61
C HIS C 1064 -25.39 46.74 42.70
N VAL C 1065 -26.38 47.57 43.01
CA VAL C 1065 -26.26 48.53 44.11
C VAL C 1065 -26.74 47.84 45.39
N THR C 1066 -25.81 47.61 46.30
CA THR C 1066 -26.09 46.87 47.53
C THR C 1066 -25.91 47.76 48.75
N TYR C 1067 -26.57 47.38 49.84
CA TYR C 1067 -26.50 48.09 51.11
C TYR C 1067 -25.58 47.32 52.04
N VAL C 1068 -24.45 47.91 52.39
CA VAL C 1068 -23.44 47.28 53.23
C VAL C 1068 -23.38 48.05 54.55
N PRO C 1069 -23.76 47.44 55.68
CA PRO C 1069 -23.64 48.13 56.96
C PRO C 1069 -22.19 48.27 57.38
N ALA C 1070 -21.90 49.34 58.10
CA ALA C 1070 -20.56 49.62 58.58
C ALA C 1070 -20.63 50.35 59.92
N GLN C 1071 -19.47 50.44 60.58
CA GLN C 1071 -19.33 51.12 61.87
C GLN C 1071 -20.29 50.52 62.91
N GLU C 1072 -20.07 49.24 63.20
CA GLU C 1072 -20.89 48.54 64.18
C GLU C 1072 -20.47 48.92 65.60
N LYS C 1073 -21.30 48.54 66.56
CA LYS C 1073 -21.05 48.84 67.96
C LYS C 1073 -21.83 47.84 68.81
N ASN C 1074 -21.20 47.38 69.89
CA ASN C 1074 -21.82 46.40 70.76
C ASN C 1074 -22.67 47.07 71.83
N PHE C 1075 -23.78 46.42 72.19
CA PHE C 1075 -24.69 46.93 73.21
C PHE C 1075 -25.11 45.76 74.10
N THR C 1076 -26.08 46.02 74.97
CA THR C 1076 -26.63 45.00 75.86
C THR C 1076 -28.08 44.75 75.46
N THR C 1077 -28.38 43.51 75.10
CA THR C 1077 -29.70 43.14 74.60
C THR C 1077 -30.41 42.22 75.60
N ALA C 1078 -31.74 42.13 75.44
CA ALA C 1078 -32.58 41.31 76.27
C ALA C 1078 -33.77 40.85 75.43
N PRO C 1079 -34.24 39.61 75.62
CA PRO C 1079 -35.41 39.15 74.83
C PRO C 1079 -36.66 39.97 75.08
N ALA C 1080 -37.06 40.13 76.33
CA ALA C 1080 -38.25 40.89 76.68
C ALA C 1080 -37.97 41.73 77.91
N ILE C 1081 -38.98 42.47 78.36
CA ILE C 1081 -38.87 43.32 79.53
C ILE C 1081 -40.12 43.15 80.38
N CYS C 1082 -39.95 43.19 81.69
CA CYS C 1082 -41.04 43.03 82.64
C CYS C 1082 -41.35 44.37 83.30
N HIS C 1083 -42.60 44.81 83.21
CA HIS C 1083 -43.02 46.08 83.77
C HIS C 1083 -43.99 45.91 84.93
N ASP C 1084 -45.10 45.21 84.72
CA ASP C 1084 -46.12 45.02 85.77
C ASP C 1084 -46.43 43.53 85.95
N GLY C 1085 -45.44 42.68 85.75
CA GLY C 1085 -45.64 41.25 85.87
C GLY C 1085 -45.96 40.53 84.57
N LYS C 1086 -45.92 41.24 83.43
CA LYS C 1086 -46.21 40.66 82.13
C LYS C 1086 -45.10 41.04 81.16
N ALA C 1087 -44.67 40.08 80.35
CA ALA C 1087 -43.60 40.31 79.41
C ALA C 1087 -44.06 41.17 78.24
N HIS C 1088 -43.14 41.97 77.71
CA HIS C 1088 -43.40 42.84 76.58
C HIS C 1088 -42.37 42.55 75.50
N PHE C 1089 -42.84 41.98 74.39
CA PHE C 1089 -41.96 41.65 73.27
C PHE C 1089 -42.05 42.71 72.18
N PRO C 1090 -40.93 43.10 71.58
CA PRO C 1090 -40.97 44.17 70.57
C PRO C 1090 -41.61 43.68 69.28
N ARG C 1091 -42.50 44.50 68.72
CA ARG C 1091 -43.15 44.18 67.46
C ARG C 1091 -42.12 44.09 66.33
N GLU C 1092 -41.45 45.20 66.05
CA GLU C 1092 -40.41 45.26 65.02
C GLU C 1092 -39.25 46.07 65.58
N GLY C 1093 -38.27 45.37 66.16
CA GLY C 1093 -37.13 46.03 66.75
C GLY C 1093 -36.44 45.11 67.74
N VAL C 1094 -35.45 45.69 68.42
CA VAL C 1094 -34.64 44.96 69.40
C VAL C 1094 -34.40 45.86 70.60
N PHE C 1095 -34.60 45.32 71.79
CA PHE C 1095 -34.38 46.07 73.03
C PHE C 1095 -32.89 46.08 73.34
N VAL C 1096 -32.26 47.25 73.22
CA VAL C 1096 -30.84 47.42 73.50
C VAL C 1096 -30.69 48.44 74.61
N SER C 1097 -29.49 48.48 75.20
CA SER C 1097 -29.18 49.39 76.28
C SER C 1097 -27.75 49.87 76.16
N ASN C 1098 -27.52 51.14 76.49
CA ASN C 1098 -26.18 51.72 76.49
C ASN C 1098 -25.51 51.63 77.87
N GLY C 1099 -25.95 50.70 78.71
CA GLY C 1099 -25.34 50.52 80.01
C GLY C 1099 -26.29 50.74 81.18
N THR C 1100 -27.13 51.76 81.08
CA THR C 1100 -28.06 52.07 82.17
C THR C 1100 -29.49 52.24 81.68
N HIS C 1101 -29.67 52.72 80.46
CA HIS C 1101 -30.99 53.01 79.91
C HIS C 1101 -31.25 52.09 78.73
N TRP C 1102 -32.44 51.48 78.72
CA TRP C 1102 -32.84 50.58 77.64
C TRP C 1102 -33.59 51.34 76.56
N PHE C 1103 -33.39 50.93 75.31
CA PHE C 1103 -34.05 51.55 74.17
C PHE C 1103 -34.38 50.47 73.14
N VAL C 1104 -35.34 50.80 72.27
CA VAL C 1104 -35.74 49.93 71.17
C VAL C 1104 -35.31 50.61 69.87
N THR C 1105 -34.62 49.85 69.02
CA THR C 1105 -34.09 50.38 67.77
C THR C 1105 -34.29 49.34 66.67
N GLN C 1106 -33.86 49.70 65.46
CA GLN C 1106 -33.99 48.81 64.32
C GLN C 1106 -32.97 47.67 64.42
N ARG C 1107 -32.99 46.80 63.41
CA ARG C 1107 -32.08 45.66 63.36
C ARG C 1107 -30.93 45.86 62.40
N ASN C 1108 -30.95 46.89 61.56
CA ASN C 1108 -29.88 47.16 60.61
C ASN C 1108 -29.36 48.58 60.67
N PHE C 1109 -29.89 49.41 61.56
CA PHE C 1109 -29.44 50.80 61.69
C PHE C 1109 -29.73 51.25 63.11
N TYR C 1110 -28.70 51.71 63.82
CA TYR C 1110 -28.85 52.11 65.22
C TYR C 1110 -29.63 53.41 65.29
N GLU C 1111 -30.84 53.35 65.86
CA GLU C 1111 -31.67 54.54 66.07
C GLU C 1111 -32.42 54.35 67.38
N PRO C 1112 -31.83 54.78 68.49
CA PRO C 1112 -32.45 54.53 69.81
C PRO C 1112 -33.75 55.31 69.96
N GLN C 1113 -34.81 54.61 70.35
CA GLN C 1113 -36.11 55.20 70.60
C GLN C 1113 -36.63 54.76 71.96
N ILE C 1114 -37.48 55.59 72.55
CA ILE C 1114 -38.05 55.26 73.86
C ILE C 1114 -38.98 54.07 73.72
N ILE C 1115 -39.06 53.27 74.78
CA ILE C 1115 -39.88 52.06 74.80
C ILE C 1115 -41.30 52.47 75.20
N THR C 1116 -42.23 52.34 74.27
CA THR C 1116 -43.64 52.63 74.50
C THR C 1116 -44.47 51.38 74.28
N THR C 1117 -45.73 51.44 74.69
CA THR C 1117 -46.63 50.31 74.54
C THR C 1117 -47.06 50.09 73.10
N ASP C 1118 -46.80 51.05 72.20
CA ASP C 1118 -47.13 50.87 70.79
C ASP C 1118 -46.04 50.12 70.04
N ASN C 1119 -44.80 50.17 70.54
CA ASN C 1119 -43.68 49.48 69.91
C ASN C 1119 -43.55 48.03 70.37
N THR C 1120 -44.34 47.60 71.34
CA THR C 1120 -44.24 46.25 71.87
C THR C 1120 -45.64 45.67 72.06
N PHE C 1121 -45.69 44.36 72.23
CA PHE C 1121 -46.93 43.64 72.50
C PHE C 1121 -46.71 42.68 73.66
N VAL C 1122 -47.72 42.58 74.54
CA VAL C 1122 -47.63 41.76 75.74
C VAL C 1122 -48.36 40.45 75.50
N SER C 1123 -47.66 39.33 75.72
CA SER C 1123 -48.26 38.01 75.59
C SER C 1123 -47.56 37.08 76.59
N GLY C 1124 -48.16 36.93 77.76
CA GLY C 1124 -47.63 36.05 78.79
C GLY C 1124 -47.18 36.82 80.02
N ASN C 1125 -46.59 36.07 80.95
CA ASN C 1125 -46.09 36.61 82.20
C ASN C 1125 -44.56 36.53 82.22
N CYS C 1126 -43.98 37.05 83.30
CA CYS C 1126 -42.52 37.08 83.47
C CYS C 1126 -42.03 35.86 84.23
N ASP C 1127 -42.40 34.66 83.77
CA ASP C 1127 -41.98 33.43 84.42
C ASP C 1127 -41.48 32.35 83.49
N VAL C 1128 -41.64 32.49 82.17
CA VAL C 1128 -41.21 31.48 81.23
C VAL C 1128 -40.04 31.94 80.37
N VAL C 1129 -39.99 33.22 79.98
CA VAL C 1129 -38.89 33.71 79.16
C VAL C 1129 -37.62 33.79 80.00
N ILE C 1130 -36.53 33.26 79.47
CA ILE C 1130 -35.24 33.24 80.16
C ILE C 1130 -34.38 34.36 79.59
N GLY C 1131 -34.20 35.42 80.39
CA GLY C 1131 -33.39 36.55 79.96
C GLY C 1131 -34.12 37.86 80.07
N ILE C 1132 -35.33 37.83 80.61
CA ILE C 1132 -36.13 39.05 80.74
C ILE C 1132 -35.53 39.96 81.81
N VAL C 1133 -35.59 41.26 81.57
CA VAL C 1133 -35.00 42.26 82.45
C VAL C 1133 -36.10 43.23 82.88
N ASN C 1134 -36.13 43.55 84.17
CA ASN C 1134 -37.11 44.48 84.70
C ASN C 1134 -36.89 45.87 84.13
N ASN C 1135 -37.86 46.37 83.38
CA ASN C 1135 -37.79 47.71 82.78
C ASN C 1135 -39.15 48.37 82.94
N THR C 1136 -39.18 49.69 82.73
CA THR C 1136 -40.40 50.48 82.88
C THR C 1136 -40.79 51.02 81.51
N VAL C 1137 -41.94 50.57 81.00
CA VAL C 1137 -42.44 51.07 79.73
C VAL C 1137 -43.20 52.38 79.94
N TYR C 1138 -43.34 53.14 78.87
CA TYR C 1138 -44.01 54.42 78.89
C TYR C 1138 -45.33 54.32 78.11
N ASP C 1139 -46.43 54.66 78.76
CA ASP C 1139 -47.73 54.68 78.11
C ASP C 1139 -48.00 56.07 77.55
N PRO C 1140 -48.17 56.22 76.24
CA PRO C 1140 -48.35 57.57 75.68
C PRO C 1140 -49.63 58.26 76.13
N LEU C 1141 -50.72 57.51 76.26
CA LEU C 1141 -52.01 58.10 76.60
C LEU C 1141 -52.26 58.14 78.11
N GLN C 1142 -51.27 57.82 78.93
CA GLN C 1142 -51.43 57.89 80.37
C GLN C 1142 -51.31 59.33 80.88
N PRO C 1143 -50.28 60.10 80.47
CA PRO C 1143 -50.25 61.52 80.86
C PRO C 1143 -51.12 62.41 80.01
N GLU C 1144 -51.63 61.92 78.89
CA GLU C 1144 -52.44 62.75 78.01
C GLU C 1144 -53.76 63.12 78.67
N LEU C 1145 -54.41 62.15 79.33
CA LEU C 1145 -55.68 62.38 80.02
C LEU C 1145 -55.38 63.07 81.34
N ASP C 1146 -55.22 64.39 81.29
CA ASP C 1146 -54.93 65.18 82.48
C ASP C 1146 -55.79 66.43 82.61
N SER C 1147 -56.58 66.78 81.60
CA SER C 1147 -57.43 67.97 81.67
C SER C 1147 -58.61 67.75 82.61
N GLN D 1 17.39 -2.35 -51.14
CA GLN D 1 16.80 -2.95 -49.95
C GLN D 1 15.42 -3.52 -50.24
N VAL D 2 14.46 -2.63 -50.51
CA VAL D 2 13.09 -3.02 -50.79
C VAL D 2 12.99 -3.30 -52.30
N GLN D 3 12.87 -4.57 -52.66
CA GLN D 3 12.77 -4.99 -54.05
C GLN D 3 11.44 -5.73 -54.24
N LEU D 4 10.62 -5.23 -55.16
CA LEU D 4 9.32 -5.83 -55.46
C LEU D 4 9.46 -6.62 -56.75
N VAL D 5 9.88 -7.87 -56.63
CA VAL D 5 10.05 -8.74 -57.79
C VAL D 5 8.69 -9.24 -58.24
N GLN D 6 8.44 -9.19 -59.54
CA GLN D 6 7.19 -9.64 -60.13
C GLN D 6 7.44 -10.89 -60.98
N SER D 7 6.39 -11.35 -61.64
CA SER D 7 6.47 -12.52 -62.51
C SER D 7 6.90 -12.09 -63.90
N GLY D 8 6.80 -13.01 -64.86
CA GLY D 8 7.16 -12.73 -66.24
C GLY D 8 5.94 -12.50 -67.11
N ALA D 9 6.20 -12.42 -68.42
CA ALA D 9 5.11 -12.23 -69.39
C ALA D 9 4.22 -13.48 -69.43
N GLU D 10 2.92 -13.25 -69.55
CA GLU D 10 1.93 -14.33 -69.57
C GLU D 10 1.20 -14.29 -70.90
N VAL D 11 1.39 -15.33 -71.71
CA VAL D 11 0.71 -15.45 -73.00
C VAL D 11 -0.61 -16.19 -72.72
N LYS D 12 -1.65 -15.41 -72.42
CA LYS D 12 -2.94 -15.97 -72.08
C LYS D 12 -3.86 -15.95 -73.30
N ARG D 13 -5.03 -16.58 -73.17
CA ARG D 13 -6.03 -16.67 -74.23
C ARG D 13 -7.13 -15.65 -74.01
N PRO D 14 -7.76 -15.15 -75.07
CA PRO D 14 -8.88 -14.21 -74.90
C PRO D 14 -10.04 -14.85 -74.16
N GLY D 15 -10.64 -14.08 -73.26
CA GLY D 15 -11.73 -14.58 -72.46
C GLY D 15 -11.29 -15.58 -71.41
N SER D 16 -10.42 -15.14 -70.51
CA SER D 16 -9.87 -16.00 -69.47
C SER D 16 -9.43 -15.12 -68.30
N SER D 17 -8.66 -15.69 -67.38
CA SER D 17 -8.18 -14.98 -66.21
C SER D 17 -6.69 -15.21 -66.04
N VAL D 18 -6.01 -14.23 -65.46
CA VAL D 18 -4.58 -14.28 -65.23
C VAL D 18 -4.32 -14.14 -63.73
N LYS D 19 -3.07 -14.39 -63.33
CA LYS D 19 -2.67 -14.29 -61.93
C LYS D 19 -1.20 -13.87 -61.88
N VAL D 20 -0.96 -12.60 -61.57
CA VAL D 20 0.37 -12.04 -61.49
C VAL D 20 0.75 -11.86 -60.02
N SER D 21 1.97 -12.27 -59.68
CA SER D 21 2.45 -12.20 -58.31
C SER D 21 3.42 -11.03 -58.14
N CYS D 22 3.72 -10.71 -56.88
CA CYS D 22 4.64 -9.62 -56.56
C CYS D 22 5.40 -10.03 -55.29
N LYS D 23 6.64 -10.49 -55.47
CA LYS D 23 7.47 -10.93 -54.36
C LYS D 23 7.99 -9.71 -53.60
N ALA D 24 7.44 -9.48 -52.41
CA ALA D 24 7.88 -8.38 -51.56
C ALA D 24 9.05 -8.80 -50.69
N SER D 25 9.91 -7.84 -50.40
CA SER D 25 11.10 -8.08 -49.58
C SER D 25 11.52 -6.77 -48.93
N GLY D 26 12.66 -6.77 -48.27
CA GLY D 26 13.19 -5.58 -47.64
C GLY D 26 12.68 -5.36 -46.23
N ASP D 27 11.40 -5.01 -46.10
CA ASP D 27 10.79 -4.73 -44.81
C ASP D 27 9.64 -5.71 -44.55
N THR D 28 8.91 -5.46 -43.47
CA THR D 28 7.80 -6.33 -43.10
C THR D 28 6.64 -6.17 -44.07
N PHE D 29 5.95 -7.28 -44.36
CA PHE D 29 4.84 -7.27 -45.30
C PHE D 29 3.59 -6.65 -44.69
N ILE D 30 3.46 -6.64 -43.36
CA ILE D 30 2.23 -6.17 -42.73
C ILE D 30 2.22 -4.66 -42.47
N ASN D 31 3.38 -4.00 -42.50
CA ASN D 31 3.47 -2.58 -42.21
C ASN D 31 3.35 -1.71 -43.45
N TYR D 32 3.06 -2.30 -44.61
CA TYR D 32 2.94 -1.53 -45.85
C TYR D 32 1.92 -2.22 -46.74
N ALA D 33 0.97 -1.43 -47.27
CA ALA D 33 -0.02 -1.94 -48.19
C ALA D 33 0.57 -2.12 -49.57
N PHE D 34 -0.23 -2.63 -50.50
CA PHE D 34 0.23 -2.89 -51.86
C PHE D 34 -0.89 -2.57 -52.85
N SER D 35 -0.56 -1.84 -53.90
CA SER D 35 -1.50 -1.47 -54.95
C SER D 35 -0.93 -1.85 -56.31
N TRP D 36 -1.83 -2.17 -57.24
CA TRP D 36 -1.47 -2.55 -58.60
C TRP D 36 -1.95 -1.47 -59.56
N VAL D 37 -1.04 -1.01 -60.43
CA VAL D 37 -1.34 0.01 -61.42
C VAL D 37 -0.92 -0.49 -62.79
N ARG D 38 -1.85 -0.49 -63.73
CA ARG D 38 -1.59 -0.92 -65.10
C ARG D 38 -1.20 0.28 -65.96
N GLN D 39 -0.50 -0.01 -67.05
CA GLN D 39 -0.07 1.02 -68.01
C GLN D 39 -0.35 0.53 -69.41
N ALA D 40 -1.37 1.08 -70.05
CA ALA D 40 -1.63 0.79 -71.45
C ALA D 40 -0.54 1.40 -72.33
N PRO D 41 -0.22 0.77 -73.47
CA PRO D 41 0.83 1.30 -74.34
C PRO D 41 0.57 2.72 -74.81
N GLY D 42 1.40 3.66 -74.38
CA GLY D 42 1.26 5.05 -74.77
C GLY D 42 -0.05 5.68 -74.32
N GLN D 43 -0.56 5.29 -73.15
CA GLN D 43 -1.82 5.82 -72.67
C GLN D 43 -1.78 6.10 -71.17
N GLY D 44 -0.60 6.39 -70.63
CA GLY D 44 -0.49 6.74 -69.23
C GLY D 44 -0.72 5.54 -68.31
N LEU D 45 -0.95 5.86 -67.05
CA LEU D 45 -1.16 4.87 -66.00
C LEU D 45 -2.64 4.80 -65.63
N GLU D 46 -2.99 3.76 -64.88
CA GLU D 46 -4.38 3.56 -64.45
C GLU D 46 -4.37 2.77 -63.15
N TRP D 47 -4.90 3.38 -62.09
CA TRP D 47 -4.97 2.74 -60.78
C TRP D 47 -6.12 1.75 -60.76
N MET D 48 -5.81 0.47 -60.51
CA MET D 48 -6.85 -0.56 -60.49
C MET D 48 -7.42 -0.74 -59.08
N GLY D 49 -6.57 -1.06 -58.12
CA GLY D 49 -7.05 -1.27 -56.77
C GLY D 49 -5.92 -1.25 -55.77
N ARG D 50 -6.27 -1.59 -54.53
CA ARG D 50 -5.29 -1.60 -53.43
C ARG D 50 -5.82 -2.51 -52.33
N ILE D 51 -4.89 -3.18 -51.65
CA ILE D 51 -5.23 -4.11 -50.58
C ILE D 51 -4.44 -3.73 -49.34
N ILE D 52 -5.02 -3.99 -48.18
CA ILE D 52 -4.39 -3.74 -46.88
C ILE D 52 -4.11 -5.09 -46.23
N PRO D 53 -2.86 -5.54 -46.18
CA PRO D 53 -2.58 -6.87 -45.60
C PRO D 53 -2.93 -6.98 -44.14
N ILE D 54 -2.71 -5.92 -43.36
CA ILE D 54 -2.97 -6.00 -41.92
C ILE D 54 -4.47 -6.01 -41.64
N LEU D 55 -5.28 -5.41 -42.52
CA LEU D 55 -6.72 -5.35 -42.33
C LEU D 55 -7.49 -6.29 -43.24
N ASP D 56 -6.83 -6.89 -44.24
CA ASP D 56 -7.48 -7.81 -45.18
C ASP D 56 -8.64 -7.12 -45.91
N ILE D 57 -8.48 -5.83 -46.19
CA ILE D 57 -9.48 -5.03 -46.89
C ILE D 57 -8.93 -4.68 -48.27
N ALA D 58 -9.75 -4.88 -49.30
CA ALA D 58 -9.35 -4.61 -50.68
C ALA D 58 -10.46 -3.82 -51.36
N HIS D 59 -10.28 -2.50 -51.46
CA HIS D 59 -11.23 -1.62 -52.12
C HIS D 59 -10.74 -1.33 -53.54
N TYR D 60 -11.54 -1.69 -54.53
CA TYR D 60 -11.16 -1.56 -55.92
C TYR D 60 -11.69 -0.24 -56.49
N ALA D 61 -11.44 -0.01 -57.77
CA ALA D 61 -11.95 1.16 -58.45
C ALA D 61 -13.38 0.91 -58.94
N GLN D 62 -14.07 2.02 -59.28
CA GLN D 62 -15.45 1.90 -59.72
C GLN D 62 -15.57 1.10 -61.01
N LYS D 63 -14.54 1.12 -61.84
CA LYS D 63 -14.54 0.37 -63.09
C LYS D 63 -13.94 -1.02 -62.94
N PHE D 64 -13.67 -1.47 -61.71
CA PHE D 64 -13.11 -2.80 -61.47
C PHE D 64 -13.85 -3.57 -60.38
N GLN D 65 -14.95 -3.04 -59.86
CA GLN D 65 -15.72 -3.71 -58.81
C GLN D 65 -16.49 -4.86 -59.44
N GLY D 66 -15.95 -6.08 -59.31
CA GLY D 66 -16.60 -7.25 -59.85
C GLY D 66 -15.66 -8.14 -60.63
N ARG D 67 -14.66 -7.55 -61.28
CA ARG D 67 -13.71 -8.29 -62.08
C ARG D 67 -12.30 -8.30 -61.51
N LEU D 68 -12.00 -7.44 -60.54
CA LEU D 68 -10.68 -7.37 -59.92
C LEU D 68 -10.72 -8.01 -58.55
N THR D 69 -9.84 -8.99 -58.33
CA THR D 69 -9.72 -9.68 -57.05
C THR D 69 -8.23 -9.74 -56.71
N ILE D 70 -7.79 -8.87 -55.80
CA ILE D 70 -6.39 -8.78 -55.40
C ILE D 70 -6.27 -9.36 -53.99
N THR D 71 -5.40 -10.36 -53.84
CA THR D 71 -5.14 -11.00 -52.57
C THR D 71 -3.68 -10.78 -52.17
N ALA D 72 -3.36 -11.20 -50.95
CA ALA D 72 -2.00 -11.03 -50.42
C ALA D 72 -1.78 -12.06 -49.33
N ASP D 73 -0.78 -12.92 -49.52
CA ASP D 73 -0.44 -13.94 -48.53
C ASP D 73 0.59 -13.36 -47.55
N LYS D 74 0.20 -13.28 -46.27
CA LYS D 74 1.07 -12.74 -45.23
C LYS D 74 2.12 -13.72 -44.75
N SER D 75 2.26 -14.87 -45.41
CA SER D 75 3.25 -15.88 -45.02
C SER D 75 4.44 -15.92 -45.97
N THR D 76 4.21 -15.81 -47.27
CA THR D 76 5.28 -15.81 -48.26
C THR D 76 5.64 -14.41 -48.75
N ASP D 77 4.95 -13.38 -48.25
CA ASP D 77 5.18 -11.99 -48.64
C ASP D 77 5.02 -11.82 -50.16
N THR D 78 3.85 -12.20 -50.64
CA THR D 78 3.55 -12.15 -52.07
C THR D 78 2.15 -11.59 -52.27
N ALA D 79 2.03 -10.59 -53.14
CA ALA D 79 0.76 -9.98 -53.48
C ALA D 79 0.29 -10.51 -54.83
N TYR D 80 -0.95 -11.00 -54.86
CA TYR D 80 -1.52 -11.59 -56.07
C TYR D 80 -2.60 -10.68 -56.64
N MET D 81 -2.70 -10.67 -57.97
CA MET D 81 -3.68 -9.86 -58.67
C MET D 81 -4.31 -10.70 -59.77
N GLU D 82 -5.61 -10.92 -59.68
CA GLU D 82 -6.36 -11.73 -60.64
C GLU D 82 -7.47 -10.91 -61.27
N LEU D 83 -7.63 -11.05 -62.58
CA LEU D 83 -8.65 -10.33 -63.33
C LEU D 83 -9.46 -11.33 -64.14
N THR D 84 -10.75 -11.45 -63.83
CA THR D 84 -11.64 -12.35 -64.55
C THR D 84 -12.35 -11.62 -65.67
N SER D 85 -12.77 -12.39 -66.68
CA SER D 85 -13.48 -11.86 -67.86
C SER D 85 -12.63 -10.80 -68.56
N LEU D 86 -11.45 -11.22 -68.99
CA LEU D 86 -10.53 -10.31 -69.67
C LEU D 86 -11.01 -10.00 -71.08
N LYS D 87 -10.92 -8.73 -71.46
CA LYS D 87 -11.29 -8.29 -72.79
C LYS D 87 -10.05 -8.31 -73.69
N SER D 88 -10.16 -7.74 -74.88
CA SER D 88 -9.04 -7.71 -75.81
C SER D 88 -8.09 -6.55 -75.54
N ASP D 89 -8.61 -5.44 -75.01
CA ASP D 89 -7.80 -4.26 -74.72
C ASP D 89 -7.24 -4.28 -73.31
N ASP D 90 -6.57 -5.38 -72.94
CA ASP D 90 -5.97 -5.54 -71.62
C ASP D 90 -4.50 -5.89 -71.71
N THR D 91 -3.83 -5.42 -72.77
CA THR D 91 -2.40 -5.67 -72.96
C THR D 91 -1.58 -4.56 -72.33
N ALA D 92 -1.79 -4.36 -71.04
CA ALA D 92 -1.11 -3.33 -70.26
C ALA D 92 -0.01 -3.93 -69.40
N VAL D 93 0.94 -3.08 -69.00
CA VAL D 93 2.05 -3.50 -68.17
C VAL D 93 1.63 -3.27 -66.71
N TYR D 94 1.30 -4.36 -66.02
CA TYR D 94 0.85 -4.28 -64.65
C TYR D 94 2.05 -4.11 -63.71
N PHE D 95 2.07 -3.02 -62.98
CA PHE D 95 3.15 -2.72 -62.05
C PHE D 95 2.70 -2.95 -60.61
N CYS D 96 3.65 -3.37 -59.77
CA CYS D 96 3.42 -3.57 -58.35
C CYS D 96 3.98 -2.38 -57.57
N ALA D 97 3.23 -1.94 -56.56
CA ALA D 97 3.61 -0.77 -55.78
C ALA D 97 3.35 -1.05 -54.30
N ARG D 98 4.28 -0.60 -53.46
CA ARG D 98 4.18 -0.78 -52.01
C ARG D 98 3.73 0.54 -51.39
N VAL D 99 2.42 0.74 -51.39
CA VAL D 99 1.82 1.98 -50.87
C VAL D 99 1.71 1.89 -49.35
N PHE D 100 1.45 3.02 -48.71
CA PHE D 100 1.30 3.06 -47.27
C PHE D 100 -0.09 2.54 -46.86
N ARG D 101 -0.34 2.48 -45.56
CA ARG D 101 -1.57 1.95 -45.01
C ARG D 101 -2.56 3.05 -44.63
N GLY D 102 -2.58 4.15 -45.38
CA GLY D 102 -3.48 5.25 -45.14
C GLY D 102 -4.48 5.43 -46.28
N SER D 103 -5.40 6.38 -46.05
CA SER D 103 -6.39 6.70 -47.08
C SER D 103 -5.73 7.33 -48.30
N GLN D 104 -4.80 8.25 -48.07
CA GLN D 104 -4.05 8.87 -49.15
C GLN D 104 -2.64 8.32 -49.17
N TYR D 105 -2.13 8.04 -50.36
CA TYR D 105 -0.83 7.38 -50.49
C TYR D 105 -0.23 7.73 -51.84
N TRP D 106 1.09 7.58 -51.93
CA TRP D 106 1.84 7.78 -53.16
C TRP D 106 2.62 6.52 -53.48
N PHE D 107 2.75 6.22 -54.78
CA PHE D 107 3.39 4.99 -55.25
C PHE D 107 4.91 5.20 -55.33
N ASP D 108 5.54 5.26 -54.14
CA ASP D 108 6.98 5.48 -54.09
C ASP D 108 7.76 4.26 -54.56
N PRO D 109 7.58 3.07 -53.95
CA PRO D 109 8.33 1.90 -54.44
C PRO D 109 7.59 1.17 -55.56
N TRP D 110 8.25 0.99 -56.70
CA TRP D 110 7.68 0.29 -57.84
C TRP D 110 8.37 -1.06 -58.02
N GLY D 111 7.98 -1.77 -59.07
CA GLY D 111 8.55 -3.06 -59.36
C GLY D 111 9.22 -3.14 -60.72
N GLN D 112 8.83 -4.12 -61.54
CA GLN D 112 9.39 -4.29 -62.86
C GLN D 112 8.35 -4.32 -63.98
N GLY D 113 7.10 -4.65 -63.67
CA GLY D 113 6.06 -4.67 -64.68
C GLY D 113 5.97 -6.00 -65.40
N THR D 114 4.75 -6.35 -65.80
CA THR D 114 4.46 -7.59 -66.52
C THR D 114 3.60 -7.26 -67.72
N LEU D 115 4.15 -7.47 -68.92
CA LEU D 115 3.41 -7.22 -70.17
C LEU D 115 2.60 -8.46 -70.51
N VAL D 116 1.41 -8.55 -69.90
CA VAL D 116 0.52 -9.68 -70.11
C VAL D 116 -0.38 -9.37 -71.30
N THR D 117 -0.23 -10.13 -72.38
CA THR D 117 -1.03 -9.96 -73.58
C THR D 117 -2.20 -10.94 -73.54
N VAL D 118 -3.42 -10.41 -73.51
CA VAL D 118 -4.60 -11.26 -73.45
C VAL D 118 -4.95 -11.80 -74.83
N SER D 119 -5.14 -10.90 -75.80
CA SER D 119 -5.44 -11.29 -77.17
C SER D 119 -4.22 -11.99 -77.77
N SER D 120 -4.36 -13.27 -78.08
CA SER D 120 -3.25 -14.09 -78.55
C SER D 120 -3.56 -14.66 -79.93
N ALA D 121 -2.57 -15.33 -80.51
CA ALA D 121 -2.67 -15.89 -81.85
C ALA D 121 -1.96 -17.24 -81.88
N SER D 122 -1.74 -17.77 -83.08
CA SER D 122 -1.16 -19.09 -83.26
C SER D 122 0.36 -19.00 -83.31
N THR D 123 1.01 -20.07 -83.76
CA THR D 123 2.45 -20.19 -83.84
C THR D 123 2.87 -20.37 -85.31
N LYS D 124 4.17 -20.61 -85.51
CA LYS D 124 4.75 -20.80 -86.84
C LYS D 124 4.48 -19.57 -87.73
N GLY D 125 5.05 -18.45 -87.29
CA GLY D 125 4.74 -17.15 -87.82
C GLY D 125 5.70 -16.63 -88.87
N PRO D 126 6.82 -16.06 -88.42
CA PRO D 126 7.65 -15.23 -89.30
C PRO D 126 8.22 -16.01 -90.47
N SER D 127 8.36 -15.29 -91.59
CA SER D 127 9.01 -15.81 -92.79
C SER D 127 9.77 -14.68 -93.45
N VAL D 128 11.10 -14.75 -93.41
CA VAL D 128 11.92 -13.63 -93.87
C VAL D 128 11.78 -13.45 -95.38
N PHE D 129 11.69 -12.19 -95.79
CA PHE D 129 11.58 -11.81 -97.20
C PHE D 129 12.81 -11.01 -97.63
N PRO D 130 13.29 -11.21 -98.86
CA PRO D 130 14.51 -10.50 -99.30
C PRO D 130 14.33 -9.00 -99.43
N LEU D 131 13.29 -8.57 -100.16
CA LEU D 131 13.05 -7.16 -100.47
C LEU D 131 14.27 -6.54 -101.14
N ALA D 132 14.59 -7.05 -102.32
CA ALA D 132 15.75 -6.58 -103.07
C ALA D 132 15.48 -5.20 -103.63
N PRO D 133 16.30 -4.19 -103.29
CA PRO D 133 16.09 -2.86 -103.84
C PRO D 133 16.51 -2.79 -105.30
N SER D 134 16.26 -1.62 -105.91
CA SER D 134 16.61 -1.40 -107.30
C SER D 134 17.25 -0.03 -107.49
N ALA D 143 19.84 1.61 -101.64
CA ALA D 143 21.20 1.66 -101.14
C ALA D 143 21.33 0.94 -99.80
N ALA D 144 20.25 0.27 -99.39
CA ALA D 144 20.21 -0.46 -98.14
C ALA D 144 19.60 -1.84 -98.38
N LEU D 145 19.68 -2.70 -97.37
CA LEU D 145 19.12 -4.04 -97.43
C LEU D 145 18.70 -4.47 -96.04
N GLY D 146 17.56 -5.15 -95.96
CA GLY D 146 17.03 -5.58 -94.68
C GLY D 146 16.34 -6.92 -94.78
N CYS D 147 16.09 -7.52 -93.62
CA CYS D 147 15.41 -8.81 -93.50
C CYS D 147 14.08 -8.57 -92.81
N LEU D 148 13.00 -8.58 -93.59
CA LEU D 148 11.67 -8.25 -93.10
C LEU D 148 10.94 -9.50 -92.67
N VAL D 149 10.32 -9.46 -91.50
CA VAL D 149 9.51 -10.57 -91.00
C VAL D 149 8.04 -10.17 -91.07
N LYS D 150 7.15 -11.17 -91.04
CA LYS D 150 5.73 -10.95 -91.20
C LYS D 150 4.93 -11.94 -90.36
N ASP D 151 3.86 -11.44 -89.73
CA ASP D 151 2.85 -12.26 -89.08
C ASP D 151 3.41 -13.18 -88.00
N TYR D 152 3.97 -12.61 -86.93
CA TYR D 152 4.37 -13.40 -85.78
C TYR D 152 3.78 -12.78 -84.52
N PHE D 153 3.13 -13.61 -83.71
CA PHE D 153 2.57 -13.16 -82.45
C PHE D 153 3.62 -13.02 -81.36
N PRO D 154 4.44 -14.08 -81.06
CA PRO D 154 5.37 -13.98 -79.92
C PRO D 154 6.31 -12.78 -80.00
N GLU D 155 6.19 -11.88 -79.03
CA GLU D 155 6.93 -10.63 -78.98
C GLU D 155 8.45 -10.82 -78.96
N PRO D 156 9.03 -11.68 -78.09
CA PRO D 156 10.49 -11.70 -77.97
C PRO D 156 11.18 -12.28 -79.20
N VAL D 157 11.24 -11.51 -80.28
CA VAL D 157 11.96 -11.89 -81.49
C VAL D 157 13.22 -11.04 -81.59
N THR D 158 14.22 -11.56 -82.31
CA THR D 158 15.48 -10.86 -82.51
C THR D 158 15.92 -11.06 -83.95
N VAL D 159 16.18 -9.96 -84.64
CA VAL D 159 16.67 -9.98 -86.02
C VAL D 159 18.05 -9.32 -86.00
N SER D 160 19.08 -10.14 -85.86
CA SER D 160 20.46 -9.67 -85.84
C SER D 160 21.05 -9.81 -87.24
N TRP D 161 21.36 -8.67 -87.86
CA TRP D 161 21.91 -8.68 -89.21
C TRP D 161 23.33 -9.23 -89.21
N ASN D 162 23.58 -10.21 -90.08
CA ASN D 162 24.89 -10.83 -90.24
C ASN D 162 25.38 -11.43 -88.93
N SER D 163 24.46 -12.02 -88.17
CA SER D 163 24.75 -12.66 -86.89
C SER D 163 25.43 -11.68 -85.92
N GLY D 164 25.00 -10.43 -85.96
CA GLY D 164 25.54 -9.43 -85.06
C GLY D 164 26.84 -8.80 -85.52
N ALA D 165 27.18 -8.91 -86.80
CA ALA D 165 28.42 -8.33 -87.32
C ALA D 165 28.19 -6.93 -87.88
N LEU D 166 27.28 -6.80 -88.84
CA LEU D 166 27.00 -5.51 -89.47
C LEU D 166 25.87 -4.78 -88.76
N THR D 167 26.01 -4.61 -87.44
CA THR D 167 25.02 -3.90 -86.63
C THR D 167 25.43 -2.44 -86.47
N SER D 168 25.60 -1.77 -87.61
CA SER D 168 25.98 -0.36 -87.62
C SER D 168 24.76 0.55 -87.70
N GLY D 169 23.94 0.37 -88.74
CA GLY D 169 22.75 1.18 -88.92
C GLY D 169 21.48 0.37 -89.02
N VAL D 170 21.39 -0.69 -88.22
CA VAL D 170 20.21 -1.55 -88.26
C VAL D 170 18.97 -0.78 -87.79
N HIS D 171 19.00 -0.30 -86.55
CA HIS D 171 17.90 0.46 -85.95
C HIS D 171 16.57 -0.30 -86.06
N THR D 172 16.54 -1.44 -85.36
CA THR D 172 15.37 -2.29 -85.37
C THR D 172 14.14 -1.53 -84.90
N PHE D 173 13.16 -1.39 -85.79
CA PHE D 173 11.97 -0.63 -85.47
C PHE D 173 11.08 -1.41 -84.49
N PRO D 174 10.33 -0.71 -83.64
CA PRO D 174 9.41 -1.39 -82.74
C PRO D 174 8.32 -2.11 -83.51
N ALA D 175 8.12 -3.40 -83.20
CA ALA D 175 7.13 -4.20 -83.90
C ALA D 175 5.72 -3.75 -83.52
N VAL D 176 4.96 -3.29 -84.51
CA VAL D 176 3.59 -2.84 -84.31
C VAL D 176 2.68 -3.57 -85.30
N LEU D 177 1.46 -3.85 -84.86
CA LEU D 177 0.47 -4.56 -85.68
C LEU D 177 -0.26 -3.54 -86.56
N GLN D 178 0.11 -3.50 -87.84
CA GLN D 178 -0.48 -2.53 -88.75
C GLN D 178 -1.96 -2.81 -88.98
N SER D 179 -2.27 -3.90 -89.70
CA SER D 179 -3.66 -4.24 -89.95
C SER D 179 -3.95 -5.73 -89.86
N SER D 180 -2.97 -6.57 -89.51
CA SER D 180 -3.17 -8.02 -89.49
C SER D 180 -3.53 -8.54 -88.10
N GLY D 181 -2.84 -8.06 -87.06
CA GLY D 181 -3.01 -8.52 -85.70
C GLY D 181 -1.76 -9.11 -85.10
N LEU D 182 -0.87 -9.64 -85.94
CA LEU D 182 0.42 -10.17 -85.50
C LEU D 182 1.49 -9.14 -85.87
N TYR D 183 1.98 -8.42 -84.88
CA TYR D 183 2.91 -7.32 -85.13
C TYR D 183 4.21 -7.83 -85.74
N SER D 184 4.87 -6.95 -86.49
CA SER D 184 6.10 -7.28 -87.17
C SER D 184 7.02 -6.07 -87.18
N LEU D 185 8.32 -6.33 -87.28
CA LEU D 185 9.33 -5.29 -87.31
C LEU D 185 10.21 -5.48 -88.54
N SER D 186 11.16 -4.57 -88.72
CA SER D 186 12.06 -4.61 -89.88
C SER D 186 13.42 -4.08 -89.46
N SER D 187 14.47 -4.85 -89.73
CA SER D 187 15.85 -4.46 -89.45
C SER D 187 16.54 -4.18 -90.77
N VAL D 188 16.62 -2.90 -91.14
CA VAL D 188 17.21 -2.48 -92.41
C VAL D 188 18.55 -1.82 -92.10
N VAL D 189 19.63 -2.38 -92.67
CA VAL D 189 20.98 -1.86 -92.48
C VAL D 189 21.53 -1.46 -93.85
N THR D 190 22.53 -0.58 -93.82
CA THR D 190 23.16 -0.12 -95.04
C THR D 190 24.08 -1.19 -95.62
N VAL D 191 24.39 -1.04 -96.91
CA VAL D 191 25.26 -1.98 -97.59
C VAL D 191 26.71 -1.77 -97.17
N THR D 200 28.91 -10.71 -95.12
CA THR D 200 28.14 -11.24 -96.25
C THR D 200 26.74 -10.62 -96.29
N TYR D 201 25.83 -11.28 -97.00
CA TYR D 201 24.47 -10.80 -97.16
C TYR D 201 23.44 -11.58 -96.35
N ILE D 202 23.84 -12.64 -95.67
CA ILE D 202 22.92 -13.49 -94.91
C ILE D 202 22.72 -12.88 -93.53
N CYS D 203 21.47 -12.60 -93.17
CA CYS D 203 21.13 -12.08 -91.86
C CYS D 203 20.93 -13.25 -90.90
N ASN D 204 20.49 -12.97 -89.68
CA ASN D 204 20.28 -14.00 -88.66
C ASN D 204 19.03 -13.65 -87.87
N VAL D 205 17.93 -14.35 -88.14
CA VAL D 205 16.68 -14.20 -87.41
C VAL D 205 16.49 -15.42 -86.54
N ASN D 206 16.28 -15.20 -85.25
CA ASN D 206 16.12 -16.29 -84.29
C ASN D 206 14.95 -15.97 -83.37
N HIS D 207 13.91 -16.79 -83.44
CA HIS D 207 12.73 -16.62 -82.61
C HIS D 207 12.93 -17.39 -81.30
N LYS D 208 12.97 -16.67 -80.18
CA LYS D 208 13.23 -17.33 -78.90
C LYS D 208 12.05 -18.17 -78.43
N PRO D 209 10.80 -17.67 -78.40
CA PRO D 209 9.70 -18.55 -77.97
C PRO D 209 9.46 -19.72 -78.91
N SER D 210 9.55 -19.50 -80.22
CA SER D 210 9.34 -20.55 -81.20
C SER D 210 10.66 -21.31 -81.41
N ASN D 211 10.65 -22.28 -82.32
CA ASN D 211 11.81 -23.09 -82.61
C ASN D 211 12.18 -23.01 -84.10
N THR D 212 11.93 -21.86 -84.71
CA THR D 212 12.24 -21.63 -86.12
C THR D 212 13.18 -20.44 -86.21
N LYS D 213 14.48 -20.71 -86.02
CA LYS D 213 15.52 -19.69 -86.16
C LYS D 213 16.17 -19.79 -87.55
N VAL D 214 15.36 -19.52 -88.57
CA VAL D 214 15.81 -19.62 -89.95
C VAL D 214 16.41 -18.29 -90.39
N ASP D 215 17.24 -18.35 -91.43
CA ASP D 215 17.89 -17.18 -91.99
C ASP D 215 17.49 -17.02 -93.45
N LYS D 216 17.95 -15.92 -94.05
CA LYS D 216 17.63 -15.61 -95.44
C LYS D 216 18.66 -14.63 -95.97
N ARG D 217 18.96 -14.77 -97.25
CA ARG D 217 19.93 -13.90 -97.93
C ARG D 217 19.20 -12.81 -98.71
N VAL D 218 19.75 -11.60 -98.68
CA VAL D 218 19.21 -10.44 -99.38
C VAL D 218 20.23 -9.98 -100.40
N GLU D 219 19.79 -9.78 -101.64
CA GLU D 219 20.65 -9.35 -102.73
C GLU D 219 20.30 -7.91 -103.10
N PRO D 220 21.06 -6.91 -102.61
CA PRO D 220 20.79 -5.50 -102.92
C PRO D 220 21.15 -5.13 -104.35
N GLU E 1 -9.36 17.47 -59.59
CA GLU E 1 -9.35 16.53 -58.47
C GLU E 1 -9.20 15.10 -58.98
N ILE E 2 -9.83 14.81 -60.13
CA ILE E 2 -9.78 13.49 -60.73
C ILE E 2 -9.33 13.61 -62.18
N VAL E 3 -8.88 14.81 -62.57
CA VAL E 3 -8.47 15.10 -63.95
C VAL E 3 -7.10 15.76 -63.92
N LEU E 4 -6.16 15.21 -64.68
CA LEU E 4 -4.82 15.78 -64.82
C LEU E 4 -4.46 15.84 -66.30
N THR E 5 -4.07 17.02 -66.76
CA THR E 5 -3.71 17.23 -68.15
C THR E 5 -2.35 17.91 -68.23
N GLN E 6 -1.43 17.33 -68.99
CA GLN E 6 -0.10 17.90 -69.17
C GLN E 6 -0.15 19.00 -70.22
N SER E 7 0.33 20.19 -69.86
CA SER E 7 0.32 21.32 -70.78
C SER E 7 1.42 21.21 -71.83
N PRO E 8 2.69 20.96 -71.47
CA PRO E 8 3.72 20.87 -72.52
C PRO E 8 3.50 19.72 -73.48
N GLY E 9 3.36 18.49 -72.97
CA GLY E 9 3.23 17.33 -73.82
C GLY E 9 4.57 16.83 -74.33
N THR E 10 5.26 17.69 -75.09
CA THR E 10 6.60 17.40 -75.57
C THR E 10 7.49 18.61 -75.29
N LEU E 11 8.79 18.34 -75.17
CA LEU E 11 9.75 19.40 -74.83
C LEU E 11 11.10 19.01 -75.45
N SER E 12 11.44 19.66 -76.56
CA SER E 12 12.75 19.50 -77.18
C SER E 12 13.69 20.53 -76.57
N LEU E 13 14.51 20.10 -75.62
CA LEU E 13 15.39 21.01 -74.88
C LEU E 13 16.80 20.46 -74.88
N SER E 14 17.78 21.37 -74.86
CA SER E 14 19.19 21.02 -74.81
C SER E 14 19.63 20.76 -73.38
N PRO E 15 20.55 19.81 -73.18
CA PRO E 15 21.02 19.51 -71.82
C PRO E 15 21.73 20.70 -71.20
N GLY E 16 21.15 21.22 -70.11
CA GLY E 16 21.73 22.35 -69.41
C GLY E 16 20.74 23.44 -69.08
N GLU E 17 19.69 23.56 -69.90
CA GLU E 17 18.68 24.59 -69.70
C GLU E 17 17.57 24.07 -68.79
N ARG E 18 16.89 25.01 -68.13
CA ARG E 18 15.83 24.68 -67.20
C ARG E 18 14.58 24.22 -67.94
N ALA E 19 13.83 23.32 -67.31
CA ALA E 19 12.59 22.79 -67.86
C ALA E 19 11.42 23.15 -66.95
N THR E 20 10.23 23.23 -67.55
CA THR E 20 9.02 23.59 -66.82
C THR E 20 7.90 22.66 -67.25
N LEU E 21 7.50 21.76 -66.37
CA LEU E 21 6.41 20.83 -66.61
C LEU E 21 5.21 21.21 -65.76
N SER E 22 4.05 21.34 -66.39
CA SER E 22 2.83 21.75 -65.71
C SER E 22 1.83 20.60 -65.65
N CYS E 23 0.95 20.66 -64.66
CA CYS E 23 -0.11 19.67 -64.47
C CYS E 23 -1.35 20.40 -63.98
N ARG E 24 -2.31 20.59 -64.88
CA ARG E 24 -3.55 21.31 -64.56
C ARG E 24 -4.58 20.33 -64.02
N ALA E 25 -5.23 20.71 -62.91
CA ALA E 25 -6.26 19.90 -62.28
C ALA E 25 -7.62 20.58 -62.45
N SER E 26 -8.67 19.76 -62.55
CA SER E 26 -10.01 20.30 -62.71
C SER E 26 -10.44 21.06 -61.46
N GLN E 27 -10.45 20.39 -60.32
CA GLN E 27 -10.78 21.01 -59.04
C GLN E 27 -9.49 21.40 -58.32
N SER E 28 -9.63 21.88 -57.09
CA SER E 28 -8.49 22.32 -56.30
C SER E 28 -8.06 21.21 -55.34
N ILE E 29 -6.77 20.94 -55.30
CA ILE E 29 -6.20 19.98 -54.35
C ILE E 29 -5.95 20.71 -53.04
N ASN E 30 -6.57 20.22 -51.96
CA ASN E 30 -6.57 20.94 -50.69
C ASN E 30 -5.17 21.09 -50.10
N ASN E 31 -4.54 19.99 -49.71
CA ASN E 31 -3.22 20.04 -49.07
C ASN E 31 -2.10 19.76 -50.05
N ARG E 32 -2.12 20.43 -51.20
CA ARG E 32 -1.10 20.31 -52.23
C ARG E 32 -0.68 18.87 -52.50
N HIS E 33 -1.64 17.95 -52.48
CA HIS E 33 -1.36 16.52 -52.63
C HIS E 33 -1.12 16.20 -54.10
N LEU E 34 0.14 16.31 -54.50
CA LEU E 34 0.56 15.97 -55.85
C LEU E 34 1.95 15.36 -55.80
N ALA E 35 2.18 14.38 -56.68
CA ALA E 35 3.47 13.69 -56.77
C ALA E 35 3.91 13.61 -58.21
N TRP E 36 5.22 13.63 -58.42
CA TRP E 36 5.83 13.56 -59.74
C TRP E 36 6.63 12.27 -59.87
N TYR E 37 6.66 11.72 -61.08
CA TYR E 37 7.35 10.48 -61.36
C TYR E 37 8.24 10.64 -62.59
N GLN E 38 9.05 9.62 -62.84
CA GLN E 38 9.95 9.59 -63.99
C GLN E 38 10.09 8.15 -64.45
N GLN E 39 9.47 7.83 -65.58
CA GLN E 39 9.48 6.48 -66.14
C GLN E 39 10.36 6.49 -67.39
N LYS E 40 11.49 5.80 -67.34
CA LYS E 40 12.39 5.70 -68.47
C LYS E 40 11.88 4.66 -69.47
N ARG E 41 12.61 4.51 -70.56
CA ARG E 41 12.24 3.57 -71.62
C ARG E 41 12.40 2.14 -71.10
N GLY E 42 11.28 1.43 -70.96
CA GLY E 42 11.31 0.05 -70.52
C GLY E 42 11.73 -0.10 -69.07
N GLN E 43 11.24 0.79 -68.21
CA GLN E 43 11.56 0.74 -66.78
C GLN E 43 10.35 1.19 -65.99
N ALA E 44 10.43 1.02 -64.67
CA ALA E 44 9.37 1.43 -63.76
C ALA E 44 9.52 2.90 -63.40
N PRO E 45 8.40 3.59 -63.13
CA PRO E 45 8.48 4.99 -62.73
C PRO E 45 9.27 5.17 -61.45
N ARG E 46 9.94 6.32 -61.33
CA ARG E 46 10.75 6.66 -60.18
C ARG E 46 10.09 7.81 -59.42
N PHE E 47 9.84 7.60 -58.14
CA PHE E 47 9.24 8.65 -57.31
C PHE E 47 10.25 9.77 -57.11
N LEU E 48 9.82 11.01 -57.33
CA LEU E 48 10.71 12.17 -57.29
C LEU E 48 10.41 13.11 -56.14
N ILE E 49 9.18 13.62 -56.06
CA ILE E 49 8.82 14.63 -55.06
C ILE E 49 7.44 14.30 -54.50
N TYR E 50 7.32 14.33 -53.17
CA TYR E 50 6.04 14.16 -52.49
C TYR E 50 5.56 15.51 -52.00
N GLY E 51 4.25 15.74 -52.13
CA GLY E 51 3.68 17.02 -51.74
C GLY E 51 4.04 18.18 -52.65
N ALA E 52 4.67 17.90 -53.79
CA ALA E 52 5.07 18.90 -54.78
C ALA E 52 6.04 19.94 -54.23
N ALA E 53 6.66 19.67 -53.08
CA ALA E 53 7.56 20.65 -52.49
C ALA E 53 8.93 20.09 -52.14
N SER E 54 9.00 18.85 -51.66
CA SER E 54 10.23 18.27 -51.16
C SER E 54 10.48 16.89 -51.76
N ARG E 55 11.75 16.59 -52.02
CA ARG E 55 12.14 15.29 -52.53
C ARG E 55 12.01 14.23 -51.42
N ALA E 56 11.84 12.98 -51.85
CA ALA E 56 11.51 11.92 -50.91
C ALA E 56 12.75 11.37 -50.20
N THR E 57 13.65 10.72 -50.94
CA THR E 57 14.80 10.06 -50.32
C THR E 57 16.13 10.64 -50.78
N GLY E 58 16.39 10.70 -52.07
CA GLY E 58 17.71 11.12 -52.53
C GLY E 58 17.69 11.90 -53.83
N ILE E 59 16.51 12.38 -54.23
CA ILE E 59 16.41 13.16 -55.47
C ILE E 59 17.18 14.46 -55.32
N PRO E 60 18.05 14.83 -56.25
CA PRO E 60 18.85 16.05 -56.10
C PRO E 60 17.99 17.30 -56.07
N ASP E 61 18.61 18.40 -55.64
CA ASP E 61 17.91 19.68 -55.53
C ASP E 61 17.57 20.28 -56.89
N ARG E 62 18.02 19.68 -57.98
CA ARG E 62 17.69 20.20 -59.31
C ARG E 62 16.19 20.07 -59.58
N PHE E 63 15.57 19.01 -59.08
CA PHE E 63 14.13 18.80 -59.26
C PHE E 63 13.39 19.56 -58.17
N SER E 64 12.70 20.63 -58.55
CA SER E 64 11.93 21.45 -57.63
C SER E 64 10.55 21.72 -58.19
N GLY E 65 9.57 21.82 -57.30
CA GLY E 65 8.21 22.05 -57.71
C GLY E 65 7.56 23.11 -56.84
N SER E 66 6.63 23.84 -57.44
CA SER E 66 5.91 24.90 -56.75
C SER E 66 4.59 24.38 -56.18
N GLY E 67 4.07 25.12 -55.20
CA GLY E 67 2.83 24.76 -54.53
C GLY E 67 1.74 25.79 -54.85
N SER E 68 0.59 25.27 -55.27
CA SER E 68 -0.54 26.11 -55.62
C SER E 68 -1.81 25.34 -55.28
N GLY E 69 -2.95 25.81 -55.79
CA GLY E 69 -4.22 25.17 -55.51
C GLY E 69 -4.78 24.38 -56.68
N THR E 70 -4.64 24.90 -57.90
CA THR E 70 -5.21 24.26 -59.07
C THR E 70 -4.21 24.01 -60.19
N ASP E 71 -2.99 24.54 -60.12
CA ASP E 71 -2.02 24.36 -61.19
C ASP E 71 -0.63 24.33 -60.58
N PHE E 72 0.03 23.18 -60.64
CA PHE E 72 1.38 22.99 -60.14
C PHE E 72 2.37 22.96 -61.29
N THR E 73 3.61 23.33 -60.99
CA THR E 73 4.68 23.36 -61.98
C THR E 73 5.93 22.72 -61.41
N LEU E 74 6.62 21.94 -62.23
CA LEU E 74 7.88 21.31 -61.87
C LEU E 74 9.03 22.03 -62.58
N THR E 75 10.10 22.29 -61.85
CA THR E 75 11.26 23.02 -62.38
C THR E 75 12.47 22.10 -62.29
N ILE E 76 12.88 21.56 -63.45
CA ILE E 76 14.06 20.71 -63.54
C ILE E 76 15.19 21.61 -64.01
N SER E 77 15.90 22.21 -63.05
CA SER E 77 17.00 23.10 -63.36
C SER E 77 18.27 22.31 -63.65
N ARG E 78 19.08 22.83 -64.57
CA ARG E 78 20.34 22.20 -64.98
C ARG E 78 20.09 20.78 -65.49
N LEU E 79 19.34 20.70 -66.59
CA LEU E 79 18.94 19.42 -67.15
C LEU E 79 20.15 18.64 -67.65
N GLU E 80 20.29 17.40 -67.20
CA GLU E 80 21.36 16.50 -67.58
C GLU E 80 20.92 15.55 -68.67
N PRO E 81 21.86 15.00 -69.44
CA PRO E 81 21.47 14.05 -70.50
C PRO E 81 20.78 12.79 -69.98
N GLU E 82 21.11 12.35 -68.77
CA GLU E 82 20.46 11.16 -68.22
C GLU E 82 19.04 11.42 -67.75
N ASP E 83 18.64 12.67 -67.59
CA ASP E 83 17.28 13.01 -67.18
C ASP E 83 16.37 13.25 -68.39
N PHE E 84 16.34 12.29 -69.30
CA PHE E 84 15.50 12.35 -70.51
C PHE E 84 14.56 11.15 -70.48
N ALA E 85 13.38 11.35 -69.89
CA ALA E 85 12.38 10.29 -69.79
C ALA E 85 11.00 10.94 -69.78
N VAL E 86 9.99 10.14 -69.47
CA VAL E 86 8.60 10.62 -69.41
C VAL E 86 8.25 10.87 -67.95
N TYR E 87 7.72 12.06 -67.67
CA TYR E 87 7.35 12.46 -66.32
C TYR E 87 5.83 12.50 -66.19
N TYR E 88 5.33 11.93 -65.09
CA TYR E 88 3.90 11.84 -64.84
C TYR E 88 3.55 12.61 -63.58
N CYS E 89 2.25 12.88 -63.42
CA CYS E 89 1.70 13.51 -62.24
C CYS E 89 0.71 12.57 -61.56
N GLN E 90 0.54 12.75 -60.26
CA GLN E 90 -0.36 11.89 -59.48
C GLN E 90 -0.91 12.70 -58.31
N GLN E 91 -2.22 12.87 -58.29
CA GLN E 91 -2.90 13.63 -57.24
C GLN E 91 -3.49 12.65 -56.23
N TYR E 92 -2.94 12.65 -55.02
CA TYR E 92 -3.42 11.78 -53.94
C TYR E 92 -4.23 12.53 -52.90
N GLY E 93 -4.99 13.54 -53.32
CA GLY E 93 -5.84 14.27 -52.42
C GLY E 93 -7.28 13.84 -52.48
N SER E 94 -7.60 12.99 -53.47
CA SER E 94 -8.93 12.46 -53.66
C SER E 94 -8.96 10.96 -53.34
N SER E 95 -10.15 10.39 -53.36
CA SER E 95 -10.28 8.96 -53.07
C SER E 95 -9.71 8.09 -54.18
N PRO E 96 -10.11 8.24 -55.45
CA PRO E 96 -9.48 7.43 -56.51
C PRO E 96 -8.21 8.08 -57.01
N PRO E 97 -7.07 7.41 -56.88
CA PRO E 97 -5.82 7.98 -57.39
C PRO E 97 -5.85 8.09 -58.91
N THR E 98 -5.52 9.27 -59.42
CA THR E 98 -5.52 9.54 -60.85
C THR E 98 -4.14 10.02 -61.28
N PHE E 99 -3.77 9.67 -62.51
CA PHE E 99 -2.48 10.01 -63.08
C PHE E 99 -2.67 11.03 -64.20
N GLY E 100 -1.56 11.38 -64.86
CA GLY E 100 -1.57 12.34 -65.93
C GLY E 100 -1.29 11.72 -67.29
N GLN E 101 -0.86 12.57 -68.23
CA GLN E 101 -0.59 12.12 -69.58
C GLN E 101 0.87 11.70 -69.76
N GLY E 102 1.80 12.60 -69.49
CA GLY E 102 3.23 12.28 -69.63
C GLY E 102 3.90 13.20 -70.61
N THR E 103 5.02 13.77 -70.19
CA THR E 103 5.81 14.69 -71.00
C THR E 103 7.17 14.06 -71.26
N LYS E 104 7.51 13.89 -72.54
CA LYS E 104 8.78 13.29 -72.95
C LYS E 104 9.75 14.41 -73.34
N VAL E 105 10.91 14.42 -72.69
CA VAL E 105 11.96 15.39 -72.99
C VAL E 105 13.01 14.70 -73.86
N GLU E 106 13.25 15.25 -75.05
CA GLU E 106 14.19 14.69 -76.01
C GLU E 106 15.42 15.57 -76.14
N ILE E 107 16.40 15.08 -76.89
CA ILE E 107 17.63 15.82 -77.11
C ILE E 107 17.43 16.78 -78.27
N LYS E 108 17.89 18.02 -78.10
CA LYS E 108 17.75 19.05 -79.12
C LYS E 108 19.05 19.16 -79.90
N ARG E 109 18.99 18.82 -81.19
CA ARG E 109 20.15 18.94 -82.07
C ARG E 109 19.80 19.72 -83.33
N THR E 110 20.72 19.73 -84.30
CA THR E 110 20.48 20.45 -85.54
C THR E 110 19.49 19.69 -86.41
N VAL E 111 18.67 20.44 -87.16
CA VAL E 111 17.69 19.83 -88.04
C VAL E 111 18.41 19.17 -89.21
N ALA E 112 18.00 17.95 -89.54
CA ALA E 112 18.61 17.18 -90.61
C ALA E 112 17.52 16.56 -91.47
N ALA E 113 17.77 16.50 -92.78
CA ALA E 113 16.83 15.92 -93.73
C ALA E 113 17.04 14.41 -93.83
N PRO E 114 15.95 13.66 -93.99
CA PRO E 114 16.07 12.20 -94.10
C PRO E 114 16.59 11.79 -95.48
N SER E 115 16.70 10.48 -95.68
CA SER E 115 17.17 9.90 -96.93
C SER E 115 16.14 8.85 -97.37
N VAL E 116 15.37 9.17 -98.40
CA VAL E 116 14.28 8.29 -98.82
C VAL E 116 14.85 7.13 -99.62
N PHE E 117 14.38 5.91 -99.29
CA PHE E 117 14.77 4.70 -100.00
C PHE E 117 13.53 3.82 -100.14
N ILE E 118 13.24 3.39 -101.36
CA ILE E 118 12.10 2.52 -101.65
C ILE E 118 12.64 1.15 -102.06
N PHE E 119 12.12 0.10 -101.43
CA PHE E 119 12.54 -1.27 -101.74
C PHE E 119 11.44 -1.98 -102.53
N PRO E 120 11.62 -2.17 -103.83
CA PRO E 120 10.59 -2.87 -104.62
C PRO E 120 10.48 -4.33 -104.20
N PRO E 121 9.38 -5.00 -104.54
CA PRO E 121 9.21 -6.40 -104.16
C PRO E 121 10.30 -7.27 -104.76
N SER E 122 10.70 -8.29 -104.00
CA SER E 122 11.74 -9.22 -104.42
C SER E 122 11.15 -10.26 -105.37
N ASP E 123 11.93 -11.31 -105.66
CA ASP E 123 11.46 -12.36 -106.56
C ASP E 123 10.30 -13.13 -105.95
N GLU E 124 10.44 -13.57 -104.70
CA GLU E 124 9.38 -14.30 -104.01
C GLU E 124 8.48 -13.35 -103.21
N GLN E 125 8.01 -12.30 -103.88
CA GLN E 125 7.13 -11.33 -103.23
C GLN E 125 5.85 -11.09 -104.02
N LEU E 126 5.91 -11.12 -105.34
CA LEU E 126 4.73 -10.97 -106.18
C LEU E 126 3.98 -12.28 -106.40
N LYS E 127 4.47 -13.38 -105.84
CA LYS E 127 3.82 -14.67 -105.96
C LYS E 127 3.16 -15.15 -104.68
N SER E 128 3.64 -14.70 -103.51
CA SER E 128 3.06 -15.10 -102.23
C SER E 128 2.00 -14.13 -101.73
N GLY E 129 1.88 -12.94 -102.33
CA GLY E 129 0.89 -11.98 -101.89
C GLY E 129 1.23 -11.28 -100.60
N THR E 130 2.51 -10.95 -100.40
CA THR E 130 2.98 -10.29 -99.18
C THR E 130 3.89 -9.13 -99.53
N ALA E 131 3.44 -8.28 -100.47
CA ALA E 131 4.22 -7.13 -100.89
C ALA E 131 4.47 -6.20 -99.71
N SER E 132 5.74 -6.09 -99.31
CA SER E 132 6.10 -5.31 -98.14
C SER E 132 7.09 -4.19 -98.48
N VAL E 133 6.78 -3.44 -99.53
CA VAL E 133 7.62 -2.31 -99.96
C VAL E 133 7.82 -1.36 -98.79
N VAL E 134 9.08 -1.14 -98.41
CA VAL E 134 9.43 -0.33 -97.25
C VAL E 134 10.00 0.99 -97.75
N CYS E 135 9.54 2.09 -97.17
CA CYS E 135 10.09 3.42 -97.41
C CYS E 135 10.84 3.85 -96.15
N LEU E 136 12.16 3.85 -96.23
CA LEU E 136 13.01 4.11 -95.06
C LEU E 136 13.31 5.59 -94.97
N LEU E 137 12.96 6.20 -93.84
CA LEU E 137 13.27 7.61 -93.56
C LEU E 137 14.20 7.63 -92.34
N ASN E 138 15.51 7.63 -92.62
CA ASN E 138 16.53 7.53 -91.60
C ASN E 138 17.26 8.86 -91.41
N ASN E 139 17.68 9.11 -90.17
CA ASN E 139 18.47 10.28 -89.80
C ASN E 139 17.71 11.58 -90.13
N PHE E 140 16.58 11.75 -89.46
CA PHE E 140 15.77 12.96 -89.57
C PHE E 140 15.48 13.45 -88.16
N TYR E 141 15.78 14.72 -87.89
CA TYR E 141 15.62 15.25 -86.53
C TYR E 141 14.17 15.48 -86.14
N PRO E 142 13.32 16.18 -86.93
CA PRO E 142 11.93 16.37 -86.49
C PRO E 142 11.14 15.07 -86.59
N ARG E 143 10.84 14.48 -85.43
CA ARG E 143 10.13 13.20 -85.38
C ARG E 143 8.71 13.34 -85.88
N GLU E 144 8.24 14.56 -86.06
CA GLU E 144 6.93 14.82 -86.66
C GLU E 144 7.01 14.52 -88.15
N ALA E 145 6.41 13.42 -88.58
CA ALA E 145 6.50 12.98 -89.96
C ALA E 145 5.10 12.74 -90.50
N LYS E 146 4.87 13.19 -91.74
CA LYS E 146 3.61 13.06 -92.44
C LYS E 146 3.83 12.40 -93.80
N VAL E 147 4.57 11.29 -93.80
CA VAL E 147 4.90 10.59 -95.03
C VAL E 147 3.61 10.15 -95.71
N GLN E 148 3.40 10.59 -96.95
CA GLN E 148 2.23 10.26 -97.74
C GLN E 148 2.65 9.28 -98.82
N TRP E 149 2.50 7.98 -98.54
CA TRP E 149 2.85 6.94 -99.49
C TRP E 149 1.83 6.95 -100.63
N LYS E 150 2.24 7.47 -101.78
CA LYS E 150 1.37 7.56 -102.95
C LYS E 150 1.24 6.18 -103.58
N VAL E 151 0.38 5.37 -102.97
CA VAL E 151 0.14 4.02 -103.48
C VAL E 151 -0.83 3.99 -104.65
N ASP E 152 -1.59 5.06 -104.86
CA ASP E 152 -2.57 5.12 -105.93
C ASP E 152 -2.52 6.53 -106.53
N ASN E 153 -3.55 6.87 -107.31
CA ASN E 153 -3.62 8.19 -107.92
C ASN E 153 -3.69 9.31 -106.89
N ALA E 154 -4.12 9.00 -105.67
CA ALA E 154 -4.22 9.98 -104.59
C ALA E 154 -3.34 9.53 -103.43
N LEU E 155 -3.31 10.34 -102.38
CA LEU E 155 -2.52 10.06 -101.19
C LEU E 155 -3.32 9.29 -100.15
N GLN E 156 -3.90 8.17 -100.57
CA GLN E 156 -4.71 7.35 -99.67
C GLN E 156 -3.82 6.42 -98.86
N SER E 157 -4.37 5.90 -97.76
CA SER E 157 -3.63 4.95 -96.93
C SER E 157 -3.63 3.56 -97.55
N GLY E 158 -4.81 3.03 -97.85
CA GLY E 158 -4.91 1.71 -98.45
C GLY E 158 -4.39 0.61 -97.55
N ASN E 159 -3.25 0.02 -97.93
CA ASN E 159 -2.60 -1.03 -97.15
C ASN E 159 -1.29 -0.53 -96.51
N SER E 160 -1.14 0.79 -96.37
CA SER E 160 0.04 1.38 -95.77
C SER E 160 -0.43 2.28 -94.63
N GLN E 161 -0.61 1.69 -93.44
CA GLN E 161 -1.04 2.41 -92.26
C GLN E 161 -0.24 1.96 -91.04
N GLU E 162 1.05 1.70 -91.25
CA GLU E 162 1.91 1.22 -90.17
C GLU E 162 2.15 2.31 -89.13
N SER E 163 2.68 3.46 -89.57
CA SER E 163 3.02 4.57 -88.68
C SER E 163 3.96 4.12 -87.56
N VAL E 164 5.01 3.40 -87.96
CA VAL E 164 5.97 2.88 -86.99
C VAL E 164 6.72 4.03 -86.35
N THR E 165 6.60 4.14 -85.02
CA THR E 165 7.28 5.20 -84.28
C THR E 165 8.73 4.81 -84.06
N GLU E 166 9.45 5.60 -83.26
CA GLU E 166 10.86 5.37 -82.98
C GLU E 166 11.14 5.81 -81.55
N GLN E 167 12.42 5.86 -81.20
CA GLN E 167 12.85 6.27 -79.87
C GLN E 167 14.05 7.20 -80.00
N ASP E 168 14.39 7.86 -78.89
CA ASP E 168 15.53 8.77 -78.86
C ASP E 168 16.82 7.96 -78.93
N SER E 169 17.49 8.03 -80.07
CA SER E 169 18.70 7.26 -80.30
C SER E 169 19.89 7.91 -79.57
N LYS E 170 21.07 7.34 -79.79
CA LYS E 170 22.28 7.87 -79.14
C LYS E 170 22.69 9.21 -79.72
N ASP E 171 22.66 9.33 -81.05
CA ASP E 171 23.03 10.57 -81.73
C ASP E 171 21.86 11.52 -81.91
N SER E 172 20.80 11.36 -81.10
CA SER E 172 19.62 12.24 -81.11
C SER E 172 18.90 12.24 -82.45
N THR E 173 19.13 11.22 -83.27
CA THR E 173 18.43 11.09 -84.55
C THR E 173 17.32 10.04 -84.43
N TYR E 174 16.46 10.00 -85.46
CA TYR E 174 15.33 9.09 -85.49
C TYR E 174 15.23 8.44 -86.86
N SER E 175 14.52 7.33 -86.92
CA SER E 175 14.31 6.59 -88.16
C SER E 175 12.88 6.12 -88.22
N LEU E 176 12.25 6.29 -89.39
CA LEU E 176 10.87 5.89 -89.60
C LEU E 176 10.79 4.93 -90.79
N SER E 177 9.88 3.96 -90.69
CA SER E 177 9.67 2.97 -91.73
C SER E 177 8.24 3.04 -92.23
N SER E 178 8.06 2.78 -93.53
CA SER E 178 6.74 2.80 -94.17
C SER E 178 6.62 1.54 -95.03
N THR E 179 6.11 0.47 -94.44
CA THR E 179 5.95 -0.81 -95.12
C THR E 179 4.52 -0.99 -95.62
N LEU E 180 4.37 -1.87 -96.60
CA LEU E 180 3.07 -2.19 -97.19
C LEU E 180 2.63 -3.58 -96.76
N THR E 181 1.35 -3.86 -96.97
CA THR E 181 0.76 -5.14 -96.60
C THR E 181 -0.13 -5.74 -97.68
N LEU E 182 -0.37 -5.04 -98.79
CA LEU E 182 -1.24 -5.55 -99.83
C LEU E 182 -0.63 -6.77 -100.51
N SER E 183 -1.49 -7.62 -101.07
CA SER E 183 -1.07 -8.81 -101.79
C SER E 183 -0.76 -8.43 -103.24
N LYS E 184 -0.60 -9.44 -104.09
CA LYS E 184 -0.31 -9.19 -105.50
C LYS E 184 -1.58 -8.90 -106.29
N ALA E 185 -2.38 -7.97 -105.78
CA ALA E 185 -3.60 -7.53 -106.47
C ALA E 185 -3.58 -6.04 -106.78
N ASP E 186 -3.20 -5.20 -105.82
CA ASP E 186 -3.13 -3.76 -106.06
C ASP E 186 -1.81 -3.37 -106.71
N TYR E 187 -0.70 -3.89 -106.18
CA TYR E 187 0.61 -3.57 -106.74
C TYR E 187 0.82 -4.17 -108.13
N GLU E 188 0.09 -5.24 -108.45
CA GLU E 188 0.22 -5.84 -109.78
C GLU E 188 -0.28 -4.90 -110.87
N LYS E 189 -1.27 -4.06 -110.55
CA LYS E 189 -1.80 -3.11 -111.53
C LYS E 189 -2.39 -1.95 -110.75
N HIS E 190 -1.75 -0.78 -110.84
CA HIS E 190 -2.21 0.42 -110.14
C HIS E 190 -1.83 1.63 -110.96
N LYS E 191 -1.88 2.81 -110.33
CA LYS E 191 -1.62 4.06 -111.03
C LYS E 191 -0.15 4.49 -110.89
N VAL E 192 0.32 4.68 -109.66
CA VAL E 192 1.66 5.17 -109.42
C VAL E 192 2.07 4.77 -108.01
N TYR E 193 3.37 4.51 -107.84
CA TYR E 193 3.95 4.18 -106.53
C TYR E 193 5.19 5.04 -106.33
N ALA E 194 5.09 6.04 -105.46
CA ALA E 194 6.22 6.92 -105.17
C ALA E 194 6.06 7.43 -103.74
N CYS E 195 7.00 7.07 -102.87
CA CYS E 195 6.95 7.48 -101.47
C CYS E 195 7.23 8.97 -101.36
N GLU E 196 6.21 9.75 -101.08
CA GLU E 196 6.34 11.19 -100.88
C GLU E 196 6.35 11.50 -99.39
N VAL E 197 7.28 12.35 -98.98
CA VAL E 197 7.50 12.67 -97.57
C VAL E 197 7.35 14.18 -97.41
N THR E 198 6.30 14.61 -96.69
CA THR E 198 6.12 16.02 -96.37
C THR E 198 6.79 16.33 -95.03
N HIS E 199 8.11 16.22 -95.03
CA HIS E 199 8.92 16.39 -93.84
C HIS E 199 9.10 17.86 -93.50
N GLN E 200 9.23 18.14 -92.20
CA GLN E 200 9.44 19.50 -91.72
C GLN E 200 10.84 19.96 -92.09
N GLY E 201 10.93 20.80 -93.12
CA GLY E 201 12.21 21.27 -93.61
C GLY E 201 12.31 21.24 -95.12
N LEU E 202 11.55 20.34 -95.74
CA LEU E 202 11.50 20.24 -97.19
C LEU E 202 10.06 20.33 -97.67
N SER E 203 9.83 20.11 -98.96
CA SER E 203 8.49 20.16 -99.53
C SER E 203 8.02 18.78 -99.98
N SER E 204 8.77 18.10 -100.84
CA SER E 204 8.41 16.76 -101.29
C SER E 204 9.64 16.06 -101.87
N PRO E 205 10.61 15.66 -101.05
CA PRO E 205 11.79 14.97 -101.60
C PRO E 205 11.48 13.52 -101.98
N VAL E 206 11.43 13.25 -103.28
CA VAL E 206 11.18 11.91 -103.80
C VAL E 206 12.46 11.44 -104.49
N THR E 207 13.00 10.31 -104.02
CA THR E 207 14.24 9.77 -104.55
C THR E 207 14.14 8.25 -104.61
N LYS E 208 14.61 7.68 -105.72
CA LYS E 208 14.64 6.24 -105.93
C LYS E 208 13.24 5.64 -105.81
N SER E 209 12.37 6.05 -106.74
CA SER E 209 10.99 5.57 -106.79
C SER E 209 10.72 4.99 -108.17
N PHE E 210 9.94 3.92 -108.20
CA PHE E 210 9.61 3.22 -109.44
C PHE E 210 8.09 3.27 -109.64
N ASN E 211 7.68 3.83 -110.77
CA ASN E 211 6.25 3.92 -111.08
C ASN E 211 5.71 2.55 -111.47
N ARG E 212 4.62 2.14 -110.81
CA ARG E 212 3.98 0.86 -111.08
C ARG E 212 4.96 -0.30 -110.94
N GLN F 1 57.72 -1.34 -55.10
CA GLN F 1 56.65 -1.85 -55.94
C GLN F 1 55.95 -0.70 -56.68
N VAL F 2 55.66 0.37 -55.95
CA VAL F 2 55.04 1.55 -56.53
C VAL F 2 56.12 2.54 -56.93
N GLN F 3 56.08 2.98 -58.19
CA GLN F 3 57.06 3.94 -58.70
C GLN F 3 56.76 5.32 -58.11
N LEU F 4 57.62 5.78 -57.22
CA LEU F 4 57.45 7.09 -56.59
C LEU F 4 58.27 8.13 -57.33
N VAL F 5 57.65 9.28 -57.60
CA VAL F 5 58.28 10.38 -58.32
C VAL F 5 58.54 11.50 -57.32
N GLN F 6 59.80 11.91 -57.21
CA GLN F 6 60.21 12.98 -56.31
C GLN F 6 60.66 14.19 -57.13
N SER F 7 61.13 15.21 -56.43
CA SER F 7 61.63 16.42 -57.07
C SER F 7 63.02 16.19 -57.63
N GLY F 8 63.37 16.97 -58.66
CA GLY F 8 64.66 16.85 -59.29
C GLY F 8 65.81 17.32 -58.41
N ALA F 9 65.85 18.62 -58.13
CA ALA F 9 66.90 19.20 -57.31
C ALA F 9 66.45 20.56 -56.82
N GLU F 10 66.85 20.90 -55.59
CA GLU F 10 66.50 22.18 -54.97
C GLU F 10 67.75 22.70 -54.25
N VAL F 11 68.50 23.55 -54.93
CA VAL F 11 69.72 24.13 -54.38
C VAL F 11 69.34 25.42 -53.65
N LYS F 12 69.54 25.44 -52.34
CA LYS F 12 69.21 26.59 -51.51
C LYS F 12 70.38 26.94 -50.62
N ARG F 13 70.22 28.03 -49.87
CA ARG F 13 71.23 28.52 -48.94
C ARG F 13 70.77 28.33 -47.50
N PRO F 14 71.71 28.28 -46.54
CA PRO F 14 71.32 28.18 -45.14
C PRO F 14 70.47 29.35 -44.68
N GLY F 15 69.22 29.08 -44.32
CA GLY F 15 68.31 30.13 -43.90
C GLY F 15 67.01 30.11 -44.68
N SER F 16 66.88 29.16 -45.60
CA SER F 16 65.70 29.04 -46.44
C SER F 16 65.18 27.61 -46.37
N SER F 17 63.86 27.46 -46.32
CA SER F 17 63.23 26.16 -46.23
C SER F 17 62.88 25.64 -47.62
N VAL F 18 62.63 24.33 -47.70
CA VAL F 18 62.29 23.65 -48.94
C VAL F 18 61.00 22.86 -48.75
N LYS F 19 60.40 22.49 -49.87
CA LYS F 19 59.14 21.72 -49.90
C LYS F 19 59.25 20.66 -50.99
N VAL F 20 59.66 19.45 -50.61
CA VAL F 20 59.75 18.36 -51.57
C VAL F 20 58.40 17.66 -51.69
N SER F 21 58.23 16.96 -52.81
CA SER F 21 57.00 16.24 -53.10
C SER F 21 57.30 14.79 -53.44
N CYS F 22 56.29 13.95 -53.28
CA CYS F 22 56.42 12.52 -53.58
C CYS F 22 55.04 11.99 -53.93
N LYS F 23 54.82 11.70 -55.21
CA LYS F 23 53.54 11.22 -55.70
C LYS F 23 53.58 9.70 -55.86
N ALA F 24 52.42 9.07 -55.68
CA ALA F 24 52.25 7.63 -55.81
C ALA F 24 51.17 7.35 -56.83
N SER F 25 51.44 6.40 -57.74
CA SER F 25 50.50 6.04 -58.80
C SER F 25 50.41 4.53 -58.93
N GLY F 26 50.42 3.82 -57.81
CA GLY F 26 50.32 2.38 -57.82
C GLY F 26 49.09 1.86 -57.11
N ASP F 27 48.61 2.60 -56.12
CA ASP F 27 47.44 2.22 -55.34
C ASP F 27 46.90 3.46 -54.64
N THR F 28 45.97 3.25 -53.72
CA THR F 28 45.38 4.37 -52.99
C THR F 28 46.35 4.91 -51.95
N PHE F 29 46.24 6.21 -51.68
CA PHE F 29 47.17 6.88 -50.76
C PHE F 29 46.74 6.74 -49.31
N ILE F 30 45.45 6.53 -49.05
CA ILE F 30 44.97 6.52 -47.67
C ILE F 30 45.30 5.20 -46.95
N ASN F 31 45.44 4.10 -47.68
CA ASN F 31 45.70 2.81 -47.04
C ASN F 31 47.13 2.75 -46.51
N TYR F 32 48.11 2.95 -47.38
CA TYR F 32 49.50 2.85 -47.01
C TYR F 32 50.06 4.20 -46.57
N ALA F 33 51.12 4.14 -45.77
CA ALA F 33 51.79 5.33 -45.25
C ALA F 33 53.16 5.50 -45.92
N PHE F 34 53.70 6.70 -45.78
CA PHE F 34 54.99 7.05 -46.38
C PHE F 34 55.89 7.67 -45.32
N SER F 35 57.19 7.58 -45.56
CA SER F 35 58.20 8.12 -44.66
C SER F 35 59.31 8.77 -45.48
N TRP F 36 60.27 9.37 -44.78
CA TRP F 36 61.39 10.04 -45.42
C TRP F 36 62.68 9.72 -44.69
N VAL F 37 63.73 9.46 -45.45
CA VAL F 37 65.06 9.16 -44.91
C VAL F 37 66.09 9.93 -45.72
N ARG F 38 67.18 10.31 -45.07
CA ARG F 38 68.26 11.06 -45.71
C ARG F 38 69.42 10.13 -46.05
N GLN F 39 70.22 10.56 -47.03
CA GLN F 39 71.37 9.81 -47.53
C GLN F 39 72.58 10.74 -47.65
N ALA F 40 72.84 11.51 -46.59
CA ALA F 40 73.94 12.46 -46.62
C ALA F 40 75.27 11.75 -46.85
N PRO F 41 76.16 12.33 -47.65
CA PRO F 41 77.46 11.69 -47.91
C PRO F 41 78.28 11.56 -46.64
N GLY F 42 78.71 10.35 -46.34
CA GLY F 42 79.47 10.08 -45.13
C GLY F 42 78.67 9.29 -44.12
N GLN F 43 77.38 9.58 -44.04
CA GLN F 43 76.48 8.88 -43.13
C GLN F 43 75.63 7.87 -43.91
N GLY F 44 74.73 7.21 -43.20
CA GLY F 44 73.85 6.23 -43.81
C GLY F 44 72.42 6.71 -43.93
N LEU F 45 71.47 5.82 -43.66
CA LEU F 45 70.05 6.14 -43.70
C LEU F 45 69.53 6.32 -42.29
N GLU F 46 68.81 7.42 -42.05
CA GLU F 46 68.24 7.72 -40.75
C GLU F 46 66.77 8.09 -40.91
N TRP F 47 65.91 7.39 -40.18
CA TRP F 47 64.48 7.67 -40.23
C TRP F 47 64.20 9.03 -39.62
N MET F 48 63.68 9.95 -40.43
CA MET F 48 63.39 11.30 -39.96
C MET F 48 61.95 11.45 -39.48
N GLY F 49 60.98 10.95 -40.25
CA GLY F 49 59.59 11.07 -39.86
C GLY F 49 58.72 10.16 -40.67
N ARG F 50 57.48 10.01 -40.21
CA ARG F 50 56.50 9.17 -40.88
C ARG F 50 55.11 9.67 -40.50
N ILE F 51 54.23 9.76 -41.50
CA ILE F 51 52.87 10.24 -41.31
C ILE F 51 51.90 9.16 -41.79
N ILE F 52 50.82 8.96 -41.05
CA ILE F 52 49.77 8.01 -41.41
C ILE F 52 48.65 8.80 -42.10
N PRO F 53 48.38 8.55 -43.39
CA PRO F 53 47.38 9.36 -44.09
C PRO F 53 45.97 9.19 -43.54
N ILE F 54 45.57 7.97 -43.17
CA ILE F 54 44.22 7.75 -42.70
C ILE F 54 44.00 8.36 -41.32
N LEU F 55 45.00 8.24 -40.43
CA LEU F 55 44.90 8.79 -39.09
C LEU F 55 45.35 10.24 -39.01
N ASP F 56 46.00 10.77 -40.05
CA ASP F 56 46.46 12.16 -40.11
C ASP F 56 47.44 12.49 -38.98
N ILE F 57 48.11 11.48 -38.42
CA ILE F 57 49.10 11.68 -37.38
C ILE F 57 50.49 11.48 -37.97
N ALA F 58 51.45 12.24 -37.45
CA ALA F 58 52.82 12.20 -37.93
C ALA F 58 53.77 11.88 -36.78
N HIS F 59 54.92 11.29 -37.13
CA HIS F 59 55.95 10.94 -36.18
C HIS F 59 57.24 11.65 -36.54
N TYR F 60 58.14 11.73 -35.56
CA TYR F 60 59.43 12.39 -35.75
C TYR F 60 60.50 11.62 -34.99
N ALA F 61 61.76 11.86 -35.37
CA ALA F 61 62.90 11.20 -34.75
C ALA F 61 63.25 11.91 -33.45
N GLN F 62 64.39 11.54 -32.87
CA GLN F 62 64.85 12.13 -31.62
C GLN F 62 65.62 13.43 -31.83
N LYS F 63 66.43 13.49 -32.88
CA LYS F 63 67.21 14.68 -33.18
C LYS F 63 66.59 15.57 -34.25
N PHE F 64 65.69 15.02 -35.08
CA PHE F 64 65.00 15.81 -36.09
C PHE F 64 63.69 16.41 -35.58
N GLN F 65 63.33 16.17 -34.33
CA GLN F 65 62.10 16.70 -33.78
C GLN F 65 62.23 18.20 -33.54
N GLY F 66 61.30 18.98 -34.09
CA GLY F 66 61.32 20.42 -33.93
C GLY F 66 61.63 21.15 -35.22
N ARG F 67 62.56 20.62 -36.00
CA ARG F 67 62.94 21.19 -37.29
C ARG F 67 62.36 20.42 -38.47
N LEU F 68 61.33 19.61 -38.24
CA LEU F 68 60.71 18.80 -39.27
C LEU F 68 59.20 18.92 -39.20
N THR F 69 58.56 18.99 -40.37
CA THR F 69 57.11 19.07 -40.48
C THR F 69 56.69 18.27 -41.71
N ILE F 70 56.25 17.04 -41.49
CA ILE F 70 55.86 16.13 -42.57
C ILE F 70 54.34 16.09 -42.63
N THR F 71 53.80 16.34 -43.82
CA THR F 71 52.36 16.34 -44.05
C THR F 71 52.04 15.41 -45.22
N ALA F 72 50.75 15.22 -45.48
CA ALA F 72 50.30 14.35 -46.55
C ALA F 72 49.10 15.00 -47.25
N ASP F 73 49.05 14.86 -48.57
CA ASP F 73 47.96 15.39 -49.39
C ASP F 73 47.24 14.21 -50.03
N LYS F 74 46.14 13.78 -49.42
CA LYS F 74 45.38 12.65 -49.92
C LYS F 74 44.56 12.98 -51.16
N SER F 75 44.45 14.26 -51.54
CA SER F 75 43.67 14.62 -52.71
C SER F 75 44.40 14.23 -53.99
N THR F 76 45.72 14.42 -54.03
CA THR F 76 46.52 14.09 -55.21
C THR F 76 47.53 12.98 -54.93
N ASP F 77 47.42 12.29 -53.80
CA ASP F 77 48.33 11.19 -53.43
C ASP F 77 49.77 11.67 -53.41
N THR F 78 50.00 12.86 -52.85
CA THR F 78 51.32 13.48 -52.77
C THR F 78 51.69 13.71 -51.32
N ALA F 79 52.95 13.45 -50.99
CA ALA F 79 53.47 13.64 -49.64
C ALA F 79 54.40 14.83 -49.60
N TYR F 80 54.29 15.64 -48.55
CA TYR F 80 55.10 16.82 -48.36
C TYR F 80 55.98 16.67 -47.12
N MET F 81 57.17 17.27 -47.18
CA MET F 81 58.13 17.21 -46.08
C MET F 81 58.82 18.55 -45.97
N GLU F 82 58.64 19.22 -44.84
CA GLU F 82 59.19 20.56 -44.61
C GLU F 82 60.46 20.45 -43.77
N LEU F 83 61.50 21.16 -44.22
CA LEU F 83 62.79 21.18 -43.55
C LEU F 83 63.00 22.57 -42.94
N THR F 84 62.75 22.69 -41.64
CA THR F 84 62.88 23.97 -40.95
C THR F 84 64.32 24.18 -40.51
N SER F 85 64.82 25.40 -40.70
CA SER F 85 66.16 25.80 -40.28
C SER F 85 67.23 24.91 -40.92
N LEU F 86 67.30 24.98 -42.25
CA LEU F 86 68.30 24.23 -43.00
C LEU F 86 69.69 24.81 -42.74
N LYS F 87 70.53 24.04 -42.05
CA LYS F 87 71.88 24.47 -41.76
C LYS F 87 72.82 23.98 -42.86
N SER F 88 74.13 24.13 -42.64
CA SER F 88 75.12 23.70 -43.63
C SER F 88 75.40 22.21 -43.59
N ASP F 89 74.92 21.50 -42.55
CA ASP F 89 75.13 20.07 -42.42
C ASP F 89 73.92 19.26 -42.82
N ASP F 90 73.00 19.84 -43.58
CA ASP F 90 71.78 19.17 -44.01
C ASP F 90 71.83 18.74 -45.48
N THR F 91 73.01 18.75 -46.09
CA THR F 91 73.17 18.29 -47.47
C THR F 91 72.97 16.78 -47.52
N ALA F 92 71.82 16.35 -48.03
CA ALA F 92 71.48 14.93 -48.03
C ALA F 92 70.57 14.63 -49.20
N VAL F 93 70.57 13.36 -49.62
CA VAL F 93 69.69 12.88 -50.69
C VAL F 93 68.45 12.32 -50.00
N TYR F 94 67.42 13.14 -49.88
CA TYR F 94 66.19 12.75 -49.20
C TYR F 94 65.39 11.82 -50.09
N PHE F 95 65.30 10.56 -49.69
CA PHE F 95 64.53 9.57 -50.44
C PHE F 95 63.11 9.47 -49.91
N CYS F 96 62.20 9.02 -50.77
CA CYS F 96 60.81 8.78 -50.42
C CYS F 96 60.52 7.29 -50.49
N ALA F 97 59.84 6.78 -49.47
CA ALA F 97 59.53 5.36 -49.37
C ALA F 97 58.15 5.17 -48.76
N ARG F 98 57.53 4.04 -49.09
CA ARG F 98 56.21 3.69 -48.59
C ARG F 98 56.35 2.64 -47.49
N VAL F 99 55.61 2.84 -46.40
CA VAL F 99 55.63 1.93 -45.26
C VAL F 99 54.23 1.43 -45.00
N PHE F 100 54.13 0.45 -44.11
CA PHE F 100 52.86 -0.13 -43.71
C PHE F 100 52.46 0.41 -42.35
N ARG F 101 51.18 0.79 -42.21
CA ARG F 101 50.70 1.33 -40.96
C ARG F 101 50.75 0.28 -39.85
N GLY F 102 51.38 0.64 -38.74
CA GLY F 102 51.54 -0.27 -37.63
C GLY F 102 52.69 0.15 -36.74
N SER F 103 52.97 -0.71 -35.77
CA SER F 103 54.07 -0.43 -34.84
C SER F 103 55.42 -0.55 -35.53
N GLN F 104 55.60 -1.58 -36.36
CA GLN F 104 56.83 -1.79 -37.09
C GLN F 104 56.55 -1.75 -38.59
N TYR F 105 57.51 -1.23 -39.35
CA TYR F 105 57.33 -1.06 -40.79
C TYR F 105 58.68 -1.14 -41.49
N TRP F 106 58.63 -1.46 -42.78
CA TRP F 106 59.82 -1.56 -43.62
C TRP F 106 59.62 -0.74 -44.88
N PHE F 107 60.74 -0.39 -45.52
CA PHE F 107 60.73 0.46 -46.71
C PHE F 107 60.93 -0.43 -47.93
N ASP F 108 59.83 -0.99 -48.42
CA ASP F 108 59.89 -1.86 -49.59
C ASP F 108 60.04 -1.06 -50.88
N PRO F 109 59.18 -0.07 -51.16
CA PRO F 109 59.36 0.73 -52.38
C PRO F 109 60.21 1.97 -52.14
N TRP F 110 60.87 2.40 -53.21
CA TRP F 110 61.74 3.57 -53.15
C TRP F 110 61.58 4.38 -54.43
N GLY F 111 62.22 5.55 -54.44
CA GLY F 111 62.21 6.42 -55.61
C GLY F 111 63.60 6.67 -56.15
N GLN F 112 63.93 7.94 -56.39
CA GLN F 112 65.26 8.31 -56.87
C GLN F 112 65.99 9.29 -55.97
N GLY F 113 65.29 9.99 -55.08
CA GLY F 113 65.96 10.91 -54.18
C GLY F 113 66.05 12.32 -54.73
N THR F 114 66.02 13.28 -53.83
CA THR F 114 66.13 14.71 -54.17
C THR F 114 67.40 15.26 -53.53
N LEU F 115 68.39 15.56 -54.36
CA LEU F 115 69.68 16.08 -53.89
C LEU F 115 69.49 17.54 -53.51
N VAL F 116 69.43 17.82 -52.21
CA VAL F 116 69.27 19.18 -51.69
C VAL F 116 70.59 19.55 -51.04
N THR F 117 71.43 20.28 -51.77
CA THR F 117 72.74 20.69 -51.29
C THR F 117 72.63 22.11 -50.71
N VAL F 118 72.61 22.19 -49.38
CA VAL F 118 72.48 23.50 -48.70
C VAL F 118 73.89 24.02 -48.48
N SER F 119 74.43 24.66 -49.51
CA SER F 119 75.78 25.22 -49.44
C SER F 119 75.93 26.49 -50.27
N SER F 120 74.83 27.17 -50.60
CA SER F 120 74.89 28.32 -51.49
C SER F 120 75.63 29.48 -50.84
N ALA F 121 76.77 29.85 -51.42
CA ALA F 121 77.52 31.01 -50.97
C ALA F 121 77.98 31.90 -52.12
N SER F 122 77.94 31.44 -53.36
CA SER F 122 78.31 32.24 -54.52
C SER F 122 77.72 31.60 -55.76
N THR F 123 77.80 32.32 -56.86
CA THR F 123 77.28 31.85 -58.15
C THR F 123 78.30 32.10 -59.26
N LYS F 124 79.55 31.75 -58.99
CA LYS F 124 80.62 31.95 -59.96
C LYS F 124 80.49 30.97 -61.12
N GLY F 125 80.96 31.41 -62.29
CA GLY F 125 80.92 30.59 -63.48
C GLY F 125 82.15 29.72 -63.63
N PRO F 126 82.00 28.60 -64.35
CA PRO F 126 83.14 27.69 -64.54
C PRO F 126 84.27 28.35 -65.30
N SER F 127 85.44 28.40 -64.65
CA SER F 127 86.66 28.96 -65.25
C SER F 127 87.61 27.79 -65.51
N VAL F 128 87.53 27.25 -66.72
CA VAL F 128 88.37 26.11 -67.10
C VAL F 128 89.82 26.58 -67.18
N PHE F 129 90.67 25.98 -66.34
CA PHE F 129 92.09 26.34 -66.32
C PHE F 129 92.86 25.52 -67.34
N PRO F 130 93.67 26.15 -68.19
CA PRO F 130 94.43 25.41 -69.22
C PRO F 130 95.65 24.68 -68.67
N LEU F 131 95.41 23.47 -68.17
CA LEU F 131 96.50 22.64 -67.65
C LEU F 131 97.49 22.31 -68.76
N ALA F 132 98.73 22.79 -68.60
CA ALA F 132 99.75 22.58 -69.61
C ALA F 132 100.25 21.14 -69.56
N PRO F 133 100.07 20.35 -70.62
CA PRO F 133 100.54 18.95 -70.63
C PRO F 133 102.00 18.81 -71.08
N SER F 134 102.91 19.08 -70.14
CA SER F 134 104.34 19.00 -70.43
C SER F 134 104.76 17.55 -70.68
N ALA F 143 101.97 12.11 -69.51
CA ALA F 143 101.51 13.43 -69.94
C ALA F 143 100.22 13.31 -70.76
N ALA F 144 99.09 13.24 -70.06
CA ALA F 144 97.79 13.12 -70.71
C ALA F 144 97.22 14.52 -70.96
N LEU F 145 95.95 14.58 -71.36
CA LEU F 145 95.26 15.84 -71.63
C LEU F 145 94.23 16.07 -70.54
N GLY F 146 94.39 17.17 -69.80
CA GLY F 146 93.48 17.49 -68.71
C GLY F 146 93.15 18.96 -68.67
N CYS F 147 91.99 19.27 -68.10
CA CYS F 147 91.52 20.64 -67.96
C CYS F 147 90.91 20.79 -66.57
N LEU F 148 91.52 21.62 -65.73
CA LEU F 148 91.04 21.84 -64.37
C LEU F 148 89.83 22.75 -64.40
N VAL F 149 88.69 22.25 -63.95
CA VAL F 149 87.44 23.01 -63.92
C VAL F 149 87.10 23.28 -62.47
N LYS F 150 87.33 24.51 -62.03
CA LYS F 150 87.05 24.93 -60.65
C LYS F 150 86.32 26.28 -60.66
N ASP F 151 86.14 26.84 -59.47
CA ASP F 151 85.59 28.18 -59.29
C ASP F 151 84.15 28.27 -59.80
N TYR F 152 83.38 27.22 -59.60
CA TYR F 152 81.96 27.23 -59.94
C TYR F 152 81.17 26.48 -58.88
N PHE F 153 80.12 27.12 -58.39
CA PHE F 153 79.29 26.55 -57.32
C PHE F 153 78.33 25.46 -57.81
N PRO F 154 77.46 25.73 -58.83
CA PRO F 154 76.44 24.73 -59.18
C PRO F 154 77.02 23.39 -59.58
N GLU F 155 76.71 22.35 -58.79
CA GLU F 155 77.26 21.01 -58.92
C GLU F 155 77.23 20.45 -60.34
N PRO F 156 76.06 20.38 -61.03
CA PRO F 156 76.00 19.66 -62.31
C PRO F 156 76.68 20.46 -63.41
N VAL F 157 77.87 20.02 -63.82
CA VAL F 157 78.59 20.61 -64.94
C VAL F 157 78.56 19.64 -66.10
N THR F 158 78.62 20.18 -67.33
CA THR F 158 78.54 19.34 -68.54
C THR F 158 79.94 19.18 -69.12
N VAL F 159 80.60 18.11 -68.68
CA VAL F 159 81.92 17.76 -69.20
C VAL F 159 81.75 16.84 -70.41
N SER F 160 82.41 17.19 -71.51
CA SER F 160 82.38 16.39 -72.73
C SER F 160 83.76 16.00 -73.22
N TRP F 161 84.74 16.90 -73.15
CA TRP F 161 86.11 16.64 -73.54
C TRP F 161 86.19 16.19 -75.01
N ASN F 162 85.68 17.05 -75.89
CA ASN F 162 85.66 16.81 -77.33
C ASN F 162 84.96 15.47 -77.64
N SER F 163 83.68 15.44 -77.27
CA SER F 163 82.89 14.21 -77.33
C SER F 163 82.92 13.63 -78.74
N GLY F 164 83.13 12.32 -78.82
CA GLY F 164 83.24 11.63 -80.09
C GLY F 164 84.67 11.45 -80.57
N ALA F 165 85.39 12.56 -80.74
CA ALA F 165 86.76 12.48 -81.22
C ALA F 165 87.72 12.09 -80.12
N LEU F 166 87.76 12.86 -79.04
CA LEU F 166 88.72 12.69 -77.96
C LEU F 166 88.04 12.17 -76.69
N THR F 167 87.10 11.24 -76.85
CA THR F 167 86.40 10.63 -75.73
C THR F 167 86.96 9.26 -75.36
N SER F 168 88.25 9.04 -75.60
CA SER F 168 88.88 7.76 -75.32
C SER F 168 89.27 7.72 -73.84
N GLY F 169 88.39 7.17 -73.02
CA GLY F 169 88.67 7.05 -71.59
C GLY F 169 88.68 8.37 -70.85
N VAL F 170 87.52 9.01 -70.76
CA VAL F 170 87.39 10.28 -70.05
C VAL F 170 87.11 9.93 -68.59
N HIS F 171 88.18 9.71 -67.84
CA HIS F 171 88.08 9.32 -66.43
C HIS F 171 87.91 10.57 -65.59
N THR F 172 86.70 10.81 -65.12
CA THR F 172 86.37 11.98 -64.32
C THR F 172 86.46 11.66 -62.82
N PHE F 173 86.57 12.71 -62.02
CA PHE F 173 86.71 12.58 -60.58
C PHE F 173 85.67 13.48 -59.90
N PRO F 174 84.87 12.94 -58.98
CA PRO F 174 83.89 13.79 -58.28
C PRO F 174 84.56 14.92 -57.52
N ALA F 175 83.88 16.07 -57.48
CA ALA F 175 84.41 17.26 -56.87
C ALA F 175 84.30 17.19 -55.34
N VAL F 176 84.96 18.14 -54.69
CA VAL F 176 84.95 18.26 -53.23
C VAL F 176 84.39 19.63 -52.86
N LEU F 177 83.97 19.76 -51.61
CA LEU F 177 83.37 20.98 -51.10
C LEU F 177 84.47 21.88 -50.52
N GLN F 178 84.73 22.99 -51.19
CA GLN F 178 85.71 23.95 -50.74
C GLN F 178 85.04 25.01 -49.86
N SER F 179 85.77 26.09 -49.55
CA SER F 179 85.23 27.14 -48.70
C SER F 179 84.07 27.85 -49.38
N SER F 180 84.31 28.42 -50.57
CA SER F 180 83.29 29.15 -51.31
C SER F 180 82.63 28.30 -52.38
N GLY F 181 82.53 27.00 -52.16
CA GLY F 181 81.90 26.11 -53.13
C GLY F 181 82.67 25.95 -54.42
N LEU F 182 84.00 26.01 -54.37
CA LEU F 182 84.83 25.86 -55.55
C LEU F 182 85.00 24.37 -55.85
N TYR F 183 83.94 23.80 -56.43
CA TYR F 183 83.92 22.36 -56.71
C TYR F 183 84.96 22.03 -57.78
N SER F 184 85.89 21.13 -57.44
CA SER F 184 86.96 20.74 -58.34
C SER F 184 86.60 19.46 -59.08
N LEU F 185 85.63 19.59 -59.99
CA LEU F 185 85.18 18.46 -60.81
C LEU F 185 86.02 18.43 -62.08
N SER F 186 87.24 17.91 -61.95
CA SER F 186 88.17 17.84 -63.06
C SER F 186 87.96 16.56 -63.86
N SER F 187 88.57 16.53 -65.05
CA SER F 187 88.46 15.38 -65.93
C SER F 187 89.68 15.35 -66.84
N VAL F 188 90.31 14.19 -66.94
CA VAL F 188 91.52 13.99 -67.73
C VAL F 188 91.31 12.80 -68.65
N VAL F 189 91.52 13.01 -69.95
CA VAL F 189 91.38 11.95 -70.95
C VAL F 189 92.75 11.36 -71.22
N THR F 190 92.81 10.03 -71.29
CA THR F 190 94.06 9.34 -71.54
C THR F 190 94.54 9.62 -72.97
N VAL F 191 95.86 9.76 -73.12
CA VAL F 191 96.46 10.01 -74.42
C VAL F 191 96.81 8.71 -75.11
N THR F 200 89.05 20.66 -83.46
CA THR F 200 90.09 21.06 -82.52
C THR F 200 90.01 20.25 -81.24
N TYR F 201 91.15 19.78 -80.75
CA TYR F 201 91.21 18.95 -79.54
C TYR F 201 91.13 19.84 -78.30
N ILE F 202 89.94 20.39 -78.08
CA ILE F 202 89.67 21.24 -76.94
C ILE F 202 88.76 20.49 -75.97
N CYS F 203 88.91 20.79 -74.68
CA CYS F 203 88.10 20.16 -73.64
C CYS F 203 86.78 20.90 -73.53
N ASN F 204 85.72 20.31 -74.09
CA ASN F 204 84.39 20.92 -74.09
C ASN F 204 83.78 20.71 -72.70
N VAL F 205 83.84 21.75 -71.87
CA VAL F 205 83.27 21.73 -70.53
C VAL F 205 82.18 22.80 -70.48
N ASN F 206 80.93 22.37 -70.49
CA ASN F 206 79.79 23.27 -70.40
C ASN F 206 79.19 23.21 -68.99
N HIS F 207 78.14 23.98 -68.76
CA HIS F 207 77.50 24.07 -67.47
C HIS F 207 75.99 24.06 -67.64
N LYS F 208 75.29 23.64 -66.59
CA LYS F 208 73.83 23.52 -66.64
C LYS F 208 73.15 24.88 -66.55
N PRO F 209 73.46 25.74 -65.56
CA PRO F 209 72.79 27.05 -65.52
C PRO F 209 73.15 27.94 -66.70
N SER F 210 74.44 28.15 -66.95
CA SER F 210 74.91 28.98 -68.05
C SER F 210 76.02 28.23 -68.78
N ASN F 211 75.76 27.87 -70.03
CA ASN F 211 76.70 27.07 -70.83
C ASN F 211 77.89 27.95 -71.23
N THR F 212 78.84 28.08 -70.31
CA THR F 212 80.06 28.85 -70.55
C THR F 212 81.11 27.87 -71.07
N LYS F 213 81.10 27.66 -72.39
CA LYS F 213 82.02 26.71 -73.02
C LYS F 213 83.36 27.39 -73.31
N VAL F 214 84.11 27.62 -72.23
CA VAL F 214 85.44 28.20 -72.32
C VAL F 214 86.41 27.03 -72.47
N ASP F 215 86.59 26.58 -73.72
CA ASP F 215 87.41 25.43 -74.04
C ASP F 215 88.80 25.89 -74.43
N LYS F 216 89.77 25.67 -73.55
CA LYS F 216 91.16 26.01 -73.81
C LYS F 216 91.85 24.87 -74.53
N ARG F 217 92.74 25.21 -75.46
CA ARG F 217 93.48 24.21 -76.24
C ARG F 217 94.81 23.96 -75.57
N VAL F 218 94.95 22.79 -74.95
CA VAL F 218 96.19 22.39 -74.28
C VAL F 218 96.51 20.96 -74.73
N GLU F 219 97.52 20.83 -75.59
CA GLU F 219 97.92 19.54 -76.12
C GLU F 219 99.39 19.27 -75.82
N PRO F 220 99.75 18.03 -75.47
CA PRO F 220 101.14 17.66 -75.18
C PRO F 220 101.98 17.53 -76.45
N GLU G 1 70.25 -3.58 -31.16
CA GLU G 1 68.93 -3.32 -31.71
C GLU G 1 68.81 -1.86 -32.13
N ILE G 2 69.42 -0.97 -31.36
CA ILE G 2 69.38 0.45 -31.68
C ILE G 2 70.51 0.84 -32.63
N VAL G 3 71.63 0.13 -32.60
CA VAL G 3 72.75 0.38 -33.49
C VAL G 3 73.15 -0.93 -34.18
N LEU G 4 73.89 -0.79 -35.28
CA LEU G 4 74.34 -1.95 -36.04
C LEU G 4 75.61 -1.57 -36.79
N THR G 5 76.59 -2.47 -36.76
CA THR G 5 77.86 -2.29 -37.45
C THR G 5 78.19 -3.55 -38.22
N GLN G 6 78.55 -3.39 -39.49
CA GLN G 6 78.91 -4.52 -40.35
C GLN G 6 80.42 -4.77 -40.25
N SER G 7 80.81 -5.99 -39.92
CA SER G 7 82.22 -6.30 -39.80
C SER G 7 82.95 -6.25 -41.14
N PRO G 8 82.47 -6.86 -42.22
CA PRO G 8 83.18 -6.73 -43.50
C PRO G 8 83.07 -5.32 -44.06
N GLY G 9 84.14 -4.87 -44.70
CA GLY G 9 84.16 -3.56 -45.32
C GLY G 9 84.26 -3.63 -46.82
N THR G 10 84.85 -4.70 -47.33
CA THR G 10 84.97 -4.91 -48.77
C THR G 10 85.09 -6.40 -49.04
N LEU G 11 84.46 -6.85 -50.12
CA LEU G 11 84.45 -8.26 -50.52
C LEU G 11 85.08 -8.36 -51.91
N SER G 12 86.41 -8.54 -51.93
CA SER G 12 87.15 -8.67 -53.18
C SER G 12 87.16 -10.15 -53.58
N LEU G 13 86.07 -10.57 -54.22
CA LEU G 13 85.90 -11.94 -54.65
C LEU G 13 85.43 -11.98 -56.09
N SER G 14 85.64 -13.12 -56.73
CA SER G 14 85.23 -13.30 -58.11
C SER G 14 83.70 -13.35 -58.21
N PRO G 15 83.13 -12.93 -59.34
CA PRO G 15 81.67 -12.97 -59.50
C PRO G 15 81.11 -14.37 -59.67
N GLY G 16 81.94 -15.41 -59.61
CA GLY G 16 81.45 -16.77 -59.72
C GLY G 16 81.44 -17.50 -58.39
N GLU G 17 82.22 -17.01 -57.43
CA GLU G 17 82.32 -17.60 -56.11
C GLU G 17 81.45 -16.83 -55.13
N ARG G 18 80.66 -17.55 -54.35
CA ARG G 18 79.69 -16.94 -53.45
C ARG G 18 80.39 -16.12 -52.36
N ALA G 19 79.62 -15.22 -51.76
CA ALA G 19 80.11 -14.37 -50.68
C ALA G 19 79.07 -14.33 -49.57
N THR G 20 79.42 -13.72 -48.44
CA THR G 20 78.54 -13.62 -47.30
C THR G 20 78.71 -12.24 -46.66
N LEU G 21 77.68 -11.82 -45.94
CA LEU G 21 77.67 -10.53 -45.25
C LEU G 21 77.56 -10.78 -43.75
N SER G 22 77.45 -9.69 -42.98
CA SER G 22 77.34 -9.78 -41.53
C SER G 22 76.76 -8.48 -41.00
N CYS G 23 75.72 -8.59 -40.18
CA CYS G 23 75.08 -7.45 -39.52
C CYS G 23 74.90 -7.81 -38.06
N ARG G 24 75.90 -7.47 -37.24
CA ARG G 24 75.85 -7.77 -35.82
C ARG G 24 74.91 -6.81 -35.10
N ALA G 25 74.18 -7.34 -34.12
CA ALA G 25 73.25 -6.54 -33.33
C ALA G 25 73.91 -6.12 -32.03
N SER G 26 73.19 -5.32 -31.24
CA SER G 26 73.69 -4.80 -29.98
C SER G 26 72.84 -5.18 -28.78
N GLN G 27 71.52 -5.18 -28.93
CA GLN G 27 70.61 -5.45 -27.82
C GLN G 27 69.73 -6.67 -28.09
N SER G 28 70.24 -7.63 -28.86
CA SER G 28 69.55 -8.90 -29.13
C SER G 28 68.17 -8.65 -29.76
N ILE G 29 68.22 -8.10 -30.98
CA ILE G 29 67.04 -7.75 -31.76
C ILE G 29 66.02 -8.88 -31.72
N ASN G 30 64.79 -8.54 -31.36
CA ASN G 30 63.74 -9.54 -31.15
C ASN G 30 62.89 -9.71 -32.40
N ASN G 31 62.23 -10.87 -32.50
CA ASN G 31 61.34 -11.22 -33.60
C ASN G 31 62.06 -11.28 -34.95
N ARG G 32 63.40 -11.30 -34.93
CA ARG G 32 64.20 -11.38 -36.14
C ARG G 32 63.85 -10.26 -37.13
N HIS G 33 63.61 -9.07 -36.59
CA HIS G 33 63.24 -7.91 -37.41
C HIS G 33 64.49 -7.18 -37.87
N LEU G 34 65.13 -7.75 -38.89
CA LEU G 34 66.32 -7.17 -39.50
C LEU G 34 66.26 -7.45 -41.00
N ALA G 35 65.87 -6.43 -41.77
CA ALA G 35 65.75 -6.56 -43.21
C ALA G 35 67.06 -6.16 -43.90
N TRP G 36 67.24 -6.70 -45.10
CA TRP G 36 68.42 -6.42 -45.91
C TRP G 36 68.04 -5.58 -47.12
N TYR G 37 68.94 -4.68 -47.51
CA TYR G 37 68.72 -3.77 -48.62
C TYR G 37 69.87 -3.86 -49.60
N GLN G 38 69.72 -3.15 -50.72
CA GLN G 38 70.75 -3.11 -51.75
C GLN G 38 70.64 -1.77 -52.46
N GLN G 39 71.58 -0.87 -52.17
CA GLN G 39 71.57 0.47 -52.74
C GLN G 39 72.68 0.57 -53.78
N LYS G 40 72.32 0.98 -54.99
CA LYS G 40 73.28 1.18 -56.06
C LYS G 40 74.01 2.51 -55.85
N ARG G 41 74.63 3.02 -56.91
CA ARG G 41 75.30 4.32 -56.83
C ARG G 41 74.25 5.44 -56.83
N GLY G 42 73.52 5.56 -55.72
CA GLY G 42 72.52 6.60 -55.60
C GLY G 42 71.26 6.37 -56.40
N GLN G 43 71.03 5.16 -56.92
CA GLN G 43 69.84 4.90 -57.72
C GLN G 43 68.63 4.62 -56.83
N ALA G 44 68.68 3.54 -56.06
CA ALA G 44 67.59 3.16 -55.17
C ALA G 44 68.03 2.06 -54.21
N PRO G 45 67.77 2.22 -52.91
CA PRO G 45 68.03 1.12 -51.95
C PRO G 45 66.89 0.10 -51.93
N ARG G 46 66.94 -0.84 -52.89
CA ARG G 46 65.87 -1.80 -53.05
C ARG G 46 65.78 -2.75 -51.85
N PHE G 47 64.62 -3.39 -51.72
CA PHE G 47 64.35 -4.31 -50.63
C PHE G 47 64.66 -5.73 -51.08
N LEU G 48 65.36 -6.48 -50.22
CA LEU G 48 65.79 -7.83 -50.55
C LEU G 48 65.13 -8.89 -49.69
N ILE G 49 65.26 -8.80 -48.37
CA ILE G 49 64.82 -9.87 -47.46
C ILE G 49 63.85 -9.27 -46.44
N TYR G 50 62.71 -9.93 -46.25
CA TYR G 50 61.69 -9.52 -45.30
C TYR G 50 61.68 -10.49 -44.12
N GLY G 51 61.76 -9.94 -42.91
CA GLY G 51 61.74 -10.78 -41.72
C GLY G 51 62.95 -11.64 -41.50
N ALA G 52 64.04 -11.41 -42.25
CA ALA G 52 65.31 -12.13 -42.20
C ALA G 52 65.19 -13.57 -42.65
N ALA G 53 64.00 -14.04 -43.01
CA ALA G 53 63.81 -15.41 -43.49
C ALA G 53 63.06 -15.47 -44.82
N SER G 54 62.09 -14.58 -45.03
CA SER G 54 61.30 -14.59 -46.25
C SER G 54 61.88 -13.65 -47.29
N ARG G 55 61.59 -13.93 -48.54
CA ARG G 55 62.08 -13.13 -49.66
C ARG G 55 61.09 -12.01 -49.97
N ALA G 56 61.58 -11.01 -50.72
CA ALA G 56 60.77 -9.88 -51.11
C ALA G 56 60.02 -10.16 -52.41
N THR G 57 59.02 -9.33 -52.68
CA THR G 57 58.22 -9.47 -53.89
C THR G 57 59.05 -9.09 -55.11
N GLY G 58 59.16 -10.01 -56.06
CA GLY G 58 59.91 -9.79 -57.27
C GLY G 58 61.38 -10.20 -57.19
N ILE G 59 61.94 -10.20 -55.98
CA ILE G 59 63.35 -10.59 -55.82
C ILE G 59 63.47 -12.11 -55.99
N PRO G 60 64.36 -12.59 -56.86
CA PRO G 60 64.49 -14.04 -57.05
C PRO G 60 65.14 -14.73 -55.88
N ASP G 61 65.36 -16.04 -55.99
CA ASP G 61 65.96 -16.84 -54.94
C ASP G 61 67.49 -16.78 -54.96
N ARG G 62 68.08 -15.77 -55.60
CA ARG G 62 69.53 -15.63 -55.68
C ARG G 62 70.14 -15.13 -54.38
N PHE G 63 69.37 -15.04 -53.31
CA PHE G 63 69.87 -14.61 -52.00
C PHE G 63 69.53 -15.68 -50.96
N SER G 64 70.09 -15.50 -49.76
CA SER G 64 69.86 -16.45 -48.67
C SER G 64 70.08 -15.72 -47.36
N GLY G 65 69.01 -15.46 -46.62
CA GLY G 65 69.10 -14.81 -45.34
C GLY G 65 69.26 -15.81 -44.20
N SER G 66 70.12 -15.48 -43.25
CA SER G 66 70.39 -16.34 -42.12
C SER G 66 70.55 -15.49 -40.86
N GLY G 67 70.33 -16.12 -39.72
CA GLY G 67 70.45 -15.44 -38.44
C GLY G 67 69.21 -15.56 -37.57
N SER G 68 69.42 -15.83 -36.29
CA SER G 68 68.31 -15.95 -35.34
C SER G 68 68.50 -15.18 -34.05
N GLY G 69 69.74 -14.84 -33.67
CA GLY G 69 69.98 -14.11 -32.45
C GLY G 69 70.58 -12.74 -32.68
N THR G 70 71.85 -12.58 -32.32
CA THR G 70 72.52 -11.30 -32.52
C THR G 70 73.11 -11.17 -33.92
N ASP G 71 73.87 -12.18 -34.34
CA ASP G 71 74.52 -12.13 -35.66
C ASP G 71 73.51 -12.45 -36.76
N PHE G 72 73.69 -11.80 -37.91
CA PHE G 72 72.85 -12.02 -39.07
C PHE G 72 73.72 -11.97 -40.32
N THR G 73 73.79 -13.09 -41.03
CA THR G 73 74.59 -13.20 -42.25
C THR G 73 73.68 -13.40 -43.45
N LEU G 74 74.01 -12.73 -44.55
CA LEU G 74 73.26 -12.82 -45.80
C LEU G 74 74.14 -13.55 -46.82
N THR G 75 73.85 -14.83 -47.03
CA THR G 75 74.60 -15.62 -48.00
C THR G 75 74.17 -15.24 -49.41
N ILE G 76 75.07 -14.63 -50.17
CA ILE G 76 74.81 -14.23 -51.54
C ILE G 76 75.09 -15.44 -52.44
N SER G 77 74.03 -15.99 -53.03
CA SER G 77 74.15 -17.19 -53.86
C SER G 77 74.89 -16.85 -55.15
N ARG G 78 76.10 -17.38 -55.30
CA ARG G 78 76.95 -17.29 -56.48
C ARG G 78 77.47 -15.88 -56.75
N LEU G 79 77.06 -14.88 -55.97
CA LEU G 79 77.57 -13.51 -56.08
C LEU G 79 77.36 -12.96 -57.49
N GLU G 80 76.09 -12.75 -57.82
CA GLU G 80 75.73 -12.21 -59.12
C GLU G 80 76.45 -10.88 -59.36
N PRO G 81 76.97 -10.65 -60.58
CA PRO G 81 77.69 -9.40 -60.83
C PRO G 81 76.80 -8.17 -60.83
N GLU G 82 75.50 -8.34 -61.06
CA GLU G 82 74.61 -7.18 -61.12
C GLU G 82 74.48 -6.51 -59.76
N ASP G 83 74.48 -7.30 -58.69
CA ASP G 83 74.36 -6.76 -57.33
C ASP G 83 75.72 -6.50 -56.71
N PHE G 84 76.56 -5.75 -57.42
CA PHE G 84 77.87 -5.35 -56.90
C PHE G 84 77.79 -3.93 -56.33
N ALA G 85 77.10 -3.84 -55.19
CA ALA G 85 76.89 -2.56 -54.51
C ALA G 85 76.94 -2.82 -53.00
N VAL G 86 76.52 -1.81 -52.24
CA VAL G 86 76.54 -1.89 -50.78
C VAL G 86 75.21 -2.44 -50.29
N TYR G 87 75.27 -3.13 -49.15
CA TYR G 87 74.10 -3.71 -48.52
C TYR G 87 73.89 -3.08 -47.15
N TYR G 88 72.64 -2.84 -46.79
CA TYR G 88 72.28 -2.21 -45.53
C TYR G 88 71.49 -3.20 -44.67
N CYS G 89 71.17 -2.76 -43.45
CA CYS G 89 70.46 -3.60 -42.49
C CYS G 89 69.58 -2.70 -41.64
N GLN G 90 68.26 -2.82 -41.80
CA GLN G 90 67.30 -2.01 -41.07
C GLN G 90 66.83 -2.75 -39.83
N GLN G 91 67.08 -2.19 -38.66
CA GLN G 91 66.63 -2.77 -37.39
C GLN G 91 65.27 -2.17 -37.04
N TYR G 92 64.23 -2.74 -37.65
CA TYR G 92 62.86 -2.27 -37.46
C TYR G 92 62.13 -3.01 -36.35
N GLY G 93 62.84 -3.52 -35.37
CA GLY G 93 62.21 -4.21 -34.25
C GLY G 93 61.95 -3.27 -33.08
N SER G 94 62.81 -2.27 -32.91
CA SER G 94 62.63 -1.28 -31.87
C SER G 94 61.71 -0.16 -32.35
N SER G 95 61.52 0.86 -31.50
CA SER G 95 60.67 1.98 -31.89
C SER G 95 61.29 2.83 -32.99
N PRO G 96 62.51 3.34 -32.85
CA PRO G 96 63.10 4.13 -33.94
C PRO G 96 63.79 3.24 -34.95
N PRO G 97 63.34 3.25 -36.21
CA PRO G 97 64.01 2.44 -37.24
C PRO G 97 65.40 2.95 -37.55
N THR G 98 66.42 2.15 -37.23
CA THR G 98 67.81 2.51 -37.44
C THR G 98 68.46 1.56 -38.43
N PHE G 99 69.29 2.11 -39.30
CA PHE G 99 70.00 1.34 -40.31
C PHE G 99 71.42 1.02 -39.80
N GLY G 100 72.24 0.45 -40.68
CA GLY G 100 73.59 0.06 -40.34
C GLY G 100 74.59 0.57 -41.37
N GLN G 101 75.70 -0.15 -41.48
CA GLN G 101 76.78 0.21 -42.37
C GLN G 101 76.59 -0.50 -43.72
N GLY G 102 77.61 -0.45 -44.57
CA GLY G 102 77.55 -1.09 -45.87
C GLY G 102 78.87 -1.74 -46.23
N THR G 103 78.82 -2.55 -47.29
CA THR G 103 79.99 -3.27 -47.78
C THR G 103 79.99 -3.22 -49.30
N LYS G 104 81.00 -2.59 -49.88
CA LYS G 104 81.09 -2.43 -51.32
C LYS G 104 81.67 -3.69 -51.93
N VAL G 105 80.80 -4.54 -52.47
CA VAL G 105 81.23 -5.78 -53.12
C VAL G 105 81.68 -5.45 -54.54
N GLU G 106 82.92 -5.77 -54.87
CA GLU G 106 83.50 -5.47 -56.17
C GLU G 106 84.22 -6.69 -56.71
N ILE G 107 84.70 -6.56 -57.94
CA ILE G 107 85.40 -7.66 -58.61
C ILE G 107 86.84 -7.73 -58.10
N LYS G 108 87.31 -8.94 -57.83
CA LYS G 108 88.67 -9.16 -57.34
C LYS G 108 89.65 -9.01 -58.50
N ARG G 109 90.24 -7.83 -58.64
CA ARG G 109 91.20 -7.56 -59.70
C ARG G 109 92.61 -7.84 -59.20
N THR G 110 93.62 -7.44 -59.97
CA THR G 110 95.02 -7.67 -59.64
C THR G 110 95.58 -6.44 -58.92
N VAL G 111 96.91 -6.42 -58.74
CA VAL G 111 97.55 -5.31 -58.04
C VAL G 111 97.39 -4.02 -58.83
N ALA G 112 97.46 -4.10 -60.16
CA ALA G 112 97.23 -2.96 -61.07
C ALA G 112 98.19 -1.81 -60.76
N ALA G 113 99.47 -2.10 -61.00
CA ALA G 113 100.54 -1.11 -60.82
C ALA G 113 100.24 0.14 -61.64
N PRO G 114 100.06 1.29 -60.98
CA PRO G 114 99.65 2.50 -61.69
C PRO G 114 100.83 3.19 -62.36
N SER G 115 100.48 4.18 -63.21
CA SER G 115 101.46 5.00 -63.90
C SER G 115 101.19 6.47 -63.59
N VAL G 116 102.26 7.23 -63.39
CA VAL G 116 102.15 8.62 -62.97
C VAL G 116 102.07 9.52 -64.20
N PHE G 117 101.15 10.48 -64.14
CA PHE G 117 100.99 11.49 -65.18
C PHE G 117 101.07 12.87 -64.53
N ILE G 118 102.15 13.60 -64.80
CA ILE G 118 102.37 14.91 -64.20
C ILE G 118 101.69 15.98 -65.05
N PHE G 119 100.99 16.90 -64.39
CA PHE G 119 100.33 18.01 -65.07
C PHE G 119 100.72 19.32 -64.40
N PRO G 120 101.72 20.03 -64.91
CA PRO G 120 102.09 21.32 -64.32
C PRO G 120 101.12 22.41 -64.71
N PRO G 121 100.99 23.46 -63.90
CA PRO G 121 100.06 24.54 -64.23
C PRO G 121 100.62 25.46 -65.32
N SER G 122 99.76 26.35 -65.79
CA SER G 122 100.11 27.33 -66.80
C SER G 122 100.09 28.73 -66.21
N ASP G 123 100.57 29.69 -67.00
CA ASP G 123 100.66 31.07 -66.52
C ASP G 123 99.28 31.68 -66.27
N GLU G 124 98.24 31.14 -66.91
CA GLU G 124 96.89 31.67 -66.69
C GLU G 124 96.36 31.31 -65.32
N GLN G 125 96.83 30.20 -64.74
CA GLN G 125 96.33 29.74 -63.45
C GLN G 125 97.31 29.93 -62.30
N LEU G 126 98.62 29.83 -62.55
CA LEU G 126 99.58 29.98 -61.47
C LEU G 126 99.62 31.42 -60.95
N LYS G 127 99.40 32.40 -61.82
CA LYS G 127 99.39 33.79 -61.40
C LYS G 127 98.14 34.16 -60.61
N SER G 128 97.11 33.32 -60.64
CA SER G 128 95.88 33.55 -59.89
C SER G 128 95.79 32.70 -58.64
N GLY G 129 96.92 32.20 -58.15
CA GLY G 129 96.96 31.40 -56.94
C GLY G 129 96.70 29.92 -57.15
N THR G 130 96.43 29.49 -58.38
CA THR G 130 96.13 28.08 -58.66
C THR G 130 97.37 27.45 -59.30
N ALA G 131 98.29 27.02 -58.45
CA ALA G 131 99.49 26.30 -58.89
C ALA G 131 99.22 24.79 -58.84
N SER G 132 98.35 24.36 -59.73
CA SER G 132 97.85 22.98 -59.75
C SER G 132 98.87 22.09 -60.44
N VAL G 133 99.59 21.31 -59.66
CA VAL G 133 100.51 20.30 -60.17
C VAL G 133 99.86 18.95 -59.90
N VAL G 134 99.20 18.40 -60.92
CA VAL G 134 98.35 17.22 -60.75
C VAL G 134 99.16 15.96 -61.02
N CYS G 135 98.80 14.89 -60.33
CA CYS G 135 99.39 13.57 -60.53
C CYS G 135 98.28 12.54 -60.45
N LEU G 136 98.20 11.66 -61.45
CA LEU G 136 97.14 10.67 -61.54
C LEU G 136 97.75 9.28 -61.46
N LEU G 137 97.37 8.53 -60.41
CA LEU G 137 97.73 7.12 -60.31
C LEU G 137 96.67 6.32 -61.06
N ASN G 138 96.86 6.22 -62.37
CA ASN G 138 95.84 5.62 -63.23
C ASN G 138 95.85 4.11 -63.11
N ASN G 139 94.65 3.52 -63.06
CA ASN G 139 94.43 2.08 -63.10
C ASN G 139 95.14 1.38 -61.94
N PHE G 140 94.67 1.68 -60.73
CA PHE G 140 95.06 0.96 -59.53
C PHE G 140 93.81 0.44 -58.83
N TYR G 141 93.79 -0.88 -58.60
CA TYR G 141 92.59 -1.52 -58.04
C TYR G 141 92.46 -1.32 -56.53
N PRO G 142 93.46 -1.65 -55.72
CA PRO G 142 93.29 -1.52 -54.26
C PRO G 142 93.19 -0.05 -53.86
N ARG G 143 92.20 0.26 -53.01
CA ARG G 143 91.96 1.62 -52.56
C ARG G 143 92.98 2.09 -51.51
N GLU G 144 94.02 1.31 -51.26
CA GLU G 144 95.08 1.69 -50.32
C GLU G 144 96.18 2.37 -51.11
N ALA G 145 96.15 3.71 -51.14
CA ALA G 145 97.13 4.48 -51.90
C ALA G 145 97.37 5.79 -51.15
N LYS G 146 98.42 5.81 -50.32
CA LYS G 146 98.81 7.03 -49.62
C LYS G 146 99.65 7.89 -50.55
N VAL G 147 99.14 9.07 -50.90
CA VAL G 147 99.76 9.91 -51.91
C VAL G 147 101.00 10.59 -51.32
N GLN G 148 102.11 10.52 -52.05
CA GLN G 148 103.34 11.20 -51.69
C GLN G 148 103.91 11.88 -52.92
N TRP G 149 104.87 12.78 -52.69
CA TRP G 149 105.44 13.59 -53.76
C TRP G 149 106.94 13.73 -53.53
N LYS G 150 107.56 14.62 -54.30
CA LYS G 150 108.97 14.95 -54.19
C LYS G 150 109.15 16.44 -53.89
N VAL G 151 108.36 16.95 -52.95
CA VAL G 151 108.43 18.35 -52.54
C VAL G 151 109.74 18.56 -51.80
N ASP G 152 110.09 19.83 -51.56
CA ASP G 152 111.42 20.22 -51.10
C ASP G 152 111.99 19.26 -50.05
N ASN G 153 111.36 19.15 -48.89
CA ASN G 153 111.75 18.10 -47.97
C ASN G 153 110.85 16.89 -48.13
N ALA G 154 109.57 17.03 -47.78
CA ALA G 154 108.55 16.07 -48.16
C ALA G 154 107.27 16.73 -48.67
N LEU G 155 106.86 17.83 -48.06
CA LEU G 155 105.62 18.55 -48.37
C LEU G 155 105.67 19.88 -47.62
N GLN G 156 104.56 20.63 -47.66
CA GLN G 156 104.46 21.85 -46.85
C GLN G 156 103.46 21.70 -45.71
N SER G 157 102.18 21.50 -45.99
CA SER G 157 101.26 20.99 -44.98
C SER G 157 100.34 19.91 -45.54
N GLY G 158 99.78 20.16 -46.71
CA GLY G 158 98.84 19.24 -47.33
C GLY G 158 98.86 19.21 -48.84
N ASN G 159 99.75 20.00 -49.45
CA ASN G 159 99.67 20.24 -50.88
C ASN G 159 99.86 18.96 -51.68
N SER G 160 100.66 18.03 -51.17
CA SER G 160 100.93 16.77 -51.84
C SER G 160 99.94 15.66 -51.47
N GLN G 161 98.93 15.97 -50.66
CA GLN G 161 97.97 14.95 -50.22
C GLN G 161 96.54 15.37 -50.50
N GLU G 162 96.26 15.86 -51.71
CA GLU G 162 94.89 16.20 -52.08
C GLU G 162 93.99 14.97 -52.03
N SER G 163 94.31 13.96 -52.82
CA SER G 163 93.61 12.67 -52.81
C SER G 163 92.12 12.84 -53.07
N VAL G 164 91.81 13.33 -54.28
CA VAL G 164 90.41 13.51 -54.67
C VAL G 164 89.74 12.14 -54.81
N THR G 165 88.41 12.15 -54.70
CA THR G 165 87.63 10.93 -54.80
C THR G 165 87.69 10.38 -56.21
N GLU G 166 87.97 9.09 -56.34
CA GLU G 166 88.01 8.42 -57.63
C GLU G 166 86.70 7.66 -57.87
N GLN G 167 86.63 6.92 -58.98
CA GLN G 167 85.45 6.14 -59.31
C GLN G 167 85.89 4.86 -60.00
N ASP G 168 85.00 3.86 -59.97
CA ASP G 168 85.30 2.56 -60.55
C ASP G 168 85.11 2.59 -62.06
N SER G 169 85.45 1.48 -62.70
CA SER G 169 85.34 1.32 -64.15
C SER G 169 84.93 -0.11 -64.44
N LYS G 170 85.02 -0.50 -65.71
CA LYS G 170 84.67 -1.86 -66.11
C LYS G 170 85.64 -2.89 -65.52
N ASP G 171 86.86 -2.47 -65.21
CA ASP G 171 87.86 -3.33 -64.58
C ASP G 171 88.10 -2.99 -63.11
N SER G 172 87.21 -2.19 -62.52
CA SER G 172 87.30 -1.80 -61.11
C SER G 172 88.63 -1.11 -60.80
N THR G 173 89.05 -0.21 -61.70
CA THR G 173 90.27 0.56 -61.51
C THR G 173 89.91 2.01 -61.19
N TYR G 174 90.81 2.67 -60.46
CA TYR G 174 90.58 4.03 -60.00
C TYR G 174 91.76 4.91 -60.39
N SER G 175 91.61 6.21 -60.13
CA SER G 175 92.67 7.18 -60.39
C SER G 175 92.36 8.43 -59.58
N LEU G 176 93.26 8.78 -58.66
CA LEU G 176 93.09 9.93 -57.79
C LEU G 176 94.03 11.06 -58.20
N SER G 177 93.62 12.28 -57.89
CA SER G 177 94.40 13.47 -58.20
C SER G 177 95.08 14.00 -56.94
N SER G 178 96.21 14.67 -57.14
CA SER G 178 96.99 15.28 -56.07
C SER G 178 97.39 16.70 -56.44
N THR G 179 96.42 17.47 -56.93
CA THR G 179 96.69 18.84 -57.36
C THR G 179 97.08 19.71 -56.16
N LEU G 180 98.13 20.50 -56.33
CA LEU G 180 98.59 21.40 -55.29
C LEU G 180 97.71 22.64 -55.23
N THR G 181 97.16 22.93 -54.06
CA THR G 181 96.29 24.07 -53.85
C THR G 181 97.03 25.33 -53.46
N LEU G 182 98.36 25.29 -53.41
CA LEU G 182 99.14 26.46 -53.04
C LEU G 182 99.17 27.48 -54.17
N SER G 183 99.66 28.68 -53.86
CA SER G 183 99.72 29.78 -54.81
C SER G 183 101.10 29.78 -55.49
N LYS G 184 101.36 30.83 -56.27
CA LYS G 184 102.64 30.94 -56.97
C LYS G 184 103.80 31.24 -56.02
N ALA G 185 103.50 31.69 -54.80
CA ALA G 185 104.57 31.96 -53.84
C ALA G 185 105.29 30.67 -53.46
N ASP G 186 104.53 29.62 -53.14
CA ASP G 186 105.09 28.33 -52.80
C ASP G 186 105.24 27.41 -54.01
N TYR G 187 105.21 27.96 -55.23
CA TYR G 187 105.35 27.18 -56.45
C TYR G 187 106.73 27.29 -57.05
N GLU G 188 107.25 28.49 -57.26
CA GLU G 188 108.60 28.68 -57.80
C GLU G 188 109.63 28.76 -56.68
N LYS G 189 109.57 27.81 -55.76
CA LYS G 189 110.54 27.75 -54.66
C LYS G 189 111.06 26.35 -54.37
N HIS G 190 110.43 25.30 -54.88
CA HIS G 190 110.78 23.93 -54.54
C HIS G 190 111.66 23.34 -55.65
N LYS G 191 111.94 22.04 -55.54
CA LYS G 191 112.77 21.29 -56.47
C LYS G 191 111.88 20.58 -57.49
N VAL G 192 112.50 19.68 -58.27
CA VAL G 192 111.78 18.94 -59.30
C VAL G 192 110.60 18.20 -58.69
N TYR G 193 109.46 18.25 -59.37
CA TYR G 193 108.21 17.67 -58.87
C TYR G 193 108.06 16.26 -59.44
N ALA G 194 108.38 15.27 -58.61
CA ALA G 194 108.12 13.87 -58.92
C ALA G 194 106.96 13.36 -58.07
N CYS G 195 106.37 12.26 -58.52
CA CYS G 195 105.18 11.71 -57.88
C CYS G 195 105.31 10.20 -57.76
N GLU G 196 105.20 9.69 -56.53
CA GLU G 196 105.18 8.26 -56.27
C GLU G 196 104.03 7.95 -55.31
N VAL G 197 103.93 6.70 -54.90
CA VAL G 197 102.87 6.26 -54.00
C VAL G 197 103.35 5.02 -53.26
N THR G 198 102.82 4.82 -52.05
CA THR G 198 103.13 3.65 -51.24
C THR G 198 102.00 2.64 -51.45
N HIS G 199 102.10 1.89 -52.54
CA HIS G 199 101.10 0.91 -52.91
C HIS G 199 101.67 -0.50 -52.80
N GLN G 200 100.76 -1.48 -52.68
CA GLN G 200 101.14 -2.88 -52.54
C GLN G 200 101.42 -3.55 -53.88
N GLY G 201 101.48 -2.79 -54.96
CA GLY G 201 101.79 -3.34 -56.26
C GLY G 201 102.92 -2.59 -56.95
N LEU G 202 103.24 -1.40 -56.45
CA LEU G 202 104.31 -0.58 -56.99
C LEU G 202 104.63 0.52 -55.99
N SER G 203 105.93 0.82 -55.84
CA SER G 203 106.38 1.79 -54.85
C SER G 203 106.91 3.08 -55.46
N SER G 204 107.17 3.12 -56.77
CA SER G 204 107.67 4.33 -57.43
C SER G 204 107.20 4.36 -58.86
N PRO G 205 105.94 4.76 -59.10
CA PRO G 205 105.43 4.87 -60.46
C PRO G 205 105.86 6.13 -61.20
N VAL G 206 106.84 6.88 -60.68
CA VAL G 206 107.20 8.17 -61.25
C VAL G 206 107.68 7.98 -62.69
N THR G 207 107.03 8.65 -63.62
CA THR G 207 107.40 8.63 -65.03
C THR G 207 107.82 10.00 -65.54
N LYS G 208 107.00 11.02 -65.32
CA LYS G 208 107.31 12.38 -65.75
C LYS G 208 107.71 13.21 -64.53
N SER G 209 108.13 14.45 -64.80
CA SER G 209 108.55 15.36 -63.75
C SER G 209 108.49 16.79 -64.28
N PHE G 210 108.67 17.75 -63.37
CA PHE G 210 108.66 19.16 -63.73
C PHE G 210 109.42 19.93 -62.67
N ASN G 211 110.10 20.99 -63.11
CA ASN G 211 110.92 21.81 -62.23
C ASN G 211 110.54 23.27 -62.38
N ARG G 212 110.60 24.00 -61.27
CA ARG G 212 110.22 25.42 -61.22
C ARG G 212 108.80 25.63 -61.72
N GLN H 1 42.66 -70.29 -9.45
CA GLN H 1 43.88 -69.76 -8.84
C GLN H 1 43.97 -70.14 -7.38
N VAL H 2 42.81 -70.19 -6.71
CA VAL H 2 42.78 -70.54 -5.29
C VAL H 2 43.18 -72.00 -5.12
N GLN H 3 43.79 -72.31 -3.98
CA GLN H 3 44.24 -73.66 -3.67
C GLN H 3 43.38 -74.36 -2.64
N LEU H 4 42.83 -73.62 -1.67
CA LEU H 4 41.97 -74.17 -0.61
C LEU H 4 42.70 -75.26 0.16
N VAL H 5 43.79 -74.88 0.81
CA VAL H 5 44.59 -75.80 1.61
C VAL H 5 43.92 -75.94 2.99
N GLN H 6 43.28 -77.07 3.22
CA GLN H 6 42.58 -77.32 4.48
C GLN H 6 43.59 -77.76 5.54
N SER H 7 43.08 -78.15 6.71
CA SER H 7 43.93 -78.61 7.80
C SER H 7 44.05 -80.14 7.74
N GLY H 8 44.65 -80.73 8.77
CA GLY H 8 44.84 -82.16 8.84
C GLY H 8 43.73 -82.85 9.61
N ALA H 9 44.01 -84.09 10.00
CA ALA H 9 43.05 -84.87 10.77
C ALA H 9 42.89 -84.27 12.16
N GLU H 10 41.65 -83.96 12.52
CA GLU H 10 41.32 -83.35 13.80
C GLU H 10 40.47 -84.33 14.60
N VAL H 11 41.12 -85.14 15.44
CA VAL H 11 40.44 -86.15 16.26
C VAL H 11 40.09 -85.46 17.58
N LYS H 12 38.88 -84.91 17.64
CA LYS H 12 38.39 -84.25 18.83
C LYS H 12 37.47 -85.19 19.62
N ARG H 13 36.90 -84.67 20.71
CA ARG H 13 36.01 -85.47 21.52
C ARG H 13 34.56 -85.09 21.27
N PRO H 14 33.64 -86.06 21.35
CA PRO H 14 32.23 -85.76 21.05
C PRO H 14 31.58 -84.85 22.09
N GLY H 15 31.23 -83.64 21.69
CA GLY H 15 30.45 -82.77 22.56
C GLY H 15 30.87 -81.32 22.63
N SER H 16 32.16 -81.03 22.41
CA SER H 16 32.64 -79.67 22.63
C SER H 16 32.61 -78.83 21.37
N SER H 17 33.41 -79.21 20.36
CA SER H 17 33.52 -78.45 19.12
C SER H 17 34.49 -79.18 18.19
N VAL H 18 34.61 -78.66 16.97
CA VAL H 18 35.61 -79.11 16.01
C VAL H 18 36.10 -77.86 15.27
N LYS H 19 37.37 -77.52 15.45
CA LYS H 19 37.93 -76.30 14.88
C LYS H 19 38.66 -76.64 13.58
N VAL H 20 37.88 -76.78 12.51
CA VAL H 20 38.44 -77.00 11.19
C VAL H 20 38.79 -75.65 10.56
N SER H 21 39.92 -75.60 9.86
CA SER H 21 40.42 -74.35 9.28
C SER H 21 40.79 -74.60 7.83
N CYS H 22 40.23 -73.81 6.93
CA CYS H 22 40.53 -73.88 5.49
C CYS H 22 41.32 -72.64 5.11
N LYS H 23 42.64 -72.78 5.03
CA LYS H 23 43.52 -71.67 4.66
C LYS H 23 43.49 -71.52 3.14
N ALA H 24 42.85 -70.45 2.67
CA ALA H 24 42.74 -70.18 1.25
C ALA H 24 43.87 -69.26 0.79
N SER H 25 44.31 -69.46 -0.45
CA SER H 25 45.36 -68.65 -1.04
C SER H 25 45.06 -68.48 -2.52
N GLY H 26 44.68 -67.27 -2.92
CA GLY H 26 44.34 -67.00 -4.31
C GLY H 26 44.48 -65.54 -4.69
N ASP H 27 43.54 -65.03 -5.47
CA ASP H 27 43.61 -63.64 -5.91
C ASP H 27 43.10 -62.69 -4.84
N THR H 28 41.84 -62.85 -4.43
CA THR H 28 41.23 -61.98 -3.43
C THR H 28 40.43 -62.84 -2.45
N PHE H 29 39.97 -62.18 -1.38
CA PHE H 29 39.17 -62.84 -0.35
C PHE H 29 37.93 -62.02 0.00
N ILE H 30 37.47 -61.17 -0.93
CA ILE H 30 36.37 -60.25 -0.68
C ILE H 30 35.19 -60.52 -1.61
N ASN H 31 35.47 -60.64 -2.91
CA ASN H 31 34.38 -60.83 -3.87
C ASN H 31 33.86 -62.26 -3.86
N TYR H 32 34.76 -63.24 -3.94
CA TYR H 32 34.35 -64.64 -3.96
C TYR H 32 33.96 -65.10 -2.55
N ALA H 33 32.90 -65.90 -2.49
CA ALA H 33 32.42 -66.46 -1.23
C ALA H 33 32.98 -67.87 -1.04
N PHE H 34 32.56 -68.51 0.05
CA PHE H 34 33.05 -69.84 0.39
C PHE H 34 31.95 -70.63 1.07
N SER H 35 31.95 -71.94 0.83
CA SER H 35 30.95 -72.84 1.40
C SER H 35 31.65 -74.01 2.06
N TRP H 36 30.88 -74.75 2.87
CA TRP H 36 31.39 -75.91 3.59
C TRP H 36 30.40 -77.06 3.43
N VAL H 37 30.92 -78.23 3.03
CA VAL H 37 30.11 -79.43 2.87
C VAL H 37 30.76 -80.56 3.65
N ARG H 38 29.98 -81.61 3.90
CA ARG H 38 30.43 -82.79 4.62
C ARG H 38 30.35 -84.00 3.71
N GLN H 39 31.43 -84.78 3.66
CA GLN H 39 31.49 -85.98 2.84
C GLN H 39 31.21 -87.18 3.75
N ALA H 40 29.92 -87.42 4.00
CA ALA H 40 29.52 -88.52 4.84
C ALA H 40 29.64 -89.85 4.06
N PRO H 41 29.99 -90.94 4.74
CA PRO H 41 30.07 -92.24 4.06
C PRO H 41 28.71 -92.67 3.53
N GLY H 42 28.64 -92.89 2.22
CA GLY H 42 27.40 -93.30 1.60
C GLY H 42 26.43 -92.18 1.32
N GLN H 43 26.92 -90.95 1.21
CA GLN H 43 26.07 -89.80 0.90
C GLN H 43 26.65 -88.87 -0.16
N GLY H 44 27.93 -88.95 -0.48
CA GLY H 44 28.52 -88.06 -1.45
C GLY H 44 28.96 -86.74 -0.86
N LEU H 45 27.99 -85.86 -0.59
CA LEU H 45 28.26 -84.57 0.03
C LEU H 45 26.93 -83.94 0.41
N GLU H 46 27.00 -82.97 1.32
CA GLU H 46 25.80 -82.29 1.80
C GLU H 46 26.17 -80.87 2.20
N TRP H 47 25.45 -79.89 1.62
CA TRP H 47 25.71 -78.49 1.90
C TRP H 47 25.37 -78.16 3.35
N MET H 48 26.37 -77.77 4.13
CA MET H 48 26.18 -77.43 5.53
C MET H 48 25.87 -75.95 5.72
N GLY H 49 26.67 -75.08 5.11
CA GLY H 49 26.46 -73.65 5.24
C GLY H 49 27.35 -72.89 4.27
N ARG H 50 27.02 -71.61 4.11
CA ARG H 50 27.76 -70.73 3.21
C ARG H 50 27.84 -69.36 3.83
N ILE H 51 29.05 -68.88 4.10
CA ILE H 51 29.29 -67.59 4.74
C ILE H 51 29.71 -66.60 3.67
N ILE H 52 29.05 -65.45 3.63
CA ILE H 52 29.38 -64.38 2.68
C ILE H 52 30.42 -63.47 3.32
N PRO H 53 31.54 -63.20 2.65
CA PRO H 53 32.57 -62.35 3.28
C PRO H 53 32.15 -60.90 3.43
N ILE H 54 31.47 -60.35 2.43
CA ILE H 54 31.11 -58.93 2.49
C ILE H 54 29.88 -58.71 3.37
N LEU H 55 28.92 -59.65 3.34
CA LEU H 55 27.70 -59.50 4.12
C LEU H 55 27.80 -60.08 5.52
N ASP H 56 28.71 -61.03 5.75
CA ASP H 56 28.92 -61.64 7.06
C ASP H 56 27.64 -62.28 7.58
N ILE H 57 27.10 -63.20 6.78
CA ILE H 57 25.88 -63.92 7.12
C ILE H 57 26.06 -65.40 6.76
N ALA H 58 25.55 -66.27 7.62
CA ALA H 58 25.62 -67.71 7.42
C ALA H 58 24.23 -68.25 7.18
N HIS H 59 24.11 -69.20 6.25
CA HIS H 59 22.83 -69.79 5.88
C HIS H 59 22.76 -71.23 6.36
N TYR H 60 21.68 -71.55 7.06
CA TYR H 60 21.41 -72.91 7.53
C TYR H 60 20.09 -73.37 6.94
N ALA H 61 20.11 -74.50 6.25
CA ALA H 61 18.95 -74.91 5.46
C ALA H 61 17.90 -75.60 6.33
N GLN H 62 18.23 -76.76 6.90
CA GLN H 62 17.21 -77.47 7.66
C GLN H 62 17.68 -77.95 9.03
N LYS H 63 18.92 -78.41 9.15
CA LYS H 63 19.37 -79.06 10.38
C LYS H 63 20.54 -78.37 11.06
N PHE H 64 21.38 -77.66 10.32
CA PHE H 64 22.53 -76.98 10.92
C PHE H 64 22.18 -75.63 11.54
N GLN H 65 20.90 -75.38 11.78
CA GLN H 65 20.46 -74.12 12.39
C GLN H 65 20.46 -74.27 13.90
N GLY H 66 21.46 -73.71 14.56
CA GLY H 66 21.58 -73.74 16.01
C GLY H 66 22.79 -74.47 16.53
N ARG H 67 23.38 -75.39 15.75
CA ARG H 67 24.54 -76.15 16.18
C ARG H 67 25.75 -75.95 15.27
N LEU H 68 25.68 -75.02 14.32
CA LEU H 68 26.78 -74.74 13.40
C LEU H 68 27.26 -73.31 13.61
N THR H 69 28.56 -73.12 13.55
CA THR H 69 29.20 -71.81 13.77
C THR H 69 30.18 -71.51 12.65
N ILE H 70 29.74 -71.69 11.41
CA ILE H 70 30.57 -71.43 10.24
C ILE H 70 30.74 -69.93 10.08
N THR H 71 31.98 -69.46 10.16
CA THR H 71 32.31 -68.05 10.00
C THR H 71 33.53 -67.93 9.11
N ALA H 72 34.10 -66.74 9.04
CA ALA H 72 35.29 -66.50 8.23
C ALA H 72 36.05 -65.30 8.79
N ASP H 73 37.22 -65.04 8.22
CA ASP H 73 38.05 -63.90 8.61
C ASP H 73 38.68 -63.33 7.35
N LYS H 74 38.16 -62.20 6.88
CA LYS H 74 38.67 -61.59 5.65
C LYS H 74 40.02 -60.94 5.87
N SER H 75 40.35 -60.59 7.12
CA SER H 75 41.64 -59.96 7.40
C SER H 75 42.78 -60.96 7.22
N THR H 76 42.63 -62.16 7.77
CA THR H 76 43.64 -63.20 7.67
C THR H 76 43.49 -64.07 6.43
N ASP H 77 42.45 -63.85 5.62
CA ASP H 77 42.20 -64.62 4.40
C ASP H 77 42.08 -66.12 4.68
N THR H 78 41.51 -66.48 5.82
CA THR H 78 41.36 -67.87 6.23
C THR H 78 39.93 -68.09 6.70
N ALA H 79 39.28 -69.11 6.15
CA ALA H 79 37.91 -69.47 6.53
C ALA H 79 37.94 -70.71 7.40
N TYR H 80 37.39 -70.60 8.60
CA TYR H 80 37.33 -71.70 9.55
C TYR H 80 35.89 -72.08 9.83
N MET H 81 35.71 -73.26 10.43
CA MET H 81 34.38 -73.81 10.69
C MET H 81 34.35 -74.38 12.10
N GLU H 82 33.15 -74.38 12.69
CA GLU H 82 32.95 -74.90 14.03
C GLU H 82 31.54 -75.47 14.14
N LEU H 83 31.44 -76.64 14.77
CA LEU H 83 30.16 -77.34 14.95
C LEU H 83 29.95 -77.52 16.45
N THR H 84 29.09 -76.70 17.03
CA THR H 84 28.79 -76.79 18.46
C THR H 84 27.85 -77.94 18.73
N SER H 85 27.99 -78.53 19.93
CA SER H 85 27.14 -79.64 20.39
C SER H 85 27.24 -80.83 19.43
N LEU H 86 28.44 -81.40 19.36
CA LEU H 86 28.69 -82.54 18.50
C LEU H 86 27.91 -83.76 18.96
N LYS H 87 27.75 -84.71 18.03
CA LYS H 87 27.06 -85.97 18.31
C LYS H 87 27.84 -87.10 17.65
N SER H 88 27.49 -88.33 18.03
CA SER H 88 28.18 -89.50 17.49
C SER H 88 27.94 -89.65 16.00
N ASP H 89 26.78 -89.18 15.50
CA ASP H 89 26.45 -89.30 14.09
C ASP H 89 27.02 -88.16 13.25
N ASP H 90 27.72 -87.21 13.85
CA ASP H 90 28.29 -86.07 13.13
C ASP H 90 29.62 -86.39 12.46
N THR H 91 30.04 -87.65 12.46
CA THR H 91 31.31 -88.03 11.84
C THR H 91 31.19 -87.93 10.32
N ALA H 92 31.89 -86.97 9.73
CA ALA H 92 31.85 -86.77 8.29
C ALA H 92 33.09 -86.02 7.85
N VAL H 93 33.51 -86.27 6.61
CA VAL H 93 34.68 -85.62 6.04
C VAL H 93 34.27 -84.21 5.59
N TYR H 94 34.82 -83.19 6.25
CA TYR H 94 34.49 -81.81 5.94
C TYR H 94 35.39 -81.31 4.80
N PHE H 95 34.76 -80.72 3.78
CA PHE H 95 35.47 -80.18 2.63
C PHE H 95 35.36 -78.66 2.62
N CYS H 96 36.15 -78.04 1.73
CA CYS H 96 36.20 -76.60 1.57
C CYS H 96 36.04 -76.27 0.09
N ALA H 97 35.21 -75.27 -0.20
CA ALA H 97 34.92 -74.91 -1.58
C ALA H 97 34.65 -73.42 -1.67
N ARG H 98 35.10 -72.81 -2.77
CA ARG H 98 34.87 -71.41 -3.05
C ARG H 98 33.64 -71.26 -3.93
N VAL H 99 32.72 -70.38 -3.54
CA VAL H 99 31.46 -70.19 -4.22
C VAL H 99 31.26 -68.70 -4.52
N PHE H 100 30.14 -68.39 -5.17
CA PHE H 100 29.79 -67.03 -5.53
C PHE H 100 28.84 -66.45 -4.49
N ARG H 101 28.29 -65.26 -4.78
CA ARG H 101 27.41 -64.55 -3.86
C ARG H 101 25.94 -64.81 -4.11
N GLY H 102 25.57 -65.30 -5.29
CA GLY H 102 24.17 -65.49 -5.64
C GLY H 102 23.51 -66.60 -4.83
N SER H 103 22.22 -66.78 -5.10
CA SER H 103 21.45 -67.83 -4.42
C SER H 103 22.03 -69.21 -4.73
N GLN H 104 22.29 -69.48 -6.00
CA GLN H 104 22.96 -70.71 -6.41
C GLN H 104 24.40 -70.39 -6.79
N TYR H 105 25.28 -71.38 -6.64
CA TYR H 105 26.70 -71.17 -6.84
C TYR H 105 27.36 -72.47 -7.26
N TRP H 106 28.40 -72.34 -8.08
CA TRP H 106 29.11 -73.49 -8.62
C TRP H 106 30.28 -73.86 -7.70
N PHE H 107 30.44 -75.15 -7.47
CA PHE H 107 31.53 -75.67 -6.63
C PHE H 107 32.71 -76.11 -7.48
N ASP H 108 33.32 -75.16 -8.17
CA ASP H 108 34.47 -75.45 -9.01
C ASP H 108 35.74 -75.66 -8.18
N PRO H 109 36.09 -74.74 -7.27
CA PRO H 109 37.28 -74.98 -6.44
C PRO H 109 36.91 -75.88 -5.26
N TRP H 110 37.82 -76.80 -4.93
CA TRP H 110 37.63 -77.71 -3.81
C TRP H 110 38.93 -77.79 -3.01
N GLY H 111 38.84 -78.44 -1.84
CA GLY H 111 39.97 -78.60 -0.95
C GLY H 111 40.41 -80.05 -0.84
N GLN H 112 41.54 -80.24 -0.17
CA GLN H 112 42.10 -81.57 0.01
C GLN H 112 41.25 -82.44 0.92
N GLY H 113 40.42 -81.85 1.77
CA GLY H 113 39.59 -82.60 2.70
C GLY H 113 40.32 -82.91 4.00
N THR H 114 39.53 -83.41 4.97
CA THR H 114 40.07 -83.74 6.28
C THR H 114 39.73 -85.17 6.66
N LEU H 115 40.04 -85.56 7.90
CA LEU H 115 39.71 -86.87 8.42
C LEU H 115 39.16 -86.75 9.84
N VAL H 116 38.26 -85.79 10.04
CA VAL H 116 37.70 -85.54 11.37
C VAL H 116 36.79 -86.70 11.76
N THR H 117 37.11 -87.33 12.89
CA THR H 117 36.30 -88.42 13.45
C THR H 117 35.82 -88.00 14.84
N VAL H 118 34.50 -88.01 15.04
CA VAL H 118 33.95 -87.56 16.31
C VAL H 118 34.25 -88.58 17.40
N SER H 119 33.88 -89.84 17.17
CA SER H 119 34.09 -90.90 18.15
C SER H 119 35.58 -91.23 18.20
N SER H 120 36.27 -90.70 19.22
CA SER H 120 37.70 -90.89 19.36
C SER H 120 38.00 -92.09 20.25
N ALA H 121 39.15 -92.72 19.99
CA ALA H 121 39.60 -93.87 20.76
C ALA H 121 41.10 -93.77 20.96
N SER H 122 41.56 -94.28 22.11
CA SER H 122 42.98 -94.22 22.43
C SER H 122 43.77 -95.21 21.56
N THR H 123 45.09 -95.07 21.61
CA THR H 123 45.96 -95.94 20.83
C THR H 123 46.05 -97.32 21.46
N LYS H 124 46.36 -98.31 20.64
CA LYS H 124 46.48 -99.69 21.09
C LYS H 124 47.71 -100.30 20.43
N GLY H 125 47.85 -101.62 20.56
CA GLY H 125 48.98 -102.33 20.00
C GLY H 125 48.53 -103.44 19.06
N PRO H 126 48.96 -103.36 17.80
CA PRO H 126 48.57 -104.39 16.81
C PRO H 126 49.15 -105.75 17.18
N SER H 127 48.31 -106.77 17.11
CA SER H 127 48.70 -108.15 17.39
C SER H 127 48.83 -108.88 16.07
N VAL H 128 50.06 -109.13 15.65
CA VAL H 128 50.32 -109.78 14.36
C VAL H 128 49.92 -111.25 14.45
N PHE H 129 49.14 -111.70 13.48
CA PHE H 129 48.67 -113.09 13.41
C PHE H 129 49.00 -113.66 12.03
N PRO H 130 50.00 -114.53 11.93
CA PRO H 130 50.35 -115.10 10.62
C PRO H 130 49.42 -116.25 10.24
N LEU H 131 49.58 -116.70 9.00
CA LEU H 131 48.80 -117.80 8.46
C LEU H 131 49.71 -118.68 7.61
N ALA H 132 49.13 -119.73 7.02
CA ALA H 132 49.90 -120.65 6.22
C ALA H 132 50.27 -120.02 4.88
N PRO H 133 51.48 -120.24 4.38
CA PRO H 133 51.89 -119.68 3.10
C PRO H 133 51.31 -120.47 1.93
N SER H 134 51.72 -120.08 0.73
CA SER H 134 51.28 -120.71 -0.52
C SER H 134 49.76 -120.76 -0.63
N ALA H 143 53.81 -118.28 -0.70
CA ALA H 143 53.36 -117.40 -1.77
C ALA H 143 52.35 -116.39 -1.23
N ALA H 144 51.12 -116.84 -0.98
CA ALA H 144 50.07 -115.99 -0.46
C ALA H 144 50.17 -115.93 1.05
N LEU H 145 50.54 -114.77 1.58
CA LEU H 145 50.72 -114.55 3.01
C LEU H 145 49.74 -113.50 3.51
N GLY H 146 49.80 -113.22 4.80
CA GLY H 146 48.97 -112.19 5.40
C GLY H 146 49.16 -112.09 6.90
N CYS H 147 49.27 -110.86 7.41
CA CYS H 147 49.40 -110.62 8.84
C CYS H 147 48.16 -109.85 9.30
N LEU H 148 47.36 -110.49 10.16
CA LEU H 148 46.12 -109.88 10.65
C LEU H 148 46.46 -108.89 11.76
N VAL H 149 46.83 -107.69 11.33
CA VAL H 149 47.24 -106.63 12.27
C VAL H 149 45.97 -105.83 12.60
N LYS H 150 45.24 -106.33 13.60
CA LYS H 150 44.03 -105.69 14.12
C LYS H 150 44.35 -105.03 15.46
N ASP H 151 43.32 -104.55 16.15
CA ASP H 151 43.43 -104.00 17.50
C ASP H 151 44.31 -102.76 17.54
N TYR H 152 43.91 -101.76 16.74
CA TYR H 152 44.58 -100.47 16.73
C TYR H 152 43.66 -99.47 16.04
N PHE H 153 43.46 -98.33 16.71
CA PHE H 153 42.55 -97.31 16.20
C PHE H 153 43.16 -96.47 15.07
N PRO H 154 44.35 -95.85 15.26
CA PRO H 154 44.89 -95.00 14.18
C PRO H 154 45.24 -95.79 12.93
N GLU H 155 44.52 -95.54 11.84
CA GLU H 155 44.63 -96.29 10.58
C GLU H 155 46.05 -96.39 10.02
N PRO H 156 46.76 -95.27 9.76
CA PRO H 156 47.97 -95.33 8.92
C PRO H 156 49.03 -96.30 9.41
N VAL H 157 49.28 -97.36 8.64
CA VAL H 157 50.31 -98.35 8.90
C VAL H 157 50.90 -98.77 7.56
N THR H 158 52.20 -98.61 7.40
CA THR H 158 52.89 -98.94 6.14
C THR H 158 53.31 -100.41 6.21
N VAL H 159 52.43 -101.28 5.72
CA VAL H 159 52.68 -102.72 5.70
C VAL H 159 53.35 -103.02 4.35
N SER H 160 54.67 -102.88 4.31
CA SER H 160 55.45 -103.11 3.10
C SER H 160 56.10 -104.49 3.08
N TRP H 161 55.87 -105.32 4.10
CA TRP H 161 56.43 -106.66 4.19
C TRP H 161 57.97 -106.62 4.11
N ASN H 162 58.56 -105.77 4.96
CA ASN H 162 60.01 -105.63 5.06
C ASN H 162 60.64 -105.27 3.71
N SER H 163 60.25 -104.10 3.20
CA SER H 163 60.75 -103.58 1.93
C SER H 163 60.49 -104.56 0.79
N GLY H 164 59.30 -105.15 0.78
CA GLY H 164 58.92 -106.08 -0.28
C GLY H 164 59.67 -107.38 -0.25
N ALA H 165 59.84 -107.99 0.94
CA ALA H 165 60.51 -109.27 1.02
C ALA H 165 59.69 -110.38 0.36
N LEU H 166 58.36 -110.31 0.47
CA LEU H 166 57.48 -111.27 -0.20
C LEU H 166 56.20 -110.51 -0.56
N THR H 167 56.17 -110.00 -1.79
CA THR H 167 55.04 -109.21 -2.28
C THR H 167 54.72 -109.62 -3.71
N SER H 168 53.51 -110.12 -3.93
CA SER H 168 53.05 -110.47 -5.28
C SER H 168 51.55 -110.23 -5.33
N GLY H 169 51.16 -109.06 -5.80
CA GLY H 169 49.76 -108.68 -5.84
C GLY H 169 49.16 -108.50 -4.46
N VAL H 170 49.77 -107.61 -3.67
CA VAL H 170 49.31 -107.39 -2.29
C VAL H 170 47.98 -106.64 -2.32
N HIS H 171 46.99 -107.19 -1.62
CA HIS H 171 45.67 -106.56 -1.51
C HIS H 171 45.61 -105.84 -0.17
N THR H 172 46.03 -104.57 -0.16
CA THR H 172 45.99 -103.75 1.04
C THR H 172 44.55 -103.30 1.27
N PHE H 173 43.79 -104.15 1.97
CA PHE H 173 42.39 -103.85 2.23
C PHE H 173 42.25 -102.72 3.24
N PRO H 174 41.24 -101.88 3.09
CA PRO H 174 41.00 -100.82 4.08
C PRO H 174 40.71 -101.40 5.45
N ALA H 175 41.10 -100.65 6.48
CA ALA H 175 40.92 -101.11 7.85
C ALA H 175 39.44 -101.14 8.23
N VAL H 176 38.95 -102.33 8.53
CA VAL H 176 37.54 -102.51 8.92
C VAL H 176 37.37 -102.15 10.38
N LEU H 177 36.40 -101.29 10.67
CA LEU H 177 36.16 -100.83 12.03
C LEU H 177 35.60 -101.99 12.86
N GLN H 178 36.34 -102.39 13.90
CA GLN H 178 35.89 -103.46 14.78
C GLN H 178 34.79 -102.96 15.72
N SER H 179 34.17 -103.91 16.41
CA SER H 179 33.12 -103.57 17.36
C SER H 179 33.66 -102.94 18.63
N SER H 180 34.96 -103.10 18.90
CA SER H 180 35.59 -102.54 20.09
C SER H 180 36.22 -101.18 19.84
N GLY H 181 35.72 -100.44 18.85
CA GLY H 181 36.26 -99.13 18.55
C GLY H 181 37.66 -99.16 17.96
N LEU H 182 38.03 -100.24 17.29
CA LEU H 182 39.36 -100.35 16.70
C LEU H 182 39.25 -100.82 15.25
N TYR H 183 40.39 -101.03 14.59
CA TYR H 183 40.43 -101.45 13.19
C TYR H 183 40.92 -102.88 13.08
N SER H 184 40.65 -103.48 11.91
CA SER H 184 41.00 -104.87 11.64
C SER H 184 41.65 -104.99 10.27
N LEU H 185 42.61 -104.11 9.98
CA LEU H 185 43.30 -104.14 8.70
C LEU H 185 44.12 -105.41 8.56
N SER H 186 44.12 -105.98 7.36
CA SER H 186 44.84 -107.21 7.06
C SER H 186 45.45 -107.09 5.67
N SER H 187 46.77 -107.04 5.61
CA SER H 187 47.49 -106.95 4.34
C SER H 187 47.77 -108.35 3.80
N VAL H 188 46.69 -109.04 3.44
CA VAL H 188 46.77 -110.41 2.94
C VAL H 188 47.14 -110.33 1.46
N VAL H 189 48.39 -110.62 1.14
CA VAL H 189 48.84 -110.63 -0.25
C VAL H 189 48.27 -111.85 -0.95
N THR H 190 47.61 -111.62 -2.08
CA THR H 190 46.94 -112.67 -2.84
C THR H 190 47.84 -113.12 -3.99
N VAL H 191 48.23 -114.40 -3.98
CA VAL H 191 49.06 -114.95 -5.03
C VAL H 191 48.33 -116.09 -5.73
N THR H 200 61.19 -112.95 2.64
CA THR H 200 60.82 -113.43 3.95
C THR H 200 59.35 -113.16 4.22
N TYR H 201 58.67 -114.14 4.82
CA TYR H 201 57.23 -114.05 5.09
C TYR H 201 56.96 -113.37 6.43
N ILE H 202 57.42 -112.12 6.53
CA ILE H 202 57.19 -111.28 7.70
C ILE H 202 56.75 -109.90 7.23
N CYS H 203 55.87 -109.28 8.00
CA CYS H 203 55.34 -107.97 7.68
C CYS H 203 55.67 -106.99 8.82
N ASN H 204 55.93 -105.74 8.46
CA ASN H 204 56.27 -104.70 9.41
C ASN H 204 55.04 -103.85 9.72
N VAL H 205 54.89 -103.47 10.98
CA VAL H 205 53.78 -102.65 11.43
C VAL H 205 54.33 -101.24 11.66
N ASN H 206 54.13 -100.36 10.69
CA ASN H 206 54.59 -98.98 10.80
C ASN H 206 53.48 -98.07 11.32
N HIS H 207 53.09 -98.33 12.57
CA HIS H 207 52.05 -97.56 13.24
C HIS H 207 52.66 -96.26 13.74
N LYS H 208 52.17 -95.13 13.22
CA LYS H 208 52.78 -93.84 13.56
C LYS H 208 52.64 -93.47 15.03
N PRO H 209 51.45 -93.53 15.65
CA PRO H 209 51.38 -93.17 17.08
C PRO H 209 52.10 -94.16 17.98
N SER H 210 51.84 -95.45 17.83
CA SER H 210 52.47 -96.47 18.68
C SER H 210 52.78 -97.68 17.81
N ASN H 211 54.01 -97.75 17.33
CA ASN H 211 54.43 -98.85 16.46
C ASN H 211 54.72 -100.09 17.28
N THR H 212 54.23 -101.24 16.81
CA THR H 212 54.46 -102.53 17.45
C THR H 212 54.92 -103.49 16.34
N LYS H 213 56.23 -103.51 16.08
CA LYS H 213 56.79 -104.31 15.00
C LYS H 213 57.14 -105.69 15.54
N VAL H 214 56.16 -106.60 15.45
CA VAL H 214 56.33 -107.98 15.88
C VAL H 214 56.33 -108.83 14.60
N ASP H 215 57.52 -109.11 14.10
CA ASP H 215 57.66 -109.93 12.90
C ASP H 215 57.35 -111.38 13.23
N LYS H 216 56.23 -111.89 12.72
CA LYS H 216 55.77 -113.25 12.98
C LYS H 216 55.99 -114.08 11.72
N ARG H 217 57.03 -114.90 11.72
CA ARG H 217 57.29 -115.78 10.60
C ARG H 217 56.28 -116.93 10.58
N VAL H 218 56.02 -117.44 9.39
CA VAL H 218 55.06 -118.51 9.20
C VAL H 218 55.78 -119.84 9.09
N GLU H 219 55.03 -120.93 9.27
CA GLU H 219 55.59 -122.27 9.19
C GLU H 219 55.28 -122.85 7.81
N PRO H 220 56.27 -122.99 6.92
CA PRO H 220 56.05 -123.54 5.57
C PRO H 220 55.72 -125.03 5.59
N GLU I 1 13.84 -80.99 -6.36
CA GLU I 1 14.35 -79.92 -5.51
C GLU I 1 14.60 -80.40 -4.09
N ILE I 2 14.41 -81.70 -3.86
CA ILE I 2 14.60 -82.27 -2.53
C ILE I 2 15.64 -83.38 -2.57
N VAL I 3 15.40 -84.41 -3.38
CA VAL I 3 16.26 -85.58 -3.44
C VAL I 3 16.64 -85.80 -4.90
N LEU I 4 17.90 -85.53 -5.23
CA LEU I 4 18.41 -85.70 -6.60
C LEU I 4 19.14 -87.03 -6.73
N THR I 5 18.39 -88.12 -6.58
CA THR I 5 18.96 -89.46 -6.73
C THR I 5 18.93 -89.89 -8.20
N GLN I 6 20.01 -90.53 -8.62
CA GLN I 6 20.10 -91.05 -9.98
C GLN I 6 19.43 -92.41 -10.08
N SER I 7 18.68 -92.63 -11.16
CA SER I 7 17.96 -93.89 -11.30
C SER I 7 18.87 -95.07 -11.62
N PRO I 8 19.82 -94.98 -12.59
CA PRO I 8 20.68 -96.15 -12.85
C PRO I 8 21.59 -96.48 -11.67
N GLY I 9 22.36 -95.50 -11.20
CA GLY I 9 23.24 -95.69 -10.08
C GLY I 9 24.53 -96.42 -10.37
N THR I 10 24.59 -97.21 -11.43
CA THR I 10 25.79 -97.96 -11.79
C THR I 10 26.42 -97.46 -13.07
N LEU I 11 25.66 -97.43 -14.18
CA LEU I 11 26.13 -96.95 -15.47
C LEU I 11 27.39 -97.69 -15.92
N SER I 12 27.21 -98.99 -16.12
CA SER I 12 28.32 -99.85 -16.52
C SER I 12 28.86 -99.42 -17.88
N LEU I 13 30.19 -99.55 -18.03
CA LEU I 13 30.85 -99.15 -19.26
C LEU I 13 32.16 -99.91 -19.39
N SER I 14 32.38 -100.49 -20.58
CA SER I 14 33.63 -101.19 -20.84
C SER I 14 34.71 -100.20 -21.29
N PRO I 15 35.98 -100.47 -20.99
CA PRO I 15 37.05 -99.55 -21.39
C PRO I 15 37.18 -99.48 -22.90
N GLY I 16 36.89 -98.30 -23.46
CA GLY I 16 36.98 -98.05 -24.89
C GLY I 16 35.70 -97.55 -25.50
N GLU I 17 34.55 -97.92 -24.93
CA GLU I 17 33.25 -97.52 -25.46
C GLU I 17 32.81 -96.21 -24.80
N ARG I 18 31.56 -95.82 -25.02
CA ARG I 18 30.99 -94.60 -24.48
C ARG I 18 29.73 -94.92 -23.68
N ALA I 19 29.55 -94.21 -22.57
CA ALA I 19 28.38 -94.36 -21.71
C ALA I 19 27.64 -93.02 -21.65
N THR I 20 26.61 -92.98 -20.80
CA THR I 20 25.79 -91.77 -20.66
C THR I 20 25.29 -91.72 -19.22
N LEU I 21 25.88 -90.84 -18.42
CA LEU I 21 25.40 -90.62 -17.06
C LEU I 21 24.02 -89.98 -17.08
N SER I 22 23.33 -90.04 -15.94
CA SER I 22 21.99 -89.49 -15.85
C SER I 22 21.62 -89.28 -14.39
N CYS I 23 20.97 -88.15 -14.11
CA CYS I 23 20.40 -87.86 -12.80
C CYS I 23 18.93 -87.51 -12.98
N ARG I 24 18.07 -88.10 -12.16
CA ARG I 24 16.63 -87.92 -12.28
C ARG I 24 16.19 -86.69 -11.52
N ALA I 25 15.56 -85.75 -12.23
CA ALA I 25 15.07 -84.54 -11.59
C ALA I 25 13.91 -84.87 -10.66
N SER I 26 13.98 -84.36 -9.42
CA SER I 26 12.98 -84.70 -8.42
C SER I 26 11.65 -84.02 -8.70
N GLN I 27 11.62 -82.69 -8.69
CA GLN I 27 10.39 -81.92 -8.82
C GLN I 27 10.49 -80.90 -9.95
N SER I 28 11.03 -81.33 -11.10
CA SER I 28 11.03 -80.53 -12.33
C SER I 28 11.74 -79.19 -12.12
N ILE I 29 13.07 -79.28 -12.00
CA ILE I 29 13.93 -78.10 -11.92
C ILE I 29 13.52 -77.10 -13.01
N ASN I 30 13.31 -75.85 -12.62
CA ASN I 30 12.69 -74.89 -13.51
C ASN I 30 13.67 -74.36 -14.55
N ASN I 31 14.70 -73.65 -14.12
CA ASN I 31 15.55 -72.90 -15.05
C ASN I 31 16.76 -73.72 -15.51
N ARG I 32 16.51 -74.94 -15.96
CA ARG I 32 17.48 -75.79 -16.65
C ARG I 32 18.88 -75.70 -16.05
N HIS I 33 18.96 -76.02 -14.76
CA HIS I 33 20.22 -75.91 -14.00
C HIS I 33 20.59 -77.27 -13.42
N LEU I 34 21.82 -77.70 -13.70
CA LEU I 34 22.33 -78.95 -13.18
C LEU I 34 23.86 -78.90 -13.24
N ALA I 35 24.50 -79.81 -12.50
CA ALA I 35 25.95 -79.90 -12.46
C ALA I 35 26.36 -81.35 -12.61
N TRP I 36 27.67 -81.55 -12.80
CA TRP I 36 28.23 -82.89 -12.94
C TRP I 36 29.63 -82.88 -12.35
N TYR I 37 29.76 -83.42 -11.14
CA TYR I 37 31.03 -83.44 -10.43
C TYR I 37 31.86 -84.66 -10.83
N GLN I 38 33.10 -84.69 -10.35
CA GLN I 38 34.02 -85.79 -10.65
C GLN I 38 34.98 -85.91 -9.47
N GLN I 39 34.72 -86.88 -8.59
CA GLN I 39 35.55 -87.12 -7.41
C GLN I 39 36.44 -88.32 -7.68
N LYS I 40 37.74 -88.08 -7.84
CA LYS I 40 38.71 -89.12 -8.19
C LYS I 40 39.06 -89.91 -6.93
N ARG I 41 38.37 -91.04 -6.73
CA ARG I 41 38.68 -91.98 -5.65
C ARG I 41 38.66 -91.30 -4.27
N GLY I 42 37.64 -90.45 -4.05
CA GLY I 42 37.50 -89.78 -2.78
C GLY I 42 38.41 -88.60 -2.55
N GLN I 43 39.15 -88.17 -3.57
CA GLN I 43 40.02 -87.00 -3.44
C GLN I 43 39.21 -85.73 -3.68
N ALA I 44 39.89 -84.61 -3.86
CA ALA I 44 39.25 -83.32 -4.07
C ALA I 44 38.31 -83.38 -5.28
N PRO I 45 37.01 -83.18 -5.08
CA PRO I 45 36.07 -83.24 -6.22
C PRO I 45 36.28 -82.08 -7.18
N ARG I 46 35.63 -82.20 -8.34
CA ARG I 46 35.70 -81.18 -9.37
C ARG I 46 34.59 -81.39 -10.40
N PHE I 47 33.85 -80.33 -10.71
CA PHE I 47 32.78 -80.40 -11.69
C PHE I 47 33.21 -79.71 -12.98
N LEU I 48 32.66 -80.19 -14.10
CA LEU I 48 33.06 -79.72 -15.42
C LEU I 48 31.92 -79.19 -16.28
N ILE I 49 30.66 -79.28 -15.82
CA ILE I 49 29.51 -78.82 -16.59
C ILE I 49 28.72 -77.86 -15.71
N TYR I 50 28.69 -76.60 -16.10
CA TYR I 50 27.89 -75.59 -15.41
C TYR I 50 26.73 -75.17 -16.30
N GLY I 51 25.60 -74.85 -15.66
CA GLY I 51 24.41 -74.49 -16.40
C GLY I 51 23.76 -75.63 -17.14
N ALA I 52 24.21 -76.87 -16.93
CA ALA I 52 23.69 -78.11 -17.50
C ALA I 52 23.94 -78.21 -19.00
N ALA I 53 24.54 -77.21 -19.64
CA ALA I 53 24.80 -77.25 -21.07
C ALA I 53 26.20 -76.81 -21.48
N SER I 54 26.90 -76.04 -20.66
CA SER I 54 28.21 -75.50 -21.01
C SER I 54 29.29 -76.15 -20.15
N ARG I 55 30.49 -76.27 -20.70
CA ARG I 55 31.63 -76.83 -20.00
C ARG I 55 32.44 -75.74 -19.33
N ALA I 56 33.13 -76.11 -18.25
CA ALA I 56 33.93 -75.17 -17.48
C ALA I 56 35.28 -74.97 -18.15
N THR I 57 36.18 -74.27 -17.47
CA THR I 57 37.50 -73.99 -18.02
C THR I 57 38.42 -75.20 -17.86
N GLY I 58 39.30 -75.37 -18.84
CA GLY I 58 40.23 -76.49 -18.81
C GLY I 58 39.56 -77.84 -18.92
N ILE I 59 38.47 -77.92 -19.68
CA ILE I 59 37.69 -79.15 -19.83
C ILE I 59 37.75 -79.56 -21.30
N PRO I 60 38.06 -80.80 -21.62
CA PRO I 60 38.12 -81.23 -23.02
C PRO I 60 36.74 -81.16 -23.68
N ASP I 61 36.76 -81.25 -25.01
CA ASP I 61 35.54 -81.20 -25.82
C ASP I 61 34.88 -82.55 -25.96
N ARG I 62 35.17 -83.50 -25.06
CA ARG I 62 34.61 -84.84 -25.12
C ARG I 62 33.32 -84.97 -24.33
N PHE I 63 32.59 -83.87 -24.14
CA PHE I 63 31.35 -83.88 -23.38
C PHE I 63 30.30 -83.05 -24.10
N SER I 64 29.06 -83.51 -24.04
CA SER I 64 27.92 -82.78 -24.62
C SER I 64 27.08 -82.07 -23.57
N GLY I 65 26.67 -82.77 -22.52
CA GLY I 65 25.93 -82.15 -21.45
C GLY I 65 24.50 -82.61 -21.33
N SER I 66 23.60 -81.67 -21.03
CA SER I 66 22.20 -81.97 -20.76
C SER I 66 21.37 -80.77 -21.21
N GLY I 67 20.18 -80.62 -20.65
CA GLY I 67 19.30 -79.52 -21.00
C GLY I 67 17.86 -79.93 -21.23
N SER I 68 17.52 -81.17 -20.88
CA SER I 68 16.15 -81.65 -21.01
C SER I 68 15.32 -81.09 -19.84
N GLY I 69 14.07 -81.53 -19.73
CA GLY I 69 13.20 -81.03 -18.68
C GLY I 69 13.34 -81.77 -17.37
N THR I 70 13.24 -83.08 -17.42
CA THR I 70 13.36 -83.92 -16.23
C THR I 70 14.40 -85.02 -16.38
N ASP I 71 14.51 -85.61 -17.56
CA ASP I 71 15.45 -86.71 -17.80
C ASP I 71 16.76 -86.13 -18.33
N PHE I 72 17.66 -85.79 -17.40
CA PHE I 72 18.95 -85.24 -17.77
C PHE I 72 19.94 -86.36 -18.07
N THR I 73 20.89 -86.08 -18.95
CA THR I 73 21.89 -87.05 -19.36
C THR I 73 23.27 -86.40 -19.33
N LEU I 74 24.30 -87.23 -19.52
CA LEU I 74 25.68 -86.75 -19.61
C LEU I 74 26.46 -87.78 -20.43
N THR I 75 26.68 -87.47 -21.70
CA THR I 75 27.39 -88.39 -22.58
C THR I 75 28.89 -88.21 -22.42
N ILE I 76 29.61 -89.32 -22.30
CA ILE I 76 31.06 -89.33 -22.14
C ILE I 76 31.66 -90.07 -23.34
N SER I 77 32.27 -89.31 -24.24
CA SER I 77 32.91 -89.87 -25.42
C SER I 77 34.42 -89.88 -25.25
N ARG I 78 35.08 -90.77 -25.99
CA ARG I 78 36.53 -90.94 -25.94
C ARG I 78 37.00 -91.23 -24.51
N LEU I 79 36.54 -92.37 -24.01
CA LEU I 79 36.79 -92.76 -22.63
C LEU I 79 38.29 -92.86 -22.34
N GLU I 80 38.71 -92.24 -21.25
CA GLU I 80 40.07 -92.27 -20.74
C GLU I 80 40.09 -92.86 -19.33
N PRO I 81 41.22 -93.44 -18.90
CA PRO I 81 41.30 -93.98 -17.53
C PRO I 81 41.09 -92.92 -16.45
N GLU I 82 41.25 -91.63 -16.78
CA GLU I 82 41.02 -90.59 -15.77
C GLU I 82 39.54 -90.41 -15.48
N ASP I 83 38.67 -90.74 -16.44
CA ASP I 83 37.24 -90.57 -16.25
C ASP I 83 36.64 -91.57 -15.25
N PHE I 84 37.41 -92.57 -14.82
CA PHE I 84 36.92 -93.56 -13.85
C PHE I 84 36.92 -92.93 -12.47
N ALA I 85 35.84 -92.19 -12.19
CA ALA I 85 35.69 -91.52 -10.92
C ALA I 85 34.21 -91.49 -10.55
N VAL I 86 33.89 -90.88 -9.42
CA VAL I 86 32.53 -90.77 -8.93
C VAL I 86 31.93 -89.46 -9.44
N TYR I 87 30.76 -89.56 -10.09
CA TYR I 87 30.07 -88.40 -10.63
C TYR I 87 28.88 -88.04 -9.76
N TYR I 88 28.63 -86.74 -9.62
CA TYR I 88 27.52 -86.23 -8.84
C TYR I 88 26.70 -85.27 -9.69
N CYS I 89 25.71 -84.64 -9.07
CA CYS I 89 24.84 -83.70 -9.76
C CYS I 89 24.11 -82.85 -8.73
N GLN I 90 24.12 -81.54 -8.94
CA GLN I 90 23.51 -80.58 -8.01
C GLN I 90 22.29 -79.95 -8.66
N GLN I 91 21.22 -79.78 -7.88
CA GLN I 91 19.97 -79.18 -8.35
C GLN I 91 19.93 -77.74 -7.86
N TYR I 92 20.18 -76.80 -8.76
CA TYR I 92 20.19 -75.38 -8.43
C TYR I 92 18.76 -74.85 -8.42
N GLY I 93 18.61 -73.53 -8.38
CA GLY I 93 17.32 -72.88 -8.43
C GLY I 93 17.02 -72.09 -7.17
N SER I 94 15.74 -71.92 -6.89
CA SER I 94 15.29 -71.19 -5.71
C SER I 94 15.21 -72.05 -4.46
N SER I 95 15.13 -73.37 -4.62
CA SER I 95 15.11 -74.27 -3.49
C SER I 95 16.48 -74.30 -2.81
N PRO I 96 16.54 -74.72 -1.55
CA PRO I 96 17.83 -74.86 -0.89
C PRO I 96 18.69 -75.86 -1.64
N PRO I 97 20.02 -75.68 -1.62
CA PRO I 97 20.90 -76.57 -2.38
C PRO I 97 20.87 -77.99 -1.84
N THR I 98 20.41 -78.91 -2.67
CA THR I 98 20.33 -80.33 -2.34
C THR I 98 21.20 -81.13 -3.30
N PHE I 99 21.54 -82.33 -2.88
CA PHE I 99 22.41 -83.22 -3.66
C PHE I 99 21.82 -84.62 -3.63
N GLY I 100 22.57 -85.57 -4.19
CA GLY I 100 22.15 -86.96 -4.21
C GLY I 100 23.31 -87.92 -4.00
N GLN I 101 23.16 -89.15 -4.48
CA GLN I 101 24.20 -90.15 -4.35
C GLN I 101 25.25 -89.93 -5.45
N GLY I 102 26.21 -90.85 -5.55
CA GLY I 102 27.30 -90.73 -6.51
C GLY I 102 27.10 -91.69 -7.68
N THR I 103 27.29 -91.16 -8.89
CA THR I 103 27.17 -91.95 -10.11
C THR I 103 28.56 -92.48 -10.50
N LYS I 104 29.03 -93.44 -9.71
CA LYS I 104 30.34 -94.04 -9.96
C LYS I 104 30.31 -94.85 -11.25
N VAL I 105 31.24 -94.54 -12.16
CA VAL I 105 31.32 -95.26 -13.43
C VAL I 105 31.74 -96.69 -13.15
N GLU I 106 30.87 -97.64 -13.51
CA GLU I 106 31.12 -99.05 -13.29
C GLU I 106 31.94 -99.59 -14.44
N ILE I 107 33.21 -99.94 -14.17
CA ILE I 107 34.10 -100.44 -15.20
C ILE I 107 33.67 -101.86 -15.55
N LYS I 108 33.06 -102.04 -16.72
CA LYS I 108 32.61 -103.35 -17.17
C LYS I 108 33.80 -104.15 -17.70
N ARG I 109 34.04 -105.31 -17.11
CA ARG I 109 35.14 -106.18 -17.48
C ARG I 109 34.61 -107.57 -17.82
N THR I 110 35.53 -108.47 -18.15
CA THR I 110 35.18 -109.84 -18.52
C THR I 110 35.00 -110.68 -17.26
N VAL I 111 34.88 -111.99 -17.43
CA VAL I 111 34.71 -112.91 -16.32
C VAL I 111 36.03 -113.62 -16.05
N ALA I 112 36.10 -114.27 -14.88
CA ALA I 112 37.30 -114.98 -14.47
C ALA I 112 36.88 -116.08 -13.49
N ALA I 113 37.87 -116.67 -12.82
CA ALA I 113 37.66 -117.74 -11.86
C ALA I 113 38.43 -117.42 -10.58
N PRO I 114 37.86 -117.72 -9.41
CA PRO I 114 38.53 -117.43 -8.15
C PRO I 114 39.66 -118.41 -7.88
N SER I 115 40.57 -118.01 -6.99
CA SER I 115 41.70 -118.83 -6.58
C SER I 115 41.56 -119.30 -5.15
N VAL I 116 40.36 -119.75 -4.78
CA VAL I 116 40.03 -120.15 -3.41
C VAL I 116 41.05 -121.14 -2.87
N PHE I 117 41.70 -120.78 -1.77
CA PHE I 117 42.69 -121.61 -1.10
C PHE I 117 42.61 -121.37 0.39
N ILE I 118 42.51 -122.44 1.17
CA ILE I 118 42.42 -122.33 2.63
C ILE I 118 43.81 -122.48 3.23
N PHE I 119 44.07 -121.72 4.28
CA PHE I 119 45.36 -121.73 4.96
C PHE I 119 45.19 -122.15 6.41
N PRO I 120 45.62 -123.36 6.80
CA PRO I 120 45.47 -123.78 8.19
C PRO I 120 46.35 -122.93 9.10
N PRO I 121 45.96 -122.78 10.37
CA PRO I 121 46.80 -121.99 11.30
C PRO I 121 48.09 -122.73 11.63
N SER I 122 49.20 -122.01 11.55
CA SER I 122 50.52 -122.59 11.76
C SER I 122 51.15 -122.18 13.08
N ASP I 123 51.24 -120.88 13.35
CA ASP I 123 51.90 -120.39 14.55
C ASP I 123 50.91 -120.31 15.71
N GLU I 124 51.34 -119.71 16.82
CA GLU I 124 50.52 -119.61 18.02
C GLU I 124 49.39 -118.61 17.78
N GLN I 125 48.17 -119.12 17.62
CA GLN I 125 47.00 -118.28 17.43
C GLN I 125 45.87 -118.70 18.36
N LEU I 126 45.88 -119.96 18.79
CA LEU I 126 44.81 -120.48 19.63
C LEU I 126 44.90 -119.98 21.07
N LYS I 127 46.03 -119.40 21.47
CA LYS I 127 46.16 -118.90 22.83
C LYS I 127 45.17 -117.78 23.11
N SER I 128 45.30 -116.66 22.40
CA SER I 128 44.34 -115.58 22.52
C SER I 128 43.09 -115.84 21.68
N GLY I 129 43.25 -116.49 20.54
CA GLY I 129 42.13 -116.87 19.69
C GLY I 129 42.09 -116.11 18.39
N THR I 130 42.61 -116.71 17.33
CA THR I 130 42.54 -116.15 15.98
C THR I 130 41.87 -117.11 15.01
N ALA I 131 42.28 -118.37 14.99
CA ALA I 131 41.73 -119.39 14.08
C ALA I 131 41.80 -118.92 12.63
N SER I 132 43.01 -118.53 12.21
CA SER I 132 43.24 -118.03 10.86
C SER I 132 43.24 -119.22 9.89
N VAL I 133 42.05 -119.74 9.63
CA VAL I 133 41.84 -120.83 8.70
C VAL I 133 40.82 -120.45 7.62
N VAL I 134 40.57 -119.14 7.49
CA VAL I 134 39.57 -118.61 6.57
C VAL I 134 40.04 -118.81 5.12
N CYS I 135 39.12 -118.67 4.17
CA CYS I 135 39.41 -118.85 2.77
C CYS I 135 40.14 -117.63 2.21
N LEU I 136 40.37 -117.63 0.89
CA LEU I 136 41.03 -116.54 0.20
C LEU I 136 40.31 -116.33 -1.13
N LEU I 137 39.52 -115.26 -1.21
CA LEU I 137 38.76 -114.94 -2.42
C LEU I 137 39.46 -113.78 -3.13
N ASN I 138 39.96 -114.04 -4.33
CA ASN I 138 40.66 -113.02 -5.09
C ASN I 138 40.68 -113.41 -6.56
N ASN I 139 41.26 -112.53 -7.38
CA ASN I 139 41.48 -112.75 -8.81
C ASN I 139 40.18 -112.88 -9.60
N PHE I 140 39.05 -112.49 -9.00
CA PHE I 140 37.77 -112.49 -9.72
C PHE I 140 37.45 -111.07 -10.17
N TYR I 141 37.18 -110.93 -11.47
CA TYR I 141 36.91 -109.62 -12.07
C TYR I 141 35.60 -109.00 -11.61
N PRO I 142 34.48 -109.75 -11.54
CA PRO I 142 33.23 -109.13 -11.05
C PRO I 142 33.31 -108.76 -9.58
N ARG I 143 33.31 -107.45 -9.30
CA ARG I 143 33.36 -107.00 -7.90
C ARG I 143 32.10 -107.36 -7.14
N GLU I 144 30.97 -107.46 -7.85
CA GLU I 144 29.74 -107.95 -7.23
C GLU I 144 29.91 -109.41 -6.86
N ALA I 145 29.91 -109.71 -5.56
CA ALA I 145 30.15 -111.06 -5.09
C ALA I 145 29.33 -111.31 -3.82
N LYS I 146 28.84 -112.54 -3.69
CA LYS I 146 28.10 -112.98 -2.51
C LYS I 146 28.81 -114.21 -1.95
N VAL I 147 29.67 -114.01 -0.96
CA VAL I 147 30.46 -115.07 -0.40
C VAL I 147 29.63 -115.80 0.65
N GLN I 148 29.33 -117.07 0.40
CA GLN I 148 28.54 -117.89 1.33
C GLN I 148 29.50 -118.63 2.24
N TRP I 149 29.60 -118.17 3.49
CA TRP I 149 30.56 -118.74 4.43
C TRP I 149 29.97 -119.91 5.20
N LYS I 150 30.85 -120.79 5.65
CA LYS I 150 30.49 -121.94 6.48
C LYS I 150 31.20 -121.78 7.83
N VAL I 151 30.42 -121.58 8.88
CA VAL I 151 30.99 -121.30 10.21
C VAL I 151 30.64 -122.48 11.10
N ASP I 152 31.48 -123.51 11.05
CA ASP I 152 31.61 -124.55 12.07
C ASP I 152 30.41 -125.49 12.16
N ASN I 153 29.28 -125.12 11.57
CA ASN I 153 28.15 -126.04 11.47
C ASN I 153 27.65 -126.18 10.04
N ALA I 154 27.41 -125.03 9.39
CA ALA I 154 26.77 -124.99 8.08
C ALA I 154 26.93 -123.59 7.49
N LEU I 155 26.22 -123.33 6.39
CA LEU I 155 26.23 -121.99 5.78
C LEU I 155 25.74 -120.97 6.80
N GLN I 156 26.65 -120.10 7.25
CA GLN I 156 26.34 -119.14 8.29
C GLN I 156 27.29 -117.94 8.12
N SER I 157 27.31 -117.07 9.13
CA SER I 157 28.15 -115.88 9.11
C SER I 157 28.56 -115.56 10.55
N GLY I 158 29.07 -114.36 10.76
CA GLY I 158 29.50 -113.94 12.08
C GLY I 158 30.80 -113.15 12.06
N ASN I 159 31.77 -113.58 12.86
CA ASN I 159 33.06 -112.91 12.89
C ASN I 159 33.90 -113.20 11.64
N SER I 160 33.54 -114.22 10.87
CA SER I 160 34.23 -114.50 9.62
C SER I 160 33.69 -113.68 8.44
N GLN I 161 32.69 -112.84 8.68
CA GLN I 161 32.09 -112.01 7.64
C GLN I 161 32.67 -110.60 7.74
N GLU I 162 33.49 -110.23 6.75
CA GLU I 162 34.06 -108.90 6.67
C GLU I 162 33.54 -108.09 5.49
N SER I 163 33.62 -108.65 4.29
CA SER I 163 33.13 -107.99 3.07
C SER I 163 33.79 -106.63 2.88
N VAL I 164 35.12 -106.66 2.71
CA VAL I 164 35.88 -105.42 2.56
C VAL I 164 35.57 -104.78 1.22
N THR I 165 35.82 -103.47 1.13
CA THR I 165 35.55 -102.73 -0.10
C THR I 165 36.45 -103.22 -1.23
N GLU I 166 35.85 -103.38 -2.42
CA GLU I 166 36.57 -103.86 -3.59
C GLU I 166 37.31 -102.69 -4.23
N GLN I 167 38.62 -102.66 -4.05
CA GLN I 167 39.45 -101.60 -4.62
C GLN I 167 39.93 -102.00 -6.01
N ASP I 168 40.32 -100.98 -6.79
CA ASP I 168 40.78 -101.20 -8.16
C ASP I 168 42.29 -101.39 -8.16
N SER I 169 42.74 -102.51 -8.73
CA SER I 169 44.15 -102.83 -8.82
C SER I 169 44.66 -102.50 -10.22
N LYS I 170 45.91 -102.88 -10.49
CA LYS I 170 46.49 -102.62 -11.81
C LYS I 170 45.77 -103.42 -12.89
N ASP I 171 45.44 -104.68 -12.60
CA ASP I 171 44.74 -105.55 -13.53
C ASP I 171 43.25 -105.65 -13.23
N SER I 172 42.71 -104.76 -12.40
CA SER I 172 41.28 -104.70 -12.11
C SER I 172 40.78 -106.00 -11.50
N THR I 173 41.55 -106.55 -10.56
CA THR I 173 41.16 -107.78 -9.86
C THR I 173 40.60 -107.41 -8.48
N TYR I 174 39.31 -107.10 -8.47
CA TYR I 174 38.64 -106.76 -7.22
C TYR I 174 38.56 -108.00 -6.33
N SER I 175 38.73 -107.79 -5.02
CA SER I 175 38.75 -108.90 -4.09
C SER I 175 38.30 -108.44 -2.71
N LEU I 176 37.58 -109.32 -2.01
CA LEU I 176 37.16 -109.10 -0.62
C LEU I 176 37.45 -110.38 0.15
N SER I 177 38.66 -110.49 0.68
CA SER I 177 39.09 -111.67 1.42
C SER I 177 38.79 -111.44 2.91
N SER I 178 37.66 -111.98 3.36
CA SER I 178 37.30 -111.86 4.77
C SER I 178 38.24 -112.70 5.63
N THR I 179 38.54 -112.21 6.83
CA THR I 179 39.43 -112.89 7.74
C THR I 179 38.62 -113.73 8.74
N LEU I 180 39.30 -114.28 9.75
CA LEU I 180 38.66 -115.08 10.77
C LEU I 180 39.17 -114.64 12.14
N THR I 181 38.25 -114.34 13.05
CA THR I 181 38.58 -113.81 14.37
C THR I 181 37.79 -114.55 15.44
N LEU I 182 37.83 -115.88 15.39
CA LEU I 182 37.16 -116.69 16.40
C LEU I 182 37.72 -116.38 17.79
N SER I 183 36.86 -116.54 18.80
CA SER I 183 37.25 -116.17 20.16
C SER I 183 38.31 -117.11 20.72
N LYS I 184 38.15 -118.41 20.52
CA LYS I 184 39.08 -119.40 21.04
C LYS I 184 39.34 -120.43 19.95
N ALA I 185 40.00 -121.53 20.34
CA ALA I 185 40.37 -122.61 19.41
C ALA I 185 39.11 -123.39 19.06
N ASP I 186 38.45 -122.98 17.98
CA ASP I 186 37.24 -123.64 17.51
C ASP I 186 37.42 -124.27 16.13
N TYR I 187 38.61 -124.20 15.55
CA TYR I 187 38.83 -124.78 14.22
C TYR I 187 38.93 -126.30 14.25
N GLU I 188 39.16 -126.89 15.44
CA GLU I 188 39.23 -128.34 15.53
C GLU I 188 37.88 -128.99 15.29
N LYS I 189 36.79 -128.27 15.57
CA LYS I 189 35.43 -128.77 15.37
C LYS I 189 34.73 -128.12 14.19
N HIS I 190 35.48 -127.43 13.32
CA HIS I 190 34.85 -126.75 12.20
C HIS I 190 34.39 -127.74 11.15
N LYS I 191 33.29 -127.41 10.48
CA LYS I 191 32.72 -128.25 9.44
C LYS I 191 33.42 -127.94 8.11
N VAL I 192 32.89 -128.43 7.00
CA VAL I 192 33.51 -128.19 5.70
C VAL I 192 33.56 -126.69 5.41
N TYR I 193 34.49 -126.30 4.54
CA TYR I 193 34.72 -124.90 4.25
C TYR I 193 34.38 -124.54 2.82
N ALA I 194 33.20 -124.97 2.34
CA ALA I 194 32.76 -124.65 0.99
C ALA I 194 32.35 -123.19 0.94
N CYS I 195 33.37 -122.32 0.94
CA CYS I 195 33.18 -120.87 0.90
C CYS I 195 32.84 -120.47 -0.53
N GLU I 196 31.55 -120.53 -0.85
CA GLU I 196 31.08 -120.28 -2.21
C GLU I 196 30.88 -118.78 -2.41
N VAL I 197 31.72 -118.18 -3.25
CA VAL I 197 31.58 -116.78 -3.62
C VAL I 197 30.90 -116.73 -5.00
N THR I 198 29.69 -116.19 -5.03
CA THR I 198 28.90 -116.17 -6.26
C THR I 198 29.21 -114.91 -7.06
N HIS I 199 29.62 -115.09 -8.30
CA HIS I 199 29.92 -113.97 -9.20
C HIS I 199 29.77 -114.47 -10.63
N GLN I 200 30.03 -113.56 -11.58
CA GLN I 200 29.92 -113.88 -13.00
C GLN I 200 31.15 -114.68 -13.42
N GLY I 201 30.96 -115.98 -13.66
CA GLY I 201 32.05 -116.83 -14.08
C GLY I 201 32.13 -118.13 -13.31
N LEU I 202 31.76 -118.10 -12.03
CA LEU I 202 31.78 -119.28 -11.18
C LEU I 202 30.49 -119.33 -10.38
N SER I 203 29.77 -120.45 -10.46
CA SER I 203 28.51 -120.58 -9.74
C SER I 203 28.76 -120.82 -8.25
N SER I 204 29.47 -121.88 -7.90
CA SER I 204 29.75 -122.24 -6.51
C SER I 204 31.16 -122.76 -6.39
N PRO I 205 32.11 -121.92 -5.96
CA PRO I 205 33.50 -122.40 -5.79
C PRO I 205 33.65 -123.35 -4.62
N VAL I 206 33.23 -124.60 -4.80
CA VAL I 206 33.34 -125.61 -3.74
C VAL I 206 34.74 -126.20 -3.66
N THR I 207 35.68 -125.72 -4.48
CA THR I 207 37.02 -126.29 -4.52
C THR I 207 37.76 -126.09 -3.20
N LYS I 208 38.47 -127.14 -2.78
CA LYS I 208 39.28 -127.14 -1.56
C LYS I 208 38.41 -126.83 -0.32
N SER I 209 37.46 -127.74 -0.09
CA SER I 209 36.56 -127.65 1.06
C SER I 209 37.15 -128.30 2.31
N PHE I 210 38.48 -128.31 2.43
CA PHE I 210 39.15 -128.89 3.58
C PHE I 210 38.65 -128.24 4.87
N ASN I 211 38.39 -129.06 5.89
CA ASN I 211 37.91 -128.54 7.17
C ASN I 211 39.00 -127.73 7.87
N ARG I 212 40.13 -128.37 8.15
CA ARG I 212 41.23 -127.71 8.85
C ARG I 212 42.38 -127.42 7.90
C1 NAG J . -31.59 -35.95 31.65
C2 NAG J . -31.72 -37.02 30.55
C3 NAG J . -32.64 -38.15 31.01
C4 NAG J . -32.18 -38.70 32.34
C5 NAG J . -32.04 -37.57 33.36
C6 NAG J . -31.49 -38.03 34.70
C7 NAG J . -31.83 -36.89 28.10
C8 NAG J . -32.42 -36.18 26.92
N2 NAG J . -32.19 -36.44 29.30
O3 NAG J . -32.65 -39.19 30.03
O4 NAG J . -33.11 -39.66 32.82
O5 NAG J . -31.15 -36.57 32.87
O6 NAG J . -31.39 -36.97 35.62
O7 NAG J . -31.06 -37.84 27.96
C1 NAG K . 4.56 -45.30 10.88
C2 NAG K . 3.69 -44.14 11.38
C3 NAG K . 2.41 -44.04 10.55
C4 NAG K . 2.75 -43.96 9.07
C5 NAG K . 3.63 -45.13 8.66
C6 NAG K . 4.09 -45.06 7.22
C7 NAG K . 3.67 -43.39 13.71
C8 NAG K . 3.26 -43.72 15.12
N2 NAG K . 3.38 -44.31 12.78
O3 NAG K . 1.69 -42.88 10.95
O4 NAG K . 1.55 -43.99 8.30
O5 NAG K . 4.81 -45.14 9.48
O6 NAG K . 3.60 -43.89 6.57
O7 NAG K . 4.24 -42.33 13.43
C1 NAG L . -6.74 -32.51 11.66
C2 NAG L . -5.69 -31.70 12.41
C3 NAG L . -5.02 -30.70 11.46
C4 NAG L . -4.48 -31.41 10.23
C5 NAG L . -5.59 -32.23 9.56
C6 NAG L . -5.09 -33.06 8.41
C7 NAG L . -5.98 -31.31 14.81
C8 NAG L . -6.67 -30.51 15.87
N2 NAG L . -6.27 -31.01 13.55
O3 NAG L . -3.97 -30.03 12.14
O4 NAG L . -3.98 -30.46 9.30
O5 NAG L . -6.15 -33.15 10.51
O6 NAG L . -4.10 -32.37 7.66
O7 NAG L . -5.19 -32.21 15.10
C1 NAG M . -4.00 -17.23 51.57
C2 NAG M . -4.59 -18.27 52.54
C3 NAG M . -4.07 -18.01 53.95
C4 NAG M . -2.55 -17.97 53.96
C5 NAG M . -2.04 -16.96 52.93
C6 NAG M . -0.54 -16.94 52.80
C7 NAG M . -6.78 -19.12 51.84
C8 NAG M . -8.27 -18.94 51.94
N2 NAG M . -6.04 -18.24 52.52
O3 NAG M . -4.53 -19.04 54.81
O4 NAG M . -2.07 -17.61 55.25
O5 NAG M . -2.57 -17.26 51.64
O6 NAG M . -0.02 -18.27 52.70
O7 NAG M . -6.28 -20.02 51.19
C1 NAG N . -42.89 -25.74 -12.41
C2 NAG N . -43.52 -26.42 -13.63
C3 NAG N . -43.92 -27.85 -13.29
C4 NAG N . -42.73 -28.61 -12.71
C5 NAG N . -42.14 -27.84 -11.53
C6 NAG N . -40.88 -28.48 -10.98
C7 NAG N . -44.60 -24.78 -15.12
C8 NAG N . -45.89 -24.11 -15.48
N2 NAG N . -44.67 -25.67 -14.11
O3 NAG N . -44.39 -28.50 -14.46
O4 NAG N . -43.15 -29.89 -12.27
O5 NAG N . -41.78 -26.52 -11.95
O6 NAG N . -40.52 -27.92 -9.74
O7 NAG N . -43.55 -24.55 -15.70
C1 NAG O . -15.03 -27.54 -23.87
C2 NAG O . -16.12 -27.62 -22.80
C3 NAG O . -15.60 -28.34 -21.56
C4 NAG O . -15.03 -29.70 -21.95
C5 NAG O . -13.97 -29.54 -23.04
C6 NAG O . -13.45 -30.86 -23.56
C7 NAG O . -17.90 -25.98 -22.36
C8 NAG O . -18.22 -24.57 -21.98
N2 NAG O . -16.61 -26.29 -22.45
O3 NAG O . -16.65 -28.51 -20.63
O4 NAG O . -14.42 -30.31 -20.81
O5 NAG O . -14.55 -28.85 -24.17
O6 NAG O . -14.46 -31.86 -23.56
O7 NAG O . -18.79 -26.82 -22.57
C1 NAG P . -52.54 -9.57 21.25
C2 NAG P . -52.74 -8.76 19.97
C3 NAG P . -54.03 -7.95 20.06
C4 NAG P . -55.21 -8.85 20.41
C5 NAG P . -54.91 -9.66 21.67
C6 NAG P . -55.98 -10.66 22.01
C7 NAG P . -51.15 -7.64 18.48
C8 NAG P . -49.97 -6.72 18.40
N2 NAG P . -51.61 -7.90 19.71
O3 NAG P . -54.27 -7.30 18.82
O4 NAG P . -56.37 -8.07 20.62
O5 NAG P . -53.69 -10.40 21.50
O6 NAG P . -56.53 -11.25 20.84
O7 NAG P . -51.68 -8.12 17.48
C1 NAG Q . -72.04 28.26 52.84
C2 NAG Q . -72.93 29.48 53.10
C3 NAG Q . -74.32 29.04 53.54
C4 NAG Q . -74.91 28.06 52.53
C5 NAG Q . -73.95 26.90 52.30
C6 NAG Q . -74.41 25.95 51.22
C7 NAG Q . -71.88 31.59 53.80
C8 NAG Q . -71.30 32.36 54.96
N2 NAG Q . -72.35 30.36 54.09
O3 NAG Q . -75.17 30.18 53.65
O4 NAG Q . -76.15 27.54 53.01
O5 NAG Q . -72.67 27.41 51.88
O6 NAG Q . -73.91 24.64 51.44
O7 NAG Q . -71.94 32.05 52.67
C1 NAG R . -46.26 19.39 70.87
C2 NAG R . -46.79 19.22 72.29
C3 NAG R . -45.65 18.87 73.25
C4 NAG R . -44.88 17.65 72.74
C5 NAG R . -44.43 17.88 71.29
C6 NAG R . -43.77 16.66 70.69
C7 NAG R . -48.81 20.50 72.85
C8 NAG R . -49.34 21.82 73.33
N2 NAG R . -47.48 20.42 72.74
O3 NAG R . -46.18 18.60 74.54
O4 NAG R . -43.75 17.41 73.55
O5 NAG R . -45.57 18.20 70.47
O6 NAG R . -43.48 16.88 69.31
O7 NAG R . -49.54 19.56 72.57
C1 NAG S . -24.31 17.37 73.29
C2 NAG S . -24.39 16.81 74.71
C3 NAG S . -23.16 15.97 75.02
C4 NAG S . -22.95 14.90 73.95
C5 NAG S . -22.92 15.54 72.57
C6 NAG S . -22.83 14.53 71.46
C7 NAG S . -23.70 18.86 75.90
C8 NAG S . -24.08 19.84 76.97
N2 NAG S . -24.57 17.86 75.70
O3 NAG S . -23.31 15.36 76.30
O4 NAG S . -21.72 14.22 74.18
O5 NAG S . -24.13 16.30 72.36
O6 NAG S . -23.96 13.66 71.45
O7 NAG S . -22.65 18.96 75.27
C1 NAG T . -62.27 17.99 61.08
C2 NAG T . -61.56 16.88 61.85
C3 NAG T . -61.23 15.70 60.94
C4 NAG T . -62.50 15.23 60.21
C5 NAG T . -63.17 16.39 59.51
C6 NAG T . -64.49 16.02 58.88
C7 NAG T . -59.29 17.89 61.85
C8 NAG T . -58.16 18.34 62.72
N2 NAG T . -60.35 17.37 62.50
O3 NAG T . -60.68 14.64 61.70
O4 NAG T . -62.17 14.22 59.27
O5 NAG T . -63.44 17.45 60.45
O6 NAG T . -65.59 16.32 59.74
O7 NAG T . -59.27 17.99 60.63
C1 NAG U . -65.08 29.08 73.87
C2 NAG U . -65.87 28.24 74.87
C3 NAG U . -66.42 29.12 75.98
C4 NAG U . -65.32 29.95 76.61
C5 NAG U . -64.56 30.73 75.54
C6 NAG U . -63.37 31.48 76.09
C7 NAG U . -66.79 26.23 73.81
C8 NAG U . -68.00 25.62 73.15
N2 NAG U . -66.92 27.49 74.21
O3 NAG U . -67.05 28.30 76.96
O4 NAG U . -65.87 30.86 77.56
O5 NAG U . -64.06 29.82 74.54
O6 NAG U . -62.21 30.66 76.10
O7 NAG U . -65.75 25.60 73.97
C1 NAG V . -75.89 43.36 62.86
C2 NAG V . -77.30 43.02 62.39
C3 NAG V . -77.93 44.22 61.69
C4 NAG V . -77.86 45.45 62.60
C5 NAG V . -76.43 45.69 63.06
C6 NAG V . -76.32 46.82 64.06
C7 NAG V . -77.65 40.64 61.88
C8 NAG V . -77.58 39.58 60.82
N2 NAG V . -77.29 41.87 61.49
O3 NAG V . -79.29 43.93 61.37
O4 NAG V . -78.33 46.59 61.90
O5 NAG V . -75.92 44.51 63.71
O6 NAG V . -75.04 46.82 64.69
O7 NAG V . -78.02 40.41 63.03
C1 NAG W . -41.76 28.73 -25.94
C2 NAG W . -42.54 29.70 -25.07
C3 NAG W . -43.23 30.75 -25.93
C4 NAG W . -42.22 31.43 -26.85
C5 NAG W . -41.45 30.38 -27.66
C6 NAG W . -40.35 30.99 -28.50
C7 NAG W . -43.40 28.88 -22.91
C8 NAG W . -42.19 29.53 -22.29
N2 NAG W . -43.51 29.00 -24.25
O3 NAG W . -43.85 31.72 -25.08
O4 NAG W . -42.89 32.31 -27.74
O5 NAG W . -40.83 29.45 -26.76
O6 NAG W . -39.54 29.97 -29.08
O7 NAG W . -44.23 28.28 -22.24
C1 NAG X . -27.61 -9.70 -44.14
C2 NAG X . -27.91 -8.69 -45.25
C3 NAG X . -26.99 -8.91 -46.44
C4 NAG X . -25.53 -8.90 -45.99
C5 NAG X . -25.32 -9.92 -44.86
C6 NAG X . -23.93 -9.89 -44.28
C7 NAG X . -29.90 -9.82 -46.20
C8 NAG X . -31.35 -9.66 -46.54
N2 NAG X . -29.31 -8.75 -45.66
O3 NAG X . -27.20 -7.89 -47.41
O4 NAG X . -24.68 -9.24 -47.08
O5 NAG X . -26.22 -9.62 -43.78
O6 NAG X . -23.92 -10.29 -42.93
O7 NAG X . -29.31 -10.87 -46.38
C1 NAG Y . -24.63 7.69 -33.25
C2 NAG Y . -23.25 7.88 -32.64
C3 NAG Y . -22.85 9.36 -32.70
C4 NAG Y . -22.96 9.88 -34.12
C5 NAG Y . -24.36 9.60 -34.67
C6 NAG Y . -24.51 9.99 -36.13
C7 NAG Y . -22.55 6.28 -30.91
C8 NAG Y . -22.61 5.93 -29.45
N2 NAG Y . -23.20 7.40 -31.27
O3 NAG Y . -21.51 9.50 -32.24
O4 NAG Y . -22.72 11.28 -34.15
O5 NAG Y . -24.64 8.20 -34.59
O6 NAG Y . -23.57 10.99 -36.50
O7 NAG Y . -21.95 5.59 -31.73
C1 NAG Z . -57.49 1.75 -3.49
C2 NAG Z . -58.43 2.75 -4.16
C3 NAG Z . -59.81 2.70 -3.49
C4 NAG Z . -60.35 1.28 -3.46
C5 NAG Z . -59.32 0.35 -2.82
C6 NAG Z . -59.74 -1.10 -2.86
C7 NAG Z . -57.88 4.90 -5.19
C8 NAG Z . -57.27 6.25 -4.98
N2 NAG Z . -57.89 4.09 -4.12
O3 NAG Z . -60.71 3.55 -4.20
O4 NAG Z . -61.55 1.24 -2.71
O5 NAG Z . -58.08 0.44 -3.52
O6 NAG Z . -59.19 -1.84 -1.78
O7 NAG Z . -58.34 4.56 -6.27
C1 NAG AA . 10.47 37.97 -18.25
C2 NAG AA . 11.18 38.97 -17.32
C3 NAG AA . 10.37 40.26 -17.22
C4 NAG AA . 10.09 40.82 -18.61
C5 NAG AA . 9.43 39.76 -19.47
C6 NAG AA . 9.22 40.20 -20.91
C7 NAG AA . 12.60 38.32 -15.41
C8 NAG AA . 13.74 38.88 -16.21
N2 NAG AA . 11.40 38.40 -16.01
O3 NAG AA . 11.10 41.21 -16.46
O4 NAG AA . 9.22 41.95 -18.50
O5 NAG AA . 10.25 38.58 -19.53
O6 NAG AA . 10.45 40.19 -21.63
O7 NAG AA . 12.75 37.84 -14.30
C1 NAG BA . 20.35 24.44 -36.91
C2 NAG BA . 19.33 24.56 -35.78
C3 NAG BA . 17.91 24.48 -36.33
C4 NAG BA . 17.72 25.51 -37.44
C5 NAG BA . 18.80 25.35 -38.50
C6 NAG BA . 18.74 26.43 -39.56
C7 NAG BA . 19.33 23.72 -33.47
C8 NAG BA . 19.61 22.54 -32.58
N2 NAG BA . 19.54 23.53 -34.78
O3 NAG BA . 16.98 24.72 -35.28
O4 NAG BA . 16.44 25.35 -38.04
O5 NAG BA . 20.10 25.46 -37.89
O6 NAG BA . 19.70 27.45 -39.33
O7 NAG BA . 18.94 24.79 -33.02
C1 NAG CA . -20.67 46.27 -2.40
C2 NAG CA . -20.21 46.65 -1.00
C3 NAG CA . -20.18 48.16 -0.83
C4 NAG CA . -19.34 48.80 -1.94
C5 NAG CA . -19.84 48.34 -3.31
C6 NAG CA . -18.98 48.83 -4.44
C7 NAG CA . -20.67 45.03 0.80
C8 NAG CA . -21.68 44.53 1.79
N2 NAG CA . -21.06 46.04 0.01
O3 NAG CA . -19.63 48.49 0.44
O4 NAG CA . -19.42 50.21 -1.86
O5 NAG CA . -19.83 46.90 -3.37
O6 NAG CA . -17.60 48.82 -4.10
O7 NAG CA . -19.54 44.55 0.72
C1 NAG DA . -38.81 69.75 41.16
C2 NAG DA . -38.53 70.72 42.31
C3 NAG DA . -38.77 72.16 41.86
C4 NAG DA . -37.97 72.46 40.60
C5 NAG DA . -38.27 71.41 39.52
C6 NAG DA . -37.41 71.58 38.29
C7 NAG DA . -38.92 69.69 44.51
C8 NAG DA . -39.90 69.46 45.62
N2 NAG DA . -39.37 70.40 43.47
O3 NAG DA . -38.40 73.05 42.90
O4 NAG DA . -38.30 73.75 40.10
O5 NAG DA . -38.00 70.10 40.04
O6 NAG DA . -36.12 71.00 38.47
O7 NAG DA . -37.78 69.24 44.55
C1 NAG EA . -62.44 47.79 36.77
C2 NAG EA . -63.75 48.53 37.02
C3 NAG EA . -64.94 47.60 36.87
C4 NAG EA . -64.89 46.90 35.51
C5 NAG EA . -63.54 46.21 35.33
C6 NAG EA . -63.38 45.60 33.95
C7 NAG EA . -64.05 50.44 38.55
C8 NAG EA . -64.00 50.91 39.97
N2 NAG EA . -63.75 49.15 38.34
O3 NAG EA . -66.15 48.34 36.99
O4 NAG EA . -65.92 45.92 35.43
O5 NAG EA . -62.48 47.17 35.47
O6 NAG EA . -62.27 44.71 33.91
O7 NAG EA . -64.35 51.19 37.62
C1 NAG FA . -69.25 26.79 35.63
C2 NAG FA . -70.65 26.87 36.22
C3 NAG FA . -71.55 25.80 35.60
C4 NAG FA . -71.52 25.90 34.08
C5 NAG FA . -70.08 25.87 33.58
C6 NAG FA . -69.97 26.09 32.08
C7 NAG FA . -70.63 27.78 38.50
C8 NAG FA . -70.58 27.45 39.97
N2 NAG FA . -70.62 26.73 37.67
O3 NAG FA . -72.88 25.97 36.07
O4 NAG FA . -72.25 24.83 33.51
O5 NAG FA . -69.32 26.92 34.20
O6 NAG FA . -69.15 27.20 31.78
O7 NAG FA . -70.66 28.94 38.09
C1 NAG GA . -51.70 64.43 35.31
C2 NAG GA . -51.78 65.73 36.10
C3 NAG GA . -52.55 66.78 35.30
C4 NAG GA . -51.95 66.94 33.91
C5 NAG GA . -51.85 65.59 33.22
C6 NAG GA . -51.15 65.66 31.88
C7 NAG GA . -51.97 66.12 38.51
C8 NAG GA . -52.73 65.79 39.76
N2 NAG GA . -52.40 65.53 37.40
O3 NAG GA . -52.54 68.02 35.99
O4 NAG GA . -52.76 67.81 33.13
O5 NAG GA . -51.10 64.68 34.03
O6 NAG GA . -49.74 65.66 32.04
O7 NAG GA . -51.02 66.90 38.52
C1 NAG HA . -60.24 66.12 46.83
C2 NAG HA . -61.24 67.07 46.20
C3 NAG HA . -62.08 67.76 47.27
C4 NAG HA . -62.73 66.73 48.19
C5 NAG HA . -61.67 65.78 48.74
C6 NAG HA . -62.25 64.66 49.56
C7 NAG HA . -60.55 68.01 44.03
C8 NAG HA . -59.81 69.10 43.33
N2 NAG HA . -60.57 68.06 45.36
O3 NAG HA . -63.09 68.55 46.65
O4 NAG HA . -63.39 67.37 49.26
O5 NAG HA . -60.93 65.18 47.66
O6 NAG HA . -62.43 63.49 48.78
O7 NAG HA . -61.11 67.09 43.41
C1 NAG IA . -44.08 75.31 56.35
C2 NAG IA . -43.55 76.09 55.14
C3 NAG IA . -42.19 76.72 55.47
C4 NAG IA . -42.29 77.55 56.74
C5 NAG IA . -42.86 76.71 57.88
C6 NAG IA . -43.10 77.51 59.14
C7 NAG IA . -43.78 75.64 52.74
C8 NAG IA . -43.61 74.63 51.64
N2 NAG IA . -43.44 75.24 53.97
O3 NAG IA . -41.78 77.53 54.38
O4 NAG IA . -41.00 78.02 57.11
O5 NAG IA . -44.14 76.17 57.49
O6 NAG IA . -42.19 78.59 59.25
O7 NAG IA . -44.21 76.77 52.51
C1 NAG JA . 31.45 27.42 26.95
C2 NAG JA . 32.56 26.56 27.54
C3 NAG JA . 33.25 27.27 28.70
C4 NAG JA . 33.71 28.66 28.27
C5 NAG JA . 32.56 29.45 27.66
C6 NAG JA . 32.98 30.78 27.10
C7 NAG JA . 32.51 24.10 27.49
C8 NAG JA . 31.86 22.87 28.04
N2 NAG JA . 32.05 25.26 27.97
O3 NAG JA . 34.35 26.51 29.16
O4 NAG JA . 34.22 29.37 29.39
O5 NAG JA . 31.99 28.70 26.57
O6 NAG JA . 34.20 30.68 26.37
O7 NAG JA . 33.39 24.05 26.65
C1 NAG KA . 35.71 13.64 -14.48
C2 NAG KA . 36.76 12.72 -13.86
C3 NAG KA . 36.11 11.42 -13.39
C4 NAG KA . 34.93 11.71 -12.47
C5 NAG KA . 33.96 12.69 -13.13
C6 NAG KA . 32.83 13.11 -12.22
C7 NAG KA . 39.11 12.33 -14.44
C8 NAG KA . 40.09 12.04 -15.54
N2 NAG KA . 37.83 12.44 -14.80
O3 NAG KA . 37.08 10.62 -12.71
O4 NAG KA . 34.25 10.51 -12.15
O5 NAG KA . 34.66 13.88 -13.53
O6 NAG KA . 32.00 12.03 -11.89
O7 NAG KA . 39.47 12.46 -13.27
C1 NAG LA . 25.50 9.94 -1.24
C2 NAG LA . 25.20 8.70 -0.39
C3 NAG LA . 24.20 7.81 -1.11
C4 NAG LA . 22.95 8.61 -1.50
C5 NAG LA . 23.34 9.84 -2.30
C6 NAG LA . 22.17 10.75 -2.60
C7 NAG LA . 26.66 7.44 1.11
C8 NAG LA . 27.97 6.71 1.25
N2 NAG LA . 26.41 7.97 -0.09
O3 NAG LA . 23.84 6.72 -0.27
O4 NAG LA . 22.08 7.80 -2.29
O5 NAG LA . 24.28 10.64 -1.54
O6 NAG LA . 21.50 11.15 -1.42
O7 NAG LA . 25.88 7.54 2.04
C1 NAG MA . 8.84 48.51 7.57
C2 NAG MA . 9.73 49.16 8.62
C3 NAG MA . 9.30 50.61 8.85
C4 NAG MA . 9.27 51.37 7.52
C5 NAG MA . 8.41 50.62 6.51
C6 NAG MA . 8.43 51.25 5.14
C7 NAG MA . 10.77 47.88 10.44
C8 NAG MA . 12.07 48.07 9.71
N2 NAG MA . 9.69 48.42 9.87
O3 NAG MA . 10.21 51.24 9.74
O4 NAG MA . 8.74 52.68 7.73
O5 NAG MA . 8.88 49.27 6.36
O6 NAG MA . 9.60 52.04 4.95
O7 NAG MA . 10.71 47.25 11.49
C1 NAG NA . 18.42 -22.96 37.13
C2 NAG NA . 17.50 -23.43 38.26
C3 NAG NA . 17.88 -22.74 39.57
C4 NAG NA . 19.36 -22.95 39.87
C5 NAG NA . 20.20 -22.50 38.68
C6 NAG NA . 21.67 -22.79 38.86
C7 NAG NA . 15.27 -24.13 37.50
C8 NAG NA . 13.87 -23.69 37.20
N2 NAG NA . 16.10 -23.17 37.94
O3 NAG NA . 17.09 -23.28 40.63
O4 NAG NA . 19.73 -22.20 41.02
O5 NAG NA . 19.79 -23.20 37.49
O6 NAG NA . 22.00 -22.98 40.23
O7 NAG NA . 15.65 -25.29 37.33
C1 NAG OA . 9.75 8.68 48.75
C2 NAG OA . 8.56 7.81 49.19
C3 NAG OA . 8.60 7.55 50.69
C4 NAG OA . 9.96 6.97 51.08
C5 NAG OA . 11.08 7.86 50.58
C6 NAG OA . 12.46 7.29 50.84
C7 NAG OA . 6.85 9.61 49.25
C8 NAG OA . 5.51 10.05 48.73
N2 NAG OA . 7.29 8.43 48.80
O3 NAG OA . 7.57 6.65 51.06
O4 NAG OA . 10.04 6.86 52.50
O5 NAG OA . 10.97 8.04 49.16
O6 NAG OA . 12.42 6.29 51.84
O7 NAG OA . 7.51 10.31 50.02
C1 NAG PA . -25.52 33.59 80.13
C2 NAG PA . -25.63 34.73 81.16
C3 NAG PA . -25.01 34.32 82.49
C4 NAG PA . -25.59 32.99 82.97
C5 NAG PA . -25.43 31.94 81.88
C6 NAG PA . -26.05 30.61 82.24
C7 NAG PA . -23.72 36.10 80.38
C8 NAG PA . -23.31 37.46 79.89
N2 NAG PA . -25.03 35.96 80.66
O3 NAG PA . -25.25 35.33 83.46
O4 NAG PA . -24.91 32.56 84.14
O5 NAG PA . -26.07 32.39 80.68
O6 NAG PA . -25.30 29.52 81.72
O7 NAG PA . -22.93 35.17 80.49
C1 NAG QA . -20.83 57.39 57.59
C2 NAG QA . -20.70 58.67 58.40
C3 NAG QA . -20.55 59.88 57.47
C4 NAG QA . -19.40 59.64 56.49
C5 NAG QA . -19.59 58.31 55.76
C6 NAG QA . -18.43 57.96 54.85
C7 NAG QA . -21.71 59.24 60.56
C8 NAG QA . -22.99 59.39 61.32
N2 NAG QA . -21.83 58.86 59.29
O3 NAG QA . -20.31 61.04 58.23
O4 NAG QA . -19.35 60.69 55.54
O5 NAG QA . -19.71 57.24 56.71
O6 NAG QA . -18.85 57.18 53.75
O7 NAG QA . -20.62 59.46 61.07
C1 NAG RA . -23.41 65.03 37.72
C2 NAG RA . -22.26 65.42 36.78
C3 NAG RA . -22.12 66.94 36.72
C4 NAG RA . -23.46 67.58 36.33
C5 NAG RA . -24.56 67.10 37.28
C6 NAG RA . -25.93 67.60 36.88
C7 NAG RA . -20.26 64.04 36.42
C8 NAG RA . -19.01 63.49 37.02
N2 NAG RA . -21.02 64.81 37.22
O3 NAG RA . -21.12 67.28 35.75
O4 NAG RA . -23.35 68.99 36.40
O5 NAG RA . -24.62 65.67 37.28
O6 NAG RA . -26.62 66.63 36.10
O7 NAG RA . -20.60 63.79 35.26
C1 NAG SA . -18.63 46.33 74.46
C2 NAG SA . -19.14 46.09 75.88
C3 NAG SA . -18.23 46.76 76.90
C4 NAG SA . -16.78 46.33 76.69
C5 NAG SA . -16.37 46.56 75.23
C6 NAG SA . -14.99 46.05 74.92
C7 NAG SA . -20.94 47.79 75.88
C8 NAG SA . -22.39 48.02 76.09
N2 NAG SA . -20.52 46.53 76.03
O3 NAG SA . -18.64 46.42 78.22
O4 NAG SA . -15.92 47.08 77.54
O5 NAG SA . -17.27 45.89 74.36
O6 NAG SA . -14.82 44.72 75.36
O7 NAG SA . -20.16 48.70 75.57
C1 NAG TA . -27.15 56.32 77.87
C2 NAG TA . -26.12 57.35 78.35
C3 NAG TA . -26.78 58.39 79.25
C4 NAG TA . -27.98 59.01 78.56
C5 NAG TA . -28.94 57.94 78.07
C6 NAG TA . -30.09 58.48 77.26
C7 NAG TA . -25.10 55.98 80.14
C8 NAG TA . -23.82 55.41 80.67
N2 NAG TA . -25.00 56.71 79.02
O3 NAG TA . -25.83 59.39 79.59
O4 NAG TA . -28.67 59.88 79.45
O5 NAG TA . -28.24 57.01 77.23
O6 NAG TA . -29.63 59.12 76.08
O7 NAG TA . -26.18 55.79 80.71
C1 NAG UA . -38.09 42.00 88.86
C2 NAG UA . -37.04 41.60 89.90
C3 NAG UA . -37.48 40.38 90.70
C4 NAG UA . -38.88 40.59 91.28
C5 NAG UA . -39.84 40.98 90.17
C6 NAG UA . -41.23 41.30 90.67
C7 NAG UA . -35.26 40.56 88.42
C8 NAG UA . -36.26 39.57 87.85
N2 NAG UA . -35.69 41.44 89.35
O3 NAG UA . -36.55 40.15 91.77
O4 NAG UA . -39.34 39.39 91.89
O5 NAG UA . -39.38 42.17 89.51
O6 NAG UA . -41.59 40.46 91.76
O7 NAG UA . -34.08 40.55 88.06
#